data_2ND9
#
_entry.id   2ND9
#
_entity_poly.entity_id   1
_entity_poly.type   'polypeptide(L)'
_entity_poly.pdbx_seq_one_letter_code
;GHMQVARSTKEIETSQSTTANQSDVDDFNTLYDAFYTNSNKTALKNSQFDKLSQLKTLLDKLEGSREHTLAKSKYDSLAT
QIKAIQDVNAQFEKPAIVDGVLDTNAKAKSDAKFTDIKTGNTELDKVLDKAISLG
;
_entity_poly.pdbx_strand_id   A
#
# COMPACT_ATOMS: atom_id res chain seq x y z
N GLY A 1 -24.51 -2.11 30.71
CA GLY A 1 -23.81 -1.96 32.00
C GLY A 1 -24.21 -0.68 32.70
N HIS A 2 -23.47 -0.33 33.75
CA HIS A 2 -23.76 0.88 34.52
C HIS A 2 -22.84 2.02 34.10
N MET A 3 -21.85 1.70 33.26
CA MET A 3 -20.92 2.71 32.77
C MET A 3 -21.59 3.54 31.69
N GLN A 4 -22.15 2.87 30.70
CA GLN A 4 -22.91 3.51 29.62
C GLN A 4 -22.06 4.49 28.83
N VAL A 5 -21.27 3.96 27.90
CA VAL A 5 -20.48 4.79 26.99
C VAL A 5 -21.12 4.81 25.61
N ALA A 6 -20.93 5.89 24.88
CA ALA A 6 -21.49 6.04 23.55
C ALA A 6 -20.67 7.02 22.72
N ARG A 7 -21.25 7.49 21.63
CA ARG A 7 -20.57 8.46 20.77
C ARG A 7 -20.62 9.87 21.38
N SER A 8 -21.33 10.00 22.49
CA SER A 8 -21.51 11.30 23.14
C SER A 8 -20.18 11.98 23.42
N THR A 9 -19.28 11.29 24.12
CA THR A 9 -17.97 11.83 24.38
C THR A 9 -16.90 10.96 23.73
N LYS A 10 -17.07 10.72 22.45
CA LYS A 10 -16.11 9.97 21.68
C LYS A 10 -15.95 10.62 20.31
N GLU A 11 -15.74 11.93 20.34
CA GLU A 11 -15.64 12.77 19.15
C GLU A 11 -16.99 12.88 18.45
N ILE A 12 -17.04 13.72 17.43
CA ILE A 12 -18.26 13.89 16.67
C ILE A 12 -18.30 12.88 15.53
N GLU A 13 -18.74 11.67 15.84
CA GLU A 13 -18.83 10.62 14.84
C GLU A 13 -20.10 9.81 15.06
N THR A 14 -20.23 8.73 14.29
CA THR A 14 -21.37 7.83 14.41
C THR A 14 -22.64 8.49 13.84
N SER A 15 -23.66 7.67 13.56
CA SER A 15 -24.90 8.16 12.95
C SER A 15 -24.65 8.57 11.51
N GLN A 16 -23.53 8.13 10.97
CA GLN A 16 -23.14 8.42 9.61
C GLN A 16 -22.50 7.16 9.03
N SER A 17 -23.25 6.07 9.11
CA SER A 17 -22.76 4.74 8.72
C SER A 17 -21.63 4.31 9.65
N THR A 18 -20.99 3.20 9.32
CA THR A 18 -19.88 2.73 10.11
C THR A 18 -18.65 3.60 9.93
N THR A 19 -17.85 3.72 10.97
CA THR A 19 -16.64 4.52 10.89
C THR A 19 -15.51 3.87 11.67
N ALA A 20 -14.31 4.05 11.17
CA ALA A 20 -13.13 3.42 11.72
C ALA A 20 -12.65 4.10 12.98
N ASN A 21 -11.53 3.62 13.43
CA ASN A 21 -10.95 4.02 14.69
C ASN A 21 -9.51 4.38 14.41
N GLN A 22 -8.88 5.16 15.26
CA GLN A 22 -7.50 5.56 15.00
C GLN A 22 -6.54 4.46 15.35
N SER A 23 -7.01 3.49 16.11
CA SER A 23 -6.24 2.30 16.36
C SER A 23 -6.39 1.39 15.15
N ASP A 24 -7.32 1.77 14.29
CA ASP A 24 -7.55 1.10 13.06
C ASP A 24 -6.85 1.83 11.94
N VAL A 25 -7.01 3.15 11.98
CA VAL A 25 -6.66 4.01 10.87
C VAL A 25 -5.23 4.51 10.95
N ASP A 26 -4.89 5.12 12.06
CA ASP A 26 -3.59 5.76 12.25
C ASP A 26 -2.45 4.79 11.97
N ASP A 27 -2.48 3.63 12.61
CA ASP A 27 -1.43 2.61 12.42
C ASP A 27 -1.46 2.09 11.01
N PHE A 28 -2.68 1.93 10.49
CA PHE A 28 -2.84 1.55 9.10
C PHE A 28 -2.07 2.51 8.26
N ASN A 29 -2.51 3.75 8.35
CA ASN A 29 -1.98 4.85 7.55
C ASN A 29 -0.51 5.04 7.80
N THR A 30 -0.09 4.67 8.98
CA THR A 30 1.26 4.89 9.38
C THR A 30 2.16 3.85 8.78
N LEU A 31 1.76 2.61 8.91
CA LEU A 31 2.51 1.50 8.40
C LEU A 31 2.46 1.58 6.90
N TYR A 32 1.34 2.08 6.45
CA TYR A 32 1.06 2.34 5.07
C TYR A 32 1.98 3.40 4.52
N ASP A 33 2.10 4.49 5.27
CA ASP A 33 2.98 5.59 4.94
C ASP A 33 4.40 5.10 4.95
N ALA A 34 4.57 4.06 5.74
CA ALA A 34 5.84 3.47 6.01
C ALA A 34 6.33 2.65 4.83
N PHE A 35 5.40 2.01 4.13
CA PHE A 35 5.73 1.24 2.94
C PHE A 35 6.34 2.15 1.92
N TYR A 36 6.05 3.40 2.06
CA TYR A 36 6.57 4.40 1.19
C TYR A 36 7.81 4.99 1.79
N THR A 37 8.83 4.99 0.98
CA THR A 37 10.12 5.54 1.38
C THR A 37 10.00 7.04 1.63
N ASN A 38 8.99 7.64 1.01
CA ASN A 38 8.75 9.06 1.13
C ASN A 38 7.25 9.30 1.22
N SER A 39 6.86 10.42 1.81
CA SER A 39 5.45 10.70 2.03
C SER A 39 4.75 11.13 0.75
N ASN A 40 5.52 11.33 -0.32
CA ASN A 40 4.91 11.52 -1.63
C ASN A 40 4.34 10.19 -2.10
N LYS A 41 4.80 9.11 -1.44
CA LYS A 41 4.30 7.77 -1.68
C LYS A 41 4.46 7.42 -3.14
N THR A 42 5.63 7.77 -3.62
CA THR A 42 6.02 7.57 -5.00
C THR A 42 7.13 6.53 -5.06
N ALA A 43 7.41 5.96 -3.89
CA ALA A 43 8.50 5.03 -3.72
C ALA A 43 8.22 4.16 -2.50
N LEU A 44 8.64 2.92 -2.56
CA LEU A 44 8.29 1.96 -1.54
C LEU A 44 9.48 1.25 -0.92
N LYS A 45 9.38 1.15 0.39
CA LYS A 45 10.32 0.45 1.22
C LYS A 45 9.96 -1.01 1.21
N ASN A 46 10.95 -1.81 1.11
CA ASN A 46 10.73 -3.24 0.92
C ASN A 46 10.61 -3.97 2.24
N SER A 47 11.21 -3.42 3.28
CA SER A 47 11.11 -3.98 4.62
C SER A 47 9.67 -3.96 5.11
N GLN A 48 8.90 -3.03 4.57
CA GLN A 48 7.51 -2.86 4.93
C GLN A 48 6.63 -3.93 4.31
N PHE A 49 7.07 -4.51 3.19
CA PHE A 49 6.27 -5.49 2.46
C PHE A 49 5.83 -6.64 3.35
N ASP A 50 6.61 -6.94 4.38
CA ASP A 50 6.30 -8.03 5.29
C ASP A 50 5.08 -7.67 6.11
N LYS A 51 4.84 -6.38 6.21
CA LYS A 51 3.72 -5.83 6.94
C LYS A 51 2.57 -5.54 6.00
N LEU A 52 2.67 -5.95 4.76
CA LEU A 52 1.58 -5.74 3.83
C LEU A 52 0.35 -6.53 4.24
N SER A 53 0.56 -7.74 4.75
CA SER A 53 -0.54 -8.50 5.33
C SER A 53 -0.98 -7.82 6.63
N GLN A 54 -0.06 -7.04 7.19
CA GLN A 54 -0.33 -6.26 8.37
C GLN A 54 -1.12 -5.01 8.00
N LEU A 55 -0.77 -4.43 6.87
CA LEU A 55 -1.48 -3.30 6.30
C LEU A 55 -2.85 -3.76 5.88
N LYS A 56 -2.92 -5.04 5.56
CA LYS A 56 -4.18 -5.69 5.27
C LYS A 56 -4.90 -5.96 6.56
N THR A 57 -4.12 -6.11 7.59
CA THR A 57 -4.61 -6.37 8.91
C THR A 57 -5.17 -5.10 9.50
N LEU A 58 -4.49 -4.00 9.26
CA LEU A 58 -4.93 -2.71 9.69
C LEU A 58 -6.11 -2.25 8.86
N LEU A 59 -6.06 -2.55 7.58
CA LEU A 59 -7.22 -2.38 6.72
C LEU A 59 -8.32 -3.30 7.21
N ASP A 60 -7.94 -4.48 7.66
CA ASP A 60 -8.87 -5.40 8.31
C ASP A 60 -9.39 -4.80 9.59
N LYS A 61 -8.66 -3.83 10.10
CA LYS A 61 -9.10 -3.09 11.25
C LYS A 61 -10.05 -2.00 10.82
N LEU A 62 -9.98 -1.69 9.55
CA LEU A 62 -10.85 -0.70 8.94
C LEU A 62 -12.09 -1.41 8.50
N GLU A 63 -11.92 -2.69 8.30
CA GLU A 63 -12.99 -3.59 7.95
C GLU A 63 -14.22 -3.38 8.80
N GLY A 64 -15.35 -3.29 8.14
CA GLY A 64 -16.59 -3.04 8.83
C GLY A 64 -16.84 -1.57 9.00
N SER A 65 -15.81 -0.76 8.77
CA SER A 65 -15.91 0.68 8.91
C SER A 65 -15.87 1.32 7.52
N ARG A 66 -16.25 2.59 7.41
CA ARG A 66 -16.24 3.27 6.12
C ARG A 66 -14.82 3.52 5.65
N GLU A 67 -13.93 3.72 6.61
CA GLU A 67 -12.54 4.00 6.36
C GLU A 67 -11.93 2.92 5.55
N HIS A 68 -12.39 1.73 5.82
CA HIS A 68 -12.02 0.55 5.09
C HIS A 68 -11.97 0.78 3.62
N THR A 69 -12.98 1.45 3.11
CA THR A 69 -13.07 1.75 1.70
C THR A 69 -11.85 2.51 1.23
N LEU A 70 -11.63 3.56 1.94
CA LEU A 70 -10.62 4.53 1.67
C LEU A 70 -9.31 3.87 1.83
N ALA A 71 -9.28 3.14 2.88
CA ALA A 71 -8.10 2.53 3.35
C ALA A 71 -7.83 1.25 2.60
N LYS A 72 -8.85 0.68 2.01
CA LYS A 72 -8.69 -0.43 1.15
C LYS A 72 -8.19 0.11 -0.13
N SER A 73 -8.66 1.29 -0.42
CA SER A 73 -8.22 1.96 -1.61
C SER A 73 -6.81 2.50 -1.40
N LYS A 74 -6.41 2.61 -0.13
CA LYS A 74 -5.04 2.89 0.22
C LYS A 74 -4.24 1.63 0.23
N TYR A 75 -4.74 0.72 1.02
CA TYR A 75 -4.15 -0.57 1.19
C TYR A 75 -3.91 -1.24 -0.13
N ASP A 76 -4.96 -1.38 -0.92
CA ASP A 76 -4.93 -2.19 -2.12
C ASP A 76 -3.99 -1.55 -3.09
N SER A 77 -3.94 -0.24 -2.96
CA SER A 77 -3.10 0.61 -3.74
C SER A 77 -1.67 0.32 -3.40
N LEU A 78 -1.40 0.44 -2.13
CA LEU A 78 -0.10 0.30 -1.55
C LEU A 78 0.37 -1.14 -1.74
N ALA A 79 -0.58 -2.02 -1.60
CA ALA A 79 -0.38 -3.45 -1.72
C ALA A 79 -0.01 -3.80 -3.12
N THR A 80 -0.56 -3.08 -4.04
CA THR A 80 -0.28 -3.29 -5.44
C THR A 80 1.08 -2.72 -5.80
N GLN A 81 1.43 -1.60 -5.20
CA GLN A 81 2.64 -0.95 -5.45
C GLN A 81 3.76 -1.78 -4.97
N ILE A 82 3.56 -2.37 -3.83
CA ILE A 82 4.55 -3.27 -3.36
C ILE A 82 4.46 -4.56 -4.14
N LYS A 83 3.25 -5.13 -4.31
CA LYS A 83 3.05 -6.35 -5.08
C LYS A 83 3.64 -6.28 -6.46
N ALA A 84 3.61 -5.10 -7.00
CA ALA A 84 4.25 -4.79 -8.25
C ALA A 84 5.71 -4.94 -8.12
N ILE A 85 6.21 -4.32 -7.08
CA ILE A 85 7.58 -4.36 -6.79
C ILE A 85 7.98 -5.78 -6.60
N GLN A 86 7.14 -6.48 -5.87
CA GLN A 86 7.32 -7.85 -5.60
C GLN A 86 7.34 -8.57 -6.88
N ASP A 87 6.32 -8.32 -7.69
CA ASP A 87 6.15 -8.99 -8.97
C ASP A 87 7.42 -8.95 -9.75
N VAL A 88 7.91 -7.76 -9.95
CA VAL A 88 9.05 -7.59 -10.80
C VAL A 88 10.34 -8.01 -10.07
N ASN A 89 10.45 -7.68 -8.77
CA ASN A 89 11.54 -8.15 -7.92
C ASN A 89 11.56 -9.65 -7.89
N ALA A 90 10.37 -10.19 -8.02
CA ALA A 90 10.13 -11.61 -7.95
C ALA A 90 10.68 -12.28 -9.18
N GLN A 91 10.98 -11.45 -10.15
CA GLN A 91 11.52 -11.89 -11.39
C GLN A 91 13.02 -11.92 -11.31
N PHE A 92 13.56 -11.23 -10.33
CA PHE A 92 15.00 -11.27 -10.09
C PHE A 92 15.35 -12.21 -8.98
N GLU A 93 16.60 -12.63 -9.01
CA GLU A 93 17.17 -13.46 -8.00
C GLU A 93 17.22 -12.70 -6.69
N LYS A 94 17.23 -11.38 -6.82
CA LYS A 94 17.13 -10.46 -5.69
C LYS A 94 16.31 -9.27 -6.14
N PRO A 95 15.49 -8.75 -5.24
CA PRO A 95 14.56 -7.66 -5.52
C PRO A 95 15.21 -6.51 -6.19
N ALA A 96 14.57 -5.95 -7.20
CA ALA A 96 15.14 -4.79 -7.75
C ALA A 96 14.13 -3.69 -7.88
N ILE A 97 13.50 -3.42 -6.77
CA ILE A 97 12.99 -2.15 -6.36
C ILE A 97 13.09 -2.16 -4.89
N VAL A 98 14.08 -1.57 -4.35
CA VAL A 98 14.23 -1.63 -2.94
C VAL A 98 14.46 -0.25 -2.39
N ASP A 99 13.48 0.20 -1.64
CA ASP A 99 13.46 1.55 -1.10
C ASP A 99 13.12 2.53 -2.23
N GLY A 100 12.16 2.14 -3.06
CA GLY A 100 11.71 2.98 -4.15
C GLY A 100 12.70 3.07 -5.28
N VAL A 101 13.81 2.38 -5.14
CA VAL A 101 14.84 2.40 -6.14
C VAL A 101 15.26 1.01 -6.51
N LEU A 102 15.40 0.85 -7.78
CA LEU A 102 15.73 -0.40 -8.38
C LEU A 102 17.14 -0.84 -8.03
N ASP A 103 17.31 -2.14 -8.02
CA ASP A 103 18.57 -2.78 -7.78
C ASP A 103 19.10 -3.25 -9.10
N THR A 104 19.90 -2.44 -9.73
CA THR A 104 20.46 -2.77 -11.04
C THR A 104 21.44 -3.89 -10.90
N ASN A 105 21.73 -4.16 -9.66
CA ASN A 105 22.64 -5.21 -9.27
C ASN A 105 21.88 -6.52 -9.22
N ALA A 106 20.60 -6.40 -9.43
CA ALA A 106 19.71 -7.55 -9.38
C ALA A 106 19.87 -8.43 -10.60
N LYS A 107 19.15 -9.52 -10.55
CA LYS A 107 19.33 -10.59 -11.49
C LYS A 107 18.02 -11.10 -11.99
N ALA A 108 17.59 -10.61 -13.14
CA ALA A 108 16.32 -11.03 -13.69
C ALA A 108 16.39 -12.51 -14.03
N LYS A 109 15.82 -13.31 -13.12
CA LYS A 109 15.81 -14.76 -13.19
C LYS A 109 15.42 -15.30 -14.57
N SER A 110 15.65 -16.60 -14.76
CA SER A 110 15.20 -17.30 -15.94
C SER A 110 13.70 -17.51 -15.89
N ASP A 111 13.13 -17.02 -14.82
CA ASP A 111 11.73 -17.17 -14.54
C ASP A 111 11.07 -15.81 -14.65
N ALA A 112 11.91 -14.77 -14.58
CA ALA A 112 11.46 -13.40 -14.74
C ALA A 112 10.55 -13.24 -15.94
N LYS A 113 9.35 -12.85 -15.61
CA LYS A 113 8.30 -12.62 -16.55
C LYS A 113 7.58 -11.35 -16.15
N PHE A 114 7.93 -10.27 -16.81
CA PHE A 114 7.52 -8.96 -16.37
C PHE A 114 6.20 -8.51 -16.95
N THR A 115 5.57 -7.65 -16.19
CA THR A 115 4.34 -7.03 -16.55
C THR A 115 4.48 -5.53 -16.39
N ASP A 116 3.98 -4.80 -17.35
CA ASP A 116 3.95 -3.36 -17.31
C ASP A 116 2.97 -2.93 -16.25
N ILE A 117 3.39 -3.13 -15.03
CA ILE A 117 2.54 -2.95 -13.88
C ILE A 117 2.33 -1.50 -13.56
N LYS A 118 1.10 -1.10 -13.62
CA LYS A 118 0.72 0.17 -13.09
C LYS A 118 0.00 -0.01 -11.79
N THR A 119 0.61 0.54 -10.80
CA THR A 119 0.09 0.54 -9.47
C THR A 119 -0.73 1.78 -9.27
N GLY A 120 -0.62 2.65 -10.24
CA GLY A 120 -1.14 3.98 -10.07
C GLY A 120 -0.07 4.91 -9.55
N ASN A 121 0.99 4.32 -9.00
CA ASN A 121 2.15 5.07 -8.57
C ASN A 121 3.12 5.15 -9.73
N THR A 122 3.22 6.32 -10.32
CA THR A 122 4.02 6.50 -11.52
C THR A 122 5.49 6.31 -11.25
N GLU A 123 6.04 7.06 -10.33
CA GLU A 123 7.44 6.96 -10.00
C GLU A 123 7.77 5.54 -9.64
N LEU A 124 6.81 4.85 -9.06
CA LEU A 124 6.97 3.45 -8.77
C LEU A 124 6.94 2.66 -10.05
N ASP A 125 5.97 2.97 -10.89
CA ASP A 125 5.86 2.35 -12.22
C ASP A 125 7.19 2.42 -12.90
N LYS A 126 7.78 3.57 -12.73
CA LYS A 126 9.04 3.87 -13.36
C LYS A 126 10.20 3.17 -12.66
N VAL A 127 10.00 2.71 -11.45
CA VAL A 127 11.02 1.95 -10.78
C VAL A 127 10.73 0.47 -10.95
N LEU A 128 9.46 0.16 -11.06
CA LEU A 128 9.01 -1.17 -11.40
C LEU A 128 9.69 -1.53 -12.69
N ASP A 129 9.55 -0.56 -13.57
CA ASP A 129 10.08 -0.58 -14.92
C ASP A 129 11.56 -0.77 -14.91
N LYS A 130 12.16 0.01 -14.05
CA LYS A 130 13.58 0.02 -13.82
C LYS A 130 14.09 -1.38 -13.72
N ALA A 131 13.36 -2.14 -12.97
CA ALA A 131 13.70 -3.52 -12.74
C ALA A 131 13.50 -4.31 -14.00
N ILE A 132 12.34 -4.17 -14.57
CA ILE A 132 12.01 -4.79 -15.83
C ILE A 132 13.04 -4.49 -16.89
N SER A 133 13.72 -3.39 -16.70
CA SER A 133 14.70 -2.96 -17.63
C SER A 133 16.02 -3.70 -17.39
N LEU A 134 16.11 -4.32 -16.23
CA LEU A 134 17.15 -5.29 -15.92
C LEU A 134 16.76 -6.63 -16.54
N GLY A 135 15.45 -6.84 -16.69
CA GLY A 135 14.95 -8.05 -17.28
C GLY A 135 14.99 -8.02 -18.80
N GLY A 1 -16.84 20.35 28.83
CA GLY A 1 -17.74 21.00 27.84
C GLY A 1 -18.61 19.99 27.13
N HIS A 2 -18.49 19.93 25.81
CA HIS A 2 -19.23 18.95 25.02
C HIS A 2 -18.32 18.28 24.01
N MET A 3 -17.52 17.35 24.51
CA MET A 3 -16.63 16.56 23.66
C MET A 3 -17.36 15.32 23.16
N GLN A 4 -18.00 14.63 24.08
CA GLN A 4 -18.65 13.37 23.79
C GLN A 4 -20.13 13.59 23.46
N VAL A 5 -20.38 14.31 22.37
CA VAL A 5 -21.74 14.60 21.94
C VAL A 5 -22.37 13.36 21.33
N ALA A 6 -21.57 12.62 20.59
CA ALA A 6 -22.02 11.37 20.01
C ALA A 6 -21.24 10.21 20.61
N ARG A 7 -21.95 9.35 21.35
CA ARG A 7 -21.33 8.19 21.97
C ARG A 7 -20.90 7.16 20.91
N SER A 8 -21.48 7.29 19.73
CA SER A 8 -21.07 6.49 18.58
C SER A 8 -21.63 7.10 17.29
N THR A 9 -22.94 7.34 17.28
CA THR A 9 -23.59 7.91 16.13
C THR A 9 -25.04 8.30 16.43
N LYS A 10 -25.49 9.38 15.82
CA LYS A 10 -26.89 9.79 15.88
C LYS A 10 -27.29 10.44 14.57
N GLU A 11 -26.42 10.30 13.59
CA GLU A 11 -26.60 10.95 12.29
C GLU A 11 -26.23 9.94 11.20
N ILE A 12 -26.20 10.36 9.95
CA ILE A 12 -25.69 9.53 8.88
C ILE A 12 -24.17 9.35 9.04
N GLU A 13 -23.80 8.37 9.83
CA GLU A 13 -22.41 8.13 10.16
C GLU A 13 -22.08 6.65 10.06
N THR A 14 -23.12 5.84 10.00
CA THR A 14 -22.97 4.41 10.00
C THR A 14 -23.74 3.80 8.82
N SER A 15 -23.96 4.61 7.80
CA SER A 15 -24.62 4.16 6.58
C SER A 15 -23.74 3.16 5.85
N GLN A 16 -24.28 1.96 5.61
CA GLN A 16 -23.52 0.86 5.00
C GLN A 16 -22.48 0.32 6.00
N SER A 17 -21.49 1.13 6.31
CA SER A 17 -20.48 0.77 7.28
C SER A 17 -20.33 1.86 8.33
N THR A 18 -19.61 1.54 9.39
CA THR A 18 -19.39 2.47 10.48
C THR A 18 -18.36 3.52 10.12
N THR A 19 -17.79 4.17 11.11
CA THR A 19 -16.61 4.99 10.89
C THR A 19 -15.46 4.42 11.69
N ALA A 20 -14.29 4.45 11.07
CA ALA A 20 -13.12 3.80 11.63
C ALA A 20 -12.60 4.50 12.84
N ASN A 21 -11.64 3.84 13.43
CA ASN A 21 -11.06 4.24 14.67
C ASN A 21 -9.62 4.59 14.41
N GLN A 22 -9.04 5.45 15.21
CA GLN A 22 -7.65 5.85 14.96
C GLN A 22 -6.69 4.78 15.42
N SER A 23 -7.20 3.81 16.13
CA SER A 23 -6.45 2.63 16.44
C SER A 23 -6.53 1.68 15.27
N ASP A 24 -7.42 2.01 14.35
CA ASP A 24 -7.57 1.30 13.13
C ASP A 24 -6.81 2.02 12.04
N VAL A 25 -7.04 3.32 12.01
CA VAL A 25 -6.68 4.15 10.89
C VAL A 25 -5.24 4.63 10.96
N ASP A 26 -4.88 5.24 12.07
CA ASP A 26 -3.56 5.81 12.25
C ASP A 26 -2.46 4.79 11.96
N ASP A 27 -2.54 3.63 12.60
CA ASP A 27 -1.55 2.57 12.40
C ASP A 27 -1.58 2.08 10.98
N PHE A 28 -2.79 1.96 10.45
CA PHE A 28 -2.97 1.60 9.06
C PHE A 28 -2.17 2.55 8.23
N ASN A 29 -2.59 3.78 8.31
CA ASN A 29 -2.04 4.86 7.51
C ASN A 29 -0.58 5.05 7.77
N THR A 30 -0.17 4.71 8.96
CA THR A 30 1.18 4.92 9.36
C THR A 30 2.08 3.87 8.79
N LEU A 31 1.64 2.63 8.92
CA LEU A 31 2.41 1.51 8.44
C LEU A 31 2.38 1.56 6.94
N TYR A 32 1.26 2.07 6.46
CA TYR A 32 0.99 2.30 5.06
C TYR A 32 1.93 3.35 4.51
N ASP A 33 2.05 4.45 5.25
CA ASP A 33 2.95 5.53 4.89
C ASP A 33 4.36 5.02 4.94
N ALA A 34 4.51 4.04 5.78
CA ALA A 34 5.78 3.44 6.07
C ALA A 34 6.29 2.59 4.91
N PHE A 35 5.36 1.97 4.19
CA PHE A 35 5.71 1.19 3.01
C PHE A 35 6.35 2.07 2.00
N TYR A 36 6.08 3.34 2.14
CA TYR A 36 6.65 4.31 1.27
C TYR A 36 7.88 4.86 1.89
N THR A 37 8.92 4.82 1.11
CA THR A 37 10.24 5.29 1.55
C THR A 37 10.18 6.77 1.93
N ASN A 38 9.25 7.49 1.33
CA ASN A 38 9.05 8.89 1.60
C ASN A 38 7.58 9.21 1.43
N SER A 39 7.10 10.22 2.14
CA SER A 39 5.67 10.46 2.27
C SER A 39 5.01 10.99 1.00
N ASN A 40 5.78 11.12 -0.08
CA ASN A 40 5.17 11.38 -1.39
C ASN A 40 4.54 10.10 -1.90
N LYS A 41 4.97 8.99 -1.29
CA LYS A 41 4.42 7.68 -1.57
C LYS A 41 4.57 7.35 -3.03
N THR A 42 5.73 7.72 -3.51
CA THR A 42 6.14 7.53 -4.88
C THR A 42 7.20 6.44 -4.96
N ALA A 43 7.49 5.89 -3.79
CA ALA A 43 8.55 4.92 -3.63
C ALA A 43 8.25 4.06 -2.41
N LEU A 44 8.68 2.81 -2.46
CA LEU A 44 8.32 1.87 -1.44
C LEU A 44 9.50 1.16 -0.80
N LYS A 45 9.38 0.99 0.50
CA LYS A 45 10.33 0.27 1.31
C LYS A 45 9.96 -1.18 1.36
N ASN A 46 10.94 -1.98 1.14
CA ASN A 46 10.72 -3.39 0.90
C ASN A 46 10.58 -4.17 2.20
N SER A 47 11.12 -3.61 3.28
CA SER A 47 10.99 -4.22 4.59
C SER A 47 9.54 -4.15 5.07
N GLN A 48 8.83 -3.13 4.59
CA GLN A 48 7.45 -2.91 4.95
C GLN A 48 6.56 -3.96 4.32
N PHE A 49 7.01 -4.56 3.23
CA PHE A 49 6.22 -5.55 2.51
C PHE A 49 5.80 -6.70 3.43
N ASP A 50 6.58 -6.91 4.49
CA ASP A 50 6.31 -7.97 5.47
C ASP A 50 5.09 -7.61 6.29
N LYS A 51 4.80 -6.32 6.30
CA LYS A 51 3.67 -5.76 7.03
C LYS A 51 2.51 -5.52 6.10
N LEU A 52 2.61 -5.95 4.86
CA LEU A 52 1.53 -5.74 3.92
C LEU A 52 0.28 -6.52 4.34
N SER A 53 0.46 -7.74 4.82
CA SER A 53 -0.64 -8.50 5.38
C SER A 53 -1.08 -7.87 6.69
N GLN A 54 -0.20 -7.04 7.24
CA GLN A 54 -0.48 -6.27 8.42
C GLN A 54 -1.24 -5.01 8.05
N LEU A 55 -0.88 -4.42 6.92
CA LEU A 55 -1.56 -3.29 6.35
C LEU A 55 -2.94 -3.73 5.94
N LYS A 56 -3.03 -5.00 5.61
CA LYS A 56 -4.29 -5.63 5.31
C LYS A 56 -5.03 -5.86 6.62
N THR A 57 -4.25 -6.09 7.65
CA THR A 57 -4.77 -6.30 8.96
C THR A 57 -5.32 -5.01 9.52
N LEU A 58 -4.61 -3.92 9.23
CA LEU A 58 -5.02 -2.61 9.63
C LEU A 58 -6.18 -2.13 8.81
N LEU A 59 -6.14 -2.43 7.54
CA LEU A 59 -7.31 -2.25 6.68
C LEU A 59 -8.44 -3.13 7.18
N ASP A 60 -8.07 -4.30 7.63
CA ASP A 60 -9.00 -5.21 8.29
C ASP A 60 -9.49 -4.60 9.59
N LYS A 61 -8.75 -3.64 10.08
CA LYS A 61 -9.15 -2.88 11.22
C LYS A 61 -10.09 -1.77 10.80
N LEU A 62 -10.03 -1.47 9.54
CA LEU A 62 -10.89 -0.48 8.94
C LEU A 62 -12.15 -1.17 8.52
N GLU A 63 -12.01 -2.45 8.33
CA GLU A 63 -13.10 -3.33 8.01
C GLU A 63 -14.32 -3.11 8.87
N GLY A 64 -15.44 -2.91 8.21
CA GLY A 64 -16.66 -2.63 8.92
C GLY A 64 -16.88 -1.14 9.06
N SER A 65 -15.82 -0.37 8.81
CA SER A 65 -15.90 1.07 8.88
C SER A 65 -15.79 1.66 7.48
N ARG A 66 -16.24 2.90 7.32
CA ARG A 66 -16.22 3.58 6.03
C ARG A 66 -14.81 3.86 5.57
N GLU A 67 -13.91 4.01 6.53
CA GLU A 67 -12.51 4.26 6.27
C GLU A 67 -11.93 3.13 5.47
N HIS A 68 -12.39 1.96 5.78
CA HIS A 68 -12.05 0.75 5.07
C HIS A 68 -12.00 0.94 3.59
N THR A 69 -12.98 1.60 3.07
CA THR A 69 -13.07 1.86 1.65
C THR A 69 -11.85 2.59 1.15
N LEU A 70 -11.61 3.67 1.84
CA LEU A 70 -10.59 4.61 1.54
C LEU A 70 -9.30 3.92 1.72
N ALA A 71 -9.27 3.22 2.78
CA ALA A 71 -8.10 2.60 3.26
C ALA A 71 -7.86 1.29 2.55
N LYS A 72 -8.89 0.73 1.96
CA LYS A 72 -8.75 -0.39 1.11
C LYS A 72 -8.22 0.11 -0.17
N SER A 73 -8.67 1.30 -0.49
CA SER A 73 -8.21 1.93 -1.68
C SER A 73 -6.79 2.46 -1.47
N LYS A 74 -6.39 2.56 -0.20
CA LYS A 74 -5.02 2.84 0.14
C LYS A 74 -4.25 1.57 0.19
N TYR A 75 -4.77 0.67 0.97
CA TYR A 75 -4.20 -0.62 1.19
C TYR A 75 -3.95 -1.32 -0.12
N ASP A 76 -5.01 -1.48 -0.90
CA ASP A 76 -5.00 -2.32 -2.07
C ASP A 76 -4.05 -1.72 -3.07
N SER A 77 -3.97 -0.40 -2.95
CA SER A 77 -3.13 0.43 -3.77
C SER A 77 -1.69 0.15 -3.42
N LEU A 78 -1.43 0.32 -2.15
CA LEU A 78 -0.13 0.21 -1.57
C LEU A 78 0.37 -1.22 -1.72
N ALA A 79 -0.58 -2.11 -1.57
CA ALA A 79 -0.37 -3.53 -1.68
C ALA A 79 0.00 -3.90 -3.07
N THR A 80 -0.53 -3.17 -4.00
CA THR A 80 -0.24 -3.38 -5.39
C THR A 80 1.12 -2.83 -5.75
N GLN A 81 1.46 -1.69 -5.16
CA GLN A 81 2.68 -1.03 -5.42
C GLN A 81 3.79 -1.85 -4.92
N ILE A 82 3.58 -2.44 -3.77
CA ILE A 82 4.57 -3.33 -3.30
C ILE A 82 4.50 -4.63 -4.09
N LYS A 83 3.30 -5.22 -4.25
CA LYS A 83 3.12 -6.45 -5.02
C LYS A 83 3.71 -6.35 -6.40
N ALA A 84 3.68 -5.18 -6.95
CA ALA A 84 4.30 -4.87 -8.19
C ALA A 84 5.78 -4.99 -8.06
N ILE A 85 6.25 -4.36 -7.03
CA ILE A 85 7.63 -4.38 -6.75
C ILE A 85 8.05 -5.80 -6.56
N GLN A 86 7.22 -6.49 -5.81
CA GLN A 86 7.42 -7.85 -5.53
C GLN A 86 7.47 -8.60 -6.80
N ASP A 87 6.46 -8.36 -7.61
CA ASP A 87 6.30 -9.03 -8.90
C ASP A 87 7.58 -8.98 -9.67
N VAL A 88 8.02 -7.77 -9.90
CA VAL A 88 9.13 -7.57 -10.75
C VAL A 88 10.43 -7.97 -10.03
N ASN A 89 10.55 -7.64 -8.73
CA ASN A 89 11.65 -8.10 -7.89
C ASN A 89 11.68 -9.61 -7.87
N ALA A 90 10.51 -10.16 -8.04
CA ALA A 90 10.29 -11.59 -7.98
C ALA A 90 10.80 -12.24 -9.23
N GLN A 91 11.10 -11.39 -10.20
CA GLN A 91 11.62 -11.82 -11.46
C GLN A 91 13.12 -11.87 -11.39
N PHE A 92 13.67 -11.16 -10.44
CA PHE A 92 15.11 -11.18 -10.21
C PHE A 92 15.48 -12.14 -9.13
N GLU A 93 16.73 -12.54 -9.18
CA GLU A 93 17.30 -13.37 -8.18
C GLU A 93 17.30 -12.62 -6.84
N LYS A 94 17.36 -11.30 -6.96
CA LYS A 94 17.26 -10.41 -5.82
C LYS A 94 16.41 -9.22 -6.24
N PRO A 95 15.60 -8.72 -5.32
CA PRO A 95 14.67 -7.62 -5.57
C PRO A 95 15.32 -6.47 -6.24
N ALA A 96 14.65 -5.89 -7.23
CA ALA A 96 15.20 -4.72 -7.78
C ALA A 96 14.18 -3.62 -7.88
N ILE A 97 13.57 -3.37 -6.76
CA ILE A 97 13.06 -2.11 -6.34
C ILE A 97 13.19 -2.10 -4.87
N VAL A 98 14.17 -1.50 -4.36
CA VAL A 98 14.35 -1.54 -2.93
C VAL A 98 14.62 -0.17 -2.40
N ASP A 99 13.64 0.33 -1.67
CA ASP A 99 13.62 1.71 -1.19
C ASP A 99 13.21 2.64 -2.34
N GLY A 100 12.23 2.19 -3.11
CA GLY A 100 11.74 2.97 -4.22
C GLY A 100 12.75 3.09 -5.34
N VAL A 101 13.87 2.42 -5.19
CA VAL A 101 14.89 2.44 -6.20
C VAL A 101 15.30 1.05 -6.57
N LEU A 102 15.41 0.88 -7.84
CA LEU A 102 15.74 -0.37 -8.44
C LEU A 102 17.17 -0.78 -8.12
N ASP A 103 17.36 -2.07 -8.11
CA ASP A 103 18.65 -2.66 -7.92
C ASP A 103 19.14 -3.12 -9.27
N THR A 104 19.90 -2.29 -9.91
CA THR A 104 20.39 -2.56 -11.26
C THR A 104 21.39 -3.67 -11.22
N ASN A 105 21.76 -3.97 -10.01
CA ASN A 105 22.72 -5.01 -9.73
C ASN A 105 22.02 -6.35 -9.66
N ALA A 106 20.71 -6.25 -9.74
CA ALA A 106 19.84 -7.42 -9.64
C ALA A 106 19.96 -8.29 -10.86
N LYS A 107 19.27 -9.39 -10.78
CA LYS A 107 19.41 -10.45 -11.74
C LYS A 107 18.08 -10.96 -12.21
N ALA A 108 17.63 -10.49 -13.33
CA ALA A 108 16.35 -10.93 -13.85
C ALA A 108 16.45 -12.42 -14.17
N LYS A 109 15.91 -13.22 -13.26
CA LYS A 109 15.93 -14.68 -13.34
C LYS A 109 15.56 -15.20 -14.72
N SER A 110 15.87 -16.47 -14.95
CA SER A 110 15.47 -17.16 -16.17
C SER A 110 13.97 -17.44 -16.16
N ASP A 111 13.36 -17.00 -15.07
CA ASP A 111 11.95 -17.22 -14.85
C ASP A 111 11.24 -15.87 -14.86
N ALA A 112 12.04 -14.80 -14.73
CA ALA A 112 11.53 -13.45 -14.85
C ALA A 112 10.63 -13.28 -16.05
N LYS A 113 9.41 -12.98 -15.72
CA LYS A 113 8.36 -12.75 -16.66
C LYS A 113 7.60 -11.51 -16.22
N PHE A 114 7.90 -10.42 -16.87
CA PHE A 114 7.47 -9.14 -16.38
C PHE A 114 6.11 -8.73 -16.89
N THR A 115 5.51 -7.88 -16.09
CA THR A 115 4.26 -7.26 -16.39
C THR A 115 4.43 -5.78 -16.20
N ASP A 116 3.97 -5.01 -17.17
CA ASP A 116 3.97 -3.57 -17.09
C ASP A 116 2.96 -3.13 -16.08
N ILE A 117 3.31 -3.40 -14.84
CA ILE A 117 2.42 -3.24 -13.73
C ILE A 117 2.18 -1.81 -13.41
N LYS A 118 0.95 -1.40 -13.52
CA LYS A 118 0.59 -0.10 -13.07
C LYS A 118 -0.08 -0.18 -11.75
N THR A 119 0.61 0.36 -10.81
CA THR A 119 0.14 0.47 -9.46
C THR A 119 -0.66 1.72 -9.34
N GLY A 120 -0.50 2.56 -10.35
CA GLY A 120 -1.01 3.89 -10.23
C GLY A 120 0.03 4.85 -9.68
N ASN A 121 1.04 4.30 -9.01
CA ASN A 121 2.16 5.07 -8.52
C ASN A 121 3.16 5.16 -9.65
N THR A 122 3.21 6.31 -10.30
CA THR A 122 4.05 6.50 -11.46
C THR A 122 5.51 6.32 -11.17
N GLU A 123 6.05 7.09 -10.25
CA GLU A 123 7.45 7.00 -9.90
C GLU A 123 7.81 5.58 -9.53
N LEU A 124 6.87 4.89 -8.93
CA LEU A 124 7.05 3.50 -8.61
C LEU A 124 6.99 2.70 -9.88
N ASP A 125 6.01 3.03 -10.69
CA ASP A 125 5.76 2.37 -11.95
C ASP A 125 7.00 2.47 -12.80
N LYS A 126 7.69 3.58 -12.62
CA LYS A 126 8.92 3.83 -13.30
C LYS A 126 10.08 3.07 -12.67
N VAL A 127 9.95 2.69 -11.42
CA VAL A 127 11.00 1.94 -10.78
C VAL A 127 10.71 0.47 -10.94
N LEU A 128 9.44 0.15 -11.01
CA LEU A 128 8.98 -1.18 -11.34
C LEU A 128 9.61 -1.54 -12.65
N ASP A 129 9.45 -0.56 -13.53
CA ASP A 129 9.92 -0.57 -14.89
C ASP A 129 11.41 -0.75 -14.95
N LYS A 130 12.05 0.03 -14.11
CA LYS A 130 13.47 0.07 -13.93
C LYS A 130 13.99 -1.33 -13.78
N ALA A 131 13.27 -2.08 -13.02
CA ALA A 131 13.62 -3.45 -12.78
C ALA A 131 13.43 -4.24 -14.04
N ILE A 132 12.26 -4.14 -14.60
CA ILE A 132 11.96 -4.77 -15.87
C ILE A 132 12.98 -4.41 -16.92
N SER A 133 13.64 -3.28 -16.72
CA SER A 133 14.61 -2.82 -17.66
C SER A 133 15.89 -3.65 -17.50
N LEU A 134 16.01 -4.26 -16.34
CA LEU A 134 17.08 -5.21 -16.04
C LEU A 134 16.71 -6.56 -16.64
N GLY A 135 15.40 -6.77 -16.80
CA GLY A 135 14.92 -7.99 -17.44
C GLY A 135 14.90 -7.88 -18.94
N GLY A 1 -42.78 -8.88 12.97
CA GLY A 1 -43.47 -7.77 13.67
C GLY A 1 -44.55 -7.13 12.81
N HIS A 2 -45.19 -6.11 13.33
CA HIS A 2 -46.26 -5.42 12.62
C HIS A 2 -46.07 -3.92 12.67
N MET A 3 -44.80 -3.50 12.72
CA MET A 3 -44.43 -2.08 12.70
C MET A 3 -44.88 -1.34 13.95
N GLN A 4 -43.94 -1.01 14.82
CA GLN A 4 -44.23 -0.26 16.04
C GLN A 4 -43.92 1.22 15.82
N VAL A 5 -42.66 1.58 16.04
CA VAL A 5 -42.19 2.95 15.86
C VAL A 5 -40.84 2.95 15.17
N ALA A 6 -40.50 4.08 14.55
CA ALA A 6 -39.23 4.22 13.84
C ALA A 6 -39.08 3.17 12.74
N ARG A 7 -39.54 3.50 11.54
CA ARG A 7 -39.54 2.57 10.42
C ARG A 7 -38.12 2.19 10.01
N SER A 8 -37.15 3.03 10.39
CA SER A 8 -35.75 2.78 10.15
C SER A 8 -35.45 2.68 8.65
N THR A 9 -34.33 2.05 8.31
CA THR A 9 -34.00 1.82 6.91
C THR A 9 -34.59 0.47 6.47
N LYS A 10 -34.15 -0.59 7.12
CA LYS A 10 -34.63 -1.94 6.82
C LYS A 10 -34.26 -2.87 7.98
N GLU A 11 -32.96 -2.96 8.24
CA GLU A 11 -32.44 -3.76 9.34
C GLU A 11 -31.42 -2.94 10.12
N ILE A 12 -31.24 -3.26 11.40
CA ILE A 12 -30.30 -2.53 12.22
C ILE A 12 -28.90 -3.11 12.05
N GLU A 13 -28.20 -2.62 11.03
CA GLU A 13 -26.84 -3.03 10.77
C GLU A 13 -25.97 -1.81 10.57
N THR A 14 -26.25 -1.10 9.48
CA THR A 14 -25.47 0.05 9.08
C THR A 14 -26.42 1.14 8.58
N SER A 15 -27.35 1.54 9.43
CA SER A 15 -28.39 2.49 9.04
C SER A 15 -27.85 3.92 8.99
N GLN A 16 -26.74 4.16 9.67
CA GLN A 16 -26.14 5.49 9.66
C GLN A 16 -24.65 5.38 9.34
N SER A 17 -24.34 4.47 8.41
CA SER A 17 -22.97 4.24 7.97
C SER A 17 -22.05 3.83 9.10
N THR A 18 -20.75 3.83 8.82
CA THR A 18 -19.74 3.41 9.78
C THR A 18 -18.53 4.31 9.66
N THR A 19 -17.71 4.33 10.69
CA THR A 19 -16.46 5.06 10.64
C THR A 19 -15.39 4.36 11.46
N ALA A 20 -14.19 4.41 10.94
CA ALA A 20 -13.06 3.71 11.51
C ALA A 20 -12.57 4.36 12.77
N ASN A 21 -11.64 3.67 13.36
CA ASN A 21 -11.06 4.03 14.61
C ASN A 21 -9.63 4.42 14.36
N GLN A 22 -9.09 5.31 15.16
CA GLN A 22 -7.73 5.74 14.94
C GLN A 22 -6.74 4.69 15.41
N SER A 23 -7.24 3.68 16.09
CA SER A 23 -6.45 2.53 16.40
C SER A 23 -6.44 1.61 15.19
N ASP A 24 -7.36 1.89 14.29
CA ASP A 24 -7.48 1.18 13.05
C ASP A 24 -6.70 1.92 12.00
N VAL A 25 -6.93 3.21 12.00
CA VAL A 25 -6.53 4.07 10.92
C VAL A 25 -5.09 4.50 11.03
N ASP A 26 -4.71 4.97 12.20
CA ASP A 26 -3.37 5.51 12.43
C ASP A 26 -2.27 4.53 12.04
N ASP A 27 -2.27 3.33 12.63
CA ASP A 27 -1.24 2.34 12.35
C ASP A 27 -1.36 1.87 10.94
N PHE A 28 -2.59 1.80 10.45
CA PHE A 28 -2.83 1.49 9.06
C PHE A 28 -2.03 2.45 8.24
N ASN A 29 -2.42 3.70 8.39
CA ASN A 29 -1.85 4.80 7.64
C ASN A 29 -0.38 4.93 7.87
N THR A 30 0.03 4.59 9.06
CA THR A 30 1.39 4.75 9.44
C THR A 30 2.25 3.70 8.80
N LEU A 31 1.82 2.46 8.91
CA LEU A 31 2.56 1.36 8.35
C LEU A 31 2.51 1.51 6.85
N TYR A 32 1.39 2.01 6.42
CA TYR A 32 1.10 2.31 5.04
C TYR A 32 2.05 3.37 4.51
N ASP A 33 2.18 4.43 5.29
CA ASP A 33 3.08 5.52 4.97
C ASP A 33 4.49 5.02 5.01
N ALA A 34 4.63 3.98 5.79
CA ALA A 34 5.90 3.37 6.07
C ALA A 34 6.38 2.54 4.90
N PHE A 35 5.43 1.92 4.18
CA PHE A 35 5.74 1.15 2.99
C PHE A 35 6.38 2.04 1.98
N TYR A 36 6.13 3.31 2.15
CA TYR A 36 6.70 4.29 1.30
C TYR A 36 7.94 4.85 1.94
N THR A 37 8.97 4.86 1.14
CA THR A 37 10.27 5.38 1.57
C THR A 37 10.18 6.87 1.88
N ASN A 38 9.16 7.50 1.32
CA ASN A 38 8.89 8.91 1.55
C ASN A 38 7.39 9.14 1.64
N SER A 39 6.99 10.27 2.20
CA SER A 39 5.58 10.59 2.33
C SER A 39 4.98 11.07 1.02
N ASN A 40 5.81 11.17 0.00
CA ASN A 40 5.31 11.44 -1.35
C ASN A 40 4.69 10.15 -1.90
N LYS A 41 5.06 9.05 -1.25
CA LYS A 41 4.52 7.74 -1.53
C LYS A 41 4.69 7.41 -2.99
N THR A 42 5.86 7.79 -3.47
CA THR A 42 6.26 7.58 -4.84
C THR A 42 7.27 6.46 -4.91
N ALA A 43 7.62 5.96 -3.74
CA ALA A 43 8.67 4.99 -3.57
C ALA A 43 8.37 4.14 -2.37
N LEU A 44 8.74 2.88 -2.45
CA LEU A 44 8.36 1.92 -1.43
C LEU A 44 9.53 1.22 -0.77
N LYS A 45 9.39 1.04 0.53
CA LYS A 45 10.31 0.34 1.35
C LYS A 45 9.95 -1.12 1.35
N ASN A 46 10.96 -1.91 1.21
CA ASN A 46 10.78 -3.32 0.94
C ASN A 46 10.63 -4.13 2.22
N SER A 47 11.16 -3.60 3.31
CA SER A 47 11.03 -4.25 4.61
C SER A 47 9.57 -4.20 5.06
N GLN A 48 8.84 -3.20 4.59
CA GLN A 48 7.45 -3.01 4.95
C GLN A 48 6.57 -4.05 4.31
N PHE A 49 7.03 -4.63 3.21
CA PHE A 49 6.23 -5.58 2.44
C PHE A 49 5.72 -6.74 3.29
N ASP A 50 6.44 -7.03 4.37
CA ASP A 50 6.09 -8.14 5.25
C ASP A 50 4.86 -7.75 6.04
N LYS A 51 4.71 -6.45 6.21
CA LYS A 51 3.61 -5.88 6.95
C LYS A 51 2.49 -5.53 6.01
N LEU A 52 2.57 -5.97 4.77
CA LEU A 52 1.50 -5.74 3.83
C LEU A 52 0.27 -6.53 4.23
N SER A 53 0.49 -7.75 4.69
CA SER A 53 -0.59 -8.54 5.25
C SER A 53 -1.04 -7.90 6.57
N GLN A 54 -0.15 -7.11 7.14
CA GLN A 54 -0.45 -6.34 8.33
C GLN A 54 -1.21 -5.07 7.96
N LEU A 55 -0.84 -4.49 6.83
CA LEU A 55 -1.52 -3.33 6.28
C LEU A 55 -2.91 -3.78 5.85
N LYS A 56 -2.99 -5.05 5.53
CA LYS A 56 -4.25 -5.67 5.23
C LYS A 56 -5.00 -5.90 6.52
N THR A 57 -4.25 -6.17 7.54
CA THR A 57 -4.75 -6.37 8.88
C THR A 57 -5.28 -5.06 9.43
N LEU A 58 -4.60 -3.99 9.11
CA LEU A 58 -4.97 -2.67 9.51
C LEU A 58 -6.15 -2.18 8.71
N LEU A 59 -6.14 -2.47 7.43
CA LEU A 59 -7.31 -2.28 6.60
C LEU A 59 -8.43 -3.18 7.11
N ASP A 60 -8.05 -4.35 7.55
CA ASP A 60 -8.93 -5.28 8.25
C ASP A 60 -9.43 -4.66 9.53
N LYS A 61 -8.69 -3.68 10.00
CA LYS A 61 -9.12 -2.93 11.14
C LYS A 61 -10.10 -1.87 10.72
N LEU A 62 -10.00 -1.52 9.46
CA LEU A 62 -10.85 -0.51 8.87
C LEU A 62 -12.11 -1.19 8.45
N GLU A 63 -11.98 -2.48 8.28
CA GLU A 63 -13.08 -3.36 7.97
C GLU A 63 -14.29 -3.04 8.83
N GLY A 64 -15.44 -2.95 8.19
CA GLY A 64 -16.64 -2.63 8.91
C GLY A 64 -16.82 -1.14 9.09
N SER A 65 -15.80 -0.37 8.74
CA SER A 65 -15.87 1.08 8.81
C SER A 65 -15.88 1.66 7.39
N ARG A 66 -16.15 2.95 7.28
CA ARG A 66 -16.15 3.60 5.97
C ARG A 66 -14.74 3.81 5.48
N GLU A 67 -13.84 4.02 6.44
CA GLU A 67 -12.44 4.25 6.18
C GLU A 67 -11.87 3.13 5.37
N HIS A 68 -12.35 1.97 5.71
CA HIS A 68 -12.03 0.74 5.00
C HIS A 68 -11.98 0.92 3.52
N THR A 69 -12.96 1.57 2.99
CA THR A 69 -13.07 1.81 1.57
C THR A 69 -11.85 2.53 1.05
N LEU A 70 -11.63 3.63 1.72
CA LEU A 70 -10.64 4.59 1.39
C LEU A 70 -9.32 3.96 1.59
N ALA A 71 -9.27 3.26 2.66
CA ALA A 71 -8.08 2.67 3.14
C ALA A 71 -7.85 1.33 2.48
N LYS A 72 -8.87 0.76 1.89
CA LYS A 72 -8.74 -0.39 1.06
C LYS A 72 -8.20 0.10 -0.22
N SER A 73 -8.63 1.29 -0.54
CA SER A 73 -8.17 1.93 -1.73
C SER A 73 -6.73 2.45 -1.49
N LYS A 74 -6.36 2.58 -0.22
CA LYS A 74 -5.00 2.87 0.15
C LYS A 74 -4.21 1.60 0.19
N TYR A 75 -4.74 0.71 0.97
CA TYR A 75 -4.17 -0.59 1.18
C TYR A 75 -3.91 -1.27 -0.14
N ASP A 76 -4.96 -1.41 -0.94
CA ASP A 76 -4.92 -2.25 -2.12
C ASP A 76 -3.98 -1.63 -3.10
N SER A 77 -3.92 -0.32 -2.97
CA SER A 77 -3.08 0.52 -3.78
C SER A 77 -1.65 0.24 -3.42
N LEU A 78 -1.39 0.39 -2.14
CA LEU A 78 -0.09 0.26 -1.55
C LEU A 78 0.39 -1.17 -1.72
N ALA A 79 -0.57 -2.07 -1.58
CA ALA A 79 -0.37 -3.48 -1.70
C ALA A 79 0.01 -3.83 -3.09
N THR A 80 -0.53 -3.10 -4.02
CA THR A 80 -0.23 -3.31 -5.41
C THR A 80 1.14 -2.75 -5.75
N GLN A 81 1.47 -1.63 -5.14
CA GLN A 81 2.69 -0.96 -5.40
C GLN A 81 3.81 -1.79 -4.90
N ILE A 82 3.60 -2.39 -3.77
CA ILE A 82 4.59 -3.29 -3.30
C ILE A 82 4.50 -4.59 -4.08
N LYS A 83 3.29 -5.15 -4.24
CA LYS A 83 3.10 -6.40 -5.00
C LYS A 83 3.68 -6.32 -6.38
N ALA A 84 3.65 -5.14 -6.93
CA ALA A 84 4.28 -4.83 -8.18
C ALA A 84 5.74 -4.97 -8.06
N ILE A 85 6.24 -4.35 -7.02
CA ILE A 85 7.61 -4.37 -6.74
C ILE A 85 8.02 -5.80 -6.56
N GLN A 86 7.18 -6.50 -5.83
CA GLN A 86 7.38 -7.86 -5.54
C GLN A 86 7.39 -8.61 -6.81
N ASP A 87 6.39 -8.34 -7.63
CA ASP A 87 6.21 -8.99 -8.92
C ASP A 87 7.49 -8.96 -9.69
N VAL A 88 7.97 -7.77 -9.88
CA VAL A 88 9.10 -7.58 -10.73
C VAL A 88 10.39 -7.98 -9.99
N ASN A 89 10.50 -7.66 -8.70
CA ASN A 89 11.59 -8.13 -7.85
C ASN A 89 11.60 -9.64 -7.81
N ALA A 90 10.42 -10.18 -8.04
CA ALA A 90 10.18 -11.61 -8.00
C ALA A 90 10.75 -12.25 -9.23
N GLN A 91 11.12 -11.40 -10.16
CA GLN A 91 11.69 -11.81 -11.41
C GLN A 91 13.19 -11.82 -11.31
N PHE A 92 13.71 -11.16 -10.31
CA PHE A 92 15.14 -11.16 -10.07
C PHE A 92 15.49 -12.08 -8.95
N GLU A 93 16.74 -12.50 -8.98
CA GLU A 93 17.32 -13.33 -7.98
C GLU A 93 17.32 -12.59 -6.65
N LYS A 94 17.35 -11.26 -6.77
CA LYS A 94 17.23 -10.36 -5.64
C LYS A 94 16.45 -9.15 -6.09
N PRO A 95 15.61 -8.63 -5.20
CA PRO A 95 14.67 -7.55 -5.50
C PRO A 95 15.31 -6.40 -6.21
N ALA A 96 14.62 -5.86 -7.20
CA ALA A 96 15.17 -4.69 -7.77
C ALA A 96 14.14 -3.61 -7.90
N ILE A 97 13.53 -3.34 -6.78
CA ILE A 97 13.01 -2.06 -6.39
C ILE A 97 13.16 -2.02 -4.92
N VAL A 98 14.15 -1.40 -4.43
CA VAL A 98 14.34 -1.40 -3.01
C VAL A 98 14.60 -0.02 -2.52
N ASP A 99 13.69 0.43 -1.68
CA ASP A 99 13.66 1.82 -1.23
C ASP A 99 13.16 2.73 -2.35
N GLY A 100 12.20 2.21 -3.11
CA GLY A 100 11.65 2.96 -4.21
C GLY A 100 12.61 3.10 -5.37
N VAL A 101 13.77 2.50 -5.25
CA VAL A 101 14.75 2.55 -6.29
C VAL A 101 15.23 1.17 -6.62
N LEU A 102 15.33 0.96 -7.89
CA LEU A 102 15.67 -0.29 -8.46
C LEU A 102 17.11 -0.67 -8.14
N ASP A 103 17.33 -1.96 -8.14
CA ASP A 103 18.64 -2.53 -7.97
C ASP A 103 19.08 -3.03 -9.31
N THR A 104 19.81 -2.23 -10.02
CA THR A 104 20.27 -2.57 -11.36
C THR A 104 21.27 -3.69 -11.30
N ASN A 105 21.69 -3.92 -10.09
CA ASN A 105 22.66 -4.95 -9.80
C ASN A 105 21.95 -6.27 -9.62
N ALA A 106 20.65 -6.19 -9.69
CA ALA A 106 19.79 -7.36 -9.54
C ALA A 106 19.93 -8.27 -10.72
N LYS A 107 19.24 -9.38 -10.63
CA LYS A 107 19.42 -10.48 -11.54
C LYS A 107 18.12 -11.01 -12.02
N ALA A 108 17.67 -10.56 -13.17
CA ALA A 108 16.41 -11.02 -13.68
C ALA A 108 16.50 -12.51 -13.99
N LYS A 109 15.96 -13.28 -13.05
CA LYS A 109 15.91 -14.74 -13.12
C LYS A 109 15.50 -15.26 -14.50
N SER A 110 15.76 -16.54 -14.73
CA SER A 110 15.32 -17.21 -15.94
C SER A 110 13.83 -17.46 -15.89
N ASP A 111 13.23 -17.04 -14.80
CA ASP A 111 11.82 -17.19 -14.58
C ASP A 111 11.17 -15.83 -14.60
N ALA A 112 12.00 -14.78 -14.55
CA ALA A 112 11.53 -13.41 -14.70
C ALA A 112 10.60 -13.27 -15.87
N LYS A 113 9.38 -12.98 -15.51
CA LYS A 113 8.32 -12.77 -16.44
C LYS A 113 7.55 -11.54 -16.02
N PHE A 114 7.83 -10.45 -16.69
CA PHE A 114 7.42 -9.14 -16.24
C PHE A 114 6.06 -8.74 -16.75
N THR A 115 5.48 -7.81 -16.01
CA THR A 115 4.25 -7.16 -16.36
C THR A 115 4.43 -5.67 -16.18
N ASP A 116 3.96 -4.91 -17.16
CA ASP A 116 4.03 -3.47 -17.10
C ASP A 116 3.03 -2.97 -16.08
N ILE A 117 3.36 -3.28 -14.85
CA ILE A 117 2.46 -3.10 -13.74
C ILE A 117 2.19 -1.65 -13.46
N LYS A 118 0.93 -1.31 -13.52
CA LYS A 118 0.49 -0.05 -13.03
C LYS A 118 -0.12 -0.17 -11.68
N THR A 119 0.57 0.39 -10.76
CA THR A 119 0.11 0.49 -9.41
C THR A 119 -0.68 1.75 -9.27
N GLY A 120 -0.48 2.63 -10.23
CA GLY A 120 -1.02 3.94 -10.12
C GLY A 120 -0.01 4.91 -9.54
N ASN A 121 1.06 4.35 -8.96
CA ASN A 121 2.13 5.16 -8.41
C ASN A 121 3.21 5.34 -9.45
N THR A 122 3.07 6.37 -10.27
CA THR A 122 3.89 6.53 -11.46
C THR A 122 5.36 6.30 -11.21
N GLU A 123 5.95 7.07 -10.32
CA GLU A 123 7.35 6.95 -10.00
C GLU A 123 7.71 5.52 -9.68
N LEU A 124 6.79 4.84 -9.01
CA LEU A 124 6.96 3.45 -8.70
C LEU A 124 6.82 2.65 -9.96
N ASP A 125 5.81 2.98 -10.73
CA ASP A 125 5.53 2.33 -11.99
C ASP A 125 6.76 2.43 -12.87
N LYS A 126 7.48 3.53 -12.68
CA LYS A 126 8.73 3.76 -13.35
C LYS A 126 9.90 3.03 -12.71
N VAL A 127 9.77 2.65 -11.46
CA VAL A 127 10.84 1.92 -10.81
C VAL A 127 10.58 0.44 -10.95
N LEU A 128 9.30 0.10 -11.04
CA LEU A 128 8.88 -1.24 -11.37
C LEU A 128 9.54 -1.60 -12.67
N ASP A 129 9.39 -0.63 -13.55
CA ASP A 129 9.90 -0.63 -14.90
C ASP A 129 11.39 -0.81 -14.93
N LYS A 130 11.99 0.00 -14.10
CA LYS A 130 13.40 0.03 -13.87
C LYS A 130 13.94 -1.36 -13.77
N ALA A 131 13.23 -2.14 -13.01
CA ALA A 131 13.61 -3.50 -12.77
C ALA A 131 13.42 -4.31 -14.04
N ILE A 132 12.24 -4.20 -14.60
CA ILE A 132 11.93 -4.84 -15.85
C ILE A 132 12.96 -4.50 -16.91
N SER A 133 13.61 -3.37 -16.73
CA SER A 133 14.57 -2.92 -17.66
C SER A 133 15.91 -3.64 -17.44
N LEU A 134 15.99 -4.33 -16.31
CA LEU A 134 17.06 -5.25 -16.02
C LEU A 134 16.73 -6.60 -16.63
N GLY A 135 15.44 -6.87 -16.77
CA GLY A 135 14.99 -8.11 -17.37
C GLY A 135 15.42 -8.26 -18.82
N GLY A 1 -34.80 34.19 8.49
CA GLY A 1 -35.51 35.48 8.61
C GLY A 1 -35.09 36.24 9.85
N HIS A 2 -35.88 36.13 10.92
CA HIS A 2 -35.60 36.84 12.15
C HIS A 2 -35.01 35.92 13.21
N MET A 3 -35.77 34.89 13.60
CA MET A 3 -35.35 34.03 14.70
C MET A 3 -34.42 32.91 14.22
N GLN A 4 -34.99 31.77 13.85
CA GLN A 4 -34.23 30.59 13.42
C GLN A 4 -33.21 30.17 14.48
N VAL A 5 -33.65 29.33 15.41
CA VAL A 5 -32.80 28.86 16.48
C VAL A 5 -31.69 27.94 15.96
N ALA A 6 -30.49 28.14 16.47
CA ALA A 6 -29.35 27.33 16.07
C ALA A 6 -29.31 26.04 16.89
N ARG A 7 -29.02 24.94 16.21
CA ARG A 7 -29.03 23.61 16.81
C ARG A 7 -27.90 23.47 17.82
N SER A 8 -26.79 24.16 17.54
CA SER A 8 -25.59 24.16 18.38
C SER A 8 -24.92 22.79 18.33
N THR A 9 -25.53 21.80 18.95
CA THR A 9 -24.98 20.45 18.96
C THR A 9 -25.38 19.71 17.68
N LYS A 10 -24.44 19.59 16.76
CA LYS A 10 -24.68 18.89 15.52
C LYS A 10 -23.95 17.56 15.54
N GLU A 11 -22.63 17.62 15.75
CA GLU A 11 -21.77 16.44 15.77
C GLU A 11 -21.71 15.77 14.40
N ILE A 12 -20.52 15.37 14.00
CA ILE A 12 -20.34 14.68 12.72
C ILE A 12 -20.89 13.25 12.83
N GLU A 13 -22.17 13.12 12.58
CA GLU A 13 -22.84 11.83 12.60
C GLU A 13 -23.61 11.63 11.30
N THR A 14 -24.04 12.72 10.70
CA THR A 14 -24.75 12.66 9.43
C THR A 14 -23.77 12.36 8.29
N SER A 15 -24.19 11.50 7.36
CA SER A 15 -23.36 11.10 6.23
C SER A 15 -22.13 10.35 6.74
N GLN A 16 -22.33 9.57 7.79
CA GLN A 16 -21.25 8.81 8.39
C GLN A 16 -21.15 7.42 7.78
N SER A 17 -22.11 6.56 8.14
CA SER A 17 -22.07 5.15 7.77
C SER A 17 -20.78 4.51 8.25
N THR A 18 -20.68 4.31 9.57
CA THR A 18 -19.51 3.73 10.24
C THR A 18 -18.25 4.57 10.06
N THR A 19 -17.41 4.56 11.08
CA THR A 19 -16.11 5.20 11.00
C THR A 19 -15.09 4.35 11.70
N ALA A 20 -13.87 4.41 11.20
CA ALA A 20 -12.80 3.63 11.76
C ALA A 20 -12.16 4.34 12.93
N ASN A 21 -11.29 3.63 13.57
CA ASN A 21 -10.64 4.07 14.77
C ASN A 21 -9.19 4.39 14.45
N GLN A 22 -8.43 4.98 15.34
CA GLN A 22 -7.05 5.29 15.00
C GLN A 22 -6.14 4.11 15.22
N SER A 23 -6.61 3.17 15.99
CA SER A 23 -5.92 1.92 16.12
C SER A 23 -6.23 1.10 14.89
N ASP A 24 -7.19 1.61 14.13
CA ASP A 24 -7.58 1.04 12.89
C ASP A 24 -6.89 1.79 11.77
N VAL A 25 -6.97 3.10 11.90
CA VAL A 25 -6.61 4.03 10.84
C VAL A 25 -5.20 4.53 10.98
N ASP A 26 -4.95 5.23 12.09
CA ASP A 26 -3.65 5.85 12.32
C ASP A 26 -2.50 4.87 12.02
N ASP A 27 -2.57 3.68 12.60
CA ASP A 27 -1.54 2.65 12.40
C ASP A 27 -1.55 2.16 10.99
N PHE A 28 -2.76 1.97 10.45
CA PHE A 28 -2.90 1.57 9.06
C PHE A 28 -2.12 2.53 8.23
N ASN A 29 -2.55 3.76 8.31
CA ASN A 29 -2.01 4.85 7.52
C ASN A 29 -0.55 5.05 7.79
N THR A 30 -0.15 4.69 8.98
CA THR A 30 1.20 4.90 9.40
C THR A 30 2.11 3.85 8.82
N LEU A 31 1.68 2.61 8.93
CA LEU A 31 2.45 1.50 8.44
C LEU A 31 2.42 1.57 6.94
N TYR A 32 1.31 2.07 6.47
CA TYR A 32 1.05 2.33 5.07
C TYR A 32 1.98 3.40 4.54
N ASP A 33 2.08 4.48 5.30
CA ASP A 33 2.96 5.59 4.96
C ASP A 33 4.38 5.11 4.99
N ALA A 34 4.54 4.07 5.78
CA ALA A 34 5.82 3.49 6.05
C ALA A 34 6.33 2.66 4.88
N PHE A 35 5.39 2.02 4.17
CA PHE A 35 5.73 1.23 2.99
C PHE A 35 6.36 2.11 1.98
N TYR A 36 6.11 3.37 2.12
CA TYR A 36 6.67 4.34 1.25
C TYR A 36 7.92 4.90 1.86
N THR A 37 8.95 4.86 1.07
CA THR A 37 10.26 5.36 1.48
C THR A 37 10.19 6.85 1.78
N ASN A 38 9.19 7.49 1.21
CA ASN A 38 8.94 8.91 1.42
C ASN A 38 7.44 9.13 1.54
N SER A 39 7.04 10.21 2.19
CA SER A 39 5.63 10.51 2.33
C SER A 39 5.06 11.04 1.01
N ASN A 40 5.92 11.12 0.00
CA ASN A 40 5.46 11.41 -1.35
C ASN A 40 4.77 10.18 -1.91
N LYS A 41 5.09 9.05 -1.27
CA LYS A 41 4.52 7.75 -1.58
C LYS A 41 4.67 7.44 -3.04
N THR A 42 5.86 7.80 -3.52
CA THR A 42 6.25 7.60 -4.89
C THR A 42 7.29 6.49 -4.97
N ALA A 43 7.57 5.94 -3.80
CA ALA A 43 8.62 4.95 -3.64
C ALA A 43 8.33 4.11 -2.43
N LEU A 44 8.70 2.85 -2.49
CA LEU A 44 8.34 1.89 -1.48
C LEU A 44 9.51 1.17 -0.83
N LYS A 45 9.38 1.00 0.48
CA LYS A 45 10.33 0.30 1.28
C LYS A 45 9.97 -1.14 1.33
N ASN A 46 10.96 -1.94 1.13
CA ASN A 46 10.74 -3.36 0.94
C ASN A 46 10.63 -4.08 2.26
N SER A 47 11.18 -3.47 3.30
CA SER A 47 11.08 -4.01 4.65
C SER A 47 9.63 -3.98 5.12
N GLN A 48 8.86 -3.06 4.56
CA GLN A 48 7.47 -2.87 4.93
C GLN A 48 6.58 -3.92 4.32
N PHE A 49 7.03 -4.50 3.21
CA PHE A 49 6.24 -5.49 2.48
C PHE A 49 5.81 -6.64 3.38
N ASP A 50 6.58 -6.88 4.43
CA ASP A 50 6.32 -7.97 5.35
C ASP A 50 5.08 -7.65 6.17
N LYS A 51 4.82 -6.37 6.26
CA LYS A 51 3.67 -5.83 6.98
C LYS A 51 2.53 -5.54 6.03
N LEU A 52 2.65 -5.96 4.79
CA LEU A 52 1.57 -5.75 3.85
C LEU A 52 0.33 -6.54 4.27
N SER A 53 0.54 -7.75 4.74
CA SER A 53 -0.55 -8.53 5.32
C SER A 53 -1.01 -7.85 6.61
N GLN A 54 -0.13 -7.06 7.18
CA GLN A 54 -0.41 -6.28 8.36
C GLN A 54 -1.20 -5.02 7.98
N LEU A 55 -0.84 -4.44 6.85
CA LEU A 55 -1.53 -3.32 6.28
C LEU A 55 -2.90 -3.77 5.86
N LYS A 56 -2.99 -5.05 5.55
CA LYS A 56 -4.26 -5.68 5.27
C LYS A 56 -4.97 -5.93 6.57
N THR A 57 -4.19 -6.14 7.60
CA THR A 57 -4.69 -6.37 8.92
C THR A 57 -5.26 -5.10 9.49
N LEU A 58 -4.57 -4.00 9.23
CA LEU A 58 -5.00 -2.70 9.65
C LEU A 58 -6.19 -2.25 8.81
N LEU A 59 -6.13 -2.54 7.53
CA LEU A 59 -7.30 -2.38 6.67
C LEU A 59 -8.42 -3.28 7.17
N ASP A 60 -8.05 -4.45 7.63
CA ASP A 60 -8.96 -5.37 8.28
C ASP A 60 -9.48 -4.77 9.57
N LYS A 61 -8.73 -3.81 10.07
CA LYS A 61 -9.14 -3.06 11.23
C LYS A 61 -10.06 -1.94 10.80
N LEU A 62 -9.98 -1.64 9.54
CA LEU A 62 -10.83 -0.62 8.94
C LEU A 62 -12.10 -1.30 8.52
N GLU A 63 -11.97 -2.58 8.30
CA GLU A 63 -13.06 -3.44 7.93
C GLU A 63 -14.28 -3.21 8.79
N GLY A 64 -15.38 -2.91 8.13
CA GLY A 64 -16.61 -2.65 8.84
C GLY A 64 -16.80 -1.17 9.08
N SER A 65 -15.74 -0.40 8.88
CA SER A 65 -15.80 1.05 9.05
C SER A 65 -15.72 1.71 7.68
N ARG A 66 -16.03 3.00 7.60
CA ARG A 66 -16.02 3.70 6.32
C ARG A 66 -14.61 3.88 5.79
N GLU A 67 -13.68 3.97 6.73
CA GLU A 67 -12.27 4.20 6.40
C GLU A 67 -11.79 3.09 5.54
N HIS A 68 -12.30 1.92 5.83
CA HIS A 68 -12.02 0.71 5.10
C HIS A 68 -12.00 0.92 3.62
N THR A 69 -12.99 1.60 3.14
CA THR A 69 -13.10 1.86 1.71
C THR A 69 -11.88 2.56 1.20
N LEU A 70 -11.61 3.63 1.88
CA LEU A 70 -10.59 4.58 1.56
C LEU A 70 -9.29 3.88 1.72
N ALA A 71 -9.26 3.19 2.78
CA ALA A 71 -8.09 2.56 3.26
C ALA A 71 -7.86 1.25 2.54
N LYS A 72 -8.90 0.68 1.98
CA LYS A 72 -8.78 -0.46 1.13
C LYS A 72 -8.26 0.03 -0.16
N SER A 73 -8.70 1.22 -0.48
CA SER A 73 -8.23 1.84 -1.68
C SER A 73 -6.81 2.36 -1.47
N LYS A 74 -6.40 2.52 -0.21
CA LYS A 74 -5.04 2.82 0.12
C LYS A 74 -4.25 1.57 0.18
N TYR A 75 -4.76 0.66 0.96
CA TYR A 75 -4.18 -0.62 1.17
C TYR A 75 -3.92 -1.30 -0.15
N ASP A 76 -4.97 -1.43 -0.95
CA ASP A 76 -4.93 -2.22 -2.16
C ASP A 76 -3.92 -1.60 -3.08
N SER A 77 -3.93 -0.29 -2.99
CA SER A 77 -3.09 0.56 -3.77
C SER A 77 -1.65 0.27 -3.42
N LEU A 78 -1.41 0.38 -2.14
CA LEU A 78 -0.11 0.25 -1.56
C LEU A 78 0.38 -1.18 -1.73
N ALA A 79 -0.58 -2.07 -1.60
CA ALA A 79 -0.38 -3.49 -1.71
C ALA A 79 -0.01 -3.84 -3.11
N THR A 80 -0.55 -3.10 -4.03
CA THR A 80 -0.25 -3.30 -5.42
C THR A 80 1.10 -2.74 -5.76
N GLN A 81 1.45 -1.62 -5.16
CA GLN A 81 2.67 -0.95 -5.42
C GLN A 81 3.79 -1.78 -4.93
N ILE A 82 3.58 -2.39 -3.79
CA ILE A 82 4.57 -3.27 -3.32
C ILE A 82 4.48 -4.58 -4.10
N LYS A 83 3.27 -5.14 -4.27
CA LYS A 83 3.09 -6.38 -5.03
C LYS A 83 3.68 -6.29 -6.42
N ALA A 84 3.64 -5.12 -6.96
CA ALA A 84 4.27 -4.82 -8.21
C ALA A 84 5.74 -4.94 -8.08
N ILE A 85 6.22 -4.31 -7.04
CA ILE A 85 7.60 -4.35 -6.76
C ILE A 85 8.00 -5.77 -6.58
N GLN A 86 7.19 -6.46 -5.82
CA GLN A 86 7.38 -7.83 -5.55
C GLN A 86 7.41 -8.57 -6.82
N ASP A 87 6.40 -8.32 -7.63
CA ASP A 87 6.22 -9.00 -8.91
C ASP A 87 7.48 -8.95 -9.69
N VAL A 88 7.95 -7.77 -9.91
CA VAL A 88 9.08 -7.59 -10.76
C VAL A 88 10.37 -8.00 -10.05
N ASN A 89 10.48 -7.65 -8.74
CA ASN A 89 11.57 -8.11 -7.88
C ASN A 89 11.61 -9.62 -7.85
N ALA A 90 10.43 -10.16 -8.00
CA ALA A 90 10.20 -11.58 -7.92
C ALA A 90 10.76 -12.25 -9.15
N GLN A 91 11.04 -11.43 -10.13
CA GLN A 91 11.57 -11.88 -11.38
C GLN A 91 13.07 -11.91 -11.30
N PHE A 92 13.63 -11.20 -10.34
CA PHE A 92 15.07 -11.21 -10.13
C PHE A 92 15.45 -12.17 -9.04
N GLU A 93 16.71 -12.56 -9.09
CA GLU A 93 17.30 -13.39 -8.09
C GLU A 93 17.28 -12.66 -6.76
N LYS A 94 17.25 -11.34 -6.85
CA LYS A 94 17.05 -10.46 -5.72
C LYS A 94 16.29 -9.25 -6.17
N PRO A 95 15.43 -8.75 -5.29
CA PRO A 95 14.53 -7.64 -5.55
C PRO A 95 15.21 -6.48 -6.22
N ALA A 96 14.56 -5.91 -7.21
CA ALA A 96 15.14 -4.74 -7.75
C ALA A 96 14.13 -3.64 -7.87
N ILE A 97 13.50 -3.38 -6.75
CA ILE A 97 12.99 -2.11 -6.36
C ILE A 97 13.11 -2.11 -4.88
N VAL A 98 14.12 -1.53 -4.36
CA VAL A 98 14.29 -1.58 -2.94
C VAL A 98 14.59 -0.20 -2.44
N ASP A 99 13.65 0.29 -1.65
CA ASP A 99 13.68 1.70 -1.19
C ASP A 99 13.21 2.61 -2.33
N GLY A 100 12.21 2.14 -3.06
CA GLY A 100 11.68 2.90 -4.18
C GLY A 100 12.65 3.04 -5.32
N VAL A 101 13.80 2.42 -5.18
CA VAL A 101 14.81 2.47 -6.19
C VAL A 101 15.26 1.09 -6.54
N LEU A 102 15.38 0.90 -7.81
CA LEU A 102 15.70 -0.34 -8.40
C LEU A 102 17.12 -0.75 -8.06
N ASP A 103 17.30 -2.05 -8.06
CA ASP A 103 18.58 -2.66 -7.86
C ASP A 103 19.07 -3.13 -9.20
N THR A 104 19.83 -2.31 -9.86
CA THR A 104 20.35 -2.62 -11.18
C THR A 104 21.36 -3.74 -11.07
N ASN A 105 21.70 -3.98 -9.83
CA ASN A 105 22.62 -5.01 -9.45
C ASN A 105 21.92 -6.34 -9.41
N ALA A 106 20.62 -6.26 -9.58
CA ALA A 106 19.75 -7.42 -9.52
C ALA A 106 19.90 -8.29 -10.75
N LYS A 107 19.20 -9.38 -10.69
CA LYS A 107 19.37 -10.46 -11.63
C LYS A 107 18.06 -10.99 -12.10
N ALA A 108 17.60 -10.52 -13.22
CA ALA A 108 16.32 -10.98 -13.74
C ALA A 108 16.43 -12.46 -14.05
N LYS A 109 15.87 -13.26 -13.15
CA LYS A 109 15.90 -14.71 -13.22
C LYS A 109 15.52 -15.27 -14.58
N SER A 110 15.81 -16.53 -14.79
CA SER A 110 15.40 -17.24 -15.99
C SER A 110 13.91 -17.51 -15.97
N ASP A 111 13.28 -17.03 -14.91
CA ASP A 111 11.88 -17.22 -14.70
C ASP A 111 11.18 -15.87 -14.71
N ALA A 112 12.00 -14.81 -14.60
CA ALA A 112 11.52 -13.45 -14.72
C ALA A 112 10.61 -13.28 -15.92
N LYS A 113 9.40 -12.94 -15.59
CA LYS A 113 8.34 -12.72 -16.54
C LYS A 113 7.59 -11.48 -16.12
N PHE A 114 7.89 -10.40 -16.79
CA PHE A 114 7.45 -9.09 -16.35
C PHE A 114 6.12 -8.67 -16.90
N THR A 115 5.50 -7.78 -16.14
CA THR A 115 4.29 -7.11 -16.51
C THR A 115 4.50 -5.64 -16.31
N ASP A 116 4.03 -4.86 -17.25
CA ASP A 116 4.13 -3.41 -17.17
C ASP A 116 3.15 -2.91 -16.14
N ILE A 117 3.44 -3.27 -14.92
CA ILE A 117 2.56 -3.06 -13.82
C ILE A 117 2.37 -1.61 -13.52
N LYS A 118 1.12 -1.21 -13.59
CA LYS A 118 0.76 0.09 -13.10
C LYS A 118 0.00 -0.03 -11.83
N THR A 119 0.67 0.42 -10.81
CA THR A 119 0.11 0.51 -9.50
C THR A 119 -0.71 1.76 -9.41
N GLY A 120 -0.46 2.64 -10.36
CA GLY A 120 -0.98 3.96 -10.27
C GLY A 120 0.07 4.91 -9.77
N ASN A 121 1.03 4.37 -9.01
CA ASN A 121 2.13 5.16 -8.50
C ASN A 121 3.20 5.23 -9.57
N THR A 122 3.13 6.29 -10.36
CA THR A 122 3.97 6.46 -11.53
C THR A 122 5.43 6.30 -11.23
N GLU A 123 5.96 7.07 -10.29
CA GLU A 123 7.37 7.01 -9.97
C GLU A 123 7.75 5.61 -9.54
N LEU A 124 6.79 4.89 -9.01
CA LEU A 124 6.99 3.50 -8.68
C LEU A 124 6.90 2.68 -9.94
N ASP A 125 5.90 2.99 -10.74
CA ASP A 125 5.65 2.31 -11.98
C ASP A 125 6.87 2.43 -12.87
N LYS A 126 7.59 3.53 -12.68
CA LYS A 126 8.84 3.77 -13.34
C LYS A 126 9.98 3.00 -12.72
N VAL A 127 9.86 2.65 -11.45
CA VAL A 127 10.92 1.91 -10.80
C VAL A 127 10.64 0.43 -10.94
N LEU A 128 9.37 0.11 -11.03
CA LEU A 128 8.93 -1.23 -11.37
C LEU A 128 9.59 -1.58 -12.67
N ASP A 129 9.44 -0.61 -13.54
CA ASP A 129 9.96 -0.62 -14.90
C ASP A 129 11.44 -0.79 -14.92
N LYS A 130 12.06 0.01 -14.10
CA LYS A 130 13.48 0.05 -13.89
C LYS A 130 14.01 -1.35 -13.78
N ALA A 131 13.29 -2.12 -13.02
CA ALA A 131 13.66 -3.50 -12.78
C ALA A 131 13.46 -4.30 -14.04
N ILE A 132 12.28 -4.21 -14.59
CA ILE A 132 11.96 -4.85 -15.85
C ILE A 132 12.98 -4.53 -16.91
N SER A 133 13.63 -3.39 -16.74
CA SER A 133 14.58 -2.96 -17.69
C SER A 133 15.91 -3.68 -17.48
N LEU A 134 16.03 -4.29 -16.31
CA LEU A 134 17.11 -5.23 -16.00
C LEU A 134 16.78 -6.57 -16.65
N GLY A 135 15.48 -6.83 -16.81
CA GLY A 135 15.03 -8.05 -17.46
C GLY A 135 15.51 -8.17 -18.89
N GLY A 1 -37.48 2.62 19.05
CA GLY A 1 -37.96 3.91 19.61
C GLY A 1 -36.93 4.55 20.51
N HIS A 2 -37.42 5.22 21.56
CA HIS A 2 -36.56 5.88 22.54
C HIS A 2 -35.66 6.93 21.89
N MET A 3 -36.18 7.58 20.87
CA MET A 3 -35.45 8.65 20.19
C MET A 3 -36.07 10.00 20.53
N GLN A 4 -36.89 9.98 21.59
CA GLN A 4 -37.58 11.17 22.08
C GLN A 4 -38.49 11.76 21.02
N VAL A 5 -39.71 11.25 20.96
CA VAL A 5 -40.72 11.74 20.02
C VAL A 5 -41.18 13.13 20.43
N ALA A 6 -40.62 14.14 19.79
CA ALA A 6 -40.96 15.52 20.07
C ALA A 6 -41.28 16.26 18.78
N ARG A 7 -41.14 17.57 18.78
CA ARG A 7 -41.39 18.35 17.58
C ARG A 7 -40.16 18.35 16.69
N SER A 8 -38.99 18.33 17.33
CA SER A 8 -37.72 18.28 16.61
C SER A 8 -37.39 16.84 16.20
N THR A 9 -37.53 16.54 14.92
CA THR A 9 -37.23 15.21 14.42
C THR A 9 -35.73 14.99 14.28
N LYS A 10 -35.24 13.91 14.86
CA LYS A 10 -33.82 13.57 14.77
C LYS A 10 -33.55 12.82 13.48
N GLU A 11 -32.94 13.52 12.54
CA GLU A 11 -32.67 12.96 11.22
C GLU A 11 -31.35 12.21 11.20
N ILE A 12 -31.43 10.90 11.09
CA ILE A 12 -30.23 10.08 11.00
C ILE A 12 -29.66 10.15 9.60
N GLU A 13 -28.45 10.68 9.49
CA GLU A 13 -27.80 10.86 8.20
C GLU A 13 -26.43 10.20 8.22
N THR A 14 -25.62 10.48 7.20
CA THR A 14 -24.27 9.93 7.09
C THR A 14 -24.32 8.43 6.77
N SER A 15 -24.57 7.60 7.78
CA SER A 15 -24.71 6.15 7.59
C SER A 15 -23.49 5.58 6.86
N GLN A 16 -23.70 4.52 6.08
CA GLN A 16 -22.66 3.87 5.31
C GLN A 16 -21.60 3.26 6.22
N SER A 17 -21.92 2.11 6.77
CA SER A 17 -21.02 1.37 7.65
C SER A 17 -20.69 2.18 8.90
N THR A 18 -19.71 1.72 9.67
CA THR A 18 -19.27 2.46 10.82
C THR A 18 -18.22 3.48 10.39
N THR A 19 -17.65 4.17 11.35
CA THR A 19 -16.49 4.97 11.11
C THR A 19 -15.32 4.31 11.81
N ALA A 20 -14.13 4.49 11.25
CA ALA A 20 -12.97 3.81 11.76
C ALA A 20 -12.48 4.44 13.03
N ASN A 21 -11.38 3.91 13.48
CA ASN A 21 -10.78 4.26 14.75
C ASN A 21 -9.35 4.58 14.49
N GLN A 22 -8.72 5.38 15.32
CA GLN A 22 -7.33 5.74 15.09
C GLN A 22 -6.40 4.63 15.52
N SER A 23 -6.93 3.66 16.21
CA SER A 23 -6.19 2.46 16.49
C SER A 23 -6.31 1.55 15.28
N ASP A 24 -7.23 1.92 14.40
CA ASP A 24 -7.42 1.23 13.16
C ASP A 24 -6.68 1.94 12.06
N VAL A 25 -6.85 3.25 12.07
CA VAL A 25 -6.47 4.10 10.97
C VAL A 25 -5.02 4.56 11.04
N ASP A 26 -4.67 5.13 12.18
CA ASP A 26 -3.35 5.73 12.37
C ASP A 26 -2.23 4.75 12.04
N ASP A 27 -2.27 3.56 12.62
CA ASP A 27 -1.25 2.54 12.37
C ASP A 27 -1.34 2.03 10.97
N PHE A 28 -2.59 1.90 10.48
CA PHE A 28 -2.81 1.53 9.10
C PHE A 28 -2.03 2.47 8.25
N ASN A 29 -2.43 3.72 8.36
CA ASN A 29 -1.90 4.80 7.56
C ASN A 29 -0.43 5.00 7.79
N THR A 30 0.01 4.62 8.96
CA THR A 30 1.37 4.83 9.33
C THR A 30 2.26 3.77 8.74
N LEU A 31 1.82 2.53 8.87
CA LEU A 31 2.57 1.43 8.36
C LEU A 31 2.50 1.51 6.86
N TYR A 32 1.37 2.00 6.42
CA TYR A 32 1.08 2.28 5.03
C TYR A 32 2.02 3.35 4.50
N ASP A 33 2.15 4.42 5.26
CA ASP A 33 3.02 5.52 4.93
C ASP A 33 4.44 5.04 4.94
N ALA A 34 4.62 4.01 5.73
CA ALA A 34 5.90 3.41 5.99
C ALA A 34 6.36 2.60 4.80
N PHE A 35 5.42 1.99 4.09
CA PHE A 35 5.76 1.20 2.91
C PHE A 35 6.34 2.11 1.88
N TYR A 36 6.07 3.37 2.07
CA TYR A 36 6.61 4.37 1.21
C TYR A 36 7.85 4.94 1.83
N THR A 37 8.89 4.89 1.06
CA THR A 37 10.20 5.37 1.49
C THR A 37 10.13 6.85 1.83
N ASN A 38 9.17 7.53 1.22
CA ASN A 38 8.94 8.93 1.47
C ASN A 38 7.46 9.21 1.39
N SER A 39 7.00 10.24 2.09
CA SER A 39 5.58 10.53 2.17
C SER A 39 5.02 11.03 0.83
N ASN A 40 5.89 11.12 -0.17
CA ASN A 40 5.45 11.37 -1.53
C ASN A 40 4.72 10.14 -2.04
N LYS A 41 5.00 9.01 -1.36
CA LYS A 41 4.41 7.73 -1.67
C LYS A 41 4.55 7.40 -3.13
N THR A 42 5.73 7.75 -3.60
CA THR A 42 6.14 7.54 -4.98
C THR A 42 7.18 6.44 -5.03
N ALA A 43 7.47 5.91 -3.86
CA ALA A 43 8.55 4.96 -3.69
C ALA A 43 8.26 4.12 -2.46
N LEU A 44 8.66 2.87 -2.52
CA LEU A 44 8.30 1.91 -1.51
C LEU A 44 9.46 1.21 -0.84
N LYS A 45 9.33 1.10 0.46
CA LYS A 45 10.24 0.37 1.29
C LYS A 45 9.91 -1.07 1.23
N ASN A 46 10.93 -1.80 1.08
CA ASN A 46 10.82 -3.20 0.73
C ASN A 46 10.71 -4.05 1.99
N SER A 47 11.06 -3.44 3.11
CA SER A 47 10.96 -4.09 4.40
C SER A 47 9.51 -4.16 4.86
N GLN A 48 8.72 -3.16 4.48
CA GLN A 48 7.34 -3.08 4.90
C GLN A 48 6.50 -4.16 4.26
N PHE A 49 6.98 -4.72 3.16
CA PHE A 49 6.22 -5.68 2.38
C PHE A 49 5.74 -6.86 3.24
N ASP A 50 6.45 -7.09 4.34
CA ASP A 50 6.11 -8.17 5.25
C ASP A 50 4.87 -7.80 6.04
N LYS A 51 4.70 -6.50 6.21
CA LYS A 51 3.59 -5.95 6.95
C LYS A 51 2.46 -5.59 6.01
N LEU A 52 2.55 -6.02 4.76
CA LEU A 52 1.47 -5.76 3.83
C LEU A 52 0.22 -6.54 4.23
N SER A 53 0.42 -7.75 4.73
CA SER A 53 -0.69 -8.51 5.28
C SER A 53 -1.11 -7.87 6.60
N GLN A 54 -0.19 -7.10 7.16
CA GLN A 54 -0.45 -6.32 8.35
C GLN A 54 -1.22 -5.05 7.98
N LEU A 55 -0.88 -4.50 6.84
CA LEU A 55 -1.58 -3.36 6.27
C LEU A 55 -2.97 -3.81 5.86
N LYS A 56 -3.09 -5.09 5.57
CA LYS A 56 -4.37 -5.70 5.29
C LYS A 56 -5.07 -5.97 6.59
N THR A 57 -4.26 -6.08 7.60
CA THR A 57 -4.69 -6.33 8.94
C THR A 57 -5.21 -5.04 9.56
N LEU A 58 -4.52 -3.95 9.27
CA LEU A 58 -4.93 -2.65 9.70
C LEU A 58 -6.11 -2.19 8.88
N LEU A 59 -6.10 -2.51 7.62
CA LEU A 59 -7.28 -2.34 6.77
C LEU A 59 -8.40 -3.22 7.30
N ASP A 60 -8.03 -4.40 7.77
CA ASP A 60 -8.97 -5.28 8.48
C ASP A 60 -9.52 -4.56 9.69
N LYS A 61 -8.71 -3.67 10.21
CA LYS A 61 -9.09 -2.86 11.34
C LYS A 61 -10.01 -1.76 10.89
N LEU A 62 -9.97 -1.52 9.61
CA LEU A 62 -10.84 -0.54 8.99
C LEU A 62 -12.09 -1.24 8.56
N GLU A 63 -11.93 -2.54 8.38
CA GLU A 63 -13.03 -3.41 8.03
C GLU A 63 -14.25 -3.18 8.89
N GLY A 64 -15.37 -3.00 8.23
CA GLY A 64 -16.60 -2.72 8.93
C GLY A 64 -16.84 -1.23 9.05
N SER A 65 -15.78 -0.46 8.86
CA SER A 65 -15.86 0.98 8.96
C SER A 65 -15.73 1.58 7.56
N ARG A 66 -16.23 2.79 7.39
CA ARG A 66 -16.19 3.47 6.10
C ARG A 66 -14.76 3.76 5.65
N GLU A 67 -13.88 3.91 6.62
CA GLU A 67 -12.49 4.17 6.36
C GLU A 67 -11.87 3.06 5.58
N HIS A 68 -12.35 1.88 5.87
CA HIS A 68 -12.00 0.67 5.14
C HIS A 68 -11.97 0.91 3.67
N THR A 69 -12.96 1.58 3.18
CA THR A 69 -13.07 1.88 1.77
C THR A 69 -11.84 2.60 1.27
N LEU A 70 -11.59 3.67 1.97
CA LEU A 70 -10.56 4.60 1.69
C LEU A 70 -9.27 3.91 1.84
N ALA A 71 -9.24 3.19 2.89
CA ALA A 71 -8.07 2.56 3.34
C ALA A 71 -7.83 1.26 2.61
N LYS A 72 -8.87 0.71 2.03
CA LYS A 72 -8.74 -0.40 1.16
C LYS A 72 -8.23 0.12 -0.12
N SER A 73 -8.68 1.31 -0.42
CA SER A 73 -8.23 1.95 -1.62
C SER A 73 -6.81 2.46 -1.42
N LYS A 74 -6.40 2.59 -0.16
CA LYS A 74 -5.03 2.87 0.18
C LYS A 74 -4.24 1.59 0.20
N TYR A 75 -4.77 0.69 0.99
CA TYR A 75 -4.19 -0.60 1.18
C TYR A 75 -3.95 -1.28 -0.15
N ASP A 76 -5.00 -1.40 -0.94
CA ASP A 76 -4.98 -2.21 -2.15
C ASP A 76 -4.00 -1.58 -3.11
N SER A 77 -3.97 -0.28 -2.98
CA SER A 77 -3.11 0.58 -3.76
C SER A 77 -1.68 0.26 -3.42
N LEU A 78 -1.43 0.39 -2.13
CA LEU A 78 -0.13 0.25 -1.56
C LEU A 78 0.34 -1.19 -1.73
N ALA A 79 -0.61 -2.08 -1.61
CA ALA A 79 -0.41 -3.50 -1.73
C ALA A 79 -0.03 -3.85 -3.13
N THR A 80 -0.56 -3.10 -4.05
CA THR A 80 -0.28 -3.32 -5.44
C THR A 80 1.09 -2.77 -5.79
N GLN A 81 1.43 -1.64 -5.19
CA GLN A 81 2.65 -0.98 -5.44
C GLN A 81 3.76 -1.80 -4.95
N ILE A 82 3.55 -2.40 -3.80
CA ILE A 82 4.54 -3.30 -3.34
C ILE A 82 4.45 -4.60 -4.13
N LYS A 83 3.24 -5.17 -4.29
CA LYS A 83 3.07 -6.40 -5.06
C LYS A 83 3.67 -6.31 -6.44
N ALA A 84 3.63 -5.15 -6.99
CA ALA A 84 4.25 -4.85 -8.23
C ALA A 84 5.73 -4.96 -8.10
N ILE A 85 6.21 -4.33 -7.07
CA ILE A 85 7.58 -4.36 -6.78
C ILE A 85 7.99 -5.77 -6.59
N GLN A 86 7.17 -6.47 -5.85
CA GLN A 86 7.37 -7.83 -5.56
C GLN A 86 7.40 -8.57 -6.84
N ASP A 87 6.40 -8.32 -7.65
CA ASP A 87 6.23 -8.98 -8.94
C ASP A 87 7.50 -8.93 -9.71
N VAL A 88 7.98 -7.74 -9.92
CA VAL A 88 9.12 -7.56 -10.76
C VAL A 88 10.40 -7.97 -10.01
N ASN A 89 10.50 -7.63 -8.73
CA ASN A 89 11.59 -8.09 -7.85
C ASN A 89 11.61 -9.60 -7.83
N ALA A 90 10.44 -10.15 -8.00
CA ALA A 90 10.21 -11.57 -7.94
C ALA A 90 10.76 -12.24 -9.15
N GLN A 91 11.07 -11.42 -10.12
CA GLN A 91 11.61 -11.86 -11.37
C GLN A 91 13.11 -11.89 -11.27
N PHE A 92 13.65 -11.17 -10.32
CA PHE A 92 15.09 -11.20 -10.08
C PHE A 92 15.46 -12.13 -8.98
N GLU A 93 16.72 -12.52 -9.02
CA GLU A 93 17.31 -13.35 -8.02
C GLU A 93 17.33 -12.60 -6.68
N LYS A 94 17.27 -11.28 -6.81
CA LYS A 94 17.09 -10.39 -5.68
C LYS A 94 16.29 -9.19 -6.12
N PRO A 95 15.46 -8.69 -5.22
CA PRO A 95 14.56 -7.58 -5.47
C PRO A 95 15.22 -6.44 -6.14
N ALA A 96 14.59 -5.87 -7.13
CA ALA A 96 15.15 -4.70 -7.68
C ALA A 96 14.13 -3.60 -7.79
N ILE A 97 13.51 -3.35 -6.66
CA ILE A 97 12.99 -2.08 -6.25
C ILE A 97 13.13 -2.06 -4.76
N VAL A 98 14.14 -1.48 -4.28
CA VAL A 98 14.35 -1.52 -2.87
C VAL A 98 14.62 -0.14 -2.35
N ASP A 99 13.61 0.37 -1.68
CA ASP A 99 13.58 1.77 -1.20
C ASP A 99 13.12 2.67 -2.35
N GLY A 100 12.12 2.20 -3.08
CA GLY A 100 11.60 2.97 -4.20
C GLY A 100 12.58 3.09 -5.33
N VAL A 101 13.74 2.46 -5.17
CA VAL A 101 14.76 2.51 -6.17
C VAL A 101 15.22 1.12 -6.50
N LEU A 102 15.35 0.93 -7.77
CA LEU A 102 15.71 -0.32 -8.35
C LEU A 102 17.13 -0.73 -8.00
N ASP A 103 17.33 -2.02 -8.05
CA ASP A 103 18.63 -2.62 -7.87
C ASP A 103 19.09 -3.10 -9.21
N THR A 104 19.85 -2.29 -9.89
CA THR A 104 20.35 -2.62 -11.22
C THR A 104 21.34 -3.73 -11.14
N ASN A 105 21.71 -3.98 -9.92
CA ASN A 105 22.64 -5.01 -9.57
C ASN A 105 21.93 -6.35 -9.51
N ALA A 106 20.63 -6.24 -9.61
CA ALA A 106 19.76 -7.41 -9.53
C ALA A 106 19.88 -8.27 -10.74
N LYS A 107 19.22 -9.40 -10.65
CA LYS A 107 19.38 -10.47 -11.60
C LYS A 107 18.06 -11.00 -12.06
N ALA A 108 17.60 -10.52 -13.19
CA ALA A 108 16.33 -10.97 -13.70
C ALA A 108 16.43 -12.45 -14.03
N LYS A 109 15.89 -13.26 -13.12
CA LYS A 109 15.92 -14.70 -13.18
C LYS A 109 15.56 -15.26 -14.56
N SER A 110 15.85 -16.55 -14.74
CA SER A 110 15.45 -17.27 -15.94
C SER A 110 13.95 -17.53 -15.91
N ASP A 111 13.34 -17.04 -14.85
CA ASP A 111 11.94 -17.23 -14.61
C ASP A 111 11.25 -15.88 -14.64
N ALA A 112 12.05 -14.82 -14.58
CA ALA A 112 11.56 -13.45 -14.72
C ALA A 112 10.66 -13.29 -15.93
N LYS A 113 9.45 -12.96 -15.61
CA LYS A 113 8.39 -12.71 -16.55
C LYS A 113 7.68 -11.45 -16.13
N PHE A 114 7.98 -10.37 -16.79
CA PHE A 114 7.54 -9.07 -16.34
C PHE A 114 6.19 -8.67 -16.87
N THR A 115 5.59 -7.79 -16.11
CA THR A 115 4.33 -7.16 -16.42
C THR A 115 4.51 -5.68 -16.30
N ASP A 116 4.02 -4.95 -17.29
CA ASP A 116 4.06 -3.50 -17.28
C ASP A 116 3.10 -2.98 -16.25
N ILE A 117 3.46 -3.25 -15.02
CA ILE A 117 2.61 -3.01 -13.89
C ILE A 117 2.43 -1.54 -13.62
N LYS A 118 1.19 -1.14 -13.65
CA LYS A 118 0.81 0.17 -13.21
C LYS A 118 0.02 0.09 -11.95
N THR A 119 0.73 0.42 -10.91
CA THR A 119 0.17 0.50 -9.60
C THR A 119 -0.64 1.76 -9.50
N GLY A 120 -0.40 2.64 -10.46
CA GLY A 120 -0.95 3.95 -10.37
C GLY A 120 0.06 4.90 -9.78
N ASN A 121 1.04 4.34 -9.07
CA ASN A 121 2.14 5.12 -8.53
C ASN A 121 3.21 5.18 -9.59
N THR A 122 3.09 6.16 -10.47
CA THR A 122 3.93 6.28 -11.64
C THR A 122 5.41 6.18 -11.33
N GLU A 123 5.88 6.97 -10.40
CA GLU A 123 7.28 6.98 -10.02
C GLU A 123 7.72 5.62 -9.57
N LEU A 124 6.79 4.87 -9.00
CA LEU A 124 7.02 3.50 -8.63
C LEU A 124 6.97 2.67 -9.88
N ASP A 125 5.97 2.96 -10.66
CA ASP A 125 5.69 2.31 -11.92
C ASP A 125 6.90 2.42 -12.82
N LYS A 126 7.63 3.50 -12.64
CA LYS A 126 8.87 3.74 -13.32
C LYS A 126 10.03 2.98 -12.70
N VAL A 127 9.90 2.64 -11.43
CA VAL A 127 10.95 1.91 -10.78
C VAL A 127 10.68 0.42 -10.90
N LEU A 128 9.40 0.11 -11.01
CA LEU A 128 8.97 -1.23 -11.34
C LEU A 128 9.63 -1.58 -12.64
N ASP A 129 9.48 -0.62 -13.52
CA ASP A 129 9.98 -0.63 -14.88
C ASP A 129 11.47 -0.79 -14.90
N LYS A 130 12.07 0.01 -14.06
CA LYS A 130 13.49 0.05 -13.84
C LYS A 130 14.02 -1.34 -13.74
N ALA A 131 13.32 -2.12 -12.98
CA ALA A 131 13.68 -3.49 -12.74
C ALA A 131 13.48 -4.28 -14.01
N ILE A 132 12.32 -4.16 -14.57
CA ILE A 132 11.99 -4.80 -15.83
C ILE A 132 13.02 -4.47 -16.88
N SER A 133 13.67 -3.35 -16.69
CA SER A 133 14.66 -2.90 -17.65
C SER A 133 15.96 -3.68 -17.44
N LEU A 134 16.06 -4.28 -16.27
CA LEU A 134 17.13 -5.23 -15.96
C LEU A 134 16.79 -6.57 -16.59
N GLY A 135 15.48 -6.80 -16.77
CA GLY A 135 15.01 -8.03 -17.39
C GLY A 135 15.53 -8.21 -18.80
N GLY A 1 0.85 18.62 3.89
CA GLY A 1 2.25 18.32 4.30
C GLY A 1 2.52 16.84 4.36
N HIS A 2 3.08 16.38 5.47
CA HIS A 2 3.40 14.96 5.63
C HIS A 2 2.56 14.34 6.73
N MET A 3 1.43 14.96 7.03
CA MET A 3 0.53 14.44 8.07
C MET A 3 -0.43 13.42 7.48
N GLN A 4 -0.65 13.52 6.17
CA GLN A 4 -1.48 12.58 5.41
C GLN A 4 -2.95 12.67 5.82
N VAL A 5 -3.28 12.11 6.97
CA VAL A 5 -4.66 12.13 7.45
C VAL A 5 -4.91 13.38 8.30
N ALA A 6 -4.73 14.53 7.67
CA ALA A 6 -4.91 15.80 8.36
C ALA A 6 -6.37 16.25 8.29
N ARG A 7 -7.02 15.95 7.18
CA ARG A 7 -8.42 16.31 6.99
C ARG A 7 -9.32 15.13 7.25
N SER A 8 -8.83 13.93 6.95
CA SER A 8 -9.57 12.68 7.10
C SER A 8 -10.74 12.61 6.12
N THR A 9 -11.75 13.44 6.37
CA THR A 9 -12.93 13.51 5.53
C THR A 9 -13.54 14.91 5.64
N LYS A 10 -13.88 15.51 4.51
CA LYS A 10 -14.45 16.86 4.52
C LYS A 10 -15.75 16.92 3.73
N GLU A 11 -16.15 15.79 3.18
CA GLU A 11 -17.42 15.71 2.45
C GLU A 11 -18.24 14.54 2.95
N ILE A 12 -19.54 14.67 2.89
CA ILE A 12 -20.43 13.61 3.34
C ILE A 12 -20.54 12.53 2.27
N GLU A 13 -19.56 11.65 2.23
CA GLU A 13 -19.54 10.55 1.30
C GLU A 13 -19.27 9.25 2.03
N THR A 14 -19.22 8.17 1.27
CA THR A 14 -18.81 6.87 1.79
C THR A 14 -19.65 6.48 3.01
N SER A 15 -20.91 6.88 2.99
CA SER A 15 -21.81 6.63 4.10
C SER A 15 -22.49 5.27 3.93
N GLN A 16 -21.72 4.22 4.11
CA GLN A 16 -22.22 2.86 3.97
C GLN A 16 -22.00 2.08 5.26
N SER A 17 -20.74 1.89 5.61
CA SER A 17 -20.37 1.19 6.83
C SER A 17 -20.22 2.18 7.98
N THR A 18 -19.62 1.74 9.09
CA THR A 18 -19.40 2.61 10.24
C THR A 18 -18.29 3.61 9.94
N THR A 19 -17.70 4.17 10.97
CA THR A 19 -16.48 4.91 10.81
C THR A 19 -15.38 4.24 11.62
N ALA A 20 -14.16 4.33 11.10
CA ALA A 20 -13.04 3.65 11.69
C ALA A 20 -12.55 4.36 12.93
N ASN A 21 -11.42 3.91 13.39
CA ASN A 21 -10.85 4.33 14.63
C ASN A 21 -9.40 4.67 14.35
N GLN A 22 -8.78 5.51 15.15
CA GLN A 22 -7.40 5.87 14.88
C GLN A 22 -6.46 4.77 15.33
N SER A 23 -6.98 3.83 16.10
CA SER A 23 -6.25 2.64 16.43
C SER A 23 -6.36 1.68 15.27
N ASP A 24 -7.27 2.02 14.37
CA ASP A 24 -7.48 1.28 13.16
C ASP A 24 -6.75 1.96 12.03
N VAL A 25 -6.91 3.27 12.00
CA VAL A 25 -6.55 4.08 10.87
C VAL A 25 -5.11 4.56 10.91
N ASP A 26 -4.73 5.14 12.03
CA ASP A 26 -3.41 5.74 12.17
C ASP A 26 -2.30 4.73 11.89
N ASP A 27 -2.34 3.58 12.55
CA ASP A 27 -1.33 2.53 12.35
C ASP A 27 -1.41 2.01 10.94
N PHE A 28 -2.64 1.89 10.44
CA PHE A 28 -2.84 1.52 9.07
C PHE A 28 -2.05 2.45 8.21
N ASN A 29 -2.44 3.70 8.30
CA ASN A 29 -1.90 4.77 7.49
C ASN A 29 -0.43 4.96 7.75
N THR A 30 -0.01 4.60 8.93
CA THR A 30 1.34 4.80 9.32
C THR A 30 2.24 3.73 8.74
N LEU A 31 1.80 2.49 8.88
CA LEU A 31 2.55 1.38 8.36
C LEU A 31 2.51 1.49 6.86
N TYR A 32 1.38 1.98 6.42
CA TYR A 32 1.08 2.27 5.04
C TYR A 32 2.03 3.33 4.50
N ASP A 33 2.17 4.40 5.27
CA ASP A 33 3.04 5.49 4.93
C ASP A 33 4.46 5.01 4.96
N ALA A 34 4.62 3.97 5.75
CA ALA A 34 5.90 3.38 6.01
C ALA A 34 6.39 2.55 4.85
N PHE A 35 5.45 1.93 4.13
CA PHE A 35 5.76 1.17 2.94
C PHE A 35 6.40 2.07 1.94
N TYR A 36 6.11 3.33 2.08
CA TYR A 36 6.65 4.31 1.22
C TYR A 36 7.90 4.88 1.83
N THR A 37 8.93 4.85 1.03
CA THR A 37 10.23 5.34 1.44
C THR A 37 10.19 6.85 1.68
N ASN A 38 9.21 7.49 1.05
CA ASN A 38 9.00 8.93 1.18
C ASN A 38 7.51 9.19 1.32
N SER A 39 7.15 10.28 1.98
CA SER A 39 5.73 10.56 2.21
C SER A 39 5.04 11.05 0.97
N ASN A 40 5.80 11.20 -0.12
CA ASN A 40 5.22 11.45 -1.42
C ASN A 40 4.60 10.18 -1.94
N LYS A 41 5.02 9.06 -1.31
CA LYS A 41 4.48 7.75 -1.57
C LYS A 41 4.61 7.40 -3.04
N THR A 42 5.77 7.77 -3.54
CA THR A 42 6.15 7.55 -4.91
C THR A 42 7.19 6.44 -4.99
N ALA A 43 7.50 5.90 -3.82
CA ALA A 43 8.56 4.92 -3.67
C ALA A 43 8.28 4.05 -2.47
N LEU A 44 8.69 2.80 -2.54
CA LEU A 44 8.34 1.83 -1.52
C LEU A 44 9.51 1.06 -0.94
N LYS A 45 9.40 0.85 0.37
CA LYS A 45 10.36 0.12 1.15
C LYS A 45 9.99 -1.33 1.17
N ASN A 46 10.95 -2.15 0.90
CA ASN A 46 10.68 -3.58 0.73
C ASN A 46 10.55 -4.30 2.07
N SER A 47 11.12 -3.70 3.11
CA SER A 47 11.00 -4.26 4.46
C SER A 47 9.56 -4.21 4.94
N GLN A 48 8.82 -3.22 4.42
CA GLN A 48 7.45 -3.00 4.80
C GLN A 48 6.52 -4.03 4.18
N PHE A 49 6.97 -4.64 3.09
CA PHE A 49 6.16 -5.61 2.36
C PHE A 49 5.74 -6.78 3.26
N ASP A 50 6.50 -6.99 4.32
CA ASP A 50 6.22 -8.07 5.27
C ASP A 50 5.00 -7.72 6.08
N LYS A 51 4.78 -6.42 6.18
CA LYS A 51 3.67 -5.84 6.91
C LYS A 51 2.52 -5.52 5.98
N LEU A 52 2.58 -5.98 4.74
CA LEU A 52 1.50 -5.74 3.80
C LEU A 52 0.26 -6.52 4.22
N SER A 53 0.47 -7.74 4.69
CA SER A 53 -0.61 -8.51 5.26
C SER A 53 -1.04 -7.85 6.57
N GLN A 54 -0.12 -7.09 7.14
CA GLN A 54 -0.37 -6.32 8.33
C GLN A 54 -1.15 -5.05 7.98
N LEU A 55 -0.81 -4.48 6.84
CA LEU A 55 -1.50 -3.34 6.29
C LEU A 55 -2.88 -3.77 5.90
N LYS A 56 -2.99 -5.04 5.57
CA LYS A 56 -4.27 -5.66 5.29
C LYS A 56 -4.97 -5.92 6.61
N THR A 57 -4.17 -6.13 7.62
CA THR A 57 -4.64 -6.36 8.95
C THR A 57 -5.19 -5.07 9.54
N LEU A 58 -4.50 -3.98 9.26
CA LEU A 58 -4.91 -2.68 9.67
C LEU A 58 -6.10 -2.22 8.87
N LEU A 59 -6.08 -2.51 7.58
CA LEU A 59 -7.25 -2.34 6.75
C LEU A 59 -8.37 -3.24 7.26
N ASP A 60 -8.00 -4.42 7.71
CA ASP A 60 -8.91 -5.34 8.38
C ASP A 60 -9.44 -4.70 9.65
N LYS A 61 -8.67 -3.77 10.16
CA LYS A 61 -9.07 -2.99 11.31
C LYS A 61 -10.01 -1.89 10.88
N LEU A 62 -9.95 -1.60 9.60
CA LEU A 62 -10.82 -0.61 9.01
C LEU A 62 -12.07 -1.29 8.57
N GLU A 63 -11.94 -2.59 8.39
CA GLU A 63 -13.04 -3.45 8.04
C GLU A 63 -14.26 -3.18 8.89
N GLY A 64 -15.40 -3.01 8.23
CA GLY A 64 -16.62 -2.72 8.93
C GLY A 64 -16.84 -1.23 9.07
N SER A 65 -15.78 -0.47 8.84
CA SER A 65 -15.83 0.97 8.92
C SER A 65 -15.72 1.57 7.53
N ARG A 66 -16.15 2.81 7.36
CA ARG A 66 -16.09 3.49 6.07
C ARG A 66 -14.67 3.79 5.65
N GLU A 67 -13.79 3.88 6.62
CA GLU A 67 -12.39 4.13 6.37
C GLU A 67 -11.84 3.01 5.55
N HIS A 68 -12.31 1.83 5.85
CA HIS A 68 -11.98 0.63 5.13
C HIS A 68 -11.96 0.83 3.65
N THR A 69 -12.94 1.52 3.16
CA THR A 69 -13.05 1.80 1.74
C THR A 69 -11.84 2.53 1.24
N LEU A 70 -11.60 3.62 1.92
CA LEU A 70 -10.59 4.57 1.61
C LEU A 70 -9.28 3.90 1.78
N ALA A 71 -9.24 3.20 2.85
CA ALA A 71 -8.07 2.59 3.32
C ALA A 71 -7.84 1.28 2.60
N LYS A 72 -8.87 0.71 2.02
CA LYS A 72 -8.74 -0.42 1.17
C LYS A 72 -8.22 0.08 -0.11
N SER A 73 -8.68 1.27 -0.43
CA SER A 73 -8.23 1.90 -1.63
C SER A 73 -6.81 2.43 -1.42
N LYS A 74 -6.41 2.57 -0.16
CA LYS A 74 -5.04 2.85 0.18
C LYS A 74 -4.24 1.60 0.21
N TYR A 75 -4.76 0.69 1.01
CA TYR A 75 -4.18 -0.59 1.19
C TYR A 75 -3.92 -1.26 -0.14
N ASP A 76 -4.98 -1.37 -0.94
CA ASP A 76 -4.95 -2.15 -2.16
C ASP A 76 -3.95 -1.53 -3.08
N SER A 77 -3.95 -0.23 -2.99
CA SER A 77 -3.10 0.65 -3.75
C SER A 77 -1.68 0.34 -3.41
N LEU A 78 -1.42 0.44 -2.13
CA LEU A 78 -0.13 0.29 -1.55
C LEU A 78 0.35 -1.13 -1.74
N ALA A 79 -0.61 -2.02 -1.63
CA ALA A 79 -0.43 -3.43 -1.77
C ALA A 79 -0.04 -3.76 -3.17
N THR A 80 -0.59 -3.02 -4.09
CA THR A 80 -0.31 -3.21 -5.48
C THR A 80 1.05 -2.68 -5.83
N GLN A 81 1.41 -1.55 -5.23
CA GLN A 81 2.64 -0.90 -5.47
C GLN A 81 3.75 -1.73 -4.98
N ILE A 82 3.52 -2.34 -3.84
CA ILE A 82 4.50 -3.25 -3.37
C ILE A 82 4.41 -4.54 -4.17
N LYS A 83 3.21 -5.10 -4.33
CA LYS A 83 3.00 -6.34 -5.08
C LYS A 83 3.60 -6.27 -6.46
N ALA A 84 3.59 -5.09 -7.01
CA ALA A 84 4.22 -4.79 -8.25
C ALA A 84 5.69 -4.93 -8.12
N ILE A 85 6.18 -4.30 -7.08
CA ILE A 85 7.56 -4.33 -6.79
C ILE A 85 7.95 -5.76 -6.60
N GLN A 86 7.11 -6.44 -5.87
CA GLN A 86 7.29 -7.81 -5.58
C GLN A 86 7.34 -8.55 -6.87
N ASP A 87 6.32 -8.33 -7.68
CA ASP A 87 6.19 -9.01 -8.96
C ASP A 87 7.48 -8.97 -9.69
N VAL A 88 7.94 -7.77 -9.92
CA VAL A 88 9.08 -7.58 -10.75
C VAL A 88 10.36 -7.98 -10.00
N ASN A 89 10.46 -7.64 -8.71
CA ASN A 89 11.55 -8.06 -7.83
C ASN A 89 11.59 -9.57 -7.77
N ALA A 90 10.42 -10.13 -7.94
CA ALA A 90 10.20 -11.56 -7.85
C ALA A 90 10.71 -12.23 -9.09
N GLN A 91 11.03 -11.40 -10.06
CA GLN A 91 11.57 -11.85 -11.31
C GLN A 91 13.07 -11.87 -11.22
N PHE A 92 13.60 -11.14 -10.27
CA PHE A 92 15.03 -11.16 -10.00
C PHE A 92 15.37 -12.10 -8.89
N GLU A 93 16.62 -12.49 -8.90
CA GLU A 93 17.18 -13.33 -7.89
C GLU A 93 17.17 -12.59 -6.56
N LYS A 94 17.18 -11.26 -6.68
CA LYS A 94 17.06 -10.35 -5.55
C LYS A 94 16.29 -9.13 -6.01
N PRO A 95 15.45 -8.60 -5.12
CA PRO A 95 14.53 -7.50 -5.43
C PRO A 95 15.20 -6.36 -6.11
N ALA A 96 14.57 -5.84 -7.15
CA ALA A 96 15.13 -4.68 -7.73
C ALA A 96 14.11 -3.60 -7.90
N ILE A 97 13.48 -3.31 -6.81
CA ILE A 97 12.96 -2.04 -6.44
C ILE A 97 13.06 -2.03 -4.97
N VAL A 98 14.04 -1.42 -4.43
CA VAL A 98 14.20 -1.47 -3.00
C VAL A 98 14.47 -0.08 -2.48
N ASP A 99 13.58 0.37 -1.63
CA ASP A 99 13.58 1.75 -1.15
C ASP A 99 13.15 2.67 -2.30
N GLY A 100 12.18 2.20 -3.07
CA GLY A 100 11.67 2.97 -4.19
C GLY A 100 12.65 3.10 -5.32
N VAL A 101 13.79 2.47 -5.19
CA VAL A 101 14.79 2.53 -6.21
C VAL A 101 15.24 1.15 -6.58
N LEU A 102 15.34 0.97 -7.84
CA LEU A 102 15.68 -0.28 -8.42
C LEU A 102 17.11 -0.67 -8.11
N ASP A 103 17.30 -1.96 -8.05
CA ASP A 103 18.59 -2.56 -7.84
C ASP A 103 19.08 -3.07 -9.16
N THR A 104 19.86 -2.29 -9.83
CA THR A 104 20.34 -2.61 -11.17
C THR A 104 21.33 -3.74 -11.08
N ASN A 105 21.70 -3.97 -9.85
CA ASN A 105 22.64 -4.98 -9.49
C ASN A 105 21.92 -6.30 -9.33
N ALA A 106 20.61 -6.21 -9.48
CA ALA A 106 19.74 -7.38 -9.35
C ALA A 106 19.90 -8.30 -10.54
N LYS A 107 19.17 -9.37 -10.47
CA LYS A 107 19.36 -10.45 -11.39
C LYS A 107 18.06 -10.98 -11.90
N ALA A 108 17.64 -10.52 -13.05
CA ALA A 108 16.37 -10.95 -13.60
C ALA A 108 16.45 -12.44 -13.93
N LYS A 109 15.92 -13.24 -13.01
CA LYS A 109 15.92 -14.69 -13.09
C LYS A 109 15.56 -15.23 -14.47
N SER A 110 15.90 -16.49 -14.71
CA SER A 110 15.50 -17.17 -15.93
C SER A 110 14.00 -17.46 -15.92
N ASP A 111 13.37 -17.03 -14.84
CA ASP A 111 11.97 -17.27 -14.62
C ASP A 111 11.25 -15.92 -14.64
N ALA A 112 12.04 -14.85 -14.52
CA ALA A 112 11.54 -13.50 -14.66
C ALA A 112 10.65 -13.37 -15.87
N LYS A 113 9.44 -13.01 -15.57
CA LYS A 113 8.40 -12.78 -16.53
C LYS A 113 7.64 -11.55 -16.12
N PHE A 114 7.94 -10.46 -16.78
CA PHE A 114 7.50 -9.16 -16.32
C PHE A 114 6.15 -8.74 -16.85
N THR A 115 5.54 -7.85 -16.10
CA THR A 115 4.32 -7.19 -16.47
C THR A 115 4.53 -5.71 -16.30
N ASP A 116 4.07 -4.95 -17.28
CA ASP A 116 4.14 -3.50 -17.22
C ASP A 116 3.14 -3.01 -16.20
N ILE A 117 3.46 -3.32 -14.97
CA ILE A 117 2.57 -3.10 -13.87
C ILE A 117 2.36 -1.65 -13.60
N LYS A 118 1.12 -1.27 -13.68
CA LYS A 118 0.74 0.02 -13.21
C LYS A 118 0.04 -0.08 -11.90
N THR A 119 0.70 0.46 -10.93
CA THR A 119 0.16 0.56 -9.61
C THR A 119 -0.64 1.81 -9.52
N GLY A 120 -0.39 2.68 -10.49
CA GLY A 120 -0.92 4.01 -10.40
C GLY A 120 0.07 4.95 -9.76
N ASN A 121 1.09 4.38 -9.13
CA ASN A 121 2.15 5.18 -8.53
C ASN A 121 3.26 5.37 -9.53
N THR A 122 3.12 6.36 -10.39
CA THR A 122 3.98 6.55 -11.54
C THR A 122 5.45 6.34 -11.25
N GLU A 123 5.98 7.11 -10.33
CA GLU A 123 7.39 7.04 -9.98
C GLU A 123 7.77 5.63 -9.60
N LEU A 124 6.83 4.93 -8.98
CA LEU A 124 7.02 3.54 -8.66
C LEU A 124 6.94 2.73 -9.93
N ASP A 125 5.93 3.04 -10.72
CA ASP A 125 5.69 2.37 -11.98
C ASP A 125 6.93 2.47 -12.83
N LYS A 126 7.62 3.58 -12.68
CA LYS A 126 8.87 3.82 -13.34
C LYS A 126 10.01 3.03 -12.73
N VAL A 127 9.91 2.70 -11.46
CA VAL A 127 10.95 1.96 -10.82
C VAL A 127 10.68 0.49 -10.98
N LEU A 128 9.39 0.18 -11.06
CA LEU A 128 8.93 -1.15 -11.38
C LEU A 128 9.59 -1.52 -12.69
N ASP A 129 9.43 -0.56 -13.58
CA ASP A 129 9.94 -0.60 -14.94
C ASP A 129 11.42 -0.78 -14.97
N LYS A 130 12.05 0.02 -14.14
CA LYS A 130 13.46 0.04 -13.94
C LYS A 130 13.99 -1.35 -13.79
N ALA A 131 13.27 -2.10 -13.02
CA ALA A 131 13.63 -3.47 -12.75
C ALA A 131 13.45 -4.28 -14.00
N ILE A 132 12.28 -4.19 -14.57
CA ILE A 132 11.98 -4.86 -15.82
C ILE A 132 13.00 -4.53 -16.88
N SER A 133 13.65 -3.40 -16.71
CA SER A 133 14.62 -2.96 -17.64
C SER A 133 15.95 -3.67 -17.40
N LEU A 134 16.05 -4.30 -16.24
CA LEU A 134 17.11 -5.24 -15.92
C LEU A 134 16.76 -6.58 -16.53
N GLY A 135 15.45 -6.83 -16.64
CA GLY A 135 14.96 -8.07 -17.21
C GLY A 135 14.88 -8.01 -18.72
N GLY A 1 -10.64 15.25 17.62
CA GLY A 1 -11.78 16.17 17.46
C GLY A 1 -12.62 16.24 18.73
N HIS A 2 -13.92 16.40 18.58
CA HIS A 2 -14.82 16.47 19.74
C HIS A 2 -15.06 15.08 20.30
N MET A 3 -14.91 14.08 19.44
CA MET A 3 -15.08 12.70 19.83
C MET A 3 -14.18 11.81 18.99
N GLN A 4 -13.40 10.99 19.64
CA GLN A 4 -12.53 10.05 18.95
C GLN A 4 -13.31 8.80 18.59
N VAL A 5 -14.27 8.98 17.68
CA VAL A 5 -15.19 7.92 17.26
C VAL A 5 -16.16 7.57 18.39
N ALA A 6 -15.65 6.87 19.40
CA ALA A 6 -16.45 6.45 20.55
C ALA A 6 -17.69 5.68 20.11
N ARG A 7 -17.50 4.42 19.75
CA ARG A 7 -18.59 3.57 19.26
C ARG A 7 -19.63 3.31 20.35
N SER A 8 -19.31 3.68 21.58
CA SER A 8 -20.24 3.55 22.70
C SER A 8 -21.25 4.69 22.70
N THR A 9 -21.23 5.50 21.65
CA THR A 9 -22.17 6.60 21.51
C THR A 9 -23.36 6.19 20.65
N LYS A 10 -24.52 6.10 21.28
CA LYS A 10 -25.74 5.78 20.55
C LYS A 10 -26.55 7.06 20.36
N GLU A 11 -25.99 7.99 19.61
CA GLU A 11 -26.63 9.26 19.33
C GLU A 11 -25.90 9.93 18.17
N ILE A 12 -26.55 10.89 17.53
CA ILE A 12 -25.97 11.54 16.36
C ILE A 12 -24.87 12.51 16.77
N GLU A 13 -23.68 11.96 16.98
CA GLU A 13 -22.51 12.74 17.36
C GLU A 13 -21.30 12.28 16.57
N THR A 14 -21.12 10.96 16.53
CA THR A 14 -20.05 10.34 15.78
C THR A 14 -20.24 10.57 14.27
N SER A 15 -19.16 10.37 13.50
CA SER A 15 -19.20 10.54 12.05
C SER A 15 -20.30 9.69 11.41
N GLN A 16 -20.69 10.08 10.20
CA GLN A 16 -21.79 9.45 9.49
C GLN A 16 -21.48 7.98 9.18
N SER A 17 -22.40 7.10 9.58
CA SER A 17 -22.27 5.66 9.37
C SER A 17 -21.10 5.09 10.18
N THR A 18 -20.74 3.86 9.89
CA THR A 18 -19.59 3.23 10.52
C THR A 18 -18.32 3.99 10.21
N THR A 19 -17.57 4.31 11.25
CA THR A 19 -16.33 5.04 11.08
C THR A 19 -15.20 4.32 11.79
N ALA A 20 -14.02 4.44 11.23
CA ALA A 20 -12.87 3.74 11.74
C ALA A 20 -12.25 4.46 12.92
N ASN A 21 -11.43 3.72 13.60
CA ASN A 21 -10.81 4.13 14.82
C ASN A 21 -9.37 4.47 14.52
N GLN A 22 -8.72 5.23 15.37
CA GLN A 22 -7.35 5.61 15.10
C GLN A 22 -6.39 4.48 15.42
N SER A 23 -6.88 3.50 16.15
CA SER A 23 -6.12 2.29 16.36
C SER A 23 -6.30 1.41 15.14
N ASP A 24 -7.24 1.81 14.30
CA ASP A 24 -7.50 1.16 13.07
C ASP A 24 -6.78 1.89 11.96
N VAL A 25 -6.92 3.20 12.03
CA VAL A 25 -6.54 4.08 10.95
C VAL A 25 -5.11 4.55 11.03
N ASP A 26 -4.74 5.12 12.15
CA ASP A 26 -3.41 5.71 12.31
C ASP A 26 -2.32 4.71 12.00
N ASP A 27 -2.38 3.54 12.62
CA ASP A 27 -1.38 2.49 12.39
C ASP A 27 -1.45 2.02 10.98
N PHE A 28 -2.67 1.91 10.47
CA PHE A 28 -2.87 1.56 9.09
C PHE A 28 -2.07 2.50 8.24
N ASN A 29 -2.48 3.74 8.34
CA ASN A 29 -1.94 4.82 7.55
C ASN A 29 -0.46 5.00 7.80
N THR A 30 -0.05 4.64 8.98
CA THR A 30 1.31 4.84 9.38
C THR A 30 2.20 3.77 8.82
N LEU A 31 1.75 2.54 8.94
CA LEU A 31 2.49 1.42 8.44
C LEU A 31 2.45 1.48 6.94
N TYR A 32 1.34 2.00 6.48
CA TYR A 32 1.07 2.26 5.09
C TYR A 32 2.02 3.30 4.55
N ASP A 33 2.14 4.39 5.30
CA ASP A 33 3.04 5.48 4.95
C ASP A 33 4.45 4.97 5.01
N ALA A 34 4.59 3.95 5.81
CA ALA A 34 5.86 3.34 6.10
C ALA A 34 6.34 2.50 4.94
N PHE A 35 5.40 1.91 4.21
CA PHE A 35 5.73 1.13 3.03
C PHE A 35 6.37 2.02 2.02
N TYR A 36 6.12 3.28 2.17
CA TYR A 36 6.68 4.27 1.32
C TYR A 36 7.92 4.83 1.95
N THR A 37 8.97 4.81 1.18
CA THR A 37 10.26 5.32 1.62
C THR A 37 10.17 6.81 1.89
N ASN A 38 9.19 7.43 1.27
CA ASN A 38 8.98 8.86 1.34
C ASN A 38 7.49 9.12 1.45
N SER A 39 7.11 10.21 2.11
CA SER A 39 5.70 10.51 2.30
C SER A 39 5.06 11.02 1.01
N ASN A 40 5.86 11.14 -0.04
CA ASN A 40 5.32 11.40 -1.37
C ASN A 40 4.69 10.13 -1.91
N LYS A 41 5.07 9.02 -1.27
CA LYS A 41 4.53 7.71 -1.54
C LYS A 41 4.67 7.37 -2.99
N THR A 42 5.84 7.70 -3.49
CA THR A 42 6.23 7.48 -4.86
C THR A 42 7.29 6.40 -4.91
N ALA A 43 7.62 5.91 -3.72
CA ALA A 43 8.68 4.95 -3.55
C ALA A 43 8.38 4.09 -2.34
N LEU A 44 8.73 2.83 -2.43
CA LEU A 44 8.36 1.86 -1.41
C LEU A 44 9.54 1.15 -0.76
N LYS A 45 9.40 0.99 0.55
CA LYS A 45 10.34 0.27 1.37
C LYS A 45 9.98 -1.17 1.36
N ASN A 46 10.98 -1.97 1.22
CA ASN A 46 10.79 -3.38 0.96
C ASN A 46 10.61 -4.19 2.23
N SER A 47 11.18 -3.70 3.32
CA SER A 47 11.01 -4.33 4.63
C SER A 47 9.53 -4.27 5.06
N GLN A 48 8.83 -3.26 4.56
CA GLN A 48 7.44 -3.04 4.92
C GLN A 48 6.54 -4.08 4.28
N PHE A 49 6.99 -4.68 3.19
CA PHE A 49 6.18 -5.62 2.42
C PHE A 49 5.69 -6.78 3.29
N ASP A 50 6.45 -7.08 4.33
CA ASP A 50 6.09 -8.15 5.25
C ASP A 50 4.84 -7.78 6.02
N LYS A 51 4.67 -6.48 6.17
CA LYS A 51 3.55 -5.90 6.89
C LYS A 51 2.42 -5.58 5.96
N LEU A 52 2.54 -5.99 4.72
CA LEU A 52 1.45 -5.77 3.77
C LEU A 52 0.22 -6.55 4.19
N SER A 53 0.42 -7.76 4.69
CA SER A 53 -0.66 -8.52 5.26
C SER A 53 -1.11 -7.86 6.57
N GLN A 54 -0.20 -7.11 7.15
CA GLN A 54 -0.48 -6.33 8.33
C GLN A 54 -1.26 -5.07 7.97
N LEU A 55 -0.90 -4.48 6.84
CA LEU A 55 -1.58 -3.35 6.28
C LEU A 55 -2.97 -3.77 5.88
N LYS A 56 -3.09 -5.05 5.56
CA LYS A 56 -4.37 -5.65 5.29
C LYS A 56 -5.07 -5.90 6.59
N THR A 57 -4.29 -6.13 7.60
CA THR A 57 -4.77 -6.37 8.93
C THR A 57 -5.30 -5.07 9.52
N LEU A 58 -4.61 -3.99 9.22
CA LEU A 58 -5.01 -2.67 9.64
C LEU A 58 -6.19 -2.20 8.83
N LEU A 59 -6.16 -2.48 7.55
CA LEU A 59 -7.31 -2.28 6.70
C LEU A 59 -8.46 -3.17 7.17
N ASP A 60 -8.10 -4.35 7.64
CA ASP A 60 -9.03 -5.25 8.28
C ASP A 60 -9.56 -4.62 9.56
N LYS A 61 -8.77 -3.71 10.08
CA LYS A 61 -9.18 -2.93 11.22
C LYS A 61 -10.08 -1.81 10.79
N LEU A 62 -10.00 -1.51 9.52
CA LEU A 62 -10.84 -0.49 8.92
C LEU A 62 -12.10 -1.14 8.47
N GLU A 63 -11.98 -2.43 8.27
CA GLU A 63 -13.08 -3.28 7.86
C GLU A 63 -14.34 -3.01 8.67
N GLY A 64 -15.43 -2.80 7.96
CA GLY A 64 -16.67 -2.50 8.61
C GLY A 64 -16.85 -1.03 8.84
N SER A 65 -15.76 -0.27 8.69
CA SER A 65 -15.79 1.16 8.90
C SER A 65 -15.66 1.86 7.56
N ARG A 66 -16.06 3.12 7.48
CA ARG A 66 -16.02 3.89 6.23
C ARG A 66 -14.60 4.14 5.76
N GLU A 67 -13.68 4.18 6.71
CA GLU A 67 -12.27 4.40 6.41
C GLU A 67 -11.77 3.30 5.53
N HIS A 68 -12.29 2.14 5.82
CA HIS A 68 -12.00 0.92 5.07
C HIS A 68 -11.95 1.14 3.60
N THR A 69 -12.92 1.85 3.11
CA THR A 69 -13.02 2.14 1.69
C THR A 69 -11.78 2.82 1.19
N LEU A 70 -11.49 3.87 1.89
CA LEU A 70 -10.45 4.80 1.61
C LEU A 70 -9.18 4.07 1.78
N ALA A 71 -9.16 3.35 2.83
CA ALA A 71 -8.01 2.69 3.30
C ALA A 71 -7.80 1.40 2.58
N LYS A 72 -8.85 0.85 2.01
CA LYS A 72 -8.74 -0.27 1.14
C LYS A 72 -8.22 0.23 -0.14
N SER A 73 -8.64 1.43 -0.44
CA SER A 73 -8.19 2.08 -1.63
C SER A 73 -6.74 2.56 -1.43
N LYS A 74 -6.34 2.65 -0.17
CA LYS A 74 -4.96 2.90 0.17
C LYS A 74 -4.21 1.61 0.19
N TYR A 75 -4.74 0.72 0.97
CA TYR A 75 -4.19 -0.58 1.16
C TYR A 75 -3.97 -1.27 -0.15
N ASP A 76 -5.03 -1.39 -0.94
CA ASP A 76 -5.03 -2.22 -2.12
C ASP A 76 -4.08 -1.61 -3.11
N SER A 77 -3.97 -0.32 -2.98
CA SER A 77 -3.12 0.51 -3.78
C SER A 77 -1.67 0.21 -3.42
N LEU A 78 -1.41 0.35 -2.14
CA LEU A 78 -0.11 0.22 -1.57
C LEU A 78 0.36 -1.21 -1.73
N ALA A 79 -0.60 -2.09 -1.59
CA ALA A 79 -0.40 -3.51 -1.71
C ALA A 79 -0.03 -3.87 -3.11
N THR A 80 -0.56 -3.14 -4.04
CA THR A 80 -0.26 -3.35 -5.42
C THR A 80 1.11 -2.80 -5.75
N GLN A 81 1.45 -1.67 -5.15
CA GLN A 81 2.67 -1.02 -5.40
C GLN A 81 3.79 -1.84 -4.91
N ILE A 82 3.58 -2.43 -3.77
CA ILE A 82 4.57 -3.32 -3.29
C ILE A 82 4.49 -4.62 -4.07
N LYS A 83 3.28 -5.18 -4.25
CA LYS A 83 3.10 -6.43 -4.99
C LYS A 83 3.71 -6.36 -6.36
N ALA A 84 3.65 -5.20 -6.93
CA ALA A 84 4.28 -4.90 -8.18
C ALA A 84 5.75 -5.01 -8.05
N ILE A 85 6.23 -4.37 -7.02
CA ILE A 85 7.61 -4.40 -6.74
C ILE A 85 8.02 -5.82 -6.54
N GLN A 86 7.19 -6.52 -5.80
CA GLN A 86 7.40 -7.87 -5.51
C GLN A 86 7.44 -8.63 -6.78
N ASP A 87 6.43 -8.40 -7.60
CA ASP A 87 6.28 -9.08 -8.88
C ASP A 87 7.56 -9.00 -9.64
N VAL A 88 8.00 -7.80 -9.87
CA VAL A 88 9.13 -7.60 -10.73
C VAL A 88 10.43 -7.97 -10.01
N ASN A 89 10.54 -7.63 -8.71
CA ASN A 89 11.64 -8.08 -7.86
C ASN A 89 11.68 -9.58 -7.82
N ALA A 90 10.52 -10.15 -8.00
CA ALA A 90 10.32 -11.58 -7.93
C ALA A 90 10.90 -12.23 -9.16
N GLN A 91 11.14 -11.40 -10.14
CA GLN A 91 11.69 -11.84 -11.39
C GLN A 91 13.19 -11.87 -11.30
N PHE A 92 13.74 -11.13 -10.35
CA PHE A 92 15.17 -11.14 -10.13
C PHE A 92 15.54 -12.09 -9.04
N GLU A 93 16.79 -12.49 -9.10
CA GLU A 93 17.37 -13.34 -8.10
C GLU A 93 17.26 -12.66 -6.75
N LYS A 94 17.29 -11.32 -6.78
CA LYS A 94 17.07 -10.50 -5.61
C LYS A 94 16.37 -9.23 -6.08
N PRO A 95 15.50 -8.70 -5.23
CA PRO A 95 14.62 -7.58 -5.53
C PRO A 95 15.30 -6.45 -6.24
N ALA A 96 14.63 -5.87 -7.21
CA ALA A 96 15.18 -4.70 -7.76
C ALA A 96 14.15 -3.61 -7.88
N ILE A 97 13.54 -3.33 -6.75
CA ILE A 97 13.01 -2.06 -6.37
C ILE A 97 13.15 -2.03 -4.91
N VAL A 98 14.15 -1.42 -4.41
CA VAL A 98 14.36 -1.45 -3.01
C VAL A 98 14.62 -0.06 -2.50
N ASP A 99 13.67 0.39 -1.70
CA ASP A 99 13.62 1.77 -1.23
C ASP A 99 13.12 2.67 -2.36
N GLY A 100 12.15 2.18 -3.11
CA GLY A 100 11.60 2.93 -4.21
C GLY A 100 12.55 3.06 -5.37
N VAL A 101 13.72 2.48 -5.24
CA VAL A 101 14.71 2.54 -6.27
C VAL A 101 15.21 1.18 -6.60
N LEU A 102 15.33 0.99 -7.87
CA LEU A 102 15.69 -0.26 -8.46
C LEU A 102 17.11 -0.66 -8.12
N ASP A 103 17.31 -1.95 -8.10
CA ASP A 103 18.62 -2.55 -7.91
C ASP A 103 19.09 -2.99 -9.26
N THR A 104 19.83 -2.15 -9.93
CA THR A 104 20.32 -2.42 -11.27
C THR A 104 21.33 -3.54 -11.24
N ASN A 105 21.72 -3.82 -10.03
CA ASN A 105 22.66 -4.87 -9.74
C ASN A 105 21.94 -6.19 -9.82
N ALA A 106 20.65 -6.08 -9.77
CA ALA A 106 19.77 -7.25 -9.71
C ALA A 106 19.84 -8.07 -10.96
N LYS A 107 19.36 -9.26 -10.78
CA LYS A 107 19.59 -10.33 -11.70
C LYS A 107 18.26 -10.89 -12.12
N ALA A 108 17.73 -10.40 -13.20
CA ALA A 108 16.46 -10.90 -13.70
C ALA A 108 16.59 -12.38 -13.99
N LYS A 109 16.03 -13.18 -13.09
CA LYS A 109 16.08 -14.64 -13.15
C LYS A 109 15.73 -15.20 -14.53
N SER A 110 16.07 -16.47 -14.73
CA SER A 110 15.70 -17.19 -15.94
C SER A 110 14.20 -17.46 -15.95
N ASP A 111 13.55 -17.00 -14.89
CA ASP A 111 12.14 -17.20 -14.71
C ASP A 111 11.44 -15.85 -14.76
N ALA A 112 12.23 -14.78 -14.61
CA ALA A 112 11.72 -13.42 -14.75
C ALA A 112 10.80 -13.29 -15.94
N LYS A 113 9.59 -13.01 -15.61
CA LYS A 113 8.53 -12.81 -16.54
C LYS A 113 7.75 -11.60 -16.11
N PHE A 114 7.99 -10.50 -16.78
CA PHE A 114 7.52 -9.22 -16.31
C PHE A 114 6.15 -8.85 -16.80
N THR A 115 5.54 -7.98 -16.03
CA THR A 115 4.28 -7.37 -16.37
C THR A 115 4.45 -5.88 -16.23
N ASP A 116 3.96 -5.14 -17.21
CA ASP A 116 3.98 -3.69 -17.18
C ASP A 116 3.02 -3.20 -16.15
N ILE A 117 3.38 -3.47 -14.92
CA ILE A 117 2.54 -3.21 -13.80
C ILE A 117 2.38 -1.75 -13.54
N LYS A 118 1.15 -1.32 -13.59
CA LYS A 118 0.80 -0.02 -13.11
C LYS A 118 0.04 -0.12 -11.83
N THR A 119 0.68 0.34 -10.82
CA THR A 119 0.13 0.42 -9.51
C THR A 119 -0.69 1.68 -9.41
N GLY A 120 -0.43 2.57 -10.35
CA GLY A 120 -0.98 3.87 -10.25
C GLY A 120 0.00 4.84 -9.61
N ASN A 121 1.03 4.29 -8.97
CA ASN A 121 2.10 5.08 -8.41
C ASN A 121 3.17 5.27 -9.44
N THR A 122 2.97 6.23 -10.32
CA THR A 122 3.80 6.41 -11.50
C THR A 122 5.29 6.24 -11.25
N GLU A 123 5.84 7.03 -10.34
CA GLU A 123 7.25 6.96 -10.04
C GLU A 123 7.65 5.54 -9.68
N LEU A 124 6.76 4.85 -9.01
CA LEU A 124 6.96 3.46 -8.68
C LEU A 124 6.84 2.65 -9.93
N ASP A 125 5.82 2.95 -10.71
CA ASP A 125 5.55 2.27 -11.96
C ASP A 125 6.77 2.39 -12.85
N LYS A 126 7.45 3.50 -12.69
CA LYS A 126 8.69 3.76 -13.38
C LYS A 126 9.88 3.05 -12.75
N VAL A 127 9.76 2.64 -11.49
CA VAL A 127 10.82 1.92 -10.85
C VAL A 127 10.56 0.44 -10.98
N LEU A 128 9.29 0.09 -11.04
CA LEU A 128 8.87 -1.25 -11.36
C LEU A 128 9.52 -1.60 -12.66
N ASP A 129 9.36 -0.64 -13.53
CA ASP A 129 9.84 -0.65 -14.90
C ASP A 129 11.33 -0.81 -14.95
N LYS A 130 11.95 0.00 -14.13
CA LYS A 130 13.38 0.05 -13.93
C LYS A 130 13.92 -1.33 -13.81
N ALA A 131 13.22 -2.11 -13.05
CA ALA A 131 13.60 -3.48 -12.81
C ALA A 131 13.40 -4.29 -14.05
N ILE A 132 12.21 -4.19 -14.60
CA ILE A 132 11.89 -4.84 -15.84
C ILE A 132 12.88 -4.51 -16.92
N SER A 133 13.54 -3.38 -16.75
CA SER A 133 14.47 -2.91 -17.70
C SER A 133 15.82 -3.61 -17.50
N LEU A 134 15.97 -4.21 -16.33
CA LEU A 134 17.05 -5.14 -16.05
C LEU A 134 16.73 -6.47 -16.70
N GLY A 135 15.44 -6.74 -16.87
CA GLY A 135 14.99 -7.93 -17.56
C GLY A 135 15.26 -7.86 -19.05
N GLY A 1 -39.95 19.50 12.79
CA GLY A 1 -41.13 18.81 12.21
C GLY A 1 -40.76 17.46 11.64
N HIS A 2 -41.17 17.21 10.40
CA HIS A 2 -40.87 15.95 9.75
C HIS A 2 -39.45 15.96 9.20
N MET A 3 -38.52 15.43 9.98
CA MET A 3 -37.12 15.41 9.59
C MET A 3 -36.62 13.97 9.39
N GLN A 4 -37.41 13.01 9.83
CA GLN A 4 -36.97 11.62 9.79
C GLN A 4 -38.17 10.67 9.78
N VAL A 5 -38.15 9.71 8.87
CA VAL A 5 -39.24 8.73 8.77
C VAL A 5 -38.72 7.30 8.91
N ALA A 6 -37.41 7.16 9.01
CA ALA A 6 -36.80 5.84 9.16
C ALA A 6 -36.76 5.45 10.64
N ARG A 7 -36.26 4.26 10.94
CA ARG A 7 -36.16 3.81 12.32
C ARG A 7 -35.13 4.66 13.05
N SER A 8 -33.96 4.79 12.44
CA SER A 8 -32.93 5.71 12.90
C SER A 8 -32.45 5.38 14.32
N THR A 9 -31.41 4.56 14.39
CA THR A 9 -30.83 4.17 15.66
C THR A 9 -30.09 5.33 16.30
N LYS A 10 -29.67 6.29 15.48
CA LYS A 10 -28.98 7.48 15.97
C LYS A 10 -29.20 8.64 15.00
N GLU A 11 -30.31 8.57 14.25
CA GLU A 11 -30.64 9.56 13.21
C GLU A 11 -29.64 9.50 12.06
N ILE A 12 -30.07 10.00 10.91
CA ILE A 12 -29.19 10.12 9.77
C ILE A 12 -28.75 11.57 9.60
N GLU A 13 -27.83 11.99 10.44
CA GLU A 13 -27.27 13.32 10.36
C GLU A 13 -25.75 13.27 10.42
N THR A 14 -25.24 12.73 11.52
CA THR A 14 -23.81 12.60 11.70
C THR A 14 -23.36 11.17 11.40
N SER A 15 -24.30 10.24 11.46
CA SER A 15 -24.01 8.83 11.19
C SER A 15 -23.67 8.63 9.71
N GLN A 16 -22.50 8.06 9.46
CA GLN A 16 -22.07 7.77 8.10
C GLN A 16 -21.86 6.27 7.93
N SER A 17 -22.94 5.51 8.15
CA SER A 17 -22.91 4.05 8.07
C SER A 17 -22.06 3.46 9.20
N THR A 18 -20.75 3.48 9.02
CA THR A 18 -19.80 2.97 9.98
C THR A 18 -18.50 3.71 9.83
N THR A 19 -17.85 4.06 10.93
CA THR A 19 -16.61 4.79 10.84
C THR A 19 -15.51 4.10 11.62
N ALA A 20 -14.30 4.24 11.09
CA ALA A 20 -13.14 3.60 11.66
C ALA A 20 -12.65 4.32 12.89
N ASN A 21 -11.57 3.82 13.41
CA ASN A 21 -10.99 4.27 14.64
C ASN A 21 -9.55 4.65 14.34
N GLN A 22 -8.95 5.50 15.14
CA GLN A 22 -7.58 5.91 14.85
C GLN A 22 -6.59 4.83 15.24
N SER A 23 -7.06 3.88 16.02
CA SER A 23 -6.27 2.72 16.33
C SER A 23 -6.41 1.74 15.18
N ASP A 24 -7.34 2.07 14.29
CA ASP A 24 -7.53 1.34 13.08
C ASP A 24 -6.81 2.05 11.96
N VAL A 25 -7.02 3.35 11.94
CA VAL A 25 -6.67 4.18 10.81
C VAL A 25 -5.24 4.67 10.86
N ASP A 26 -4.86 5.27 11.98
CA ASP A 26 -3.55 5.89 12.10
C ASP A 26 -2.44 4.89 11.83
N ASP A 27 -2.48 3.74 12.49
CA ASP A 27 -1.46 2.71 12.30
C ASP A 27 -1.51 2.19 10.90
N PHE A 28 -2.72 2.05 10.38
CA PHE A 28 -2.91 1.68 9.02
C PHE A 28 -2.13 2.62 8.15
N ASN A 29 -2.57 3.86 8.22
CA ASN A 29 -2.05 4.94 7.40
C ASN A 29 -0.59 5.18 7.66
N THR A 30 -0.15 4.78 8.81
CA THR A 30 1.20 5.04 9.22
C THR A 30 2.13 3.97 8.71
N LEU A 31 1.70 2.73 8.84
CA LEU A 31 2.47 1.63 8.35
C LEU A 31 2.42 1.67 6.85
N TYR A 32 1.29 2.14 6.39
CA TYR A 32 1.03 2.41 5.00
C TYR A 32 1.96 3.50 4.48
N ASP A 33 2.08 4.54 5.29
CA ASP A 33 2.98 5.66 5.01
C ASP A 33 4.39 5.13 4.97
N ALA A 34 4.54 4.09 5.75
CA ALA A 34 5.81 3.47 6.04
C ALA A 34 6.30 2.60 4.91
N PHE A 35 5.37 1.98 4.18
CA PHE A 35 5.72 1.18 3.01
C PHE A 35 6.36 2.06 1.98
N TYR A 36 6.13 3.33 2.14
CA TYR A 36 6.70 4.28 1.25
C TYR A 36 7.96 4.84 1.86
N THR A 37 8.98 4.81 1.06
CA THR A 37 10.30 5.32 1.46
C THR A 37 10.22 6.81 1.75
N ASN A 38 9.22 7.44 1.16
CA ASN A 38 8.99 8.86 1.31
C ASN A 38 7.51 9.09 1.53
N SER A 39 7.15 10.21 2.13
CA SER A 39 5.75 10.52 2.35
C SER A 39 5.11 11.02 1.06
N ASN A 40 5.93 11.11 0.01
CA ASN A 40 5.43 11.39 -1.32
C ASN A 40 4.73 10.16 -1.85
N LYS A 41 5.06 9.02 -1.22
CA LYS A 41 4.47 7.73 -1.52
C LYS A 41 4.61 7.43 -2.99
N THR A 42 5.79 7.75 -3.47
CA THR A 42 6.17 7.54 -4.85
C THR A 42 7.19 6.43 -4.94
N ALA A 43 7.54 5.90 -3.77
CA ALA A 43 8.60 4.92 -3.64
C ALA A 43 8.33 4.06 -2.42
N LEU A 44 8.71 2.79 -2.49
CA LEU A 44 8.33 1.84 -1.47
C LEU A 44 9.49 1.12 -0.81
N LYS A 45 9.31 0.93 0.48
CA LYS A 45 10.22 0.24 1.34
C LYS A 45 9.89 -1.22 1.36
N ASN A 46 10.89 -2.02 1.13
CA ASN A 46 10.70 -3.43 0.87
C ASN A 46 10.56 -4.24 2.15
N SER A 47 11.10 -3.75 3.25
CA SER A 47 10.97 -4.44 4.52
C SER A 47 9.55 -4.27 5.06
N GLN A 48 8.82 -3.31 4.51
CA GLN A 48 7.46 -3.07 4.89
C GLN A 48 6.53 -4.09 4.26
N PHE A 49 6.98 -4.68 3.17
CA PHE A 49 6.18 -5.66 2.43
C PHE A 49 5.76 -6.82 3.32
N ASP A 50 6.45 -7.00 4.44
CA ASP A 50 6.15 -8.07 5.38
C ASP A 50 4.95 -7.69 6.19
N LYS A 51 4.76 -6.39 6.30
CA LYS A 51 3.65 -5.81 7.03
C LYS A 51 2.52 -5.49 6.08
N LEU A 52 2.60 -5.96 4.84
CA LEU A 52 1.52 -5.74 3.91
C LEU A 52 0.28 -6.51 4.32
N SER A 53 0.48 -7.73 4.83
CA SER A 53 -0.61 -8.47 5.42
C SER A 53 -1.03 -7.80 6.71
N GLN A 54 -0.12 -6.99 7.25
CA GLN A 54 -0.39 -6.20 8.42
C GLN A 54 -1.17 -4.94 8.05
N LEU A 55 -0.83 -4.38 6.89
CA LEU A 55 -1.53 -3.26 6.32
C LEU A 55 -2.91 -3.72 5.92
N LYS A 56 -2.99 -5.00 5.62
CA LYS A 56 -4.25 -5.65 5.34
C LYS A 56 -4.98 -5.90 6.64
N THR A 57 -4.18 -6.04 7.66
CA THR A 57 -4.66 -6.26 9.00
C THR A 57 -5.21 -4.97 9.56
N LEU A 58 -4.52 -3.89 9.27
CA LEU A 58 -4.93 -2.58 9.68
C LEU A 58 -6.12 -2.14 8.86
N LEU A 59 -6.08 -2.45 7.58
CA LEU A 59 -7.24 -2.30 6.73
C LEU A 59 -8.36 -3.19 7.26
N ASP A 60 -7.99 -4.37 7.74
CA ASP A 60 -8.92 -5.26 8.41
C ASP A 60 -9.43 -4.60 9.69
N LYS A 61 -8.67 -3.65 10.16
CA LYS A 61 -9.08 -2.85 11.29
C LYS A 61 -10.00 -1.75 10.84
N LEU A 62 -9.96 -1.51 9.56
CA LEU A 62 -10.83 -0.53 8.94
C LEU A 62 -12.09 -1.23 8.52
N GLU A 63 -11.92 -2.52 8.35
CA GLU A 63 -13.01 -3.41 8.04
C GLU A 63 -14.25 -3.15 8.85
N GLY A 64 -15.38 -3.13 8.18
CA GLY A 64 -16.62 -2.84 8.84
C GLY A 64 -16.87 -1.35 8.93
N SER A 65 -15.82 -0.57 8.74
CA SER A 65 -15.89 0.89 8.85
C SER A 65 -15.77 1.51 7.45
N ARG A 66 -16.22 2.75 7.31
CA ARG A 66 -16.18 3.45 6.02
C ARG A 66 -14.76 3.72 5.57
N GLU A 67 -13.87 3.81 6.54
CA GLU A 67 -12.47 4.05 6.27
C GLU A 67 -11.91 2.95 5.43
N HIS A 68 -12.37 1.76 5.75
CA HIS A 68 -12.01 0.55 5.04
C HIS A 68 -11.99 0.75 3.56
N THR A 69 -12.98 1.40 3.06
CA THR A 69 -13.10 1.65 1.63
C THR A 69 -11.89 2.39 1.12
N LEU A 70 -11.67 3.47 1.80
CA LEU A 70 -10.67 4.44 1.48
C LEU A 70 -9.36 3.80 1.66
N ALA A 71 -9.31 3.11 2.74
CA ALA A 71 -8.13 2.53 3.21
C ALA A 71 -7.86 1.21 2.52
N LYS A 72 -8.89 0.62 1.95
CA LYS A 72 -8.74 -0.53 1.12
C LYS A 72 -8.22 -0.04 -0.18
N SER A 73 -8.69 1.13 -0.51
CA SER A 73 -8.26 1.76 -1.71
C SER A 73 -6.84 2.28 -1.53
N LYS A 74 -6.44 2.47 -0.27
CA LYS A 74 -5.08 2.80 0.07
C LYS A 74 -4.27 1.55 0.14
N TYR A 75 -4.77 0.65 0.95
CA TYR A 75 -4.18 -0.62 1.17
C TYR A 75 -3.91 -1.31 -0.15
N ASP A 76 -4.95 -1.46 -0.95
CA ASP A 76 -4.89 -2.29 -2.14
C ASP A 76 -3.91 -1.65 -3.09
N SER A 77 -3.91 -0.34 -3.00
CA SER A 77 -3.07 0.52 -3.78
C SER A 77 -1.64 0.24 -3.42
N LEU A 78 -1.39 0.36 -2.14
CA LEU A 78 -0.10 0.24 -1.56
C LEU A 78 0.39 -1.19 -1.71
N ALA A 79 -0.56 -2.08 -1.58
CA ALA A 79 -0.36 -3.50 -1.72
C ALA A 79 0.01 -3.84 -3.11
N THR A 80 -0.56 -3.12 -4.04
CA THR A 80 -0.27 -3.31 -5.43
C THR A 80 1.10 -2.77 -5.77
N GLN A 81 1.45 -1.65 -5.16
CA GLN A 81 2.68 -0.99 -5.42
C GLN A 81 3.79 -1.83 -4.92
N ILE A 82 3.57 -2.42 -3.78
CA ILE A 82 4.56 -3.31 -3.31
C ILE A 82 4.47 -4.62 -4.10
N LYS A 83 3.26 -5.17 -4.27
CA LYS A 83 3.06 -6.41 -5.03
C LYS A 83 3.65 -6.34 -6.41
N ALA A 84 3.63 -5.16 -6.96
CA ALA A 84 4.26 -4.86 -8.21
C ALA A 84 5.72 -4.98 -8.08
N ILE A 85 6.22 -4.36 -7.04
CA ILE A 85 7.60 -4.39 -6.75
C ILE A 85 8.00 -5.80 -6.57
N GLN A 86 7.17 -6.50 -5.82
CA GLN A 86 7.36 -7.86 -5.55
C GLN A 86 7.41 -8.58 -6.84
N ASP A 87 6.38 -8.36 -7.64
CA ASP A 87 6.24 -9.04 -8.93
C ASP A 87 7.52 -8.98 -9.69
N VAL A 88 7.97 -7.78 -9.91
CA VAL A 88 9.10 -7.59 -10.75
C VAL A 88 10.39 -7.99 -10.02
N ASN A 89 10.51 -7.64 -8.73
CA ASN A 89 11.61 -8.09 -7.87
C ASN A 89 11.65 -9.59 -7.83
N ALA A 90 10.47 -10.16 -7.98
CA ALA A 90 10.26 -11.58 -7.89
C ALA A 90 10.77 -12.25 -9.13
N GLN A 91 11.07 -11.42 -10.10
CA GLN A 91 11.60 -11.87 -11.36
C GLN A 91 13.10 -11.88 -11.30
N PHE A 92 13.66 -11.17 -10.35
CA PHE A 92 15.09 -11.18 -10.14
C PHE A 92 15.49 -12.13 -9.04
N GLU A 93 16.74 -12.52 -9.11
CA GLU A 93 17.34 -13.37 -8.13
C GLU A 93 17.34 -12.65 -6.78
N LYS A 94 17.33 -11.33 -6.86
CA LYS A 94 17.15 -10.47 -5.71
C LYS A 94 16.39 -9.24 -6.16
N PRO A 95 15.52 -8.73 -5.30
CA PRO A 95 14.61 -7.62 -5.58
C PRO A 95 15.27 -6.48 -6.27
N ALA A 96 14.61 -5.90 -7.24
CA ALA A 96 15.17 -4.73 -7.80
C ALA A 96 14.15 -3.62 -7.88
N ILE A 97 13.54 -3.37 -6.76
CA ILE A 97 13.03 -2.10 -6.35
C ILE A 97 13.17 -2.10 -4.87
N VAL A 98 14.17 -1.49 -4.36
CA VAL A 98 14.35 -1.54 -2.93
C VAL A 98 14.61 -0.16 -2.39
N ASP A 99 13.63 0.29 -1.64
CA ASP A 99 13.57 1.67 -1.17
C ASP A 99 13.17 2.59 -2.31
N GLY A 100 12.19 2.14 -3.08
CA GLY A 100 11.69 2.92 -4.19
C GLY A 100 12.67 3.04 -5.31
N VAL A 101 13.82 2.41 -5.17
CA VAL A 101 14.82 2.46 -6.18
C VAL A 101 15.26 1.07 -6.55
N LEU A 102 15.35 0.90 -7.82
CA LEU A 102 15.68 -0.34 -8.42
C LEU A 102 17.11 -0.74 -8.11
N ASP A 103 17.31 -2.03 -8.10
CA ASP A 103 18.61 -2.62 -7.91
C ASP A 103 19.10 -3.09 -9.25
N THR A 104 19.85 -2.26 -9.90
CA THR A 104 20.36 -2.57 -11.23
C THR A 104 21.39 -3.66 -11.15
N ASN A 105 21.71 -3.94 -9.92
CA ASN A 105 22.66 -4.98 -9.58
C ASN A 105 21.95 -6.31 -9.50
N ALA A 106 20.65 -6.21 -9.65
CA ALA A 106 19.78 -7.39 -9.56
C ALA A 106 19.93 -8.26 -10.77
N LYS A 107 19.22 -9.36 -10.72
CA LYS A 107 19.38 -10.42 -11.67
C LYS A 107 18.07 -10.96 -12.13
N ALA A 108 17.60 -10.50 -13.26
CA ALA A 108 16.32 -10.96 -13.76
C ALA A 108 16.41 -12.45 -14.08
N LYS A 109 15.87 -13.24 -13.16
CA LYS A 109 15.88 -14.69 -13.21
C LYS A 109 15.51 -15.27 -14.58
N SER A 110 15.78 -16.55 -14.75
CA SER A 110 15.41 -17.28 -15.95
C SER A 110 13.91 -17.54 -15.96
N ASP A 111 13.27 -17.06 -14.93
CA ASP A 111 11.87 -17.28 -14.71
C ASP A 111 11.15 -15.95 -14.69
N ALA A 112 11.95 -14.88 -14.61
CA ALA A 112 11.44 -13.53 -14.74
C ALA A 112 10.51 -13.39 -15.93
N LYS A 113 9.33 -12.98 -15.60
CA LYS A 113 8.26 -12.71 -16.54
C LYS A 113 7.57 -11.44 -16.11
N PHE A 114 7.88 -10.36 -16.79
CA PHE A 114 7.46 -9.05 -16.34
C PHE A 114 6.12 -8.63 -16.89
N THR A 115 5.53 -7.69 -16.17
CA THR A 115 4.32 -7.03 -16.55
C THR A 115 4.51 -5.55 -16.38
N ASP A 116 4.00 -4.78 -17.32
CA ASP A 116 4.03 -3.32 -17.23
C ASP A 116 3.11 -2.87 -16.14
N ILE A 117 3.48 -3.21 -14.95
CA ILE A 117 2.63 -3.02 -13.82
C ILE A 117 2.45 -1.57 -13.51
N LYS A 118 1.23 -1.14 -13.62
CA LYS A 118 0.87 0.14 -13.13
C LYS A 118 0.08 0.01 -11.88
N THR A 119 0.72 0.45 -10.84
CA THR A 119 0.15 0.51 -9.54
C THR A 119 -0.67 1.76 -9.43
N GLY A 120 -0.38 2.66 -10.36
CA GLY A 120 -0.92 3.98 -10.25
C GLY A 120 0.08 4.93 -9.63
N ASN A 121 1.10 4.36 -9.00
CA ASN A 121 2.18 5.15 -8.41
C ASN A 121 3.27 5.34 -9.43
N THR A 122 3.12 6.35 -10.28
CA THR A 122 3.98 6.54 -11.44
C THR A 122 5.44 6.31 -11.17
N GLU A 123 6.02 7.08 -10.26
CA GLU A 123 7.43 6.95 -9.94
C GLU A 123 7.76 5.52 -9.61
N LEU A 124 6.85 4.85 -8.94
CA LEU A 124 7.02 3.46 -8.64
C LEU A 124 6.91 2.67 -9.90
N ASP A 125 5.89 3.00 -10.68
CA ASP A 125 5.63 2.36 -11.94
C ASP A 125 6.87 2.45 -12.82
N LYS A 126 7.58 3.55 -12.63
CA LYS A 126 8.83 3.80 -13.31
C LYS A 126 9.99 3.04 -12.67
N VAL A 127 9.87 2.66 -11.42
CA VAL A 127 10.91 1.93 -10.77
C VAL A 127 10.65 0.45 -10.91
N LEU A 128 9.36 0.12 -11.00
CA LEU A 128 8.92 -1.21 -11.33
C LEU A 128 9.58 -1.57 -12.63
N ASP A 129 9.43 -0.59 -13.50
CA ASP A 129 9.92 -0.61 -14.87
C ASP A 129 11.41 -0.77 -14.90
N LYS A 130 12.01 0.02 -14.06
CA LYS A 130 13.43 0.06 -13.85
C LYS A 130 13.97 -1.33 -13.76
N ALA A 131 13.26 -2.11 -13.00
CA ALA A 131 13.64 -3.47 -12.77
C ALA A 131 13.45 -4.27 -14.03
N ILE A 132 12.26 -4.16 -14.58
CA ILE A 132 11.94 -4.79 -15.83
C ILE A 132 12.96 -4.47 -16.89
N SER A 133 13.61 -3.34 -16.72
CA SER A 133 14.56 -2.88 -17.67
C SER A 133 15.89 -3.60 -17.46
N LEU A 134 16.00 -4.25 -16.31
CA LEU A 134 17.08 -5.18 -16.02
C LEU A 134 16.75 -6.53 -16.64
N GLY A 135 15.45 -6.79 -16.79
CA GLY A 135 15.01 -8.03 -17.39
C GLY A 135 15.48 -8.19 -18.82
N GLY A 1 -48.99 2.40 12.99
CA GLY A 1 -47.77 3.05 13.53
C GLY A 1 -46.52 2.23 13.28
N HIS A 2 -46.04 1.53 14.31
CA HIS A 2 -44.82 0.76 14.21
C HIS A 2 -45.08 -0.61 13.61
N MET A 3 -44.21 -1.04 12.73
CA MET A 3 -44.32 -2.35 12.10
C MET A 3 -42.93 -2.86 11.71
N GLN A 4 -42.28 -2.10 10.85
CA GLN A 4 -40.94 -2.42 10.41
C GLN A 4 -40.34 -1.19 9.73
N VAL A 5 -39.16 -0.79 10.18
CA VAL A 5 -38.51 0.42 9.68
C VAL A 5 -39.28 1.65 10.12
N ALA A 6 -38.92 2.19 11.28
CA ALA A 6 -39.59 3.36 11.83
C ALA A 6 -39.22 4.60 11.00
N ARG A 7 -40.03 4.87 9.98
CA ARG A 7 -39.79 6.00 9.09
C ARG A 7 -39.84 7.31 9.86
N SER A 8 -40.78 7.42 10.78
CA SER A 8 -40.89 8.58 11.65
C SER A 8 -39.98 8.40 12.86
N THR A 9 -38.68 8.29 12.60
CA THR A 9 -37.69 8.01 13.63
C THR A 9 -37.69 9.06 14.74
N LYS A 10 -38.40 8.74 15.82
CA LYS A 10 -38.44 9.62 16.98
C LYS A 10 -37.39 9.19 18.00
N GLU A 11 -36.88 7.98 17.82
CA GLU A 11 -35.81 7.45 18.65
C GLU A 11 -34.55 8.28 18.46
N ILE A 12 -33.81 8.49 19.53
CA ILE A 12 -32.58 9.27 19.45
C ILE A 12 -31.46 8.42 18.85
N GLU A 13 -31.46 8.34 17.53
CA GLU A 13 -30.44 7.63 16.80
C GLU A 13 -30.01 8.44 15.59
N THR A 14 -28.81 8.19 15.10
CA THR A 14 -28.32 8.88 13.93
C THR A 14 -28.08 7.91 12.79
N SER A 15 -28.54 8.27 11.59
CA SER A 15 -28.34 7.44 10.42
C SER A 15 -26.94 7.65 9.83
N GLN A 16 -25.94 7.53 10.69
CA GLN A 16 -24.56 7.71 10.31
C GLN A 16 -23.92 6.36 10.03
N SER A 17 -23.16 6.28 8.95
CA SER A 17 -22.53 5.01 8.56
C SER A 17 -21.36 4.67 9.47
N THR A 18 -20.92 3.43 9.38
CA THR A 18 -19.81 2.93 10.19
C THR A 18 -18.57 3.80 10.08
N THR A 19 -17.82 3.86 11.16
CA THR A 19 -16.60 4.65 11.17
C THR A 19 -15.47 3.88 11.83
N ALA A 20 -14.26 4.09 11.32
CA ALA A 20 -13.10 3.40 11.82
C ALA A 20 -12.59 4.02 13.09
N ASN A 21 -11.69 3.32 13.69
CA ASN A 21 -11.05 3.72 14.92
C ASN A 21 -9.63 4.08 14.57
N GLN A 22 -9.07 5.08 15.19
CA GLN A 22 -7.71 5.49 14.85
C GLN A 22 -6.71 4.44 15.28
N SER A 23 -7.15 3.50 16.09
CA SER A 23 -6.34 2.36 16.40
C SER A 23 -6.45 1.37 15.26
N ASP A 24 -7.35 1.69 14.35
CA ASP A 24 -7.54 0.93 13.15
C ASP A 24 -6.82 1.62 12.02
N VAL A 25 -7.05 2.93 11.93
CA VAL A 25 -6.67 3.68 10.76
C VAL A 25 -5.28 4.31 10.87
N ASP A 26 -4.97 4.84 12.02
CA ASP A 26 -3.72 5.57 12.22
C ASP A 26 -2.53 4.66 11.93
N ASP A 27 -2.50 3.48 12.56
CA ASP A 27 -1.42 2.51 12.34
C ASP A 27 -1.47 2.04 10.93
N PHE A 28 -2.68 1.88 10.42
CA PHE A 28 -2.86 1.52 9.03
C PHE A 28 -2.11 2.50 8.19
N ASN A 29 -2.58 3.73 8.29
CA ASN A 29 -2.08 4.83 7.49
C ASN A 29 -0.63 5.08 7.74
N THR A 30 -0.19 4.71 8.91
CA THR A 30 1.15 4.96 9.32
C THR A 30 2.08 3.91 8.75
N LEU A 31 1.68 2.67 8.88
CA LEU A 31 2.46 1.57 8.39
C LEU A 31 2.42 1.62 6.90
N TYR A 32 1.30 2.10 6.43
CA TYR A 32 1.04 2.36 5.03
C TYR A 32 1.97 3.43 4.51
N ASP A 33 2.07 4.51 5.27
CA ASP A 33 2.94 5.61 4.94
C ASP A 33 4.37 5.16 5.00
N ALA A 34 4.53 4.09 5.74
CA ALA A 34 5.81 3.50 6.02
C ALA A 34 6.31 2.65 4.86
N PHE A 35 5.37 2.01 4.16
CA PHE A 35 5.71 1.22 2.98
C PHE A 35 6.33 2.11 1.97
N TYR A 36 6.03 3.36 2.10
CA TYR A 36 6.59 4.36 1.25
C TYR A 36 7.82 4.91 1.87
N THR A 37 8.87 4.88 1.10
CA THR A 37 10.16 5.38 1.55
C THR A 37 10.09 6.87 1.85
N ASN A 38 9.12 7.51 1.21
CA ASN A 38 8.91 8.95 1.34
C ASN A 38 7.40 9.21 1.42
N SER A 39 7.02 10.33 2.02
CA SER A 39 5.60 10.62 2.20
C SER A 39 4.98 11.10 0.88
N ASN A 40 5.81 11.25 -0.13
CA ASN A 40 5.31 11.50 -1.48
C ASN A 40 4.69 10.23 -2.01
N LYS A 41 5.05 9.11 -1.35
CA LYS A 41 4.51 7.80 -1.63
C LYS A 41 4.69 7.46 -3.08
N THR A 42 5.86 7.82 -3.56
CA THR A 42 6.27 7.61 -4.92
C THR A 42 7.31 6.50 -4.98
N ALA A 43 7.57 5.94 -3.81
CA ALA A 43 8.62 4.96 -3.63
C ALA A 43 8.30 4.11 -2.42
N LEU A 44 8.72 2.86 -2.46
CA LEU A 44 8.34 1.91 -1.44
C LEU A 44 9.52 1.18 -0.79
N LYS A 45 9.39 1.03 0.50
CA LYS A 45 10.32 0.31 1.33
C LYS A 45 9.96 -1.13 1.33
N ASN A 46 10.95 -1.93 1.16
CA ASN A 46 10.74 -3.35 0.92
C ASN A 46 10.61 -4.13 2.20
N SER A 47 11.19 -3.60 3.27
CA SER A 47 11.05 -4.17 4.59
C SER A 47 9.59 -4.11 5.04
N GLN A 48 8.87 -3.10 4.55
CA GLN A 48 7.49 -2.90 4.91
C GLN A 48 6.61 -3.94 4.27
N PHE A 49 7.06 -4.52 3.17
CA PHE A 49 6.27 -5.51 2.44
C PHE A 49 5.87 -6.68 3.34
N ASP A 50 6.64 -6.91 4.39
CA ASP A 50 6.38 -8.00 5.31
C ASP A 50 5.16 -7.66 6.16
N LYS A 51 4.87 -6.38 6.20
CA LYS A 51 3.74 -5.82 6.94
C LYS A 51 2.58 -5.57 6.00
N LEU A 52 2.68 -6.00 4.78
CA LEU A 52 1.59 -5.79 3.84
C LEU A 52 0.35 -6.58 4.26
N SER A 53 0.54 -7.79 4.75
CA SER A 53 -0.57 -8.55 5.33
C SER A 53 -0.98 -7.91 6.65
N GLN A 54 -0.08 -7.10 7.20
CA GLN A 54 -0.32 -6.32 8.39
C GLN A 54 -1.11 -5.06 8.03
N LEU A 55 -0.77 -4.47 6.90
CA LEU A 55 -1.46 -3.33 6.34
C LEU A 55 -2.84 -3.79 5.93
N LYS A 56 -2.92 -5.07 5.59
CA LYS A 56 -4.18 -5.70 5.29
C LYS A 56 -4.90 -5.97 6.58
N THR A 57 -4.13 -6.21 7.60
CA THR A 57 -4.62 -6.44 8.92
C THR A 57 -5.21 -5.16 9.47
N LEU A 58 -4.54 -4.07 9.19
CA LEU A 58 -4.97 -2.76 9.57
C LEU A 58 -6.16 -2.33 8.76
N LEU A 59 -6.12 -2.60 7.49
CA LEU A 59 -7.29 -2.42 6.63
C LEU A 59 -8.40 -3.35 7.10
N ASP A 60 -8.02 -4.51 7.56
CA ASP A 60 -8.92 -5.45 8.21
C ASP A 60 -9.46 -4.83 9.47
N LYS A 61 -8.69 -3.92 10.01
CA LYS A 61 -9.10 -3.18 11.17
C LYS A 61 -10.07 -2.10 10.76
N LEU A 62 -9.99 -1.76 9.50
CA LEU A 62 -10.87 -0.76 8.92
C LEU A 62 -12.11 -1.44 8.45
N GLU A 63 -11.95 -2.71 8.21
CA GLU A 63 -13.02 -3.57 7.78
C GLU A 63 -14.28 -3.37 8.60
N GLY A 64 -15.36 -3.09 7.91
CA GLY A 64 -16.61 -2.84 8.58
C GLY A 64 -16.84 -1.37 8.84
N SER A 65 -15.78 -0.59 8.68
CA SER A 65 -15.85 0.85 8.89
C SER A 65 -15.77 1.59 7.56
N ARG A 66 -16.11 2.87 7.53
CA ARG A 66 -16.07 3.64 6.28
C ARG A 66 -14.65 3.91 5.83
N GLU A 67 -13.74 3.95 6.78
CA GLU A 67 -12.33 4.20 6.53
C GLU A 67 -11.80 3.14 5.62
N HIS A 68 -12.29 1.95 5.87
CA HIS A 68 -11.99 0.77 5.10
C HIS A 68 -11.96 1.03 3.62
N THR A 69 -12.95 1.71 3.14
CA THR A 69 -13.04 2.01 1.72
C THR A 69 -11.80 2.72 1.24
N LEU A 70 -11.53 3.74 1.97
CA LEU A 70 -10.50 4.69 1.71
C LEU A 70 -9.21 3.98 1.86
N ALA A 71 -9.19 3.24 2.89
CA ALA A 71 -8.04 2.58 3.33
C ALA A 71 -7.82 1.30 2.58
N LYS A 72 -8.86 0.77 1.98
CA LYS A 72 -8.75 -0.35 1.12
C LYS A 72 -8.22 0.16 -0.15
N SER A 73 -8.66 1.34 -0.49
CA SER A 73 -8.17 1.96 -1.68
C SER A 73 -6.79 2.53 -1.45
N LYS A 74 -6.37 2.60 -0.19
CA LYS A 74 -5.01 2.87 0.16
C LYS A 74 -4.23 1.60 0.18
N TYR A 75 -4.74 0.70 0.98
CA TYR A 75 -4.16 -0.59 1.17
C TYR A 75 -3.92 -1.29 -0.14
N ASP A 76 -4.98 -1.45 -0.92
CA ASP A 76 -4.94 -2.28 -2.10
C ASP A 76 -4.01 -1.65 -3.09
N SER A 77 -3.95 -0.35 -2.97
CA SER A 77 -3.13 0.50 -3.77
C SER A 77 -1.68 0.23 -3.44
N LEU A 78 -1.42 0.39 -2.16
CA LEU A 78 -0.12 0.27 -1.58
C LEU A 78 0.37 -1.16 -1.73
N ALA A 79 -0.57 -2.05 -1.59
CA ALA A 79 -0.37 -3.46 -1.71
C ALA A 79 0.01 -3.81 -3.11
N THR A 80 -0.56 -3.09 -4.04
CA THR A 80 -0.26 -3.28 -5.43
C THR A 80 1.10 -2.72 -5.76
N GLN A 81 1.45 -1.60 -5.15
CA GLN A 81 2.67 -0.94 -5.41
C GLN A 81 3.78 -1.76 -4.93
N ILE A 82 3.58 -2.36 -3.79
CA ILE A 82 4.56 -3.26 -3.32
C ILE A 82 4.47 -4.56 -4.11
N LYS A 83 3.26 -5.12 -4.28
CA LYS A 83 3.05 -6.37 -5.03
C LYS A 83 3.63 -6.30 -6.42
N ALA A 84 3.62 -5.11 -6.96
CA ALA A 84 4.25 -4.81 -8.21
C ALA A 84 5.72 -4.94 -8.08
N ILE A 85 6.21 -4.31 -7.05
CA ILE A 85 7.58 -4.34 -6.76
C ILE A 85 7.98 -5.77 -6.58
N GLN A 86 7.14 -6.46 -5.83
CA GLN A 86 7.33 -7.82 -5.56
C GLN A 86 7.35 -8.56 -6.84
N ASP A 87 6.33 -8.32 -7.64
CA ASP A 87 6.19 -8.99 -8.94
C ASP A 87 7.49 -8.95 -9.68
N VAL A 88 7.95 -7.76 -9.90
CA VAL A 88 9.09 -7.57 -10.73
C VAL A 88 10.37 -7.99 -10.00
N ASN A 89 10.48 -7.65 -8.70
CA ASN A 89 11.57 -8.10 -7.84
C ASN A 89 11.59 -9.60 -7.78
N ALA A 90 10.41 -10.16 -7.95
CA ALA A 90 10.18 -11.58 -7.87
C ALA A 90 10.70 -12.25 -9.11
N GLN A 91 11.00 -11.42 -10.08
CA GLN A 91 11.54 -11.87 -11.33
C GLN A 91 13.03 -11.91 -11.24
N PHE A 92 13.59 -11.20 -10.30
CA PHE A 92 15.02 -11.23 -10.07
C PHE A 92 15.38 -12.17 -8.96
N GLU A 93 16.62 -12.59 -9.01
CA GLU A 93 17.19 -13.42 -7.99
C GLU A 93 17.18 -12.68 -6.66
N LYS A 94 17.19 -11.36 -6.77
CA LYS A 94 17.05 -10.47 -5.64
C LYS A 94 16.32 -9.23 -6.09
N PRO A 95 15.47 -8.70 -5.20
CA PRO A 95 14.58 -7.58 -5.50
C PRO A 95 15.25 -6.45 -6.18
N ALA A 96 14.60 -5.89 -7.17
CA ALA A 96 15.17 -4.73 -7.73
C ALA A 96 14.16 -3.63 -7.86
N ILE A 97 13.54 -3.34 -6.75
CA ILE A 97 13.02 -2.07 -6.37
C ILE A 97 13.15 -2.03 -4.90
N VAL A 98 14.15 -1.43 -4.40
CA VAL A 98 14.33 -1.46 -2.97
C VAL A 98 14.58 -0.08 -2.45
N ASP A 99 13.61 0.39 -1.68
CA ASP A 99 13.56 1.77 -1.22
C ASP A 99 13.11 2.67 -2.36
N GLY A 100 12.15 2.18 -3.14
CA GLY A 100 11.64 2.94 -4.25
C GLY A 100 12.64 3.08 -5.37
N VAL A 101 13.79 2.46 -5.22
CA VAL A 101 14.80 2.51 -6.24
C VAL A 101 15.27 1.12 -6.57
N LEU A 102 15.39 0.92 -7.84
CA LEU A 102 15.73 -0.34 -8.42
C LEU A 102 17.15 -0.74 -8.08
N ASP A 103 17.36 -2.03 -8.08
CA ASP A 103 18.65 -2.64 -7.88
C ASP A 103 19.12 -3.15 -9.22
N THR A 104 19.89 -2.37 -9.91
CA THR A 104 20.37 -2.72 -11.24
C THR A 104 21.35 -3.85 -11.14
N ASN A 105 21.73 -4.09 -9.92
CA ASN A 105 22.66 -5.14 -9.60
C ASN A 105 21.92 -6.43 -9.40
N ALA A 106 20.62 -6.33 -9.57
CA ALA A 106 19.73 -7.48 -9.47
C ALA A 106 19.89 -8.40 -10.66
N LYS A 107 19.16 -9.47 -10.60
CA LYS A 107 19.33 -10.56 -11.52
C LYS A 107 18.01 -11.07 -12.01
N ALA A 108 17.57 -10.57 -13.14
CA ALA A 108 16.29 -11.00 -13.68
C ALA A 108 16.35 -12.48 -14.01
N LYS A 109 15.82 -13.28 -13.10
CA LYS A 109 15.82 -14.74 -13.16
C LYS A 109 15.44 -15.28 -14.54
N SER A 110 15.72 -16.57 -14.73
CA SER A 110 15.30 -17.28 -15.94
C SER A 110 13.80 -17.52 -15.91
N ASP A 111 13.18 -17.05 -14.85
CA ASP A 111 11.75 -17.20 -14.66
C ASP A 111 11.11 -15.83 -14.69
N ALA A 112 11.93 -14.79 -14.60
CA ALA A 112 11.48 -13.42 -14.71
C ALA A 112 10.58 -13.23 -15.91
N LYS A 113 9.36 -12.94 -15.59
CA LYS A 113 8.32 -12.69 -16.54
C LYS A 113 7.58 -11.44 -16.10
N PHE A 114 7.89 -10.36 -16.76
CA PHE A 114 7.47 -9.06 -16.31
C PHE A 114 6.12 -8.64 -16.84
N THR A 115 5.52 -7.77 -16.08
CA THR A 115 4.28 -7.13 -16.41
C THR A 115 4.46 -5.65 -16.25
N ASP A 116 3.98 -4.89 -17.21
CA ASP A 116 4.07 -3.44 -17.17
C ASP A 116 3.11 -2.91 -16.14
N ILE A 117 3.43 -3.24 -14.92
CA ILE A 117 2.55 -3.01 -13.81
C ILE A 117 2.36 -1.56 -13.53
N LYS A 118 1.12 -1.15 -13.57
CA LYS A 118 0.76 0.14 -13.10
C LYS A 118 0.00 0.04 -11.82
N THR A 119 0.68 0.46 -10.81
CA THR A 119 0.13 0.54 -9.49
C THR A 119 -0.69 1.79 -9.38
N GLY A 120 -0.43 2.68 -10.33
CA GLY A 120 -0.98 3.99 -10.21
C GLY A 120 0.04 4.95 -9.64
N ASN A 121 1.05 4.39 -8.98
CA ASN A 121 2.16 5.17 -8.48
C ASN A 121 3.21 5.23 -9.56
N THR A 122 3.10 6.25 -10.39
CA THR A 122 3.93 6.41 -11.56
C THR A 122 5.41 6.25 -11.28
N GLU A 123 5.94 7.04 -10.38
CA GLU A 123 7.35 6.97 -10.04
C GLU A 123 7.72 5.56 -9.67
N LEU A 124 6.80 4.87 -9.03
CA LEU A 124 6.99 3.49 -8.69
C LEU A 124 6.91 2.67 -9.94
N ASP A 125 5.90 2.95 -10.73
CA ASP A 125 5.66 2.27 -11.98
C ASP A 125 6.89 2.40 -12.87
N LYS A 126 7.58 3.52 -12.69
CA LYS A 126 8.81 3.78 -13.38
C LYS A 126 9.99 3.07 -12.73
N VAL A 127 9.86 2.66 -11.48
CA VAL A 127 10.92 1.94 -10.83
C VAL A 127 10.65 0.45 -10.98
N LEU A 128 9.37 0.12 -11.05
CA LEU A 128 8.94 -1.23 -11.37
C LEU A 128 9.60 -1.58 -12.66
N ASP A 129 9.44 -0.62 -13.54
CA ASP A 129 9.94 -0.64 -14.92
C ASP A 129 11.42 -0.81 -14.95
N LYS A 130 12.05 -0.02 -14.12
CA LYS A 130 13.46 0.02 -13.91
C LYS A 130 13.99 -1.36 -13.79
N ALA A 131 13.28 -2.14 -13.03
CA ALA A 131 13.65 -3.51 -12.78
C ALA A 131 13.46 -4.31 -14.04
N ILE A 132 12.28 -4.19 -14.60
CA ILE A 132 11.96 -4.83 -15.85
C ILE A 132 12.99 -4.51 -16.92
N SER A 133 13.66 -3.40 -16.72
CA SER A 133 14.63 -2.94 -17.68
C SER A 133 15.96 -3.64 -17.43
N LEU A 134 16.06 -4.28 -16.28
CA LEU A 134 17.12 -5.22 -15.97
C LEU A 134 16.79 -6.54 -16.66
N GLY A 135 15.49 -6.82 -16.76
CA GLY A 135 15.04 -8.01 -17.43
C GLY A 135 15.32 -7.97 -18.93
N GLY A 1 -33.14 17.86 15.76
CA GLY A 1 -32.21 17.12 16.65
C GLY A 1 -32.39 17.50 18.10
N HIS A 2 -31.31 17.37 18.87
CA HIS A 2 -31.32 17.68 20.30
C HIS A 2 -32.36 16.82 21.02
N MET A 3 -32.32 15.52 20.75
CA MET A 3 -33.21 14.58 21.42
C MET A 3 -32.40 13.59 22.23
N GLN A 4 -31.78 14.11 23.29
CA GLN A 4 -30.97 13.30 24.19
C GLN A 4 -31.88 12.41 25.02
N VAL A 5 -31.83 11.11 24.75
CA VAL A 5 -32.67 10.15 25.46
C VAL A 5 -32.04 9.76 26.80
N ALA A 6 -32.50 10.43 27.85
CA ALA A 6 -31.98 10.19 29.19
C ALA A 6 -32.93 9.30 29.98
N ARG A 7 -34.19 9.28 29.56
CA ARG A 7 -35.18 8.46 30.22
C ARG A 7 -35.13 7.05 29.65
N SER A 8 -34.93 6.97 28.34
CA SER A 8 -34.89 5.70 27.66
C SER A 8 -33.53 5.50 26.98
N THR A 9 -33.03 4.27 27.01
CA THR A 9 -31.79 3.90 26.32
C THR A 9 -30.55 4.48 27.03
N LYS A 10 -30.31 5.78 26.82
CA LYS A 10 -29.13 6.47 27.37
C LYS A 10 -27.84 5.73 27.00
N GLU A 11 -27.66 5.47 25.72
CA GLU A 11 -26.45 4.79 25.24
C GLU A 11 -25.45 5.77 24.66
N ILE A 12 -24.17 5.48 24.86
CA ILE A 12 -23.10 6.32 24.33
C ILE A 12 -22.62 5.79 22.99
N GLU A 13 -23.25 6.24 21.92
CA GLU A 13 -22.92 5.75 20.60
C GLU A 13 -22.55 6.87 19.66
N THR A 14 -22.11 6.50 18.47
CA THR A 14 -21.73 7.45 17.46
C THR A 14 -22.70 7.42 16.28
N SER A 15 -23.81 8.14 16.43
CA SER A 15 -24.85 8.16 15.40
C SER A 15 -24.39 8.93 14.18
N GLN A 16 -23.86 8.20 13.20
CA GLN A 16 -23.36 8.79 11.98
C GLN A 16 -23.20 7.73 10.90
N SER A 17 -22.20 6.87 11.07
CA SER A 17 -21.92 5.82 10.11
C SER A 17 -21.14 4.69 10.81
N THR A 18 -20.61 3.77 10.03
CA THR A 18 -19.71 2.77 10.56
C THR A 18 -18.47 3.43 11.12
N THR A 19 -17.65 3.89 10.21
CA THR A 19 -16.45 4.68 10.51
C THR A 19 -15.42 3.93 11.33
N ALA A 20 -14.17 4.24 11.05
CA ALA A 20 -13.04 3.57 11.64
C ALA A 20 -12.58 4.26 12.91
N ASN A 21 -11.47 3.75 13.39
CA ASN A 21 -10.89 4.15 14.65
C ASN A 21 -9.44 4.47 14.38
N GLN A 22 -8.80 5.25 15.23
CA GLN A 22 -7.42 5.64 14.95
C GLN A 22 -6.45 4.54 15.32
N SER A 23 -6.90 3.57 16.07
CA SER A 23 -6.11 2.39 16.30
C SER A 23 -6.27 1.48 15.11
N ASP A 24 -7.23 1.86 14.28
CA ASP A 24 -7.50 1.16 13.05
C ASP A 24 -6.82 1.88 11.90
N VAL A 25 -6.95 3.19 11.94
CA VAL A 25 -6.58 4.04 10.83
C VAL A 25 -5.15 4.52 10.90
N ASP A 26 -4.80 5.12 12.02
CA ASP A 26 -3.48 5.72 12.21
C ASP A 26 -2.37 4.72 11.90
N ASP A 27 -2.40 3.55 12.52
CA ASP A 27 -1.38 2.54 12.32
C ASP A 27 -1.44 2.01 10.92
N PHE A 28 -2.66 1.89 10.41
CA PHE A 28 -2.85 1.53 9.03
C PHE A 28 -2.07 2.47 8.18
N ASN A 29 -2.48 3.71 8.28
CA ASN A 29 -1.94 4.80 7.47
C ASN A 29 -0.47 4.99 7.73
N THR A 30 -0.06 4.66 8.92
CA THR A 30 1.29 4.88 9.32
C THR A 30 2.20 3.82 8.76
N LEU A 31 1.77 2.58 8.89
CA LEU A 31 2.53 1.47 8.40
C LEU A 31 2.50 1.54 6.89
N TYR A 32 1.38 2.04 6.43
CA TYR A 32 1.11 2.30 5.04
C TYR A 32 2.04 3.37 4.50
N ASP A 33 2.15 4.44 5.25
CA ASP A 33 3.03 5.55 4.91
C ASP A 33 4.45 5.07 4.94
N ALA A 34 4.61 4.03 5.73
CA ALA A 34 5.89 3.44 6.00
C ALA A 34 6.37 2.60 4.83
N PHE A 35 5.43 1.96 4.13
CA PHE A 35 5.76 1.17 2.95
C PHE A 35 6.38 2.07 1.94
N TYR A 36 6.09 3.32 2.07
CA TYR A 36 6.64 4.31 1.21
C TYR A 36 7.87 4.88 1.83
N THR A 37 8.91 4.84 1.06
CA THR A 37 10.21 5.35 1.48
C THR A 37 10.13 6.84 1.77
N ASN A 38 9.17 7.49 1.13
CA ASN A 38 8.93 8.91 1.30
C ASN A 38 7.43 9.13 1.45
N SER A 39 7.05 10.22 2.08
CA SER A 39 5.63 10.50 2.25
C SER A 39 5.03 11.05 0.97
N ASN A 40 5.85 11.12 -0.07
CA ASN A 40 5.36 11.41 -1.41
C ASN A 40 4.70 10.15 -1.96
N LYS A 41 5.04 9.02 -1.31
CA LYS A 41 4.48 7.73 -1.63
C LYS A 41 4.64 7.42 -3.10
N THR A 42 5.83 7.76 -3.56
CA THR A 42 6.25 7.56 -4.93
C THR A 42 7.27 6.45 -4.99
N ALA A 43 7.56 5.90 -3.81
CA ALA A 43 8.62 4.92 -3.65
C ALA A 43 8.31 4.06 -2.45
N LEU A 44 8.72 2.80 -2.52
CA LEU A 44 8.36 1.84 -1.50
C LEU A 44 9.53 1.10 -0.88
N LYS A 45 9.42 0.95 0.43
CA LYS A 45 10.38 0.24 1.24
C LYS A 45 10.03 -1.22 1.28
N ASN A 46 11.02 -2.02 1.06
CA ASN A 46 10.80 -3.44 0.89
C ASN A 46 10.62 -4.16 2.22
N SER A 47 11.19 -3.60 3.28
CA SER A 47 11.04 -4.16 4.61
C SER A 47 9.58 -4.10 5.06
N GLN A 48 8.85 -3.15 4.50
CA GLN A 48 7.47 -2.92 4.85
C GLN A 48 6.57 -3.98 4.24
N PHE A 49 7.00 -4.58 3.15
CA PHE A 49 6.21 -5.58 2.43
C PHE A 49 5.80 -6.73 3.35
N ASP A 50 6.55 -6.91 4.42
CA ASP A 50 6.31 -8.00 5.37
C ASP A 50 5.09 -7.65 6.22
N LYS A 51 4.81 -6.36 6.25
CA LYS A 51 3.70 -5.80 6.99
C LYS A 51 2.54 -5.50 6.06
N LEU A 52 2.61 -5.97 4.82
CA LEU A 52 1.52 -5.73 3.88
C LEU A 52 0.28 -6.52 4.30
N SER A 53 0.48 -7.76 4.74
CA SER A 53 -0.62 -8.52 5.32
C SER A 53 -1.03 -7.90 6.64
N GLN A 54 -0.13 -7.08 7.18
CA GLN A 54 -0.40 -6.31 8.36
C GLN A 54 -1.18 -5.04 7.99
N LEU A 55 -0.84 -4.47 6.85
CA LEU A 55 -1.53 -3.35 6.28
C LEU A 55 -2.91 -3.80 5.86
N LYS A 56 -3.01 -5.09 5.58
CA LYS A 56 -4.29 -5.71 5.29
C LYS A 56 -5.00 -5.99 6.59
N THR A 57 -4.20 -6.12 7.61
CA THR A 57 -4.67 -6.37 8.94
C THR A 57 -5.21 -5.08 9.54
N LEU A 58 -4.51 -4.00 9.25
CA LEU A 58 -4.92 -2.69 9.66
C LEU A 58 -6.11 -2.24 8.84
N LEU A 59 -6.09 -2.55 7.56
CA LEU A 59 -7.25 -2.38 6.71
C LEU A 59 -8.37 -3.29 7.22
N ASP A 60 -8.00 -4.47 7.70
CA ASP A 60 -8.94 -5.36 8.39
C ASP A 60 -9.49 -4.65 9.60
N LYS A 61 -8.70 -3.75 10.13
CA LYS A 61 -9.10 -2.96 11.26
C LYS A 61 -10.00 -1.84 10.81
N LEU A 62 -9.96 -1.61 9.52
CA LEU A 62 -10.83 -0.64 8.90
C LEU A 62 -12.06 -1.36 8.44
N GLU A 63 -11.90 -2.65 8.27
CA GLU A 63 -12.99 -3.52 7.92
C GLU A 63 -14.18 -3.31 8.83
N GLY A 64 -15.33 -3.08 8.21
CA GLY A 64 -16.52 -2.81 8.97
C GLY A 64 -16.70 -1.33 9.20
N SER A 65 -15.70 -0.55 8.80
CA SER A 65 -15.76 0.90 8.92
C SER A 65 -15.86 1.51 7.53
N ARG A 66 -16.08 2.83 7.46
CA ARG A 66 -16.14 3.51 6.17
C ARG A 66 -14.74 3.82 5.67
N GLU A 67 -13.83 3.97 6.62
CA GLU A 67 -12.44 4.23 6.34
C GLU A 67 -11.86 3.13 5.52
N HIS A 68 -12.33 1.95 5.82
CA HIS A 68 -12.01 0.75 5.09
C HIS A 68 -11.96 0.97 3.60
N THR A 69 -12.94 1.63 3.08
CA THR A 69 -13.02 1.92 1.67
C THR A 69 -11.79 2.62 1.19
N LEU A 70 -11.55 3.69 1.89
CA LEU A 70 -10.52 4.63 1.61
C LEU A 70 -9.23 3.94 1.78
N ALA A 71 -9.21 3.22 2.84
CA ALA A 71 -8.05 2.59 3.31
C ALA A 71 -7.80 1.29 2.58
N LYS A 72 -8.84 0.73 2.00
CA LYS A 72 -8.72 -0.40 1.15
C LYS A 72 -8.19 0.12 -0.14
N SER A 73 -8.63 1.31 -0.44
CA SER A 73 -8.17 1.97 -1.63
C SER A 73 -6.75 2.46 -1.41
N LYS A 74 -6.35 2.59 -0.15
CA LYS A 74 -4.98 2.88 0.19
C LYS A 74 -4.20 1.61 0.20
N TYR A 75 -4.70 0.70 0.99
CA TYR A 75 -4.14 -0.59 1.16
C TYR A 75 -3.91 -1.25 -0.18
N ASP A 76 -4.96 -1.36 -0.96
CA ASP A 76 -4.95 -2.14 -2.19
C ASP A 76 -3.95 -1.52 -3.12
N SER A 77 -3.93 -0.23 -3.01
CA SER A 77 -3.07 0.63 -3.78
C SER A 77 -1.64 0.31 -3.43
N LEU A 78 -1.39 0.42 -2.15
CA LEU A 78 -0.09 0.26 -1.58
C LEU A 78 0.37 -1.18 -1.76
N ALA A 79 -0.60 -2.05 -1.64
CA ALA A 79 -0.42 -3.47 -1.77
C ALA A 79 -0.03 -3.82 -3.16
N THR A 80 -0.57 -3.09 -4.09
CA THR A 80 -0.28 -3.30 -5.48
C THR A 80 1.07 -2.75 -5.81
N GLN A 81 1.43 -1.62 -5.22
CA GLN A 81 2.65 -0.97 -5.47
C GLN A 81 3.75 -1.81 -4.98
N ILE A 82 3.54 -2.40 -3.83
CA ILE A 82 4.52 -3.31 -3.37
C ILE A 82 4.43 -4.61 -4.15
N LYS A 83 3.22 -5.19 -4.31
CA LYS A 83 3.02 -6.42 -5.07
C LYS A 83 3.61 -6.35 -6.46
N ALA A 84 3.58 -5.17 -7.01
CA ALA A 84 4.21 -4.87 -8.26
C ALA A 84 5.67 -4.98 -8.13
N ILE A 85 6.16 -4.34 -7.11
CA ILE A 85 7.53 -4.36 -6.82
C ILE A 85 7.94 -5.78 -6.64
N GLN A 86 7.13 -6.48 -5.88
CA GLN A 86 7.33 -7.85 -5.61
C GLN A 86 7.36 -8.58 -6.88
N ASP A 87 6.34 -8.35 -7.68
CA ASP A 87 6.17 -9.02 -8.97
C ASP A 87 7.45 -8.97 -9.73
N VAL A 88 7.93 -7.78 -9.94
CA VAL A 88 9.06 -7.59 -10.80
C VAL A 88 10.35 -7.99 -10.05
N ASN A 89 10.44 -7.64 -8.76
CA ASN A 89 11.53 -8.08 -7.89
C ASN A 89 11.59 -9.59 -7.84
N ALA A 90 10.42 -10.16 -8.00
CA ALA A 90 10.22 -11.58 -7.91
C ALA A 90 10.76 -12.24 -9.14
N GLN A 91 11.06 -11.41 -10.12
CA GLN A 91 11.60 -11.85 -11.36
C GLN A 91 13.11 -11.88 -11.27
N PHE A 92 13.64 -11.18 -10.30
CA PHE A 92 15.08 -11.19 -10.07
C PHE A 92 15.45 -12.15 -8.98
N GLU A 93 16.71 -12.52 -9.02
CA GLU A 93 17.30 -13.37 -8.02
C GLU A 93 17.25 -12.66 -6.68
N LYS A 94 17.20 -11.34 -6.75
CA LYS A 94 16.92 -10.49 -5.59
C LYS A 94 16.24 -9.23 -6.05
N PRO A 95 15.34 -8.74 -5.21
CA PRO A 95 14.45 -7.61 -5.52
C PRO A 95 15.15 -6.48 -6.17
N ALA A 96 14.52 -5.90 -7.18
CA ALA A 96 15.10 -4.74 -7.71
C ALA A 96 14.10 -3.63 -7.85
N ILE A 97 13.46 -3.36 -6.74
CA ILE A 97 12.95 -2.09 -6.36
C ILE A 97 13.04 -2.07 -4.89
N VAL A 98 14.03 -1.49 -4.35
CA VAL A 98 14.19 -1.54 -2.93
C VAL A 98 14.49 -0.15 -2.42
N ASP A 99 13.54 0.38 -1.67
CA ASP A 99 13.57 1.77 -1.21
C ASP A 99 13.13 2.69 -2.36
N GLY A 100 12.13 2.21 -3.11
CA GLY A 100 11.62 2.98 -4.23
C GLY A 100 12.61 3.12 -5.35
N VAL A 101 13.75 2.47 -5.19
CA VAL A 101 14.77 2.50 -6.19
C VAL A 101 15.20 1.11 -6.54
N LEU A 102 15.34 0.93 -7.80
CA LEU A 102 15.68 -0.32 -8.37
C LEU A 102 17.09 -0.76 -8.00
N ASP A 103 17.26 -2.06 -7.99
CA ASP A 103 18.55 -2.68 -7.76
C ASP A 103 19.05 -3.12 -9.10
N THR A 104 19.82 -2.29 -9.74
CA THR A 104 20.35 -2.56 -11.07
C THR A 104 21.35 -3.68 -10.98
N ASN A 105 21.69 -3.94 -9.76
CA ASN A 105 22.63 -4.96 -9.41
C ASN A 105 21.93 -6.28 -9.25
N ALA A 106 20.64 -6.21 -9.46
CA ALA A 106 19.76 -7.39 -9.38
C ALA A 106 19.93 -8.26 -10.58
N LYS A 107 19.23 -9.35 -10.55
CA LYS A 107 19.42 -10.40 -11.50
C LYS A 107 18.11 -10.93 -11.98
N ALA A 108 17.64 -10.43 -13.09
CA ALA A 108 16.38 -10.90 -13.63
C ALA A 108 16.51 -12.37 -13.96
N LYS A 109 15.94 -13.19 -13.08
CA LYS A 109 15.96 -14.64 -13.18
C LYS A 109 15.62 -15.15 -14.58
N SER A 110 15.94 -16.39 -14.83
CA SER A 110 15.58 -17.05 -16.09
C SER A 110 14.10 -17.33 -16.12
N ASP A 111 13.43 -16.95 -15.06
CA ASP A 111 12.02 -17.19 -14.90
C ASP A 111 11.31 -15.86 -14.80
N ALA A 112 12.09 -14.79 -14.68
CA ALA A 112 11.57 -13.44 -14.77
C ALA A 112 10.67 -13.27 -15.97
N LYS A 113 9.45 -12.95 -15.65
CA LYS A 113 8.39 -12.73 -16.59
C LYS A 113 7.63 -11.48 -16.18
N PHE A 114 7.94 -10.40 -16.83
CA PHE A 114 7.50 -9.10 -16.37
C PHE A 114 6.15 -8.67 -16.91
N THR A 115 5.53 -7.81 -16.13
CA THR A 115 4.30 -7.16 -16.48
C THR A 115 4.49 -5.68 -16.28
N ASP A 116 4.04 -4.91 -17.25
CA ASP A 116 4.11 -3.47 -17.20
C ASP A 116 3.10 -2.97 -16.19
N ILE A 117 3.41 -3.27 -14.96
CA ILE A 117 2.50 -3.07 -13.86
C ILE A 117 2.26 -1.62 -13.58
N LYS A 118 1.00 -1.27 -13.63
CA LYS A 118 0.57 0.02 -13.15
C LYS A 118 -0.09 -0.10 -11.82
N THR A 119 0.62 0.41 -10.86
CA THR A 119 0.12 0.52 -9.52
C THR A 119 -0.68 1.77 -9.40
N GLY A 120 -0.44 2.66 -10.34
CA GLY A 120 -0.97 3.98 -10.23
C GLY A 120 0.04 4.93 -9.62
N ASN A 121 1.09 4.37 -9.02
CA ASN A 121 2.16 5.16 -8.46
C ASN A 121 3.25 5.34 -9.48
N THR A 122 3.10 6.34 -10.33
CA THR A 122 3.94 6.51 -11.52
C THR A 122 5.41 6.29 -11.25
N GLU A 123 5.99 7.07 -10.35
CA GLU A 123 7.40 6.97 -10.04
C GLU A 123 7.75 5.54 -9.68
N LEU A 124 6.83 4.87 -9.02
CA LEU A 124 6.99 3.48 -8.71
C LEU A 124 6.87 2.67 -9.97
N ASP A 125 5.85 2.99 -10.74
CA ASP A 125 5.60 2.34 -12.02
C ASP A 125 6.86 2.41 -12.85
N LYS A 126 7.56 3.52 -12.68
CA LYS A 126 8.81 3.77 -13.35
C LYS A 126 9.97 3.00 -12.72
N VAL A 127 9.84 2.65 -11.46
CA VAL A 127 10.90 1.91 -10.80
C VAL A 127 10.64 0.44 -10.95
N LEU A 128 9.36 0.11 -11.05
CA LEU A 128 8.92 -1.22 -11.38
C LEU A 128 9.59 -1.58 -12.67
N ASP A 129 9.43 -0.60 -13.56
CA ASP A 129 9.95 -0.62 -14.92
C ASP A 129 11.43 -0.79 -14.93
N LYS A 130 12.05 0.01 -14.10
CA LYS A 130 13.47 0.04 -13.88
C LYS A 130 13.99 -1.35 -13.76
N ALA A 131 13.27 -2.12 -13.00
CA ALA A 131 13.63 -3.49 -12.75
C ALA A 131 13.45 -4.31 -14.01
N ILE A 132 12.27 -4.19 -14.58
CA ILE A 132 11.95 -4.83 -15.83
C ILE A 132 12.98 -4.51 -16.89
N SER A 133 13.65 -3.40 -16.70
CA SER A 133 14.61 -2.94 -17.64
C SER A 133 15.94 -3.63 -17.40
N LEU A 134 16.05 -4.26 -16.22
CA LEU A 134 17.11 -5.20 -15.92
C LEU A 134 16.75 -6.54 -16.55
N GLY A 135 15.44 -6.79 -16.64
CA GLY A 135 14.95 -8.02 -17.22
C GLY A 135 15.17 -8.09 -18.72
N GLY A 1 -43.92 22.81 29.42
CA GLY A 1 -45.03 21.85 29.22
C GLY A 1 -44.54 20.44 29.04
N HIS A 2 -45.46 19.50 28.85
CA HIS A 2 -45.12 18.09 28.69
C HIS A 2 -44.29 17.90 27.42
N MET A 3 -43.11 17.31 27.58
CA MET A 3 -42.21 17.11 26.45
C MET A 3 -42.21 15.66 26.00
N GLN A 4 -41.90 15.46 24.73
CA GLN A 4 -41.77 14.13 24.15
C GLN A 4 -40.32 13.69 24.30
N VAL A 5 -40.13 12.45 24.77
CA VAL A 5 -38.79 11.89 24.94
C VAL A 5 -38.01 11.92 23.62
N ALA A 6 -38.71 11.65 22.53
CA ALA A 6 -38.14 11.81 21.21
C ALA A 6 -38.37 13.24 20.73
N ARG A 7 -37.54 14.15 21.22
CA ARG A 7 -37.68 15.57 20.93
C ARG A 7 -37.70 15.82 19.42
N SER A 8 -36.73 15.26 18.74
CA SER A 8 -36.62 15.40 17.30
C SER A 8 -37.33 14.27 16.57
N THR A 9 -38.09 13.48 17.33
CA THR A 9 -38.77 12.30 16.81
C THR A 9 -37.77 11.20 16.44
N LYS A 10 -37.02 11.43 15.39
CA LYS A 10 -35.99 10.51 14.95
C LYS A 10 -34.77 11.30 14.48
N GLU A 11 -34.87 11.82 13.26
CA GLU A 11 -33.80 12.62 12.65
C GLU A 11 -32.48 11.85 12.57
N ILE A 12 -31.50 12.47 11.95
CA ILE A 12 -30.16 11.90 11.87
C ILE A 12 -29.20 12.71 12.73
N GLU A 13 -28.94 12.23 13.93
CA GLU A 13 -28.07 12.94 14.84
C GLU A 13 -26.96 12.03 15.36
N THR A 14 -26.94 10.79 14.89
CA THR A 14 -25.93 9.84 15.30
C THR A 14 -24.80 9.79 14.26
N SER A 15 -23.82 8.94 14.45
CA SER A 15 -22.80 8.72 13.43
C SER A 15 -23.46 8.29 12.13
N GLN A 16 -24.54 7.50 12.26
CA GLN A 16 -25.34 7.03 11.15
C GLN A 16 -24.63 5.95 10.34
N SER A 17 -23.41 6.22 9.93
CA SER A 17 -22.60 5.23 9.25
C SER A 17 -21.50 4.75 10.17
N THR A 18 -20.72 3.81 9.67
CA THR A 18 -19.63 3.23 10.42
C THR A 18 -18.36 4.02 10.26
N THR A 19 -17.67 4.22 11.36
CA THR A 19 -16.44 4.99 11.33
C THR A 19 -15.32 4.22 11.98
N ALA A 20 -14.13 4.38 11.44
CA ALA A 20 -12.96 3.67 11.90
C ALA A 20 -12.49 4.20 13.23
N ASN A 21 -11.40 3.63 13.65
CA ASN A 21 -10.82 3.90 14.94
C ASN A 21 -9.37 4.23 14.70
N GLN A 22 -8.78 5.06 15.53
CA GLN A 22 -7.40 5.44 15.30
C GLN A 22 -6.44 4.32 15.66
N SER A 23 -6.94 3.33 16.34
CA SER A 23 -6.18 2.13 16.58
C SER A 23 -6.28 1.25 15.36
N ASP A 24 -7.19 1.63 14.49
CA ASP A 24 -7.39 0.97 13.23
C ASP A 24 -6.64 1.73 12.16
N VAL A 25 -6.82 3.02 12.22
CA VAL A 25 -6.44 3.91 11.16
C VAL A 25 -4.99 4.33 11.24
N ASP A 26 -4.59 4.83 12.39
CA ASP A 26 -3.24 5.35 12.59
C ASP A 26 -2.20 4.34 12.17
N ASP A 27 -2.24 3.14 12.76
CA ASP A 27 -1.25 2.11 12.47
C ASP A 27 -1.35 1.70 11.03
N PHE A 28 -2.57 1.64 10.53
CA PHE A 28 -2.79 1.36 9.13
C PHE A 28 -2.01 2.35 8.33
N ASN A 29 -2.41 3.58 8.48
CA ASN A 29 -1.90 4.69 7.71
C ASN A 29 -0.43 4.90 7.95
N THR A 30 0.01 4.46 9.10
CA THR A 30 1.35 4.64 9.49
C THR A 30 2.25 3.59 8.89
N LEU A 31 1.81 2.34 8.99
CA LEU A 31 2.56 1.24 8.46
C LEU A 31 2.52 1.38 6.97
N TYR A 32 1.40 1.90 6.53
CA TYR A 32 1.13 2.23 5.15
C TYR A 32 2.06 3.32 4.67
N ASP A 33 2.19 4.34 5.51
CA ASP A 33 3.09 5.46 5.25
C ASP A 33 4.48 4.92 5.12
N ALA A 34 4.67 3.89 5.90
CA ALA A 34 5.94 3.25 6.10
C ALA A 34 6.38 2.45 4.90
N PHE A 35 5.43 1.84 4.19
CA PHE A 35 5.74 1.08 2.99
C PHE A 35 6.35 2.00 1.98
N TYR A 36 6.05 3.25 2.14
CA TYR A 36 6.58 4.25 1.26
C TYR A 36 7.83 4.82 1.88
N THR A 37 8.85 4.81 1.08
CA THR A 37 10.14 5.33 1.49
C THR A 37 10.03 6.82 1.78
N ASN A 38 9.07 7.45 1.12
CA ASN A 38 8.83 8.89 1.22
C ASN A 38 7.33 9.14 1.24
N SER A 39 6.89 10.24 1.85
CA SER A 39 5.46 10.52 1.98
C SER A 39 4.85 11.00 0.67
N ASN A 40 5.70 11.25 -0.33
CA ASN A 40 5.20 11.46 -1.69
C ASN A 40 4.65 10.15 -2.21
N LYS A 41 5.07 9.07 -1.53
CA LYS A 41 4.60 7.73 -1.80
C LYS A 41 4.78 7.38 -3.25
N THR A 42 5.95 7.75 -3.71
CA THR A 42 6.39 7.52 -5.07
C THR A 42 7.44 6.42 -5.08
N ALA A 43 7.63 5.84 -3.91
CA ALA A 43 8.69 4.88 -3.67
C ALA A 43 8.34 4.03 -2.46
N LEU A 44 8.71 2.76 -2.50
CA LEU A 44 8.32 1.82 -1.49
C LEU A 44 9.49 1.06 -0.86
N LYS A 45 9.34 0.85 0.44
CA LYS A 45 10.25 0.14 1.29
C LYS A 45 9.93 -1.32 1.29
N ASN A 46 10.89 -2.11 0.87
CA ASN A 46 10.67 -3.55 0.71
C ASN A 46 10.55 -4.27 2.05
N SER A 47 11.11 -3.67 3.09
CA SER A 47 11.05 -4.23 4.43
C SER A 47 9.61 -4.25 4.95
N GLN A 48 8.83 -3.29 4.47
CA GLN A 48 7.46 -3.10 4.88
C GLN A 48 6.54 -4.12 4.24
N PHE A 49 6.98 -4.69 3.12
CA PHE A 49 6.16 -5.63 2.36
C PHE A 49 5.73 -6.83 3.22
N ASP A 50 6.46 -7.07 4.30
CA ASP A 50 6.18 -8.18 5.19
C ASP A 50 4.94 -7.83 6.01
N LYS A 51 4.73 -6.54 6.14
CA LYS A 51 3.63 -6.00 6.89
C LYS A 51 2.49 -5.65 5.96
N LEU A 52 2.57 -6.06 4.71
CA LEU A 52 1.49 -5.80 3.77
C LEU A 52 0.25 -6.59 4.15
N SER A 53 0.46 -7.83 4.56
CA SER A 53 -0.64 -8.62 5.10
C SER A 53 -1.11 -8.00 6.40
N GLN A 54 -0.21 -7.24 7.03
CA GLN A 54 -0.51 -6.50 8.22
C GLN A 54 -1.26 -5.21 7.88
N LEU A 55 -0.88 -4.61 6.76
CA LEU A 55 -1.54 -3.44 6.23
C LEU A 55 -2.94 -3.84 5.80
N LYS A 56 -3.06 -5.12 5.45
CA LYS A 56 -4.35 -5.70 5.14
C LYS A 56 -5.08 -5.96 6.44
N THR A 57 -4.30 -6.26 7.44
CA THR A 57 -4.79 -6.50 8.75
C THR A 57 -5.31 -5.21 9.37
N LEU A 58 -4.59 -4.13 9.12
CA LEU A 58 -4.96 -2.82 9.57
C LEU A 58 -6.12 -2.29 8.80
N LEU A 59 -6.11 -2.54 7.51
CA LEU A 59 -7.27 -2.29 6.67
C LEU A 59 -8.41 -3.16 7.16
N ASP A 60 -8.08 -4.37 7.57
CA ASP A 60 -9.03 -5.27 8.21
C ASP A 60 -9.49 -4.71 9.52
N LYS A 61 -8.71 -3.78 10.05
CA LYS A 61 -9.08 -3.07 11.23
C LYS A 61 -10.01 -1.94 10.87
N LEU A 62 -9.94 -1.56 9.62
CA LEU A 62 -10.78 -0.51 9.07
C LEU A 62 -12.07 -1.14 8.65
N GLU A 63 -11.95 -2.42 8.38
CA GLU A 63 -13.06 -3.26 8.00
C GLU A 63 -14.29 -3.01 8.83
N GLY A 64 -15.39 -2.82 8.14
CA GLY A 64 -16.63 -2.55 8.81
C GLY A 64 -16.85 -1.06 8.96
N SER A 65 -15.79 -0.29 8.82
CA SER A 65 -15.87 1.16 8.98
C SER A 65 -15.70 1.85 7.63
N ARG A 66 -16.09 3.11 7.54
CA ARG A 66 -16.02 3.86 6.29
C ARG A 66 -14.57 4.09 5.84
N GLU A 67 -13.68 4.17 6.82
CA GLU A 67 -12.26 4.38 6.56
C GLU A 67 -11.74 3.29 5.69
N HIS A 68 -12.24 2.11 5.96
CA HIS A 68 -11.93 0.90 5.22
C HIS A 68 -11.89 1.14 3.75
N THR A 69 -12.86 1.83 3.25
CA THR A 69 -12.95 2.12 1.82
C THR A 69 -11.71 2.82 1.34
N LEU A 70 -11.45 3.88 2.05
CA LEU A 70 -10.41 4.81 1.78
C LEU A 70 -9.13 4.10 1.94
N ALA A 71 -9.12 3.37 2.98
CA ALA A 71 -7.97 2.71 3.42
C ALA A 71 -7.77 1.43 2.66
N LYS A 72 -8.81 0.91 2.06
CA LYS A 72 -8.71 -0.19 1.17
C LYS A 72 -8.17 0.33 -0.10
N SER A 73 -8.60 1.53 -0.41
CA SER A 73 -8.13 2.15 -1.61
C SER A 73 -6.72 2.69 -1.37
N LYS A 74 -6.30 2.72 -0.10
CA LYS A 74 -4.92 2.97 0.26
C LYS A 74 -4.17 1.68 0.26
N TYR A 75 -4.68 0.79 1.05
CA TYR A 75 -4.14 -0.52 1.22
C TYR A 75 -3.91 -1.18 -0.11
N ASP A 76 -4.96 -1.30 -0.90
CA ASP A 76 -4.95 -2.11 -2.10
C ASP A 76 -4.03 -1.46 -3.09
N SER A 77 -3.94 -0.16 -2.93
CA SER A 77 -3.09 0.68 -3.71
C SER A 77 -1.66 0.35 -3.38
N LEU A 78 -1.38 0.47 -2.11
CA LEU A 78 -0.08 0.31 -1.53
C LEU A 78 0.37 -1.13 -1.73
N ALA A 79 -0.59 -2.01 -1.61
CA ALA A 79 -0.41 -3.42 -1.75
C ALA A 79 -0.06 -3.77 -3.15
N THR A 80 -0.60 -3.04 -4.06
CA THR A 80 -0.33 -3.24 -5.46
C THR A 80 1.05 -2.73 -5.81
N GLN A 81 1.41 -1.59 -5.21
CA GLN A 81 2.63 -0.94 -5.48
C GLN A 81 3.74 -1.77 -4.99
N ILE A 82 3.53 -2.37 -3.84
CA ILE A 82 4.51 -3.27 -3.36
C ILE A 82 4.42 -4.57 -4.15
N LYS A 83 3.21 -5.11 -4.33
CA LYS A 83 3.02 -6.36 -5.08
C LYS A 83 3.62 -6.30 -6.45
N ALA A 84 3.59 -5.13 -7.01
CA ALA A 84 4.23 -4.83 -8.25
C ALA A 84 5.70 -4.94 -8.12
N ILE A 85 6.18 -4.32 -7.08
CA ILE A 85 7.55 -4.34 -6.79
C ILE A 85 7.96 -5.76 -6.59
N GLN A 86 7.12 -6.46 -5.86
CA GLN A 86 7.31 -7.82 -5.58
C GLN A 86 7.37 -8.55 -6.86
N ASP A 87 6.36 -8.33 -7.67
CA ASP A 87 6.22 -9.01 -8.96
C ASP A 87 7.51 -8.96 -9.69
N VAL A 88 7.98 -7.76 -9.91
CA VAL A 88 9.13 -7.57 -10.74
C VAL A 88 10.41 -7.94 -9.98
N ASN A 89 10.50 -7.59 -8.69
CA ASN A 89 11.59 -7.99 -7.81
C ASN A 89 11.66 -9.50 -7.74
N ALA A 90 10.49 -10.09 -7.90
CA ALA A 90 10.29 -11.52 -7.79
C ALA A 90 10.84 -12.18 -9.02
N GLN A 91 11.13 -11.36 -10.00
CA GLN A 91 11.69 -11.81 -11.24
C GLN A 91 13.19 -11.82 -11.16
N PHE A 92 13.71 -11.09 -10.20
CA PHE A 92 15.15 -11.09 -9.94
C PHE A 92 15.49 -12.00 -8.81
N GLU A 93 16.74 -12.42 -8.84
CA GLU A 93 17.30 -13.24 -7.81
C GLU A 93 17.23 -12.50 -6.49
N LYS A 94 17.25 -11.17 -6.59
CA LYS A 94 17.07 -10.28 -5.46
C LYS A 94 16.32 -9.06 -5.94
N PRO A 95 15.45 -8.53 -5.09
CA PRO A 95 14.54 -7.42 -5.41
C PRO A 95 15.21 -6.30 -6.11
N ALA A 96 14.58 -5.78 -7.15
CA ALA A 96 15.14 -4.62 -7.72
C ALA A 96 14.12 -3.53 -7.90
N ILE A 97 13.47 -3.25 -6.80
CA ILE A 97 12.94 -1.98 -6.44
C ILE A 97 13.05 -1.96 -4.97
N VAL A 98 14.03 -1.34 -4.44
CA VAL A 98 14.20 -1.37 -3.02
C VAL A 98 14.45 0.01 -2.50
N ASP A 99 13.52 0.45 -1.68
CA ASP A 99 13.47 1.84 -1.22
C ASP A 99 13.04 2.72 -2.39
N GLY A 100 12.08 2.23 -3.16
CA GLY A 100 11.55 2.97 -4.27
C GLY A 100 12.53 3.14 -5.41
N VAL A 101 13.70 2.54 -5.26
CA VAL A 101 14.69 2.61 -6.28
C VAL A 101 15.17 1.24 -6.61
N LEU A 102 15.30 1.03 -7.88
CA LEU A 102 15.65 -0.23 -8.44
C LEU A 102 17.08 -0.62 -8.10
N ASP A 103 17.27 -1.91 -8.05
CA ASP A 103 18.57 -2.49 -7.85
C ASP A 103 19.06 -2.96 -9.19
N THR A 104 19.79 -2.13 -9.86
CA THR A 104 20.28 -2.42 -11.20
C THR A 104 21.27 -3.55 -11.15
N ASN A 105 21.69 -3.81 -9.94
CA ASN A 105 22.65 -4.84 -9.66
C ASN A 105 21.95 -6.16 -9.52
N ALA A 106 20.64 -6.08 -9.58
CA ALA A 106 19.77 -7.26 -9.44
C ALA A 106 19.93 -8.19 -10.61
N LYS A 107 19.28 -9.31 -10.47
CA LYS A 107 19.48 -10.42 -11.36
C LYS A 107 18.17 -10.97 -11.85
N ALA A 108 17.74 -10.51 -13.00
CA ALA A 108 16.46 -10.97 -13.53
C ALA A 108 16.54 -12.46 -13.82
N LYS A 109 16.00 -13.24 -12.89
CA LYS A 109 15.99 -14.69 -12.92
C LYS A 109 15.62 -15.26 -14.27
N SER A 110 15.95 -16.53 -14.48
CA SER A 110 15.57 -17.25 -15.70
C SER A 110 14.07 -17.52 -15.72
N ASP A 111 13.41 -17.06 -14.68
CA ASP A 111 12.00 -17.24 -14.53
C ASP A 111 11.32 -15.89 -14.57
N ALA A 112 12.11 -14.84 -14.43
CA ALA A 112 11.63 -13.47 -14.57
C ALA A 112 10.72 -13.32 -15.79
N LYS A 113 9.49 -13.02 -15.46
CA LYS A 113 8.43 -12.80 -16.39
C LYS A 113 7.68 -11.56 -15.97
N PHE A 114 7.97 -10.49 -16.65
CA PHE A 114 7.53 -9.18 -16.23
C PHE A 114 6.16 -8.80 -16.77
N THR A 115 5.57 -7.85 -16.08
CA THR A 115 4.31 -7.27 -16.45
C THR A 115 4.43 -5.77 -16.34
N ASP A 116 3.87 -5.09 -17.32
CA ASP A 116 3.78 -3.63 -17.31
C ASP A 116 2.84 -3.21 -16.22
N ILE A 117 3.31 -3.35 -15.02
CA ILE A 117 2.49 -3.13 -13.88
C ILE A 117 2.30 -1.66 -13.62
N LYS A 118 1.05 -1.27 -13.62
CA LYS A 118 0.67 0.04 -13.21
C LYS A 118 -0.05 -0.03 -11.91
N THR A 119 0.65 0.37 -10.91
CA THR A 119 0.13 0.49 -9.59
C THR A 119 -0.66 1.76 -9.50
N GLY A 120 -0.47 2.58 -10.51
CA GLY A 120 -0.97 3.91 -10.44
C GLY A 120 0.06 4.85 -9.88
N ASN A 121 0.99 4.32 -9.10
CA ASN A 121 2.09 5.09 -8.57
C ASN A 121 3.16 5.17 -9.64
N THR A 122 3.02 6.18 -10.48
CA THR A 122 3.84 6.33 -11.66
C THR A 122 5.33 6.19 -11.41
N GLU A 123 5.84 6.97 -10.48
CA GLU A 123 7.26 6.92 -10.14
C GLU A 123 7.65 5.51 -9.78
N LEU A 124 6.74 4.82 -9.12
CA LEU A 124 6.95 3.44 -8.79
C LEU A 124 6.85 2.62 -10.05
N ASP A 125 5.84 2.95 -10.80
CA ASP A 125 5.53 2.32 -12.07
C ASP A 125 6.74 2.43 -12.99
N LYS A 126 7.50 3.48 -12.77
CA LYS A 126 8.75 3.72 -13.45
C LYS A 126 9.91 2.96 -12.82
N VAL A 127 9.81 2.65 -11.55
CA VAL A 127 10.87 1.94 -10.89
C VAL A 127 10.63 0.46 -11.04
N LEU A 128 9.36 0.11 -11.12
CA LEU A 128 8.93 -1.23 -11.43
C LEU A 128 9.59 -1.60 -12.73
N ASP A 129 9.44 -0.64 -13.62
CA ASP A 129 9.93 -0.68 -14.98
C ASP A 129 11.42 -0.81 -15.01
N LYS A 130 12.02 0.02 -14.18
CA LYS A 130 13.44 0.07 -13.98
C LYS A 130 13.99 -1.31 -13.83
N ALA A 131 13.26 -2.09 -13.07
CA ALA A 131 13.64 -3.45 -12.81
C ALA A 131 13.46 -4.28 -14.04
N ILE A 132 12.28 -4.18 -14.62
CA ILE A 132 11.99 -4.85 -15.86
C ILE A 132 13.01 -4.52 -16.92
N SER A 133 13.67 -3.40 -16.75
CA SER A 133 14.65 -2.95 -17.68
C SER A 133 15.97 -3.70 -17.45
N LEU A 134 16.06 -4.28 -16.27
CA LEU A 134 17.14 -5.21 -15.94
C LEU A 134 16.82 -6.56 -16.57
N GLY A 135 15.53 -6.84 -16.69
CA GLY A 135 15.10 -8.09 -17.29
C GLY A 135 15.47 -8.18 -18.77
N GLY A 1 -18.09 10.19 31.07
CA GLY A 1 -17.58 11.58 31.11
C GLY A 1 -16.90 11.98 29.81
N HIS A 2 -15.82 12.72 29.92
CA HIS A 2 -15.09 13.18 28.74
C HIS A 2 -13.59 12.98 28.95
N MET A 3 -13.11 11.78 28.66
CA MET A 3 -11.70 11.46 28.85
C MET A 3 -11.11 10.87 27.57
N GLN A 4 -11.54 9.66 27.24
CA GLN A 4 -11.04 8.97 26.05
C GLN A 4 -12.20 8.38 25.27
N VAL A 5 -13.08 9.23 24.76
CA VAL A 5 -14.24 8.78 24.02
C VAL A 5 -13.96 8.77 22.52
N ALA A 6 -13.02 9.62 22.10
CA ALA A 6 -12.64 9.76 20.71
C ALA A 6 -13.83 10.18 19.85
N ARG A 7 -14.65 11.06 20.42
CA ARG A 7 -15.91 11.49 19.80
C ARG A 7 -15.67 12.17 18.46
N SER A 8 -14.51 12.81 18.32
CA SER A 8 -14.16 13.50 17.08
C SER A 8 -14.03 12.53 15.91
N THR A 9 -13.70 11.29 16.23
CA THR A 9 -13.60 10.24 15.23
C THR A 9 -14.81 9.31 15.31
N LYS A 10 -14.92 8.63 16.45
CA LYS A 10 -15.99 7.67 16.64
C LYS A 10 -17.26 8.41 17.00
N GLU A 11 -17.93 8.89 15.97
CA GLU A 11 -19.18 9.63 16.12
C GLU A 11 -20.31 8.71 16.52
N ILE A 12 -20.24 8.21 17.74
CA ILE A 12 -21.29 7.39 18.32
C ILE A 12 -22.46 8.27 18.74
N GLU A 13 -23.48 8.29 17.89
CA GLU A 13 -24.64 9.12 18.16
C GLU A 13 -25.90 8.29 18.12
N THR A 14 -26.20 7.70 16.97
CA THR A 14 -27.38 6.87 16.83
C THR A 14 -27.30 6.04 15.54
N SER A 15 -27.06 6.70 14.42
CA SER A 15 -26.97 6.02 13.13
C SER A 15 -26.49 6.99 12.05
N GLN A 16 -25.19 7.21 12.02
CA GLN A 16 -24.61 8.09 11.03
C GLN A 16 -24.14 7.29 9.83
N SER A 17 -23.15 6.44 10.05
CA SER A 17 -22.63 5.58 9.01
C SER A 17 -21.83 4.43 9.63
N THR A 18 -20.54 4.65 9.79
CA THR A 18 -19.63 3.66 10.35
C THR A 18 -18.42 4.37 10.94
N THR A 19 -17.51 4.68 10.03
CA THR A 19 -16.25 5.33 10.32
C THR A 19 -15.35 4.47 11.21
N ALA A 20 -14.06 4.69 11.06
CA ALA A 20 -13.05 3.88 11.70
C ALA A 20 -12.63 4.46 13.03
N ASN A 21 -11.56 3.91 13.53
CA ASN A 21 -10.96 4.33 14.75
C ASN A 21 -9.62 4.93 14.39
N GLN A 22 -9.20 6.00 15.03
CA GLN A 22 -7.91 6.58 14.68
C GLN A 22 -6.79 5.74 15.23
N SER A 23 -7.12 4.80 16.09
CA SER A 23 -6.18 3.84 16.55
C SER A 23 -6.09 2.73 15.54
N ASP A 24 -7.00 2.80 14.58
CA ASP A 24 -6.98 1.92 13.46
C ASP A 24 -6.25 2.57 12.34
N VAL A 25 -6.75 3.76 12.06
CA VAL A 25 -6.47 4.43 10.83
C VAL A 25 -5.05 4.92 10.81
N ASP A 26 -4.66 5.51 11.92
CA ASP A 26 -3.32 6.03 12.09
C ASP A 26 -2.27 4.96 11.80
N ASP A 27 -2.36 3.82 12.50
CA ASP A 27 -1.37 2.75 12.34
C ASP A 27 -1.44 2.18 10.95
N PHE A 28 -2.66 2.07 10.45
CA PHE A 28 -2.86 1.64 9.09
C PHE A 28 -2.06 2.55 8.20
N ASN A 29 -2.44 3.81 8.26
CA ASN A 29 -1.88 4.85 7.42
C ASN A 29 -0.40 5.01 7.67
N THR A 30 0.00 4.71 8.87
CA THR A 30 1.35 4.90 9.27
C THR A 30 2.23 3.82 8.71
N LEU A 31 1.79 2.58 8.86
CA LEU A 31 2.51 1.45 8.36
C LEU A 31 2.49 1.54 6.87
N TYR A 32 1.37 2.04 6.40
CA TYR A 32 1.08 2.30 5.01
C TYR A 32 2.04 3.35 4.46
N ASP A 33 2.16 4.44 5.18
CA ASP A 33 3.04 5.54 4.82
C ASP A 33 4.46 5.05 4.88
N ALA A 34 4.61 4.04 5.71
CA ALA A 34 5.88 3.45 6.00
C ALA A 34 6.37 2.61 4.83
N PHE A 35 5.42 1.98 4.12
CA PHE A 35 5.75 1.21 2.93
C PHE A 35 6.34 2.11 1.91
N TYR A 36 6.08 3.38 2.06
CA TYR A 36 6.62 4.37 1.19
C TYR A 36 7.86 4.95 1.79
N THR A 37 8.90 4.88 1.02
CA THR A 37 10.21 5.35 1.42
C THR A 37 10.18 6.84 1.75
N ASN A 38 9.21 7.52 1.16
CA ASN A 38 9.03 8.94 1.38
C ASN A 38 7.54 9.25 1.27
N SER A 39 7.10 10.33 1.91
CA SER A 39 5.67 10.58 2.05
C SER A 39 5.03 11.11 0.77
N ASN A 40 5.79 11.18 -0.31
CA ASN A 40 5.21 11.44 -1.62
C ASN A 40 4.61 10.15 -2.14
N LYS A 41 4.99 9.06 -1.47
CA LYS A 41 4.46 7.73 -1.72
C LYS A 41 4.61 7.38 -3.17
N THR A 42 5.79 7.76 -3.67
CA THR A 42 6.19 7.53 -5.02
C THR A 42 7.20 6.39 -5.08
N ALA A 43 7.51 5.89 -3.90
CA ALA A 43 8.56 4.90 -3.73
C ALA A 43 8.28 4.08 -2.49
N LEU A 44 8.66 2.83 -2.53
CA LEU A 44 8.30 1.88 -1.50
C LEU A 44 9.47 1.16 -0.85
N LYS A 45 9.36 1.02 0.45
CA LYS A 45 10.29 0.31 1.27
C LYS A 45 9.91 -1.13 1.31
N ASN A 46 10.91 -1.94 1.16
CA ASN A 46 10.68 -3.36 0.91
C ASN A 46 10.54 -4.14 2.22
N SER A 47 11.15 -3.62 3.27
CA SER A 47 11.00 -4.22 4.60
C SER A 47 9.54 -4.14 5.05
N GLN A 48 8.83 -3.14 4.54
CA GLN A 48 7.44 -2.91 4.88
C GLN A 48 6.54 -3.95 4.26
N PHE A 49 6.99 -4.55 3.17
CA PHE A 49 6.18 -5.53 2.44
C PHE A 49 5.74 -6.67 3.34
N ASP A 50 6.48 -6.90 4.41
CA ASP A 50 6.18 -7.98 5.34
C ASP A 50 4.96 -7.61 6.15
N LYS A 51 4.74 -6.32 6.24
CA LYS A 51 3.63 -5.75 6.98
C LYS A 51 2.48 -5.45 6.05
N LEU A 52 2.57 -5.91 4.80
CA LEU A 52 1.49 -5.70 3.86
C LEU A 52 0.26 -6.50 4.28
N SER A 53 0.47 -7.72 4.75
CA SER A 53 -0.60 -8.50 5.32
C SER A 53 -1.04 -7.86 6.64
N GLN A 54 -0.14 -7.06 7.20
CA GLN A 54 -0.44 -6.28 8.37
C GLN A 54 -1.23 -5.03 7.99
N LEU A 55 -0.88 -4.46 6.84
CA LEU A 55 -1.57 -3.33 6.27
C LEU A 55 -2.96 -3.79 5.85
N LYS A 56 -3.05 -5.07 5.54
CA LYS A 56 -4.31 -5.69 5.25
C LYS A 56 -5.02 -5.99 6.55
N THR A 57 -4.22 -6.11 7.56
CA THR A 57 -4.69 -6.38 8.88
C THR A 57 -5.27 -5.12 9.48
N LEU A 58 -4.57 -4.02 9.28
CA LEU A 58 -5.00 -2.73 9.72
C LEU A 58 -6.19 -2.30 8.91
N LEU A 59 -6.14 -2.54 7.63
CA LEU A 59 -7.30 -2.36 6.79
C LEU A 59 -8.41 -3.28 7.28
N ASP A 60 -8.03 -4.48 7.68
CA ASP A 60 -8.97 -5.42 8.29
C ASP A 60 -9.48 -4.90 9.61
N LYS A 61 -8.77 -3.94 10.13
CA LYS A 61 -9.18 -3.26 11.32
C LYS A 61 -10.11 -2.13 10.95
N LEU A 62 -9.96 -1.67 9.73
CA LEU A 62 -10.77 -0.60 9.18
C LEU A 62 -12.05 -1.21 8.73
N GLU A 63 -11.94 -2.49 8.50
CA GLU A 63 -13.05 -3.34 8.18
C GLU A 63 -14.25 -3.09 9.05
N GLY A 64 -15.37 -2.85 8.40
CA GLY A 64 -16.57 -2.55 9.12
C GLY A 64 -16.73 -1.06 9.32
N SER A 65 -15.67 -0.32 9.05
CA SER A 65 -15.70 1.12 9.15
C SER A 65 -15.68 1.74 7.77
N ARG A 66 -15.95 3.03 7.68
CA ARG A 66 -15.96 3.70 6.38
C ARG A 66 -14.56 3.88 5.86
N GLU A 67 -13.63 4.02 6.79
CA GLU A 67 -12.24 4.23 6.46
C GLU A 67 -11.75 3.10 5.64
N HIS A 68 -12.25 1.93 5.99
CA HIS A 68 -11.95 0.71 5.28
C HIS A 68 -11.93 0.90 3.79
N THR A 69 -12.92 1.58 3.30
CA THR A 69 -13.05 1.83 1.88
C THR A 69 -11.85 2.55 1.34
N LEU A 70 -11.60 3.65 2.00
CA LEU A 70 -10.58 4.59 1.67
C LEU A 70 -9.28 3.92 1.83
N ALA A 71 -9.23 3.23 2.90
CA ALA A 71 -8.07 2.60 3.37
C ALA A 71 -7.84 1.29 2.65
N LYS A 72 -8.88 0.74 2.07
CA LYS A 72 -8.75 -0.40 1.22
C LYS A 72 -8.25 0.10 -0.07
N SER A 73 -8.70 1.29 -0.39
CA SER A 73 -8.26 1.93 -1.58
C SER A 73 -6.85 2.46 -1.40
N LYS A 74 -6.43 2.58 -0.14
CA LYS A 74 -5.05 2.86 0.19
C LYS A 74 -4.27 1.59 0.22
N TYR A 75 -4.79 0.70 1.02
CA TYR A 75 -4.20 -0.59 1.22
C TYR A 75 -3.96 -1.27 -0.11
N ASP A 76 -5.01 -1.41 -0.90
CA ASP A 76 -4.97 -2.22 -2.10
C ASP A 76 -4.01 -1.59 -3.05
N SER A 77 -3.99 -0.28 -2.95
CA SER A 77 -3.15 0.57 -3.75
C SER A 77 -1.71 0.28 -3.41
N LEU A 78 -1.44 0.40 -2.14
CA LEU A 78 -0.14 0.26 -1.57
C LEU A 78 0.33 -1.17 -1.74
N ALA A 79 -0.62 -2.06 -1.60
CA ALA A 79 -0.41 -3.47 -1.71
C ALA A 79 -0.06 -3.84 -3.11
N THR A 80 -0.57 -3.08 -4.03
CA THR A 80 -0.28 -3.31 -5.42
C THR A 80 1.07 -2.75 -5.79
N GLN A 81 1.40 -1.62 -5.20
CA GLN A 81 2.62 -0.95 -5.46
C GLN A 81 3.74 -1.77 -4.96
N ILE A 82 3.53 -2.37 -3.82
CA ILE A 82 4.51 -3.28 -3.34
C ILE A 82 4.42 -4.57 -4.15
N LYS A 83 3.22 -5.15 -4.29
CA LYS A 83 3.03 -6.38 -5.07
C LYS A 83 3.63 -6.29 -6.45
N ALA A 84 3.60 -5.11 -7.00
CA ALA A 84 4.23 -4.81 -8.25
C ALA A 84 5.70 -4.94 -8.12
N ILE A 85 6.19 -4.32 -7.09
CA ILE A 85 7.57 -4.36 -6.79
C ILE A 85 7.96 -5.78 -6.61
N GLN A 86 7.12 -6.47 -5.87
CA GLN A 86 7.32 -7.84 -5.59
C GLN A 86 7.35 -8.57 -6.87
N ASP A 87 6.34 -8.32 -7.68
CA ASP A 87 6.18 -8.97 -8.97
C ASP A 87 7.47 -8.93 -9.73
N VAL A 88 7.94 -7.74 -9.95
CA VAL A 88 9.08 -7.56 -10.79
C VAL A 88 10.36 -7.97 -10.06
N ASN A 89 10.46 -7.65 -8.75
CA ASN A 89 11.55 -8.12 -7.90
C ASN A 89 11.57 -9.62 -7.87
N ALA A 90 10.38 -10.16 -8.06
CA ALA A 90 10.14 -11.59 -8.00
C ALA A 90 10.69 -12.25 -9.23
N GLN A 91 11.03 -11.40 -10.18
CA GLN A 91 11.58 -11.82 -11.43
C GLN A 91 13.08 -11.88 -11.33
N PHE A 92 13.62 -11.17 -10.36
CA PHE A 92 15.06 -11.20 -10.11
C PHE A 92 15.39 -12.15 -9.00
N GLU A 93 16.64 -12.58 -9.04
CA GLU A 93 17.19 -13.44 -8.04
C GLU A 93 17.15 -12.74 -6.69
N LYS A 94 17.18 -11.41 -6.76
CA LYS A 94 17.02 -10.54 -5.61
C LYS A 94 16.28 -9.30 -6.08
N PRO A 95 15.42 -8.77 -5.23
CA PRO A 95 14.53 -7.66 -5.53
C PRO A 95 15.21 -6.53 -6.20
N ALA A 96 14.57 -5.95 -7.20
CA ALA A 96 15.14 -4.79 -7.73
C ALA A 96 14.14 -3.68 -7.87
N ILE A 97 13.50 -3.41 -6.76
CA ILE A 97 12.99 -2.13 -6.37
C ILE A 97 13.12 -2.11 -4.90
N VAL A 98 14.11 -1.52 -4.39
CA VAL A 98 14.30 -1.56 -2.98
C VAL A 98 14.57 -0.18 -2.46
N ASP A 99 13.61 0.31 -1.69
CA ASP A 99 13.60 1.70 -1.23
C ASP A 99 13.13 2.61 -2.37
N GLY A 100 12.15 2.13 -3.11
CA GLY A 100 11.62 2.90 -4.22
C GLY A 100 12.62 3.07 -5.34
N VAL A 101 13.77 2.45 -5.19
CA VAL A 101 14.77 2.50 -6.20
C VAL A 101 15.24 1.11 -6.53
N LEU A 102 15.39 0.92 -7.78
CA LEU A 102 15.73 -0.35 -8.35
C LEU A 102 17.14 -0.76 -7.97
N ASP A 103 17.32 -2.06 -7.94
CA ASP A 103 18.61 -2.67 -7.71
C ASP A 103 19.11 -3.14 -9.05
N THR A 104 19.89 -2.32 -9.68
CA THR A 104 20.39 -2.60 -11.02
C THR A 104 21.37 -3.74 -10.98
N ASN A 105 21.75 -4.04 -9.77
CA ASN A 105 22.68 -5.11 -9.51
C ASN A 105 21.94 -6.42 -9.43
N ALA A 106 20.64 -6.30 -9.51
CA ALA A 106 19.75 -7.45 -9.42
C ALA A 106 19.87 -8.33 -10.63
N LYS A 107 19.22 -9.45 -10.53
CA LYS A 107 19.41 -10.52 -11.46
C LYS A 107 18.10 -11.03 -11.98
N ALA A 108 17.67 -10.52 -13.12
CA ALA A 108 16.42 -10.95 -13.68
C ALA A 108 16.50 -12.42 -14.01
N LYS A 109 15.92 -13.22 -13.13
CA LYS A 109 15.92 -14.67 -13.21
C LYS A 109 15.54 -15.20 -14.59
N SER A 110 15.82 -16.48 -14.80
CA SER A 110 15.36 -17.18 -16.00
C SER A 110 13.88 -17.44 -15.90
N ASP A 111 13.31 -16.96 -14.81
CA ASP A 111 11.93 -17.13 -14.49
C ASP A 111 11.24 -15.77 -14.58
N ALA A 112 12.07 -14.72 -14.60
CA ALA A 112 11.60 -13.37 -14.77
C ALA A 112 10.72 -13.23 -16.00
N LYS A 113 9.49 -12.90 -15.70
CA LYS A 113 8.47 -12.67 -16.67
C LYS A 113 7.70 -11.44 -16.24
N PHE A 114 8.00 -10.34 -16.87
CA PHE A 114 7.56 -9.05 -16.40
C PHE A 114 6.21 -8.64 -16.92
N THR A 115 5.61 -7.74 -16.19
CA THR A 115 4.38 -7.10 -16.55
C THR A 115 4.56 -5.62 -16.40
N ASP A 116 4.05 -4.87 -17.37
CA ASP A 116 4.09 -3.43 -17.34
C ASP A 116 3.13 -2.92 -16.30
N ILE A 117 3.50 -3.19 -15.07
CA ILE A 117 2.65 -2.97 -13.95
C ILE A 117 2.45 -1.50 -13.69
N LYS A 118 1.20 -1.12 -13.71
CA LYS A 118 0.81 0.16 -13.22
C LYS A 118 0.01 0.03 -11.97
N THR A 119 0.68 0.37 -10.91
CA THR A 119 0.11 0.42 -9.60
C THR A 119 -0.75 1.65 -9.49
N GLY A 120 -0.48 2.57 -10.40
CA GLY A 120 -1.06 3.87 -10.27
C GLY A 120 -0.05 4.84 -9.68
N ASN A 121 0.98 4.28 -9.06
CA ASN A 121 2.08 5.08 -8.54
C ASN A 121 3.14 5.15 -9.61
N THR A 122 3.04 6.16 -10.45
CA THR A 122 3.89 6.31 -11.62
C THR A 122 5.36 6.20 -11.31
N GLU A 123 5.86 7.01 -10.41
CA GLU A 123 7.27 6.96 -10.05
C GLU A 123 7.67 5.56 -9.67
N LEU A 124 6.74 4.86 -9.06
CA LEU A 124 6.95 3.47 -8.71
C LEU A 124 6.89 2.64 -9.95
N ASP A 125 5.89 2.92 -10.77
CA ASP A 125 5.69 2.23 -12.01
C ASP A 125 6.94 2.38 -12.88
N LYS A 126 7.59 3.51 -12.70
CA LYS A 126 8.84 3.81 -13.36
C LYS A 126 10.03 3.15 -12.67
N VAL A 127 9.86 2.68 -11.45
CA VAL A 127 10.91 1.94 -10.78
C VAL A 127 10.66 0.46 -10.96
N LEU A 128 9.39 0.12 -11.07
CA LEU A 128 8.97 -1.22 -11.40
C LEU A 128 9.66 -1.57 -12.69
N ASP A 129 9.51 -0.59 -13.57
CA ASP A 129 10.06 -0.56 -14.91
C ASP A 129 11.54 -0.76 -14.91
N LYS A 130 12.14 0.03 -14.06
CA LYS A 130 13.56 0.05 -13.81
C LYS A 130 14.09 -1.34 -13.70
N ALA A 131 13.35 -2.12 -12.96
CA ALA A 131 13.70 -3.49 -12.74
C ALA A 131 13.53 -4.28 -14.01
N ILE A 132 12.38 -4.15 -14.61
CA ILE A 132 12.09 -4.76 -15.88
C ILE A 132 13.13 -4.39 -16.92
N SER A 133 13.81 -3.30 -16.67
CA SER A 133 14.80 -2.82 -17.57
C SER A 133 16.11 -3.59 -17.35
N LEU A 134 16.20 -4.23 -16.20
CA LEU A 134 17.24 -5.19 -15.90
C LEU A 134 16.87 -6.52 -16.55
N GLY A 135 15.55 -6.75 -16.64
CA GLY A 135 15.04 -7.95 -17.28
C GLY A 135 14.96 -7.83 -18.78
N GLY A 1 6.02 16.17 25.45
CA GLY A 1 5.72 17.21 26.47
C GLY A 1 4.28 17.69 26.37
N HIS A 2 4.02 18.88 26.91
CA HIS A 2 2.67 19.43 26.93
C HIS A 2 2.47 20.43 25.80
N MET A 3 3.18 20.23 24.70
CA MET A 3 3.06 21.12 23.55
C MET A 3 2.93 20.31 22.26
N GLN A 4 2.30 19.15 22.36
CA GLN A 4 2.09 18.30 21.19
C GLN A 4 0.99 18.87 20.31
N VAL A 5 1.16 18.76 19.01
CA VAL A 5 0.16 19.27 18.08
C VAL A 5 -1.02 18.32 17.96
N ALA A 6 -2.18 18.77 18.43
CA ALA A 6 -3.39 17.98 18.39
C ALA A 6 -4.08 18.15 17.03
N ARG A 7 -3.37 17.78 15.98
CA ARG A 7 -3.82 18.02 14.61
C ARG A 7 -5.08 17.22 14.26
N SER A 8 -5.36 16.19 15.04
CA SER A 8 -6.51 15.34 14.78
C SER A 8 -7.42 15.27 16.00
N THR A 9 -7.37 16.31 16.83
CA THR A 9 -8.21 16.38 18.02
C THR A 9 -9.18 17.56 17.90
N LYS A 10 -10.17 17.61 18.79
CA LYS A 10 -11.16 18.71 18.82
C LYS A 10 -12.10 18.59 17.62
N GLU A 11 -12.30 17.37 17.16
CA GLU A 11 -13.21 17.10 16.06
C GLU A 11 -14.20 16.02 16.45
N ILE A 12 -15.45 16.40 16.62
CA ILE A 12 -16.50 15.45 16.97
C ILE A 12 -16.93 14.68 15.74
N GLU A 13 -16.27 13.56 15.52
CA GLU A 13 -16.54 12.74 14.34
C GLU A 13 -16.87 11.33 14.75
N THR A 14 -16.81 10.41 13.78
CA THR A 14 -16.96 8.99 14.03
C THR A 14 -18.43 8.60 14.24
N SER A 15 -19.11 9.30 15.14
CA SER A 15 -20.50 9.00 15.45
C SER A 15 -21.43 9.57 14.37
N GLN A 16 -21.01 9.44 13.12
CA GLN A 16 -21.81 9.91 11.99
C GLN A 16 -21.84 8.84 10.91
N SER A 17 -21.20 7.71 11.20
CA SER A 17 -21.10 6.60 10.27
C SER A 17 -20.51 5.41 10.99
N THR A 18 -20.15 4.39 10.24
CA THR A 18 -19.50 3.21 10.77
C THR A 18 -18.00 3.42 10.82
N THR A 19 -17.68 4.70 10.85
CA THR A 19 -16.31 5.23 10.86
C THR A 19 -15.33 4.40 11.67
N ALA A 20 -14.13 4.34 11.13
CA ALA A 20 -13.04 3.59 11.71
C ALA A 20 -12.51 4.24 12.96
N ASN A 21 -11.56 3.57 13.53
CA ASN A 21 -10.95 3.96 14.77
C ASN A 21 -9.53 4.37 14.47
N GLN A 22 -8.92 5.18 15.31
CA GLN A 22 -7.55 5.57 15.07
C GLN A 22 -6.60 4.45 15.46
N SER A 23 -7.14 3.47 16.17
CA SER A 23 -6.40 2.27 16.44
C SER A 23 -6.46 1.39 15.21
N ASP A 24 -7.34 1.77 14.32
CA ASP A 24 -7.48 1.11 13.05
C ASP A 24 -6.70 1.88 12.02
N VAL A 25 -6.93 3.17 12.05
CA VAL A 25 -6.57 4.05 10.97
C VAL A 25 -5.13 4.54 11.04
N ASP A 26 -4.77 5.10 12.18
CA ASP A 26 -3.46 5.71 12.37
C ASP A 26 -2.34 4.72 12.03
N ASP A 27 -2.39 3.53 12.61
CA ASP A 27 -1.36 2.51 12.37
C ASP A 27 -1.44 2.01 10.96
N PHE A 28 -2.67 1.92 10.45
CA PHE A 28 -2.87 1.57 9.07
C PHE A 28 -2.09 2.52 8.23
N ASN A 29 -2.51 3.77 8.33
CA ASN A 29 -1.98 4.86 7.53
C ASN A 29 -0.53 5.06 7.78
N THR A 30 -0.09 4.67 8.95
CA THR A 30 1.26 4.90 9.34
C THR A 30 2.17 3.85 8.77
N LEU A 31 1.74 2.60 8.89
CA LEU A 31 2.51 1.50 8.39
C LEU A 31 2.46 1.57 6.89
N TYR A 32 1.33 2.06 6.44
CA TYR A 32 1.07 2.32 5.04
C TYR A 32 2.00 3.38 4.51
N ASP A 33 2.13 4.46 5.29
CA ASP A 33 3.01 5.55 4.96
C ASP A 33 4.44 5.06 4.98
N ALA A 34 4.60 4.00 5.75
CA ALA A 34 5.87 3.42 6.02
C ALA A 34 6.37 2.58 4.86
N PHE A 35 5.43 1.96 4.15
CA PHE A 35 5.76 1.18 2.96
C PHE A 35 6.41 2.10 1.97
N TYR A 36 6.10 3.35 2.11
CA TYR A 36 6.64 4.35 1.24
C TYR A 36 7.86 4.97 1.83
N THR A 37 8.92 4.81 1.10
CA THR A 37 10.24 5.27 1.53
C THR A 37 10.28 6.79 1.71
N ASN A 38 9.44 7.49 0.97
CA ASN A 38 9.61 8.93 0.80
C ASN A 38 8.40 9.71 1.30
N SER A 39 7.39 8.98 1.78
CA SER A 39 6.08 9.55 2.19
C SER A 39 5.39 10.38 1.09
N ASN A 40 6.11 10.68 0.01
CA ASN A 40 5.49 11.16 -1.22
C ASN A 40 4.75 9.99 -1.85
N LYS A 41 5.08 8.81 -1.30
CA LYS A 41 4.44 7.57 -1.66
C LYS A 41 4.59 7.32 -3.14
N THR A 42 5.79 7.63 -3.58
CA THR A 42 6.22 7.46 -4.94
C THR A 42 7.29 6.39 -5.00
N ALA A 43 7.54 5.80 -3.84
CA ALA A 43 8.62 4.87 -3.63
C ALA A 43 8.32 4.00 -2.43
N LEU A 44 8.71 2.75 -2.50
CA LEU A 44 8.34 1.76 -1.49
C LEU A 44 9.51 0.99 -0.90
N LYS A 45 9.38 0.76 0.39
CA LYS A 45 10.34 0.01 1.15
C LYS A 45 9.97 -1.44 1.17
N ASN A 46 10.93 -2.24 0.87
CA ASN A 46 10.68 -3.66 0.67
C ASN A 46 10.53 -4.39 2.00
N SER A 47 11.12 -3.80 3.03
CA SER A 47 11.02 -4.35 4.38
C SER A 47 9.58 -4.26 4.89
N GLN A 48 8.86 -3.24 4.43
CA GLN A 48 7.49 -3.02 4.78
C GLN A 48 6.58 -4.08 4.19
N PHE A 49 7.01 -4.70 3.09
CA PHE A 49 6.20 -5.68 2.39
C PHE A 49 5.79 -6.84 3.30
N ASP A 50 6.52 -7.02 4.39
CA ASP A 50 6.26 -8.11 5.31
C ASP A 50 5.07 -7.76 6.19
N LYS A 51 4.82 -6.47 6.25
CA LYS A 51 3.70 -5.91 6.98
C LYS A 51 2.56 -5.60 6.04
N LEU A 52 2.65 -6.03 4.79
CA LEU A 52 1.56 -5.79 3.87
C LEU A 52 0.31 -6.56 4.28
N SER A 53 0.50 -7.78 4.75
CA SER A 53 -0.59 -8.54 5.33
C SER A 53 -1.02 -7.87 6.63
N GLN A 54 -0.12 -7.09 7.20
CA GLN A 54 -0.38 -6.31 8.38
C GLN A 54 -1.15 -5.04 8.01
N LEU A 55 -0.79 -4.46 6.87
CA LEU A 55 -1.48 -3.32 6.31
C LEU A 55 -2.86 -3.76 5.90
N LYS A 56 -2.96 -5.04 5.58
CA LYS A 56 -4.25 -5.65 5.30
C LYS A 56 -4.95 -5.91 6.60
N THR A 57 -4.16 -6.13 7.61
CA THR A 57 -4.66 -6.35 8.94
C THR A 57 -5.22 -5.07 9.51
N LEU A 58 -4.54 -3.98 9.21
CA LEU A 58 -4.94 -2.67 9.60
C LEU A 58 -6.14 -2.22 8.80
N LEU A 59 -6.11 -2.51 7.52
CA LEU A 59 -7.28 -2.33 6.68
C LEU A 59 -8.40 -3.24 7.17
N ASP A 60 -8.02 -4.40 7.64
CA ASP A 60 -8.92 -5.34 8.30
C ASP A 60 -9.44 -4.72 9.58
N LYS A 61 -8.69 -3.76 10.09
CA LYS A 61 -9.10 -3.00 11.24
C LYS A 61 -10.05 -1.92 10.81
N LEU A 62 -9.97 -1.60 9.55
CA LEU A 62 -10.83 -0.60 8.95
C LEU A 62 -12.09 -1.28 8.50
N GLU A 63 -11.94 -2.57 8.31
CA GLU A 63 -13.03 -3.42 7.94
C GLU A 63 -14.26 -3.17 8.79
N GLY A 64 -15.37 -2.97 8.12
CA GLY A 64 -16.60 -2.68 8.81
C GLY A 64 -16.77 -1.20 9.04
N SER A 65 -15.73 -0.44 8.76
CA SER A 65 -15.78 1.01 8.91
C SER A 65 -15.82 1.65 7.52
N ARG A 66 -16.10 2.94 7.47
CA ARG A 66 -16.12 3.65 6.20
C ARG A 66 -14.71 3.93 5.70
N GLU A 67 -13.80 4.06 6.65
CA GLU A 67 -12.41 4.30 6.38
C GLU A 67 -11.85 3.20 5.55
N HIS A 68 -12.35 2.04 5.84
CA HIS A 68 -12.04 0.83 5.11
C HIS A 68 -12.00 1.04 3.63
N THR A 69 -12.96 1.74 3.12
CA THR A 69 -13.05 2.02 1.71
C THR A 69 -11.81 2.71 1.22
N LEU A 70 -11.55 3.77 1.92
CA LEU A 70 -10.50 4.70 1.63
C LEU A 70 -9.22 3.99 1.80
N ALA A 71 -9.21 3.29 2.86
CA ALA A 71 -8.04 2.63 3.33
C ALA A 71 -7.83 1.33 2.60
N LYS A 72 -8.87 0.78 2.02
CA LYS A 72 -8.75 -0.34 1.16
C LYS A 72 -8.22 0.18 -0.11
N SER A 73 -8.66 1.37 -0.41
CA SER A 73 -8.20 2.03 -1.61
C SER A 73 -6.77 2.54 -1.40
N LYS A 74 -6.36 2.62 -0.14
CA LYS A 74 -4.98 2.88 0.20
C LYS A 74 -4.22 1.61 0.22
N TYR A 75 -4.74 0.71 1.01
CA TYR A 75 -4.18 -0.58 1.20
C TYR A 75 -3.94 -1.27 -0.13
N ASP A 76 -5.01 -1.40 -0.91
CA ASP A 76 -5.01 -2.22 -2.09
C ASP A 76 -4.08 -1.59 -3.09
N SER A 77 -3.99 -0.30 -2.95
CA SER A 77 -3.15 0.55 -3.76
C SER A 77 -1.71 0.25 -3.42
N LEU A 78 -1.44 0.38 -2.15
CA LEU A 78 -0.13 0.24 -1.58
C LEU A 78 0.34 -1.19 -1.76
N ALA A 79 -0.62 -2.07 -1.61
CA ALA A 79 -0.42 -3.49 -1.72
C ALA A 79 -0.06 -3.84 -3.13
N THR A 80 -0.60 -3.09 -4.05
CA THR A 80 -0.31 -3.29 -5.45
C THR A 80 1.06 -2.75 -5.78
N GLN A 81 1.41 -1.62 -5.18
CA GLN A 81 2.63 -0.97 -5.44
C GLN A 81 3.74 -1.80 -4.95
N ILE A 82 3.52 -2.40 -3.82
CA ILE A 82 4.50 -3.31 -3.35
C ILE A 82 4.41 -4.59 -4.15
N LYS A 83 3.20 -5.16 -4.31
CA LYS A 83 3.01 -6.39 -5.09
C LYS A 83 3.61 -6.32 -6.46
N ALA A 84 3.60 -5.14 -7.00
CA ALA A 84 4.22 -4.84 -8.24
C ALA A 84 5.69 -4.96 -8.12
N ILE A 85 6.18 -4.34 -7.08
CA ILE A 85 7.56 -4.38 -6.79
C ILE A 85 7.95 -5.79 -6.60
N GLN A 86 7.11 -6.49 -5.87
CA GLN A 86 7.31 -7.86 -5.59
C GLN A 86 7.34 -8.58 -6.88
N ASP A 87 6.33 -8.34 -7.69
CA ASP A 87 6.18 -9.01 -8.98
C ASP A 87 7.46 -8.98 -9.73
N VAL A 88 7.94 -7.78 -9.93
CA VAL A 88 9.09 -7.60 -10.76
C VAL A 88 10.37 -8.01 -10.01
N ASN A 89 10.46 -7.65 -8.71
CA ASN A 89 11.55 -8.09 -7.84
C ASN A 89 11.59 -9.60 -7.78
N ALA A 90 10.42 -10.16 -7.97
CA ALA A 90 10.20 -11.58 -7.89
C ALA A 90 10.77 -12.25 -9.11
N GLN A 91 11.07 -11.42 -10.08
CA GLN A 91 11.62 -11.87 -11.32
C GLN A 91 13.12 -11.87 -11.23
N PHE A 92 13.65 -11.15 -10.27
CA PHE A 92 15.09 -11.13 -10.03
C PHE A 92 15.47 -12.04 -8.91
N GLU A 93 16.73 -12.44 -8.95
CA GLU A 93 17.32 -13.26 -7.93
C GLU A 93 17.29 -12.50 -6.60
N LYS A 94 17.26 -11.19 -6.73
CA LYS A 94 17.04 -10.30 -5.60
C LYS A 94 16.27 -9.09 -6.07
N PRO A 95 15.42 -8.58 -5.20
CA PRO A 95 14.51 -7.48 -5.49
C PRO A 95 15.17 -6.35 -6.19
N ALA A 96 14.54 -5.83 -7.22
CA ALA A 96 15.11 -4.68 -7.80
C ALA A 96 14.10 -3.58 -7.94
N ILE A 97 13.47 -3.31 -6.83
CA ILE A 97 12.95 -2.05 -6.45
C ILE A 97 13.07 -2.04 -4.98
N VAL A 98 14.05 -1.44 -4.45
CA VAL A 98 14.24 -1.49 -3.03
C VAL A 98 14.51 -0.11 -2.49
N ASP A 99 13.58 0.34 -1.67
CA ASP A 99 13.57 1.72 -1.17
C ASP A 99 13.11 2.66 -2.29
N GLY A 100 12.16 2.18 -3.09
CA GLY A 100 11.64 2.97 -4.19
C GLY A 100 12.59 3.11 -5.33
N VAL A 101 13.74 2.49 -5.20
CA VAL A 101 14.74 2.55 -6.23
C VAL A 101 15.19 1.17 -6.59
N LEU A 102 15.32 0.99 -7.85
CA LEU A 102 15.65 -0.26 -8.44
C LEU A 102 17.06 -0.68 -8.09
N ASP A 103 17.24 -1.97 -8.06
CA ASP A 103 18.53 -2.57 -7.82
C ASP A 103 19.05 -3.04 -9.14
N THR A 104 19.82 -2.22 -9.77
CA THR A 104 20.37 -2.51 -11.08
C THR A 104 21.38 -3.63 -10.97
N ASN A 105 21.70 -3.91 -9.73
CA ASN A 105 22.65 -4.95 -9.40
C ASN A 105 21.91 -6.27 -9.30
N ALA A 106 20.63 -6.17 -9.49
CA ALA A 106 19.75 -7.34 -9.42
C ALA A 106 19.92 -8.22 -10.63
N LYS A 107 19.22 -9.33 -10.57
CA LYS A 107 19.41 -10.39 -11.50
C LYS A 107 18.10 -10.94 -11.97
N ALA A 108 17.64 -10.48 -13.12
CA ALA A 108 16.38 -10.94 -13.64
C ALA A 108 16.49 -12.43 -13.94
N LYS A 109 15.94 -13.22 -13.01
CA LYS A 109 15.98 -14.67 -13.03
C LYS A 109 15.61 -15.29 -14.38
N SER A 110 15.90 -16.57 -14.50
CA SER A 110 15.51 -17.36 -15.66
C SER A 110 14.01 -17.60 -15.65
N ASP A 111 13.38 -17.06 -14.64
CA ASP A 111 11.97 -17.25 -14.43
C ASP A 111 11.27 -15.90 -14.54
N ALA A 112 12.08 -14.83 -14.48
CA ALA A 112 11.59 -13.48 -14.65
C ALA A 112 10.70 -13.34 -15.87
N LYS A 113 9.48 -13.01 -15.55
CA LYS A 113 8.44 -12.79 -16.52
C LYS A 113 7.69 -11.53 -16.10
N PHE A 114 7.98 -10.46 -16.77
CA PHE A 114 7.54 -9.16 -16.33
C PHE A 114 6.19 -8.76 -16.85
N THR A 115 5.58 -7.89 -16.07
CA THR A 115 4.32 -7.28 -16.37
C THR A 115 4.49 -5.78 -16.25
N ASP A 116 3.98 -5.08 -17.23
CA ASP A 116 4.03 -3.63 -17.25
C ASP A 116 3.06 -3.09 -16.23
N ILE A 117 3.43 -3.33 -14.99
CA ILE A 117 2.57 -3.07 -13.86
C ILE A 117 2.42 -1.60 -13.59
N LYS A 118 1.18 -1.17 -13.64
CA LYS A 118 0.83 0.13 -13.16
C LYS A 118 0.03 0.03 -11.90
N THR A 119 0.71 0.38 -10.86
CA THR A 119 0.13 0.45 -9.55
C THR A 119 -0.69 1.70 -9.47
N GLY A 120 -0.39 2.62 -10.36
CA GLY A 120 -0.94 3.93 -10.25
C GLY A 120 0.05 4.89 -9.63
N ASN A 121 1.08 4.34 -9.00
CA ASN A 121 2.15 5.15 -8.43
C ASN A 121 3.23 5.34 -9.46
N THR A 122 3.09 6.37 -10.28
CA THR A 122 3.91 6.56 -11.46
C THR A 122 5.38 6.34 -11.21
N GLU A 123 5.97 7.10 -10.30
CA GLU A 123 7.39 6.98 -10.02
C GLU A 123 7.74 5.56 -9.68
N LEU A 124 6.83 4.89 -8.99
CA LEU A 124 7.00 3.49 -8.68
C LEU A 124 6.87 2.69 -9.94
N ASP A 125 5.86 3.01 -10.71
CA ASP A 125 5.58 2.37 -11.96
C ASP A 125 6.79 2.47 -12.86
N LYS A 126 7.51 3.57 -12.69
CA LYS A 126 8.75 3.80 -13.38
C LYS A 126 9.91 3.04 -12.74
N VAL A 127 9.80 2.69 -11.48
CA VAL A 127 10.86 1.96 -10.83
C VAL A 127 10.62 0.47 -10.98
N LEU A 128 9.34 0.14 -11.07
CA LEU A 128 8.91 -1.20 -11.39
C LEU A 128 9.57 -1.56 -12.69
N ASP A 129 9.42 -0.60 -13.58
CA ASP A 129 9.92 -0.63 -14.94
C ASP A 129 11.41 -0.76 -14.98
N LYS A 130 12.01 0.04 -14.13
CA LYS A 130 13.43 0.09 -13.92
C LYS A 130 13.97 -1.30 -13.79
N ALA A 131 13.25 -2.07 -13.03
CA ALA A 131 13.63 -3.44 -12.78
C ALA A 131 13.46 -4.25 -14.04
N ILE A 132 12.29 -4.15 -14.61
CA ILE A 132 12.01 -4.80 -15.87
C ILE A 132 13.03 -4.44 -16.93
N SER A 133 13.69 -3.32 -16.71
CA SER A 133 14.68 -2.87 -17.64
C SER A 133 15.98 -3.63 -17.42
N LEU A 134 16.08 -4.24 -16.26
CA LEU A 134 17.14 -5.18 -15.94
C LEU A 134 16.80 -6.54 -16.56
N GLY A 135 15.50 -6.78 -16.72
CA GLY A 135 15.05 -8.03 -17.32
C GLY A 135 15.38 -8.11 -18.80
N GLY A 1 -50.64 10.22 9.99
CA GLY A 1 -51.46 9.18 10.68
C GLY A 1 -52.84 9.05 10.07
N HIS A 2 -53.69 10.02 10.34
CA HIS A 2 -55.09 10.00 9.89
C HIS A 2 -55.19 9.94 8.36
N MET A 3 -54.49 10.83 7.67
CA MET A 3 -54.57 10.87 6.22
C MET A 3 -53.74 9.74 5.60
N GLN A 4 -52.49 9.64 6.04
CA GLN A 4 -51.60 8.59 5.55
C GLN A 4 -50.71 8.10 6.67
N VAL A 5 -50.28 6.86 6.57
CA VAL A 5 -49.42 6.26 7.58
C VAL A 5 -48.07 5.90 6.96
N ALA A 6 -47.27 6.92 6.71
CA ALA A 6 -45.97 6.74 6.08
C ALA A 6 -44.85 6.72 7.11
N ARG A 7 -45.16 7.13 8.33
CA ARG A 7 -44.16 7.19 9.40
C ARG A 7 -43.85 5.81 9.97
N SER A 8 -44.59 4.80 9.49
CA SER A 8 -44.47 3.43 9.99
C SER A 8 -43.02 2.94 10.01
N THR A 9 -42.34 3.05 8.88
CA THR A 9 -40.96 2.60 8.79
C THR A 9 -40.00 3.80 8.79
N LYS A 10 -40.47 4.93 9.29
CA LYS A 10 -39.63 6.11 9.39
C LYS A 10 -39.18 6.31 10.83
N GLU A 11 -38.41 5.35 11.32
CA GLU A 11 -37.91 5.41 12.68
C GLU A 11 -36.41 5.58 12.67
N ILE A 12 -35.92 6.58 13.38
CA ILE A 12 -34.50 6.77 13.55
C ILE A 12 -33.92 5.61 14.36
N GLU A 13 -33.10 4.81 13.70
CA GLU A 13 -32.47 3.68 14.35
C GLU A 13 -30.97 3.80 14.27
N THR A 14 -30.47 3.93 13.05
CA THR A 14 -29.05 4.09 12.81
C THR A 14 -28.77 5.45 12.18
N SER A 15 -27.90 6.22 12.80
CA SER A 15 -27.54 7.53 12.30
C SER A 15 -26.04 7.57 12.00
N GLN A 16 -25.70 7.98 10.78
CA GLN A 16 -24.31 8.02 10.31
C GLN A 16 -23.76 6.60 10.13
N SER A 17 -23.20 6.34 8.96
CA SER A 17 -22.62 5.04 8.67
C SER A 17 -21.33 4.83 9.49
N THR A 18 -20.87 3.60 9.50
CA THR A 18 -19.69 3.20 10.27
C THR A 18 -18.48 4.08 10.02
N THR A 19 -17.64 4.21 11.04
CA THR A 19 -16.40 4.93 10.91
C THR A 19 -15.31 4.20 11.69
N ALA A 20 -14.09 4.30 11.19
CA ALA A 20 -12.97 3.59 11.75
C ALA A 20 -12.45 4.21 13.01
N ASN A 21 -11.39 3.64 13.49
CA ASN A 21 -10.76 4.01 14.73
C ASN A 21 -9.35 4.40 14.42
N GLN A 22 -8.77 5.30 15.18
CA GLN A 22 -7.41 5.74 14.90
C GLN A 22 -6.41 4.69 15.32
N SER A 23 -6.86 3.71 16.06
CA SER A 23 -6.05 2.56 16.36
C SER A 23 -6.12 1.61 15.18
N ASP A 24 -7.07 1.89 14.32
CA ASP A 24 -7.28 1.15 13.10
C ASP A 24 -6.63 1.88 11.96
N VAL A 25 -6.82 3.18 11.96
CA VAL A 25 -6.51 4.01 10.83
C VAL A 25 -5.08 4.52 10.87
N ASP A 26 -4.73 5.17 11.95
CA ASP A 26 -3.42 5.81 12.07
C ASP A 26 -2.30 4.82 11.82
N ASP A 27 -2.34 3.67 12.49
CA ASP A 27 -1.33 2.63 12.31
C ASP A 27 -1.35 2.11 10.90
N PHE A 28 -2.57 1.92 10.39
CA PHE A 28 -2.76 1.52 9.02
C PHE A 28 -1.99 2.47 8.14
N ASN A 29 -2.41 3.71 8.23
CA ASN A 29 -1.89 4.79 7.42
C ASN A 29 -0.42 5.02 7.67
N THR A 30 -0.02 4.71 8.88
CA THR A 30 1.33 4.93 9.27
C THR A 30 2.25 3.92 8.65
N LEU A 31 1.87 2.66 8.74
CA LEU A 31 2.67 1.61 8.18
C LEU A 31 2.58 1.74 6.68
N TYR A 32 1.41 2.12 6.28
CA TYR A 32 1.10 2.38 4.90
C TYR A 32 2.04 3.45 4.36
N ASP A 33 2.17 4.52 5.12
CA ASP A 33 3.07 5.61 4.78
C ASP A 33 4.49 5.12 4.86
N ALA A 34 4.63 4.13 5.70
CA ALA A 34 5.90 3.54 6.01
C ALA A 34 6.39 2.65 4.88
N PHE A 35 5.44 2.01 4.20
CA PHE A 35 5.75 1.20 3.04
C PHE A 35 6.38 2.07 2.01
N TYR A 36 6.05 3.33 2.12
CA TYR A 36 6.62 4.31 1.26
C TYR A 36 7.86 4.86 1.91
N THR A 37 8.91 4.82 1.15
CA THR A 37 10.22 5.28 1.59
C THR A 37 10.16 6.76 1.96
N ASN A 38 9.22 7.46 1.34
CA ASN A 38 9.03 8.87 1.58
C ASN A 38 7.55 9.19 1.44
N SER A 39 7.10 10.25 2.09
CA SER A 39 5.67 10.55 2.17
C SER A 39 5.10 11.06 0.86
N ASN A 40 5.92 11.21 -0.16
CA ASN A 40 5.41 11.49 -1.49
C ASN A 40 4.80 10.22 -2.07
N LYS A 41 5.15 9.10 -1.41
CA LYS A 41 4.61 7.79 -1.72
C LYS A 41 4.82 7.46 -3.18
N THR A 42 6.03 7.78 -3.60
CA THR A 42 6.50 7.58 -4.94
C THR A 42 7.44 6.38 -4.98
N ALA A 43 7.64 5.81 -3.81
CA ALA A 43 8.67 4.83 -3.59
C ALA A 43 8.34 4.00 -2.38
N LEU A 44 8.73 2.74 -2.42
CA LEU A 44 8.35 1.81 -1.40
C LEU A 44 9.53 1.05 -0.79
N LYS A 45 9.44 0.91 0.51
CA LYS A 45 10.41 0.22 1.30
C LYS A 45 10.07 -1.23 1.36
N ASN A 46 11.07 -2.02 1.10
CA ASN A 46 10.86 -3.45 0.93
C ASN A 46 10.70 -4.17 2.26
N SER A 47 11.21 -3.54 3.32
CA SER A 47 11.09 -4.09 4.67
C SER A 47 9.65 -4.06 5.13
N GLN A 48 8.89 -3.09 4.61
CA GLN A 48 7.51 -2.91 4.97
C GLN A 48 6.63 -3.96 4.32
N PHE A 49 7.07 -4.51 3.21
CA PHE A 49 6.30 -5.48 2.46
C PHE A 49 5.86 -6.66 3.33
N ASP A 50 6.65 -6.94 4.36
CA ASP A 50 6.37 -8.04 5.27
C ASP A 50 5.10 -7.74 6.06
N LYS A 51 4.79 -6.46 6.13
CA LYS A 51 3.62 -5.95 6.82
C LYS A 51 2.49 -5.68 5.85
N LEU A 52 2.63 -6.08 4.61
CA LEU A 52 1.55 -5.84 3.66
C LEU A 52 0.30 -6.61 4.06
N SER A 53 0.47 -7.82 4.58
CA SER A 53 -0.66 -8.57 5.11
C SER A 53 -1.08 -7.95 6.45
N GLN A 54 -0.19 -7.16 7.01
CA GLN A 54 -0.43 -6.37 8.19
C GLN A 54 -1.22 -5.13 7.84
N LEU A 55 -0.82 -4.51 6.76
CA LEU A 55 -1.49 -3.37 6.18
C LEU A 55 -2.86 -3.81 5.73
N LYS A 56 -2.95 -5.10 5.45
CA LYS A 56 -4.23 -5.72 5.16
C LYS A 56 -4.95 -5.96 6.47
N THR A 57 -4.19 -6.19 7.50
CA THR A 57 -4.70 -6.43 8.81
C THR A 57 -5.22 -5.13 9.40
N LEU A 58 -4.50 -4.05 9.15
CA LEU A 58 -4.89 -2.75 9.56
C LEU A 58 -6.08 -2.28 8.77
N LEU A 59 -6.09 -2.59 7.49
CA LEU A 59 -7.27 -2.39 6.66
C LEU A 59 -8.39 -3.29 7.15
N ASP A 60 -8.02 -4.47 7.60
CA ASP A 60 -8.94 -5.40 8.24
C ASP A 60 -9.45 -4.79 9.53
N LYS A 61 -8.67 -3.86 10.04
CA LYS A 61 -9.06 -3.11 11.21
C LYS A 61 -9.94 -1.95 10.82
N LEU A 62 -9.91 -1.65 9.54
CA LEU A 62 -10.76 -0.63 8.97
C LEU A 62 -12.03 -1.28 8.53
N GLU A 63 -11.91 -2.57 8.32
CA GLU A 63 -13.02 -3.42 7.97
C GLU A 63 -14.22 -3.17 8.86
N GLY A 64 -15.36 -2.98 8.23
CA GLY A 64 -16.56 -2.70 8.98
C GLY A 64 -16.75 -1.22 9.20
N SER A 65 -15.71 -0.45 8.89
CA SER A 65 -15.77 1.00 9.03
C SER A 65 -15.76 1.63 7.64
N ARG A 66 -16.00 2.93 7.56
CA ARG A 66 -16.02 3.62 6.27
C ARG A 66 -14.60 3.85 5.78
N GLU A 67 -13.70 4.00 6.72
CA GLU A 67 -12.29 4.22 6.44
C GLU A 67 -11.76 3.12 5.59
N HIS A 68 -12.25 1.94 5.89
CA HIS A 68 -11.97 0.74 5.15
C HIS A 68 -11.95 0.97 3.67
N THR A 69 -12.92 1.65 3.19
CA THR A 69 -13.04 1.94 1.76
C THR A 69 -11.81 2.65 1.25
N LEU A 70 -11.54 3.70 1.95
CA LEU A 70 -10.51 4.64 1.66
C LEU A 70 -9.22 3.94 1.79
N ALA A 71 -9.19 3.21 2.84
CA ALA A 71 -8.02 2.56 3.28
C ALA A 71 -7.82 1.25 2.54
N LYS A 72 -8.87 0.72 1.97
CA LYS A 72 -8.78 -0.41 1.10
C LYS A 72 -8.26 0.08 -0.18
N SER A 73 -8.67 1.30 -0.47
CA SER A 73 -8.20 1.93 -1.66
C SER A 73 -6.78 2.43 -1.45
N LYS A 74 -6.37 2.56 -0.20
CA LYS A 74 -5.00 2.85 0.14
C LYS A 74 -4.23 1.57 0.18
N TYR A 75 -4.74 0.68 0.97
CA TYR A 75 -4.19 -0.62 1.16
C TYR A 75 -3.93 -1.29 -0.17
N ASP A 76 -4.98 -1.40 -0.97
CA ASP A 76 -4.94 -2.20 -2.18
C ASP A 76 -3.95 -1.58 -3.10
N SER A 77 -3.93 -0.27 -3.00
CA SER A 77 -3.08 0.58 -3.77
C SER A 77 -1.64 0.29 -3.41
N LEU A 78 -1.39 0.40 -2.14
CA LEU A 78 -0.10 0.28 -1.54
C LEU A 78 0.37 -1.16 -1.71
N ALA A 79 -0.58 -2.04 -1.59
CA ALA A 79 -0.39 -3.46 -1.72
C ALA A 79 0.00 -3.80 -3.11
N THR A 80 -0.58 -3.11 -4.04
CA THR A 80 -0.28 -3.31 -5.43
C THR A 80 1.09 -2.76 -5.76
N GLN A 81 1.43 -1.63 -5.16
CA GLN A 81 2.65 -0.97 -5.42
C GLN A 81 3.77 -1.79 -4.92
N ILE A 82 3.57 -2.38 -3.78
CA ILE A 82 4.55 -3.27 -3.31
C ILE A 82 4.46 -4.58 -4.08
N LYS A 83 3.25 -5.14 -4.25
CA LYS A 83 3.05 -6.38 -4.99
C LYS A 83 3.63 -6.32 -6.38
N ALA A 84 3.60 -5.15 -6.94
CA ALA A 84 4.21 -4.86 -8.19
C ALA A 84 5.69 -4.96 -8.07
N ILE A 85 6.18 -4.33 -7.04
CA ILE A 85 7.56 -4.36 -6.77
C ILE A 85 7.96 -5.77 -6.58
N GLN A 86 7.14 -6.46 -5.82
CA GLN A 86 7.34 -7.82 -5.52
C GLN A 86 7.36 -8.57 -6.79
N ASP A 87 6.34 -8.33 -7.61
CA ASP A 87 6.19 -9.01 -8.89
C ASP A 87 7.45 -8.95 -9.67
N VAL A 88 7.91 -7.76 -9.89
CA VAL A 88 9.03 -7.58 -10.75
C VAL A 88 10.33 -7.97 -10.02
N ASN A 89 10.44 -7.63 -8.74
CA ASN A 89 11.53 -8.08 -7.88
C ASN A 89 11.58 -9.57 -7.84
N ALA A 90 10.40 -10.13 -7.99
CA ALA A 90 10.17 -11.56 -7.91
C ALA A 90 10.72 -12.23 -9.14
N GLN A 91 11.02 -11.40 -10.11
CA GLN A 91 11.56 -11.84 -11.35
C GLN A 91 13.06 -11.85 -11.26
N PHE A 92 13.60 -11.16 -10.29
CA PHE A 92 15.03 -11.18 -10.03
C PHE A 92 15.38 -12.12 -8.91
N GLU A 93 16.63 -12.53 -8.94
CA GLU A 93 17.18 -13.38 -7.93
C GLU A 93 17.13 -12.66 -6.60
N LYS A 94 17.16 -11.33 -6.68
CA LYS A 94 16.99 -10.46 -5.53
C LYS A 94 16.26 -9.23 -6.01
N PRO A 95 15.40 -8.70 -5.16
CA PRO A 95 14.51 -7.58 -5.48
C PRO A 95 15.20 -6.45 -6.16
N ALA A 96 14.55 -5.88 -7.16
CA ALA A 96 15.13 -4.72 -7.71
C ALA A 96 14.12 -3.61 -7.83
N ILE A 97 13.48 -3.33 -6.72
CA ILE A 97 12.96 -2.06 -6.35
C ILE A 97 13.05 -2.03 -4.87
N VAL A 98 14.04 -1.43 -4.35
CA VAL A 98 14.21 -1.47 -2.92
C VAL A 98 14.50 -0.09 -2.41
N ASP A 99 13.57 0.40 -1.60
CA ASP A 99 13.57 1.78 -1.16
C ASP A 99 13.10 2.67 -2.30
N GLY A 100 12.13 2.15 -3.06
CA GLY A 100 11.59 2.88 -4.18
C GLY A 100 12.57 3.06 -5.30
N VAL A 101 13.72 2.45 -5.16
CA VAL A 101 14.72 2.53 -6.18
C VAL A 101 15.19 1.15 -6.53
N LEU A 102 15.32 0.97 -7.80
CA LEU A 102 15.67 -0.28 -8.39
C LEU A 102 17.09 -0.68 -8.05
N ASP A 103 17.28 -1.98 -8.02
CA ASP A 103 18.58 -2.58 -7.81
C ASP A 103 19.06 -3.08 -9.13
N THR A 104 19.82 -2.27 -9.81
CA THR A 104 20.33 -2.61 -11.13
C THR A 104 21.31 -3.75 -11.03
N ASN A 105 21.68 -3.98 -9.80
CA ASN A 105 22.61 -5.01 -9.44
C ASN A 105 21.89 -6.33 -9.32
N ALA A 106 20.59 -6.23 -9.47
CA ALA A 106 19.71 -7.39 -9.37
C ALA A 106 19.87 -8.30 -10.56
N LYS A 107 19.16 -9.38 -10.50
CA LYS A 107 19.34 -10.47 -11.42
C LYS A 107 18.03 -11.00 -11.92
N ALA A 108 17.60 -10.52 -13.06
CA ALA A 108 16.34 -10.96 -13.60
C ALA A 108 16.43 -12.45 -13.92
N LYS A 109 15.88 -13.25 -13.01
CA LYS A 109 15.88 -14.70 -13.09
C LYS A 109 15.52 -15.25 -14.47
N SER A 110 15.85 -16.51 -14.68
CA SER A 110 15.47 -17.22 -15.90
C SER A 110 13.97 -17.47 -15.91
N ASP A 111 13.33 -17.01 -14.87
CA ASP A 111 11.93 -17.22 -14.64
C ASP A 111 11.22 -15.89 -14.70
N ALA A 112 12.00 -14.81 -14.56
CA ALA A 112 11.50 -13.46 -14.70
C ALA A 112 10.60 -13.30 -15.90
N LYS A 113 9.41 -12.93 -15.58
CA LYS A 113 8.34 -12.70 -16.51
C LYS A 113 7.61 -11.42 -16.10
N PHE A 114 7.93 -10.35 -16.77
CA PHE A 114 7.50 -9.04 -16.34
C PHE A 114 6.16 -8.62 -16.89
N THR A 115 5.56 -7.72 -16.15
CA THR A 115 4.30 -7.11 -16.48
C THR A 115 4.43 -5.62 -16.34
N ASP A 116 3.90 -4.91 -17.31
CA ASP A 116 3.80 -3.47 -17.26
C ASP A 116 2.83 -3.09 -16.17
N ILE A 117 3.30 -3.26 -14.97
CA ILE A 117 2.50 -3.04 -13.81
C ILE A 117 2.34 -1.59 -13.51
N LYS A 118 1.11 -1.15 -13.63
CA LYS A 118 0.76 0.16 -13.15
C LYS A 118 -0.04 0.07 -11.90
N THR A 119 0.65 0.33 -10.85
CA THR A 119 0.10 0.41 -9.54
C THR A 119 -0.75 1.64 -9.44
N GLY A 120 -0.51 2.54 -10.37
CA GLY A 120 -1.07 3.85 -10.24
C GLY A 120 -0.07 4.82 -9.65
N ASN A 121 0.94 4.26 -8.99
CA ASN A 121 2.06 5.03 -8.51
C ASN A 121 3.07 5.12 -9.63
N THR A 122 2.95 6.15 -10.45
CA THR A 122 3.80 6.33 -11.62
C THR A 122 5.26 6.19 -11.32
N GLU A 123 5.72 6.96 -10.37
CA GLU A 123 7.09 6.98 -9.95
C GLU A 123 7.56 5.60 -9.61
N LEU A 124 6.68 4.87 -8.98
CA LEU A 124 6.93 3.50 -8.65
C LEU A 124 6.88 2.68 -9.91
N ASP A 125 5.88 2.95 -10.72
CA ASP A 125 5.66 2.26 -11.97
C ASP A 125 6.89 2.42 -12.84
N LYS A 126 7.55 3.56 -12.65
CA LYS A 126 8.79 3.84 -13.32
C LYS A 126 9.96 3.11 -12.70
N VAL A 127 9.83 2.70 -11.45
CA VAL A 127 10.88 1.98 -10.80
C VAL A 127 10.63 0.50 -10.95
N LEU A 128 9.36 0.17 -11.04
CA LEU A 128 8.92 -1.18 -11.37
C LEU A 128 9.58 -1.53 -12.68
N ASP A 129 9.43 -0.55 -13.55
CA ASP A 129 9.93 -0.57 -14.91
C ASP A 129 11.42 -0.74 -14.94
N LYS A 130 12.03 0.05 -14.09
CA LYS A 130 13.44 0.09 -13.88
C LYS A 130 13.98 -1.31 -13.74
N ALA A 131 13.24 -2.08 -12.99
CA ALA A 131 13.61 -3.45 -12.75
C ALA A 131 13.43 -4.26 -14.01
N ILE A 132 12.27 -4.12 -14.59
CA ILE A 132 11.96 -4.76 -15.86
C ILE A 132 13.00 -4.41 -16.90
N SER A 133 13.68 -3.31 -16.68
CA SER A 133 14.67 -2.87 -17.61
C SER A 133 15.98 -3.64 -17.37
N LEU A 134 16.05 -4.27 -16.21
CA LEU A 134 17.09 -5.24 -15.90
C LEU A 134 16.71 -6.59 -16.48
N GLY A 135 15.40 -6.80 -16.62
CA GLY A 135 14.89 -8.03 -17.18
C GLY A 135 14.94 -8.04 -18.69
N GLY A 1 -35.32 31.73 24.21
CA GLY A 1 -34.63 30.69 25.02
C GLY A 1 -34.13 29.55 24.17
N HIS A 2 -33.61 28.51 24.82
CA HIS A 2 -33.13 27.33 24.10
C HIS A 2 -33.60 26.07 24.82
N MET A 3 -34.00 25.08 24.04
CA MET A 3 -34.44 23.81 24.60
C MET A 3 -33.38 22.74 24.36
N GLN A 4 -32.93 22.11 25.43
CA GLN A 4 -31.89 21.10 25.36
C GLN A 4 -32.48 19.70 25.42
N VAL A 5 -32.69 19.10 24.25
CA VAL A 5 -33.26 17.77 24.17
C VAL A 5 -32.17 16.74 23.89
N ALA A 6 -31.47 16.94 22.78
CA ALA A 6 -30.41 16.03 22.36
C ALA A 6 -29.52 16.71 21.33
N ARG A 7 -28.76 17.69 21.80
CA ARG A 7 -27.89 18.48 20.93
C ARG A 7 -26.90 17.58 20.21
N SER A 8 -26.33 16.62 20.94
CA SER A 8 -25.49 15.56 20.38
C SER A 8 -24.15 16.09 19.85
N THR A 9 -23.08 15.38 20.20
CA THR A 9 -21.74 15.75 19.78
C THR A 9 -21.53 15.38 18.31
N LYS A 10 -20.62 16.11 17.65
CA LYS A 10 -20.30 15.89 16.24
C LYS A 10 -21.42 16.44 15.34
N GLU A 11 -22.42 17.04 16.00
CA GLU A 11 -23.57 17.65 15.33
C GLU A 11 -24.49 16.60 14.70
N ILE A 12 -25.78 16.89 14.70
CA ILE A 12 -26.77 16.00 14.10
C ILE A 12 -26.87 16.25 12.61
N GLU A 13 -26.13 15.48 11.82
CA GLU A 13 -26.16 15.62 10.38
C GLU A 13 -26.35 14.27 9.71
N THR A 14 -25.29 13.49 9.65
CA THR A 14 -25.31 12.23 8.95
C THR A 14 -25.61 11.06 9.88
N SER A 15 -24.59 10.59 10.60
CA SER A 15 -24.69 9.43 11.46
C SER A 15 -25.21 8.23 10.65
N GLN A 16 -24.69 8.10 9.44
CA GLN A 16 -25.15 7.09 8.51
C GLN A 16 -24.52 5.73 8.82
N SER A 17 -23.21 5.67 8.82
CA SER A 17 -22.51 4.42 9.07
C SER A 17 -21.27 4.64 9.93
N THR A 18 -20.43 3.64 9.98
CA THR A 18 -19.17 3.70 10.71
C THR A 18 -18.19 4.67 10.09
N THR A 19 -17.08 4.90 10.78
CA THR A 19 -16.00 5.69 10.23
C THR A 19 -14.70 4.95 10.37
N ALA A 20 -14.23 4.88 11.60
CA ALA A 20 -13.02 4.16 11.93
C ALA A 20 -12.64 4.33 13.38
N ASN A 21 -11.47 3.79 13.67
CA ASN A 21 -10.84 3.92 14.95
C ASN A 21 -9.39 4.27 14.66
N GLN A 22 -8.75 5.02 15.52
CA GLN A 22 -7.38 5.42 15.24
C GLN A 22 -6.39 4.33 15.56
N SER A 23 -6.85 3.31 16.27
CA SER A 23 -6.05 2.14 16.47
C SER A 23 -6.20 1.26 15.24
N ASP A 24 -7.14 1.66 14.41
CA ASP A 24 -7.38 1.00 13.16
C ASP A 24 -6.70 1.77 12.05
N VAL A 25 -6.87 3.08 12.13
CA VAL A 25 -6.48 3.97 11.06
C VAL A 25 -5.03 4.41 11.15
N ASP A 26 -4.65 4.93 12.30
CA ASP A 26 -3.33 5.50 12.48
C ASP A 26 -2.25 4.51 12.10
N ASP A 27 -2.30 3.31 12.68
CA ASP A 27 -1.29 2.29 12.41
C ASP A 27 -1.38 1.84 10.98
N PHE A 28 -2.61 1.77 10.47
CA PHE A 28 -2.83 1.46 9.08
C PHE A 28 -2.05 2.44 8.26
N ASN A 29 -2.47 3.67 8.39
CA ASN A 29 -1.96 4.78 7.61
C ASN A 29 -0.48 4.97 7.86
N THR A 30 -0.05 4.57 9.02
CA THR A 30 1.30 4.78 9.40
C THR A 30 2.20 3.73 8.81
N LEU A 31 1.78 2.49 8.91
CA LEU A 31 2.53 1.39 8.39
C LEU A 31 2.49 1.50 6.89
N TYR A 32 1.36 2.01 6.44
CA TYR A 32 1.08 2.30 5.05
C TYR A 32 2.02 3.36 4.53
N ASP A 33 2.11 4.44 5.30
CA ASP A 33 2.99 5.55 4.97
C ASP A 33 4.42 5.07 5.00
N ALA A 34 4.58 4.02 5.77
CA ALA A 34 5.86 3.44 6.05
C ALA A 34 6.36 2.59 4.90
N PHE A 35 5.43 1.96 4.18
CA PHE A 35 5.79 1.18 3.00
C PHE A 35 6.41 2.09 1.99
N TYR A 36 6.10 3.34 2.14
CA TYR A 36 6.64 4.34 1.28
C TYR A 36 7.87 4.92 1.91
N THR A 37 8.92 4.87 1.14
CA THR A 37 10.21 5.37 1.56
C THR A 37 10.13 6.87 1.85
N ASN A 38 9.14 7.49 1.23
CA ASN A 38 8.92 8.92 1.32
C ASN A 38 7.42 9.18 1.39
N SER A 39 7.02 10.25 2.04
CA SER A 39 5.61 10.55 2.22
C SER A 39 4.98 11.04 0.93
N ASN A 40 5.80 11.17 -0.11
CA ASN A 40 5.29 11.43 -1.45
C ASN A 40 4.68 10.15 -1.99
N LYS A 41 5.05 9.04 -1.34
CA LYS A 41 4.50 7.73 -1.63
C LYS A 41 4.66 7.39 -3.09
N THR A 42 5.83 7.75 -3.57
CA THR A 42 6.23 7.54 -4.93
C THR A 42 7.29 6.45 -4.98
N ALA A 43 7.58 5.92 -3.81
CA ALA A 43 8.66 4.98 -3.61
C ALA A 43 8.37 4.12 -2.39
N LEU A 44 8.74 2.86 -2.47
CA LEU A 44 8.38 1.89 -1.46
C LEU A 44 9.55 1.14 -0.83
N LYS A 45 9.42 0.96 0.48
CA LYS A 45 10.37 0.25 1.28
C LYS A 45 10.03 -1.21 1.29
N ASN A 46 11.04 -1.98 1.13
CA ASN A 46 10.86 -3.40 0.89
C ASN A 46 10.64 -4.18 2.19
N SER A 47 11.20 -3.69 3.29
CA SER A 47 11.01 -4.33 4.59
C SER A 47 9.56 -4.24 5.02
N GLN A 48 8.85 -3.25 4.50
CA GLN A 48 7.46 -3.04 4.82
C GLN A 48 6.57 -4.08 4.18
N PHE A 49 7.03 -4.66 3.08
CA PHE A 49 6.23 -5.60 2.32
C PHE A 49 5.75 -6.78 3.16
N ASP A 50 6.47 -7.06 4.24
CA ASP A 50 6.14 -8.20 5.09
C ASP A 50 4.95 -7.83 5.95
N LYS A 51 4.75 -6.53 6.08
CA LYS A 51 3.64 -5.99 6.83
C LYS A 51 2.50 -5.64 5.90
N LEU A 52 2.60 -6.03 4.64
CA LEU A 52 1.50 -5.78 3.72
C LEU A 52 0.26 -6.56 4.13
N SER A 53 0.46 -7.80 4.57
CA SER A 53 -0.63 -8.58 5.14
C SER A 53 -1.05 -7.95 6.47
N GLN A 54 -0.15 -7.15 7.03
CA GLN A 54 -0.41 -6.40 8.22
C GLN A 54 -1.18 -5.12 7.89
N LEU A 55 -0.83 -4.53 6.77
CA LEU A 55 -1.52 -3.39 6.23
C LEU A 55 -2.90 -3.81 5.83
N LYS A 56 -3.01 -5.08 5.48
CA LYS A 56 -4.28 -5.70 5.19
C LYS A 56 -4.98 -5.97 6.50
N THR A 57 -4.19 -6.21 7.51
CA THR A 57 -4.68 -6.45 8.83
C THR A 57 -5.23 -5.17 9.42
N LEU A 58 -4.55 -4.08 9.15
CA LEU A 58 -4.95 -2.78 9.59
C LEU A 58 -6.13 -2.29 8.80
N LEU A 59 -6.10 -2.55 7.52
CA LEU A 59 -7.28 -2.34 6.68
C LEU A 59 -8.40 -3.25 7.17
N ASP A 60 -8.03 -4.44 7.59
CA ASP A 60 -8.95 -5.37 8.24
C ASP A 60 -9.46 -4.78 9.53
N LYS A 61 -8.70 -3.84 10.05
CA LYS A 61 -9.10 -3.10 11.23
C LYS A 61 -10.03 -1.98 10.84
N LEU A 62 -9.96 -1.63 9.58
CA LEU A 62 -10.80 -0.60 9.02
C LEU A 62 -12.06 -1.25 8.58
N GLU A 63 -11.94 -2.54 8.35
CA GLU A 63 -13.05 -3.38 8.04
C GLU A 63 -14.20 -3.18 8.99
N GLY A 64 -15.34 -2.88 8.42
CA GLY A 64 -16.49 -2.62 9.24
C GLY A 64 -16.72 -1.15 9.40
N SER A 65 -15.72 -0.35 9.03
CA SER A 65 -15.84 1.09 9.10
C SER A 65 -15.88 1.68 7.70
N ARG A 66 -15.95 3.00 7.61
CA ARG A 66 -15.96 3.69 6.34
C ARG A 66 -14.55 3.90 5.84
N GLU A 67 -13.64 4.03 6.80
CA GLU A 67 -12.24 4.26 6.50
C GLU A 67 -11.75 3.17 5.61
N HIS A 68 -12.25 2.00 5.92
CA HIS A 68 -11.96 0.79 5.18
C HIS A 68 -11.94 1.02 3.70
N THR A 69 -12.91 1.72 3.21
CA THR A 69 -13.01 2.03 1.81
C THR A 69 -11.77 2.74 1.31
N LEU A 70 -11.51 3.81 2.01
CA LEU A 70 -10.49 4.74 1.71
C LEU A 70 -9.19 4.03 1.86
N ALA A 71 -9.17 3.32 2.91
CA ALA A 71 -8.01 2.66 3.37
C ALA A 71 -7.80 1.36 2.63
N LYS A 72 -8.85 0.83 2.05
CA LYS A 72 -8.75 -0.29 1.18
C LYS A 72 -8.22 0.23 -0.10
N SER A 73 -8.64 1.42 -0.40
CA SER A 73 -8.17 2.07 -1.58
C SER A 73 -6.75 2.55 -1.37
N LYS A 74 -6.34 2.67 -0.11
CA LYS A 74 -4.97 2.92 0.24
C LYS A 74 -4.21 1.65 0.25
N TYR A 75 -4.73 0.74 1.02
CA TYR A 75 -4.18 -0.57 1.19
C TYR A 75 -3.94 -1.23 -0.15
N ASP A 76 -5.00 -1.32 -0.94
CA ASP A 76 -4.99 -2.10 -2.16
C ASP A 76 -4.00 -1.49 -3.10
N SER A 77 -3.95 -0.19 -2.97
CA SER A 77 -3.10 0.67 -3.74
C SER A 77 -1.66 0.33 -3.40
N LEU A 78 -1.40 0.44 -2.13
CA LEU A 78 -0.10 0.28 -1.55
C LEU A 78 0.36 -1.15 -1.74
N ALA A 79 -0.60 -2.03 -1.62
CA ALA A 79 -0.43 -3.45 -1.74
C ALA A 79 -0.03 -3.78 -3.15
N THR A 80 -0.59 -3.05 -4.06
CA THR A 80 -0.29 -3.25 -5.44
C THR A 80 1.08 -2.70 -5.78
N GLN A 81 1.43 -1.57 -5.18
CA GLN A 81 2.65 -0.92 -5.44
C GLN A 81 3.76 -1.75 -4.95
N ILE A 82 3.55 -2.36 -3.81
CA ILE A 82 4.53 -3.26 -3.36
C ILE A 82 4.44 -4.56 -4.15
N LYS A 83 3.23 -5.12 -4.30
CA LYS A 83 3.02 -6.37 -5.05
C LYS A 83 3.60 -6.31 -6.44
N ALA A 84 3.57 -5.14 -7.00
CA ALA A 84 4.19 -4.84 -8.24
C ALA A 84 5.66 -4.97 -8.13
N ILE A 85 6.16 -4.33 -7.10
CA ILE A 85 7.54 -4.36 -6.83
C ILE A 85 7.93 -5.78 -6.63
N GLN A 86 7.11 -6.46 -5.87
CA GLN A 86 7.31 -7.82 -5.58
C GLN A 86 7.33 -8.59 -6.84
N ASP A 87 6.34 -8.34 -7.66
CA ASP A 87 6.20 -9.02 -8.95
C ASP A 87 7.50 -8.97 -9.69
N VAL A 88 7.94 -7.78 -9.92
CA VAL A 88 9.09 -7.58 -10.76
C VAL A 88 10.37 -7.98 -10.03
N ASN A 89 10.46 -7.64 -8.72
CA ASN A 89 11.55 -8.08 -7.86
C ASN A 89 11.58 -9.59 -7.81
N ALA A 90 10.41 -10.14 -7.98
CA ALA A 90 10.19 -11.57 -7.91
C ALA A 90 10.76 -12.23 -9.13
N GLN A 91 11.08 -11.40 -10.10
CA GLN A 91 11.63 -11.84 -11.34
C GLN A 91 13.14 -11.87 -11.22
N PHE A 92 13.65 -11.16 -10.26
CA PHE A 92 15.09 -11.16 -9.99
C PHE A 92 15.44 -12.11 -8.88
N GLU A 93 16.70 -12.49 -8.90
CA GLU A 93 17.27 -13.34 -7.89
C GLU A 93 17.22 -12.61 -6.56
N LYS A 94 17.22 -11.29 -6.65
CA LYS A 94 17.05 -10.42 -5.50
C LYS A 94 16.32 -9.18 -5.98
N PRO A 95 15.44 -8.65 -5.13
CA PRO A 95 14.54 -7.55 -5.46
C PRO A 95 15.20 -6.42 -6.17
N ALA A 96 14.55 -5.85 -7.17
CA ALA A 96 15.12 -4.69 -7.73
C ALA A 96 14.10 -3.60 -7.86
N ILE A 97 13.47 -3.32 -6.75
CA ILE A 97 12.94 -2.04 -6.39
C ILE A 97 13.05 -1.98 -4.91
N VAL A 98 14.04 -1.37 -4.40
CA VAL A 98 14.23 -1.40 -2.98
C VAL A 98 14.50 0.00 -2.47
N ASP A 99 13.53 0.49 -1.73
CA ASP A 99 13.51 1.86 -1.25
C ASP A 99 13.05 2.79 -2.38
N GLY A 100 12.11 2.30 -3.18
CA GLY A 100 11.59 3.06 -4.29
C GLY A 100 12.58 3.20 -5.41
N VAL A 101 13.71 2.56 -5.28
CA VAL A 101 14.71 2.60 -6.30
C VAL A 101 15.14 1.20 -6.65
N LEU A 102 15.27 1.00 -7.90
CA LEU A 102 15.60 -0.25 -8.47
C LEU A 102 17.01 -0.66 -8.11
N ASP A 103 17.21 -1.94 -8.09
CA ASP A 103 18.50 -2.53 -7.87
C ASP A 103 19.01 -3.03 -9.19
N THR A 104 19.77 -2.21 -9.86
CA THR A 104 20.34 -2.56 -11.15
C THR A 104 21.36 -3.65 -10.95
N ASN A 105 21.65 -3.84 -9.70
CA ASN A 105 22.58 -4.84 -9.24
C ASN A 105 21.91 -6.18 -9.21
N ALA A 106 20.62 -6.14 -9.42
CA ALA A 106 19.77 -7.32 -9.35
C ALA A 106 19.98 -8.23 -10.52
N LYS A 107 19.22 -9.30 -10.52
CA LYS A 107 19.43 -10.38 -11.43
C LYS A 107 18.11 -10.94 -11.91
N ALA A 108 17.69 -10.53 -13.08
CA ALA A 108 16.42 -11.00 -13.59
C ALA A 108 16.52 -12.50 -13.88
N LYS A 109 15.98 -13.28 -12.95
CA LYS A 109 15.98 -14.75 -12.98
C LYS A 109 15.60 -15.33 -14.34
N SER A 110 15.85 -16.63 -14.47
CA SER A 110 15.44 -17.37 -15.65
C SER A 110 13.94 -17.57 -15.64
N ASP A 111 13.31 -17.07 -14.61
CA ASP A 111 11.90 -17.21 -14.41
C ASP A 111 11.26 -15.84 -14.43
N ALA A 112 12.11 -14.80 -14.45
CA ALA A 112 11.63 -13.44 -14.65
C ALA A 112 10.75 -13.36 -15.87
N LYS A 113 9.53 -13.02 -15.59
CA LYS A 113 8.49 -12.83 -16.56
C LYS A 113 7.72 -11.60 -16.16
N PHE A 114 8.01 -10.50 -16.82
CA PHE A 114 7.56 -9.21 -16.37
C PHE A 114 6.21 -8.81 -16.90
N THR A 115 5.57 -7.96 -16.12
CA THR A 115 4.33 -7.32 -16.46
C THR A 115 4.50 -5.84 -16.30
N ASP A 116 4.02 -5.10 -17.27
CA ASP A 116 4.06 -3.65 -17.25
C ASP A 116 3.07 -3.15 -16.24
N ILE A 117 3.42 -3.39 -15.00
CA ILE A 117 2.57 -3.14 -13.88
C ILE A 117 2.39 -1.68 -13.62
N LYS A 118 1.15 -1.26 -13.65
CA LYS A 118 0.81 0.03 -13.15
C LYS A 118 0.07 -0.09 -11.87
N THR A 119 0.70 0.43 -10.86
CA THR A 119 0.13 0.51 -9.55
C THR A 119 -0.68 1.77 -9.47
N GLY A 120 -0.41 2.65 -10.41
CA GLY A 120 -0.94 3.97 -10.31
C GLY A 120 0.08 4.94 -9.74
N ASN A 121 1.08 4.40 -9.06
CA ASN A 121 2.14 5.19 -8.49
C ASN A 121 3.24 5.38 -9.53
N THR A 122 3.11 6.41 -10.35
CA THR A 122 3.94 6.59 -11.53
C THR A 122 5.41 6.34 -11.28
N GLU A 123 6.00 7.10 -10.39
CA GLU A 123 7.41 6.97 -10.08
C GLU A 123 7.74 5.54 -9.75
N LEU A 124 6.84 4.88 -9.05
CA LEU A 124 6.99 3.49 -8.74
C LEU A 124 6.85 2.68 -10.00
N ASP A 125 5.83 3.02 -10.76
CA ASP A 125 5.54 2.35 -12.01
C ASP A 125 6.77 2.44 -12.90
N LYS A 126 7.49 3.54 -12.74
CA LYS A 126 8.74 3.76 -13.42
C LYS A 126 9.90 2.99 -12.80
N VAL A 127 9.79 2.66 -11.53
CA VAL A 127 10.85 1.93 -10.88
C VAL A 127 10.58 0.45 -11.01
N LEU A 128 9.31 0.12 -11.09
CA LEU A 128 8.87 -1.22 -11.40
C LEU A 128 9.54 -1.60 -12.70
N ASP A 129 9.38 -0.63 -13.59
CA ASP A 129 9.88 -0.66 -14.95
C ASP A 129 11.37 -0.83 -14.98
N LYS A 130 11.98 -0.02 -14.15
CA LYS A 130 13.39 0.02 -13.94
C LYS A 130 13.94 -1.37 -13.81
N ALA A 131 13.23 -2.13 -13.03
CA ALA A 131 13.61 -3.50 -12.77
C ALA A 131 13.43 -4.33 -14.01
N ILE A 132 12.26 -4.23 -14.58
CA ILE A 132 11.95 -4.89 -15.84
C ILE A 132 12.98 -4.58 -16.89
N SER A 133 13.63 -3.45 -16.72
CA SER A 133 14.58 -3.00 -17.66
C SER A 133 15.92 -3.68 -17.41
N LEU A 134 16.01 -4.32 -16.24
CA LEU A 134 17.10 -5.23 -15.93
C LEU A 134 16.79 -6.58 -16.56
N GLY A 135 15.50 -6.88 -16.71
CA GLY A 135 15.09 -8.12 -17.33
C GLY A 135 15.49 -8.20 -18.79
N GLY A 1 -33.98 27.75 15.30
CA GLY A 1 -32.93 28.66 14.79
C GLY A 1 -33.52 29.95 14.26
N HIS A 2 -32.66 30.84 13.77
CA HIS A 2 -33.12 32.10 13.24
C HIS A 2 -33.40 31.99 11.75
N MET A 3 -32.67 31.10 11.07
CA MET A 3 -32.86 30.87 9.65
C MET A 3 -32.80 29.40 9.32
N GLN A 4 -31.59 28.84 9.38
CA GLN A 4 -31.35 27.45 8.99
C GLN A 4 -31.91 27.18 7.60
N VAL A 5 -31.44 27.96 6.64
CA VAL A 5 -31.91 27.86 5.27
C VAL A 5 -30.79 27.35 4.36
N ALA A 6 -30.01 26.42 4.87
CA ALA A 6 -28.91 25.85 4.12
C ALA A 6 -28.86 24.34 4.34
N ARG A 7 -30.04 23.72 4.38
CA ARG A 7 -30.16 22.29 4.62
C ARG A 7 -30.22 21.51 3.33
N SER A 8 -30.29 22.23 2.22
CA SER A 8 -30.31 21.62 0.90
C SER A 8 -28.88 21.35 0.43
N THR A 9 -28.13 20.63 1.25
CA THR A 9 -26.72 20.39 1.02
C THR A 9 -26.50 19.26 0.03
N LYS A 10 -25.36 19.29 -0.64
CA LYS A 10 -24.98 18.27 -1.59
C LYS A 10 -24.03 17.27 -0.94
N GLU A 11 -23.93 17.34 0.37
CA GLU A 11 -23.13 16.40 1.13
C GLU A 11 -24.01 15.29 1.67
N ILE A 12 -23.42 14.16 2.02
CA ILE A 12 -24.16 13.09 2.66
C ILE A 12 -24.21 13.33 4.16
N GLU A 13 -25.37 13.77 4.64
CA GLU A 13 -25.52 14.09 6.04
C GLU A 13 -26.69 13.32 6.63
N THR A 14 -26.76 13.30 7.96
CA THR A 14 -27.80 12.56 8.68
C THR A 14 -27.57 11.05 8.55
N SER A 15 -27.48 10.38 9.69
CA SER A 15 -27.23 8.94 9.74
C SER A 15 -25.84 8.63 9.20
N GLN A 16 -24.82 9.04 9.94
CA GLN A 16 -23.45 8.75 9.59
C GLN A 16 -23.20 7.25 9.70
N SER A 17 -22.60 6.67 8.68
CA SER A 17 -22.30 5.25 8.67
C SER A 17 -21.12 4.92 9.56
N THR A 18 -20.80 3.64 9.64
CA THR A 18 -19.68 3.16 10.43
C THR A 18 -18.40 3.92 10.12
N THR A 19 -17.67 4.29 11.15
CA THR A 19 -16.41 4.97 10.96
C THR A 19 -15.32 4.26 11.73
N ALA A 20 -14.12 4.31 11.19
CA ALA A 20 -13.01 3.59 11.75
C ALA A 20 -12.46 4.28 12.96
N ASN A 21 -11.59 3.56 13.61
CA ASN A 21 -10.98 3.97 14.84
C ASN A 21 -9.55 4.30 14.51
N GLN A 22 -8.96 5.27 15.15
CA GLN A 22 -7.59 5.65 14.80
C GLN A 22 -6.61 4.58 15.21
N SER A 23 -7.04 3.67 16.05
CA SER A 23 -6.24 2.51 16.34
C SER A 23 -6.40 1.53 15.19
N ASP A 24 -7.32 1.87 14.30
CA ASP A 24 -7.52 1.12 13.11
C ASP A 24 -6.79 1.82 11.98
N VAL A 25 -7.03 3.13 11.88
CA VAL A 25 -6.65 3.87 10.71
C VAL A 25 -5.26 4.48 10.81
N ASP A 26 -4.93 5.02 11.96
CA ASP A 26 -3.66 5.72 12.12
C ASP A 26 -2.49 4.79 11.88
N ASP A 27 -2.51 3.63 12.53
CA ASP A 27 -1.46 2.61 12.34
C ASP A 27 -1.51 2.09 10.94
N PHE A 28 -2.73 1.97 10.41
CA PHE A 28 -2.90 1.60 9.03
C PHE A 28 -2.12 2.56 8.19
N ASN A 29 -2.56 3.79 8.27
CA ASN A 29 -2.04 4.89 7.46
C ASN A 29 -0.57 5.09 7.72
N THR A 30 -0.15 4.74 8.90
CA THR A 30 1.19 4.96 9.31
C THR A 30 2.12 3.90 8.77
N LEU A 31 1.67 2.66 8.89
CA LEU A 31 2.43 1.54 8.42
C LEU A 31 2.40 1.58 6.91
N TYR A 32 1.30 2.10 6.44
CA TYR A 32 1.05 2.34 5.04
C TYR A 32 1.99 3.40 4.52
N ASP A 33 2.11 4.48 5.27
CA ASP A 33 3.01 5.57 4.95
C ASP A 33 4.43 5.06 5.01
N ALA A 34 4.56 4.00 5.77
CA ALA A 34 5.83 3.40 6.07
C ALA A 34 6.33 2.55 4.91
N PHE A 35 5.39 1.95 4.17
CA PHE A 35 5.72 1.16 2.99
C PHE A 35 6.37 2.05 1.97
N TYR A 36 6.12 3.31 2.13
CA TYR A 36 6.68 4.29 1.27
C TYR A 36 7.93 4.86 1.89
N THR A 37 8.97 4.80 1.09
CA THR A 37 10.28 5.29 1.52
C THR A 37 10.22 6.79 1.83
N ASN A 38 9.23 7.44 1.25
CA ASN A 38 8.99 8.86 1.48
C ASN A 38 7.49 9.09 1.58
N SER A 39 7.09 10.18 2.20
CA SER A 39 5.67 10.49 2.33
C SER A 39 5.11 11.02 1.02
N ASN A 40 5.97 11.09 0.01
CA ASN A 40 5.52 11.38 -1.33
C ASN A 40 4.86 10.16 -1.92
N LYS A 41 5.16 9.01 -1.28
CA LYS A 41 4.57 7.73 -1.60
C LYS A 41 4.72 7.42 -3.06
N THR A 42 5.90 7.76 -3.54
CA THR A 42 6.30 7.55 -4.90
C THR A 42 7.33 6.43 -4.98
N ALA A 43 7.60 5.89 -3.80
CA ALA A 43 8.65 4.90 -3.63
C ALA A 43 8.34 4.06 -2.41
N LEU A 44 8.73 2.80 -2.47
CA LEU A 44 8.35 1.85 -1.46
C LEU A 44 9.51 1.11 -0.81
N LYS A 45 9.37 0.93 0.49
CA LYS A 45 10.31 0.22 1.31
C LYS A 45 9.95 -1.24 1.32
N ASN A 46 10.94 -2.03 1.13
CA ASN A 46 10.74 -3.44 0.88
C ASN A 46 10.62 -4.23 2.16
N SER A 47 11.17 -3.68 3.23
CA SER A 47 11.04 -4.28 4.55
C SER A 47 9.59 -4.20 5.03
N GLN A 48 8.86 -3.20 4.51
CA GLN A 48 7.48 -2.99 4.87
C GLN A 48 6.57 -4.04 4.25
N PHE A 49 7.02 -4.65 3.16
CA PHE A 49 6.20 -5.61 2.42
C PHE A 49 5.75 -6.75 3.33
N ASP A 50 6.50 -7.00 4.39
CA ASP A 50 6.18 -8.08 5.32
C ASP A 50 4.95 -7.69 6.13
N LYS A 51 4.74 -6.39 6.21
CA LYS A 51 3.63 -5.81 6.94
C LYS A 51 2.47 -5.53 6.00
N LEU A 52 2.57 -5.97 4.77
CA LEU A 52 1.49 -5.76 3.83
C LEU A 52 0.25 -6.54 4.26
N SER A 53 0.45 -7.74 4.76
CA SER A 53 -0.65 -8.51 5.34
C SER A 53 -1.07 -7.86 6.66
N GLN A 54 -0.18 -7.04 7.21
CA GLN A 54 -0.46 -6.26 8.38
C GLN A 54 -1.23 -5.00 8.00
N LEU A 55 -0.88 -4.43 6.86
CA LEU A 55 -1.57 -3.30 6.29
C LEU A 55 -2.95 -3.75 5.88
N LYS A 56 -3.03 -5.03 5.57
CA LYS A 56 -4.30 -5.66 5.28
C LYS A 56 -5.01 -5.92 6.58
N THR A 57 -4.23 -6.10 7.61
CA THR A 57 -4.73 -6.35 8.93
C THR A 57 -5.29 -5.07 9.51
N LEU A 58 -4.61 -3.98 9.23
CA LEU A 58 -5.04 -2.67 9.64
C LEU A 58 -6.22 -2.22 8.82
N LEU A 59 -6.17 -2.52 7.54
CA LEU A 59 -7.33 -2.34 6.69
C LEU A 59 -8.45 -3.25 7.17
N ASP A 60 -8.08 -4.42 7.62
CA ASP A 60 -9.00 -5.35 8.27
C ASP A 60 -9.52 -4.74 9.57
N LYS A 61 -8.76 -3.79 10.07
CA LYS A 61 -9.18 -3.04 11.23
C LYS A 61 -10.12 -1.94 10.80
N LEU A 62 -10.01 -1.61 9.55
CA LEU A 62 -10.86 -0.59 8.96
C LEU A 62 -12.13 -1.26 8.53
N GLU A 63 -11.99 -2.54 8.30
CA GLU A 63 -13.09 -3.39 7.93
C GLU A 63 -14.30 -3.17 8.80
N GLY A 64 -15.42 -2.90 8.15
CA GLY A 64 -16.63 -2.63 8.87
C GLY A 64 -16.85 -1.15 9.05
N SER A 65 -15.79 -0.38 8.83
CA SER A 65 -15.84 1.07 8.99
C SER A 65 -15.74 1.73 7.61
N ARG A 66 -16.09 3.01 7.52
CA ARG A 66 -16.03 3.72 6.24
C ARG A 66 -14.60 3.97 5.78
N GLU A 67 -13.70 4.06 6.74
CA GLU A 67 -12.29 4.27 6.44
C GLU A 67 -11.79 3.17 5.56
N HIS A 68 -12.29 1.99 5.86
CA HIS A 68 -11.99 0.79 5.10
C HIS A 68 -11.98 1.00 3.63
N THR A 69 -12.95 1.70 3.14
CA THR A 69 -13.07 1.97 1.73
C THR A 69 -11.83 2.67 1.21
N LEU A 70 -11.56 3.74 1.90
CA LEU A 70 -10.54 4.67 1.59
C LEU A 70 -9.25 3.96 1.75
N ALA A 71 -9.22 3.26 2.81
CA ALA A 71 -8.07 2.61 3.28
C ALA A 71 -7.85 1.30 2.56
N LYS A 72 -8.89 0.76 1.99
CA LYS A 72 -8.78 -0.39 1.14
C LYS A 72 -8.26 0.10 -0.15
N SER A 73 -8.69 1.30 -0.46
CA SER A 73 -8.23 1.93 -1.65
C SER A 73 -6.80 2.43 -1.46
N LYS A 74 -6.40 2.57 -0.20
CA LYS A 74 -5.02 2.85 0.14
C LYS A 74 -4.24 1.58 0.18
N TYR A 75 -4.77 0.68 0.97
CA TYR A 75 -4.20 -0.60 1.17
C TYR A 75 -3.95 -1.29 -0.16
N ASP A 76 -5.00 -1.41 -0.94
CA ASP A 76 -4.97 -2.23 -2.14
C ASP A 76 -3.97 -1.62 -3.08
N SER A 77 -3.95 -0.32 -3.00
CA SER A 77 -3.11 0.54 -3.78
C SER A 77 -1.67 0.24 -3.43
N LEU A 78 -1.42 0.37 -2.15
CA LEU A 78 -0.12 0.24 -1.56
C LEU A 78 0.36 -1.19 -1.73
N ALA A 79 -0.60 -2.08 -1.60
CA ALA A 79 -0.41 -3.50 -1.72
C ALA A 79 -0.02 -3.84 -3.12
N THR A 80 -0.56 -3.09 -4.05
CA THR A 80 -0.27 -3.30 -5.44
C THR A 80 1.11 -2.75 -5.78
N GLN A 81 1.45 -1.63 -5.17
CA GLN A 81 2.67 -0.97 -5.43
C GLN A 81 3.78 -1.80 -4.94
N ILE A 82 3.56 -2.40 -3.80
CA ILE A 82 4.55 -3.31 -3.33
C ILE A 82 4.46 -4.61 -4.12
N LYS A 83 3.25 -5.16 -4.29
CA LYS A 83 3.06 -6.41 -5.05
C LYS A 83 3.64 -6.33 -6.43
N ALA A 84 3.63 -5.15 -6.98
CA ALA A 84 4.25 -4.85 -8.22
C ALA A 84 5.72 -4.98 -8.08
N ILE A 85 6.22 -4.35 -7.05
CA ILE A 85 7.59 -4.38 -6.77
C ILE A 85 7.99 -5.81 -6.57
N GLN A 86 7.15 -6.50 -5.85
CA GLN A 86 7.35 -7.87 -5.57
C GLN A 86 7.38 -8.60 -6.85
N ASP A 87 6.38 -8.37 -7.66
CA ASP A 87 6.25 -9.04 -8.96
C ASP A 87 7.55 -8.99 -9.68
N VAL A 88 7.99 -7.80 -9.91
CA VAL A 88 9.14 -7.58 -10.74
C VAL A 88 10.42 -7.99 -10.00
N ASN A 89 10.53 -7.65 -8.70
CA ASN A 89 11.62 -8.09 -7.83
C ASN A 89 11.67 -9.60 -7.78
N ALA A 90 10.49 -10.16 -7.94
CA ALA A 90 10.28 -11.58 -7.86
C ALA A 90 10.83 -12.25 -9.08
N GLN A 91 11.10 -11.42 -10.06
CA GLN A 91 11.65 -11.86 -11.32
C GLN A 91 13.14 -11.88 -11.24
N PHE A 92 13.69 -11.16 -10.29
CA PHE A 92 15.14 -11.15 -10.09
C PHE A 92 15.56 -12.09 -9.00
N GLU A 93 16.81 -12.47 -9.10
CA GLU A 93 17.45 -13.30 -8.13
C GLU A 93 17.46 -12.59 -6.78
N LYS A 94 17.41 -11.27 -6.86
CA LYS A 94 17.19 -10.42 -5.72
C LYS A 94 16.46 -9.18 -6.15
N PRO A 95 15.56 -8.69 -5.28
CA PRO A 95 14.64 -7.60 -5.56
C PRO A 95 15.30 -6.43 -6.22
N ALA A 96 14.65 -5.87 -7.21
CA ALA A 96 15.20 -4.70 -7.76
C ALA A 96 14.18 -3.61 -7.88
N ILE A 97 13.56 -3.35 -6.76
CA ILE A 97 13.04 -2.08 -6.37
C ILE A 97 13.17 -2.06 -4.89
N VAL A 98 14.17 -1.46 -4.39
CA VAL A 98 14.37 -1.53 -2.97
C VAL A 98 14.63 -0.16 -2.42
N ASP A 99 13.64 0.31 -1.68
CA ASP A 99 13.58 1.68 -1.20
C ASP A 99 13.14 2.60 -2.34
N GLY A 100 12.17 2.12 -3.11
CA GLY A 100 11.66 2.89 -4.22
C GLY A 100 12.63 3.05 -5.35
N VAL A 101 13.79 2.42 -5.20
CA VAL A 101 14.79 2.48 -6.22
C VAL A 101 15.27 1.11 -6.57
N LEU A 102 15.37 0.93 -7.85
CA LEU A 102 15.72 -0.32 -8.43
C LEU A 102 17.16 -0.70 -8.12
N ASP A 103 17.38 -1.99 -8.13
CA ASP A 103 18.70 -2.55 -7.96
C ASP A 103 19.16 -3.04 -9.30
N THR A 104 19.89 -2.22 -9.99
CA THR A 104 20.37 -2.54 -11.33
C THR A 104 21.37 -3.66 -11.27
N ASN A 105 21.78 -3.91 -10.06
CA ASN A 105 22.74 -4.93 -9.77
C ASN A 105 22.03 -6.25 -9.57
N ALA A 106 20.73 -6.18 -9.69
CA ALA A 106 19.87 -7.35 -9.57
C ALA A 106 20.00 -8.25 -10.77
N LYS A 107 19.26 -9.32 -10.73
CA LYS A 107 19.39 -10.37 -11.70
C LYS A 107 18.07 -10.92 -12.12
N ALA A 108 17.57 -10.43 -13.24
CA ALA A 108 16.29 -10.92 -13.73
C ALA A 108 16.43 -12.41 -14.04
N LYS A 109 15.90 -13.22 -13.12
CA LYS A 109 15.95 -14.66 -13.19
C LYS A 109 15.56 -15.22 -14.55
N SER A 110 15.86 -16.49 -14.76
CA SER A 110 15.46 -17.18 -15.98
C SER A 110 13.97 -17.47 -15.94
N ASP A 111 13.35 -17.03 -14.87
CA ASP A 111 11.95 -17.25 -14.64
C ASP A 111 11.24 -15.90 -14.67
N ALA A 112 12.05 -14.83 -14.56
CA ALA A 112 11.55 -13.47 -14.69
C ALA A 112 10.65 -13.32 -15.89
N LYS A 113 9.43 -12.99 -15.58
CA LYS A 113 8.39 -12.76 -16.53
C LYS A 113 7.64 -11.51 -16.11
N PHE A 114 7.92 -10.42 -16.78
CA PHE A 114 7.48 -9.13 -16.32
C PHE A 114 6.13 -8.71 -16.84
N THR A 115 5.54 -7.81 -16.08
CA THR A 115 4.30 -7.17 -16.42
C THR A 115 4.48 -5.68 -16.24
N ASP A 116 4.03 -4.91 -17.21
CA ASP A 116 4.07 -3.47 -17.13
C ASP A 116 3.06 -3.00 -16.12
N ILE A 117 3.39 -3.30 -14.88
CA ILE A 117 2.48 -3.13 -13.78
C ILE A 117 2.23 -1.68 -13.48
N LYS A 118 0.98 -1.33 -13.56
CA LYS A 118 0.54 -0.06 -13.08
C LYS A 118 -0.09 -0.18 -11.72
N THR A 119 0.60 0.39 -10.79
CA THR A 119 0.13 0.49 -9.45
C THR A 119 -0.66 1.76 -9.31
N GLY A 120 -0.44 2.63 -10.27
CA GLY A 120 -0.97 3.94 -10.18
C GLY A 120 0.03 4.88 -9.54
N ASN A 121 1.09 4.33 -8.96
CA ASN A 121 2.16 5.13 -8.40
C ASN A 121 3.24 5.32 -9.43
N THR A 122 3.08 6.34 -10.28
CA THR A 122 3.92 6.52 -11.45
C THR A 122 5.39 6.29 -11.20
N GLU A 123 5.98 7.07 -10.32
CA GLU A 123 7.39 6.95 -10.03
C GLU A 123 7.75 5.52 -9.68
N LEU A 124 6.84 4.86 -9.00
CA LEU A 124 7.01 3.46 -8.69
C LEU A 124 6.87 2.64 -9.94
N ASP A 125 5.84 2.96 -10.71
CA ASP A 125 5.58 2.30 -11.96
C ASP A 125 6.80 2.41 -12.84
N LYS A 126 7.51 3.51 -12.67
CA LYS A 126 8.75 3.76 -13.36
C LYS A 126 9.95 3.06 -12.71
N VAL A 127 9.81 2.65 -11.46
CA VAL A 127 10.88 1.93 -10.81
C VAL A 127 10.63 0.45 -10.95
N LEU A 128 9.36 0.10 -11.03
CA LEU A 128 8.94 -1.24 -11.35
C LEU A 128 9.60 -1.59 -12.65
N ASP A 129 9.43 -0.63 -13.52
CA ASP A 129 9.93 -0.64 -14.89
C ASP A 129 11.42 -0.80 -14.92
N LYS A 130 12.02 0.01 -14.10
CA LYS A 130 13.44 0.06 -13.88
C LYS A 130 13.99 -1.33 -13.76
N ALA A 131 13.28 -2.11 -13.01
CA ALA A 131 13.65 -3.48 -12.77
C ALA A 131 13.45 -4.27 -14.03
N ILE A 132 12.26 -4.16 -14.58
CA ILE A 132 11.94 -4.80 -15.84
C ILE A 132 12.94 -4.45 -16.90
N SER A 133 13.61 -3.35 -16.72
CA SER A 133 14.58 -2.90 -17.67
C SER A 133 15.90 -3.63 -17.47
N LEU A 134 16.02 -4.28 -16.32
CA LEU A 134 17.08 -5.23 -16.02
C LEU A 134 16.71 -6.57 -16.64
N GLY A 135 15.40 -6.82 -16.73
CA GLY A 135 14.90 -8.03 -17.33
C GLY A 135 15.11 -8.08 -18.82
N GLY A 1 -2.11 19.60 8.84
CA GLY A 1 -1.48 19.35 10.17
C GLY A 1 0.03 19.42 10.10
N HIS A 2 0.67 19.74 11.22
CA HIS A 2 2.13 19.85 11.27
C HIS A 2 2.74 18.52 11.71
N MET A 3 2.72 17.54 10.81
CA MET A 3 3.30 16.22 11.05
C MET A 3 2.70 15.56 12.28
N GLN A 4 1.38 15.70 12.41
CA GLN A 4 0.65 15.07 13.49
C GLN A 4 -0.77 14.77 13.03
N VAL A 5 -1.00 13.51 12.68
CA VAL A 5 -2.27 13.09 12.12
C VAL A 5 -3.44 13.33 13.08
N ALA A 6 -4.50 13.92 12.55
CA ALA A 6 -5.74 14.16 13.28
C ALA A 6 -5.50 15.00 14.54
N ARG A 7 -4.64 16.00 14.43
CA ARG A 7 -4.40 16.91 15.54
C ARG A 7 -5.43 18.03 15.55
N SER A 8 -5.84 18.44 14.36
CA SER A 8 -6.82 19.49 14.22
C SER A 8 -7.69 19.27 13.00
N THR A 9 -9.00 19.23 13.22
CA THR A 9 -9.97 19.10 12.15
C THR A 9 -11.21 19.92 12.50
N LYS A 10 -12.11 20.11 11.53
CA LYS A 10 -13.31 20.89 11.76
C LYS A 10 -14.14 20.33 12.92
N GLU A 11 -14.64 19.12 12.74
CA GLU A 11 -15.42 18.43 13.77
C GLU A 11 -15.39 16.93 13.50
N ILE A 12 -15.53 16.14 14.54
CA ILE A 12 -15.62 14.70 14.39
C ILE A 12 -17.01 14.22 14.77
N GLU A 13 -17.97 14.49 13.92
CA GLU A 13 -19.34 14.07 14.16
C GLU A 13 -19.96 13.55 12.87
N THR A 14 -19.26 12.66 12.19
CA THR A 14 -19.78 12.11 10.95
C THR A 14 -21.03 11.28 11.25
N SER A 15 -20.83 10.18 11.97
CA SER A 15 -21.94 9.37 12.50
C SER A 15 -22.98 9.04 11.42
N GLN A 16 -22.50 8.68 10.25
CA GLN A 16 -23.37 8.27 9.16
C GLN A 16 -23.49 6.74 9.17
N SER A 17 -22.38 6.10 9.43
CA SER A 17 -22.33 4.65 9.56
C SER A 17 -21.13 4.28 10.41
N THR A 18 -19.96 4.43 9.82
CA THR A 18 -18.70 4.14 10.48
C THR A 18 -17.61 4.97 9.82
N THR A 19 -16.63 5.41 10.58
CA THR A 19 -15.51 6.15 10.00
C THR A 19 -14.20 5.66 10.59
N ALA A 20 -14.27 4.46 11.10
CA ALA A 20 -13.14 3.75 11.66
C ALA A 20 -12.64 4.40 12.93
N ASN A 21 -11.57 3.84 13.43
CA ASN A 21 -10.99 4.24 14.68
C ASN A 21 -9.55 4.59 14.40
N GLN A 22 -8.94 5.43 15.20
CA GLN A 22 -7.54 5.77 14.97
C GLN A 22 -6.63 4.64 15.42
N SER A 23 -7.19 3.70 16.14
CA SER A 23 -6.47 2.50 16.46
C SER A 23 -6.57 1.55 15.28
N ASP A 24 -7.45 1.91 14.36
CA ASP A 24 -7.61 1.20 13.13
C ASP A 24 -6.84 1.91 12.04
N VAL A 25 -7.04 3.21 12.04
CA VAL A 25 -6.64 4.06 10.96
C VAL A 25 -5.19 4.50 11.07
N ASP A 26 -4.83 5.01 12.23
CA ASP A 26 -3.51 5.61 12.43
C ASP A 26 -2.38 4.63 12.09
N ASP A 27 -2.39 3.44 12.69
CA ASP A 27 -1.36 2.44 12.42
C ASP A 27 -1.44 2.00 10.99
N PHE A 28 -2.66 1.90 10.48
CA PHE A 28 -2.87 1.59 9.09
C PHE A 28 -2.10 2.58 8.27
N ASN A 29 -2.51 3.81 8.42
CA ASN A 29 -1.98 4.94 7.68
C ASN A 29 -0.50 5.07 7.88
N THR A 30 -0.08 4.71 9.06
CA THR A 30 1.28 4.92 9.43
C THR A 30 2.17 3.86 8.83
N LEU A 31 1.76 2.62 8.96
CA LEU A 31 2.51 1.53 8.43
C LEU A 31 2.45 1.61 6.93
N TYR A 32 1.32 2.14 6.49
CA TYR A 32 1.04 2.39 5.09
C TYR A 32 1.98 3.44 4.53
N ASP A 33 2.09 4.53 5.26
CA ASP A 33 3.00 5.62 4.91
C ASP A 33 4.40 5.10 4.95
N ALA A 34 4.55 4.10 5.76
CA ALA A 34 5.82 3.49 6.05
C ALA A 34 6.31 2.65 4.90
N PHE A 35 5.38 2.03 4.17
CA PHE A 35 5.74 1.26 2.99
C PHE A 35 6.36 2.15 1.97
N TYR A 36 6.10 3.41 2.12
CA TYR A 36 6.62 4.39 1.23
C TYR A 36 7.88 4.97 1.80
N THR A 37 8.89 4.94 0.98
CA THR A 37 10.20 5.47 1.32
C THR A 37 10.12 6.98 1.54
N ASN A 38 9.12 7.58 0.92
CA ASN A 38 8.91 9.01 0.94
C ASN A 38 7.42 9.26 1.08
N SER A 39 7.04 10.29 1.82
CA SER A 39 5.63 10.57 2.08
C SER A 39 4.90 11.00 0.82
N ASN A 40 5.64 11.22 -0.26
CA ASN A 40 5.03 11.44 -1.57
C ASN A 40 4.44 10.14 -2.06
N LYS A 41 4.87 9.05 -1.41
CA LYS A 41 4.36 7.72 -1.67
C LYS A 41 4.54 7.37 -3.13
N THR A 42 5.71 7.74 -3.60
CA THR A 42 6.13 7.54 -4.97
C THR A 42 7.18 6.44 -5.03
N ALA A 43 7.45 5.86 -3.87
CA ALA A 43 8.50 4.89 -3.71
C ALA A 43 8.22 4.05 -2.48
N LEU A 44 8.68 2.82 -2.49
CA LEU A 44 8.32 1.88 -1.46
C LEU A 44 9.49 1.16 -0.81
N LYS A 45 9.36 1.03 0.50
CA LYS A 45 10.29 0.36 1.36
C LYS A 45 9.97 -1.11 1.39
N ASN A 46 10.95 -1.89 1.04
CA ASN A 46 10.74 -3.31 0.87
C ASN A 46 10.62 -4.05 2.19
N SER A 47 11.18 -3.47 3.24
CA SER A 47 11.11 -4.09 4.56
C SER A 47 9.67 -4.03 5.08
N GLN A 48 8.91 -3.09 4.56
CA GLN A 48 7.52 -2.90 4.95
C GLN A 48 6.61 -3.93 4.31
N PHE A 49 7.06 -4.51 3.20
CA PHE A 49 6.27 -5.48 2.46
C PHE A 49 5.82 -6.64 3.34
N ASP A 50 6.58 -6.90 4.40
CA ASP A 50 6.27 -7.99 5.31
C ASP A 50 5.06 -7.63 6.15
N LYS A 51 4.82 -6.33 6.24
CA LYS A 51 3.72 -5.77 6.99
C LYS A 51 2.56 -5.48 6.06
N LEU A 52 2.66 -5.91 4.82
CA LEU A 52 1.56 -5.71 3.90
C LEU A 52 0.34 -6.51 4.33
N SER A 53 0.57 -7.72 4.82
CA SER A 53 -0.50 -8.50 5.41
C SER A 53 -0.97 -7.82 6.69
N GLN A 54 -0.09 -7.01 7.24
CA GLN A 54 -0.37 -6.23 8.42
C GLN A 54 -1.15 -4.97 8.04
N LEU A 55 -0.80 -4.40 6.90
CA LEU A 55 -1.51 -3.27 6.34
C LEU A 55 -2.88 -3.74 5.92
N LYS A 56 -2.97 -5.03 5.65
CA LYS A 56 -4.23 -5.66 5.39
C LYS A 56 -4.94 -5.88 6.70
N THR A 57 -4.16 -6.13 7.72
CA THR A 57 -4.65 -6.32 9.05
C THR A 57 -5.22 -5.01 9.58
N LEU A 58 -4.55 -3.93 9.26
CA LEU A 58 -4.96 -2.62 9.64
C LEU A 58 -6.15 -2.17 8.83
N LEU A 59 -6.12 -2.47 7.55
CA LEU A 59 -7.30 -2.31 6.72
C LEU A 59 -8.41 -3.21 7.24
N ASP A 60 -8.03 -4.37 7.71
CA ASP A 60 -8.93 -5.28 8.39
C ASP A 60 -9.45 -4.64 9.65
N LYS A 61 -8.69 -3.69 10.14
CA LYS A 61 -9.11 -2.93 11.28
C LYS A 61 -10.07 -1.85 10.85
N LEU A 62 -10.01 -1.55 9.58
CA LEU A 62 -10.88 -0.57 8.96
C LEU A 62 -12.12 -1.27 8.55
N GLU A 63 -11.98 -2.56 8.39
CA GLU A 63 -13.08 -3.43 8.09
C GLU A 63 -14.27 -3.15 8.97
N GLY A 64 -15.43 -3.03 8.35
CA GLY A 64 -16.63 -2.74 9.07
C GLY A 64 -16.85 -1.25 9.21
N SER A 65 -15.83 -0.47 8.84
CA SER A 65 -15.94 0.98 8.88
C SER A 65 -15.94 1.53 7.45
N ARG A 66 -16.24 2.82 7.30
CA ARG A 66 -16.18 3.43 5.97
C ARG A 66 -14.74 3.57 5.52
N GLU A 67 -13.88 3.82 6.49
CA GLU A 67 -12.48 4.09 6.25
C GLU A 67 -11.91 2.98 5.44
N HIS A 68 -12.38 1.81 5.77
CA HIS A 68 -12.05 0.58 5.08
C HIS A 68 -12.00 0.73 3.59
N THR A 69 -12.99 1.37 3.06
CA THR A 69 -13.09 1.57 1.62
C THR A 69 -11.89 2.31 1.10
N LEU A 70 -11.69 3.41 1.74
CA LEU A 70 -10.71 4.39 1.41
C LEU A 70 -9.38 3.77 1.63
N ALA A 71 -9.34 3.10 2.71
CA ALA A 71 -8.16 2.52 3.20
C ALA A 71 -7.89 1.20 2.54
N LYS A 72 -8.91 0.61 1.96
CA LYS A 72 -8.75 -0.54 1.14
C LYS A 72 -8.21 -0.07 -0.14
N SER A 73 -8.68 1.08 -0.54
CA SER A 73 -8.20 1.65 -1.75
C SER A 73 -6.84 2.30 -1.54
N LYS A 74 -6.44 2.42 -0.27
CA LYS A 74 -5.08 2.73 0.07
C LYS A 74 -4.28 1.48 0.17
N TYR A 75 -4.78 0.60 1.00
CA TYR A 75 -4.19 -0.67 1.24
C TYR A 75 -3.89 -1.38 -0.07
N ASP A 76 -4.94 -1.54 -0.87
CA ASP A 76 -4.88 -2.35 -2.06
C ASP A 76 -3.90 -1.72 -3.00
N SER A 77 -3.94 -0.41 -2.94
CA SER A 77 -3.13 0.46 -3.73
C SER A 77 -1.68 0.20 -3.38
N LEU A 78 -1.44 0.33 -2.10
CA LEU A 78 -0.14 0.23 -1.51
C LEU A 78 0.37 -1.20 -1.68
N ALA A 79 -0.57 -2.09 -1.54
CA ALA A 79 -0.36 -3.51 -1.69
C ALA A 79 0.04 -3.82 -3.09
N THR A 80 -0.54 -3.10 -4.00
CA THR A 80 -0.25 -3.29 -5.40
C THR A 80 1.12 -2.74 -5.74
N GLN A 81 1.46 -1.61 -5.15
CA GLN A 81 2.68 -0.95 -5.40
C GLN A 81 3.79 -1.78 -4.91
N ILE A 82 3.59 -2.38 -3.77
CA ILE A 82 4.57 -3.27 -3.30
C ILE A 82 4.49 -4.58 -4.08
N LYS A 83 3.27 -5.14 -4.24
CA LYS A 83 3.08 -6.39 -4.99
C LYS A 83 3.67 -6.31 -6.38
N ALA A 84 3.64 -5.12 -6.94
CA ALA A 84 4.26 -4.83 -8.18
C ALA A 84 5.73 -4.95 -8.06
N ILE A 85 6.22 -4.33 -7.03
CA ILE A 85 7.60 -4.38 -6.75
C ILE A 85 7.99 -5.79 -6.57
N GLN A 86 7.17 -6.50 -5.82
CA GLN A 86 7.37 -7.86 -5.55
C GLN A 86 7.36 -8.59 -6.83
N ASP A 87 6.35 -8.30 -7.62
CA ASP A 87 6.15 -8.94 -8.92
C ASP A 87 7.41 -8.91 -9.72
N VAL A 88 7.91 -7.72 -9.93
CA VAL A 88 9.02 -7.56 -10.80
C VAL A 88 10.32 -7.99 -10.09
N ASN A 89 10.44 -7.67 -8.79
CA ASN A 89 11.54 -8.15 -7.95
C ASN A 89 11.55 -9.65 -7.93
N ALA A 90 10.37 -10.18 -8.10
CA ALA A 90 10.12 -11.61 -8.05
C ALA A 90 10.64 -12.26 -9.29
N GLN A 91 10.98 -11.41 -10.24
CA GLN A 91 11.51 -11.84 -11.50
C GLN A 91 13.01 -11.89 -11.40
N PHE A 92 13.55 -11.22 -10.42
CA PHE A 92 14.99 -11.26 -10.17
C PHE A 92 15.33 -12.22 -9.06
N GLU A 93 16.59 -12.63 -9.09
CA GLU A 93 17.13 -13.49 -8.09
C GLU A 93 17.13 -12.76 -6.75
N LYS A 94 17.13 -11.44 -6.86
CA LYS A 94 16.99 -10.54 -5.73
C LYS A 94 16.23 -9.30 -6.18
N PRO A 95 15.43 -8.77 -5.27
CA PRO A 95 14.53 -7.65 -5.55
C PRO A 95 15.21 -6.53 -6.25
N ALA A 96 14.56 -5.94 -7.23
CA ALA A 96 15.14 -4.78 -7.77
C ALA A 96 14.15 -3.66 -7.89
N ILE A 97 13.52 -3.40 -6.77
CA ILE A 97 13.01 -2.13 -6.37
C ILE A 97 13.12 -2.11 -4.90
N VAL A 98 14.11 -1.50 -4.37
CA VAL A 98 14.27 -1.55 -2.96
C VAL A 98 14.52 -0.16 -2.44
N ASP A 99 13.54 0.30 -1.67
CA ASP A 99 13.50 1.69 -1.20
C ASP A 99 13.10 2.60 -2.36
N GLY A 100 12.11 2.15 -3.13
CA GLY A 100 11.63 2.92 -4.26
C GLY A 100 12.65 3.05 -5.36
N VAL A 101 13.78 2.42 -5.19
CA VAL A 101 14.81 2.46 -6.18
C VAL A 101 15.27 1.07 -6.52
N LEU A 102 15.41 0.88 -7.79
CA LEU A 102 15.74 -0.37 -8.36
C LEU A 102 17.16 -0.80 -8.00
N ASP A 103 17.34 -2.09 -8.02
CA ASP A 103 18.63 -2.70 -7.80
C ASP A 103 19.12 -3.20 -9.11
N THR A 104 19.91 -2.41 -9.77
CA THR A 104 20.47 -2.74 -11.07
C THR A 104 21.46 -3.86 -10.92
N ASN A 105 21.74 -4.13 -9.69
CA ASN A 105 22.64 -5.18 -9.29
C ASN A 105 21.89 -6.48 -9.23
N ALA A 106 20.61 -6.38 -9.45
CA ALA A 106 19.71 -7.52 -9.40
C ALA A 106 19.88 -8.42 -10.60
N LYS A 107 19.15 -9.50 -10.56
CA LYS A 107 19.34 -10.56 -11.51
C LYS A 107 18.03 -11.07 -12.03
N ALA A 108 17.60 -10.56 -13.16
CA ALA A 108 16.33 -10.97 -13.72
C ALA A 108 16.40 -12.46 -14.08
N LYS A 109 15.83 -13.26 -13.18
CA LYS A 109 15.83 -14.71 -13.27
C LYS A 109 15.47 -15.22 -14.66
N SER A 110 15.76 -16.49 -14.88
CA SER A 110 15.40 -17.16 -16.11
C SER A 110 13.90 -17.42 -16.14
N ASP A 111 13.24 -16.98 -15.09
CA ASP A 111 11.82 -17.15 -14.93
C ASP A 111 11.14 -15.79 -14.94
N ALA A 112 11.96 -14.73 -14.79
CA ALA A 112 11.48 -13.36 -14.90
C ALA A 112 10.57 -13.17 -16.09
N LYS A 113 9.37 -12.86 -15.77
CA LYS A 113 8.32 -12.59 -16.71
C LYS A 113 7.58 -11.35 -16.27
N PHE A 114 7.90 -10.25 -16.89
CA PHE A 114 7.48 -8.95 -16.40
C PHE A 114 6.14 -8.50 -16.93
N THR A 115 5.56 -7.62 -16.14
CA THR A 115 4.36 -6.92 -16.47
C THR A 115 4.59 -5.46 -16.24
N ASP A 116 4.21 -4.65 -17.21
CA ASP A 116 4.29 -3.22 -17.11
C ASP A 116 3.26 -2.74 -16.12
N ILE A 117 3.58 -3.03 -14.88
CA ILE A 117 2.67 -2.82 -13.78
C ILE A 117 2.47 -1.36 -13.49
N LYS A 118 1.23 -0.97 -13.59
CA LYS A 118 0.80 0.32 -13.15
C LYS A 118 0.03 0.18 -11.87
N THR A 119 0.72 0.51 -10.84
CA THR A 119 0.16 0.56 -9.51
C THR A 119 -0.63 1.83 -9.39
N GLY A 120 -0.42 2.71 -10.36
CA GLY A 120 -0.94 4.02 -10.25
C GLY A 120 0.08 4.97 -9.66
N ASN A 121 1.07 4.38 -9.00
CA ASN A 121 2.19 5.14 -8.47
C ASN A 121 3.25 5.20 -9.55
N THR A 122 3.12 6.18 -10.43
CA THR A 122 3.95 6.31 -11.60
C THR A 122 5.43 6.17 -11.31
N GLU A 123 5.93 6.95 -10.39
CA GLU A 123 7.34 6.91 -10.02
C GLU A 123 7.75 5.51 -9.66
N LEU A 124 6.84 4.80 -9.02
CA LEU A 124 7.04 3.42 -8.68
C LEU A 124 6.94 2.60 -9.95
N ASP A 125 5.94 2.93 -10.72
CA ASP A 125 5.64 2.33 -11.98
C ASP A 125 6.85 2.44 -12.90
N LYS A 126 7.62 3.50 -12.66
CA LYS A 126 8.87 3.73 -13.34
C LYS A 126 10.03 2.98 -12.70
N VAL A 127 9.91 2.62 -11.45
CA VAL A 127 10.96 1.90 -10.79
C VAL A 127 10.71 0.42 -10.93
N LEU A 128 9.43 0.09 -11.03
CA LEU A 128 9.01 -1.24 -11.37
C LEU A 128 9.68 -1.59 -12.67
N ASP A 129 9.52 -0.61 -13.54
CA ASP A 129 10.06 -0.60 -14.89
C ASP A 129 11.54 -0.77 -14.91
N LYS A 130 12.14 0.02 -14.07
CA LYS A 130 13.55 0.04 -13.84
C LYS A 130 14.08 -1.36 -13.73
N ALA A 131 13.36 -2.13 -12.98
CA ALA A 131 13.72 -3.50 -12.75
C ALA A 131 13.53 -4.29 -14.03
N ILE A 132 12.37 -4.16 -14.60
CA ILE A 132 12.05 -4.78 -15.87
C ILE A 132 13.09 -4.43 -16.92
N SER A 133 13.77 -3.34 -16.70
CA SER A 133 14.77 -2.87 -17.63
C SER A 133 16.06 -3.64 -17.41
N LEU A 134 16.14 -4.28 -16.26
CA LEU A 134 17.19 -5.24 -15.95
C LEU A 134 16.80 -6.57 -16.58
N GLY A 135 15.50 -6.81 -16.71
CA GLY A 135 15.01 -8.02 -17.31
C GLY A 135 15.27 -8.07 -18.80
N GLY A 1 -34.06 26.20 33.66
CA GLY A 1 -34.83 26.16 32.40
C GLY A 1 -33.94 26.00 31.18
N HIS A 2 -34.56 25.97 30.00
CA HIS A 2 -33.83 25.81 28.74
C HIS A 2 -33.00 24.53 28.75
N MET A 3 -33.60 23.47 29.26
CA MET A 3 -32.96 22.17 29.30
C MET A 3 -33.94 21.09 28.83
N GLN A 4 -35.21 21.32 29.11
CA GLN A 4 -36.26 20.40 28.70
C GLN A 4 -36.80 20.81 27.34
N VAL A 5 -35.93 20.78 26.35
CA VAL A 5 -36.31 21.11 24.99
C VAL A 5 -36.67 19.83 24.25
N ALA A 6 -37.97 19.54 24.21
CA ALA A 6 -38.45 18.25 23.69
C ALA A 6 -38.52 18.25 22.17
N ARG A 7 -37.50 18.80 21.52
CA ARG A 7 -37.41 18.78 20.07
C ARG A 7 -36.63 17.55 19.63
N SER A 8 -35.95 16.94 20.59
CA SER A 8 -35.13 15.77 20.32
C SER A 8 -35.72 14.53 20.96
N THR A 9 -35.80 13.46 20.20
CA THR A 9 -36.33 12.20 20.68
C THR A 9 -35.26 11.40 21.42
N LYS A 10 -34.01 11.57 21.01
CA LYS A 10 -32.88 10.87 21.65
C LYS A 10 -31.65 11.76 21.66
N GLU A 11 -31.84 13.04 21.30
CA GLU A 11 -30.75 14.02 21.20
C GLU A 11 -29.86 13.71 20.00
N ILE A 12 -29.47 14.76 19.28
CA ILE A 12 -28.60 14.61 18.13
C ILE A 12 -27.18 14.28 18.58
N GLU A 13 -26.80 13.02 18.44
CA GLU A 13 -25.48 12.59 18.82
C GLU A 13 -24.82 11.82 17.67
N THR A 14 -25.31 10.62 17.41
CA THR A 14 -24.71 9.77 16.40
C THR A 14 -25.54 9.78 15.12
N SER A 15 -25.31 10.77 14.29
CA SER A 15 -25.91 10.83 12.97
C SER A 15 -24.88 10.37 11.94
N GLN A 16 -23.81 9.78 12.46
CA GLN A 16 -22.66 9.41 11.67
C GLN A 16 -22.66 7.92 11.37
N SER A 17 -22.40 7.58 10.10
CA SER A 17 -22.33 6.19 9.67
C SER A 17 -21.12 5.48 10.27
N THR A 18 -20.91 4.22 9.89
CA THR A 18 -19.77 3.45 10.34
C THR A 18 -18.47 4.22 10.14
N THR A 19 -17.64 4.25 11.16
CA THR A 19 -16.41 5.01 11.11
C THR A 19 -15.29 4.30 11.83
N ALA A 20 -14.08 4.52 11.37
CA ALA A 20 -12.92 3.81 11.85
C ALA A 20 -12.39 4.39 13.14
N ASN A 21 -11.36 3.73 13.62
CA ASN A 21 -10.74 4.04 14.88
C ASN A 21 -9.29 4.40 14.59
N GLN A 22 -8.67 5.19 15.42
CA GLN A 22 -7.29 5.58 15.17
C GLN A 22 -6.34 4.44 15.52
N SER A 23 -6.85 3.47 16.23
CA SER A 23 -6.10 2.26 16.48
C SER A 23 -6.21 1.39 15.24
N ASP A 24 -7.13 1.77 14.38
CA ASP A 24 -7.35 1.10 13.12
C ASP A 24 -6.62 1.87 12.04
N VAL A 25 -6.80 3.17 12.12
CA VAL A 25 -6.43 4.07 11.06
C VAL A 25 -4.98 4.52 11.14
N ASP A 26 -4.60 5.04 12.28
CA ASP A 26 -3.28 5.64 12.46
C ASP A 26 -2.17 4.67 12.11
N ASP A 27 -2.22 3.46 12.67
CA ASP A 27 -1.21 2.44 12.40
C ASP A 27 -1.32 1.99 10.98
N PHE A 28 -2.54 1.91 10.48
CA PHE A 28 -2.76 1.59 9.09
C PHE A 28 -2.00 2.57 8.26
N ASN A 29 -2.40 3.82 8.41
CA ASN A 29 -1.84 4.94 7.67
C ASN A 29 -0.36 5.04 7.86
N THR A 30 0.08 4.66 9.03
CA THR A 30 1.45 4.82 9.39
C THR A 30 2.30 3.75 8.78
N LEU A 31 1.84 2.51 8.89
CA LEU A 31 2.55 1.40 8.35
C LEU A 31 2.48 1.52 6.86
N TYR A 32 1.37 2.06 6.42
CA TYR A 32 1.08 2.34 5.04
C TYR A 32 2.05 3.39 4.50
N ASP A 33 2.19 4.45 5.27
CA ASP A 33 3.11 5.53 4.94
C ASP A 33 4.51 4.98 4.96
N ALA A 34 4.64 3.95 5.75
CA ALA A 34 5.91 3.32 6.02
C ALA A 34 6.37 2.48 4.85
N PHE A 35 5.41 1.89 4.13
CA PHE A 35 5.73 1.11 2.95
C PHE A 35 6.34 2.02 1.93
N TYR A 36 6.09 3.28 2.10
CA TYR A 36 6.65 4.28 1.26
C TYR A 36 7.90 4.83 1.89
N THR A 37 8.93 4.81 1.11
CA THR A 37 10.23 5.31 1.53
C THR A 37 10.15 6.79 1.88
N ASN A 38 9.20 7.46 1.25
CA ASN A 38 8.97 8.87 1.46
C ASN A 38 7.47 9.11 1.54
N SER A 39 7.07 10.21 2.16
CA SER A 39 5.66 10.51 2.30
C SER A 39 5.09 11.06 0.99
N ASN A 40 5.92 11.11 -0.05
CA ASN A 40 5.45 11.41 -1.39
C ASN A 40 4.78 10.16 -1.96
N LYS A 41 5.13 9.03 -1.33
CA LYS A 41 4.56 7.73 -1.64
C LYS A 41 4.71 7.42 -3.11
N THR A 42 5.89 7.77 -3.58
CA THR A 42 6.32 7.56 -4.95
C THR A 42 7.26 6.38 -5.00
N ALA A 43 7.59 5.90 -3.82
CA ALA A 43 8.63 4.92 -3.65
C ALA A 43 8.35 4.08 -2.42
N LEU A 44 8.68 2.81 -2.50
CA LEU A 44 8.32 1.86 -1.49
C LEU A 44 9.49 1.14 -0.82
N LYS A 45 9.36 1.03 0.49
CA LYS A 45 10.28 0.31 1.32
C LYS A 45 9.94 -1.14 1.30
N ASN A 46 10.97 -1.90 1.15
CA ASN A 46 10.83 -3.28 0.78
C ASN A 46 10.67 -4.18 2.01
N SER A 47 11.17 -3.71 3.14
CA SER A 47 11.01 -4.43 4.39
C SER A 47 9.57 -4.32 4.89
N GLN A 48 8.88 -3.26 4.48
CA GLN A 48 7.49 -3.04 4.85
C GLN A 48 6.60 -4.08 4.22
N PHE A 49 7.03 -4.63 3.11
CA PHE A 49 6.24 -5.61 2.37
C PHE A 49 5.81 -6.77 3.27
N ASP A 50 6.59 -6.99 4.31
CA ASP A 50 6.33 -8.04 5.29
C ASP A 50 5.05 -7.75 6.05
N LYS A 51 4.77 -6.47 6.14
CA LYS A 51 3.64 -5.93 6.88
C LYS A 51 2.48 -5.64 5.95
N LEU A 52 2.59 -6.04 4.71
CA LEU A 52 1.50 -5.81 3.77
C LEU A 52 0.25 -6.57 4.20
N SER A 53 0.42 -7.79 4.70
CA SER A 53 -0.70 -8.53 5.27
C SER A 53 -1.13 -7.85 6.57
N GLN A 54 -0.20 -7.10 7.14
CA GLN A 54 -0.44 -6.32 8.33
C GLN A 54 -1.20 -5.05 7.98
N LEU A 55 -0.85 -4.47 6.84
CA LEU A 55 -1.53 -3.32 6.29
C LEU A 55 -2.92 -3.75 5.87
N LYS A 56 -3.04 -5.02 5.53
CA LYS A 56 -4.32 -5.62 5.24
C LYS A 56 -5.03 -5.86 6.54
N THR A 57 -4.25 -6.12 7.56
CA THR A 57 -4.74 -6.36 8.87
C THR A 57 -5.28 -5.06 9.46
N LEU A 58 -4.57 -3.98 9.19
CA LEU A 58 -4.97 -2.67 9.61
C LEU A 58 -6.15 -2.19 8.82
N LEU A 59 -6.13 -2.45 7.53
CA LEU A 59 -7.30 -2.24 6.69
C LEU A 59 -8.44 -3.13 7.18
N ASP A 60 -8.09 -4.32 7.61
CA ASP A 60 -9.03 -5.23 8.25
C ASP A 60 -9.52 -4.62 9.54
N LYS A 61 -8.75 -3.70 10.07
CA LYS A 61 -9.13 -2.95 11.24
C LYS A 61 -10.03 -1.81 10.84
N LEU A 62 -9.96 -1.48 9.58
CA LEU A 62 -10.79 -0.45 9.00
C LEU A 62 -12.07 -1.08 8.57
N GLU A 63 -11.97 -2.37 8.35
CA GLU A 63 -13.08 -3.20 7.99
C GLU A 63 -14.30 -2.93 8.86
N GLY A 64 -15.43 -2.73 8.22
CA GLY A 64 -16.63 -2.43 8.92
C GLY A 64 -16.79 -0.94 9.16
N SER A 65 -15.72 -0.20 8.89
CA SER A 65 -15.74 1.24 9.06
C SER A 65 -15.69 1.92 7.69
N ARG A 66 -16.00 3.21 7.65
CA ARG A 66 -16.00 3.94 6.38
C ARG A 66 -14.58 4.14 5.85
N GLU A 67 -13.65 4.25 6.78
CA GLU A 67 -12.24 4.46 6.48
C GLU A 67 -11.75 3.36 5.60
N HIS A 68 -12.25 2.18 5.90
CA HIS A 68 -11.97 0.98 5.17
C HIS A 68 -11.95 1.18 3.69
N THR A 69 -12.94 1.86 3.19
CA THR A 69 -13.06 2.11 1.77
C THR A 69 -11.82 2.78 1.23
N LEU A 70 -11.53 3.83 1.90
CA LEU A 70 -10.50 4.76 1.57
C LEU A 70 -9.21 4.05 1.74
N ALA A 71 -9.18 3.37 2.82
CA ALA A 71 -8.01 2.71 3.27
C ALA A 71 -7.82 1.39 2.58
N LYS A 72 -8.87 0.85 2.02
CA LYS A 72 -8.79 -0.30 1.19
C LYS A 72 -8.25 0.16 -0.10
N SER A 73 -8.67 1.35 -0.44
CA SER A 73 -8.19 1.94 -1.66
C SER A 73 -6.78 2.48 -1.46
N LYS A 74 -6.36 2.62 -0.20
CA LYS A 74 -4.98 2.88 0.12
C LYS A 74 -4.23 1.60 0.15
N TYR A 75 -4.75 0.72 0.96
CA TYR A 75 -4.19 -0.58 1.18
C TYR A 75 -3.93 -1.27 -0.13
N ASP A 76 -4.99 -1.39 -0.92
CA ASP A 76 -4.97 -2.21 -2.12
C ASP A 76 -3.97 -1.62 -3.06
N SER A 77 -3.95 -0.32 -3.00
CA SER A 77 -3.10 0.52 -3.79
C SER A 77 -1.67 0.22 -3.44
N LEU A 78 -1.41 0.34 -2.16
CA LEU A 78 -0.13 0.22 -1.58
C LEU A 78 0.35 -1.22 -1.72
N ALA A 79 -0.61 -2.10 -1.60
CA ALA A 79 -0.43 -3.53 -1.71
C ALA A 79 -0.05 -3.89 -3.11
N THR A 80 -0.59 -3.16 -4.04
CA THR A 80 -0.30 -3.38 -5.42
C THR A 80 1.07 -2.83 -5.77
N GLN A 81 1.41 -1.71 -5.18
CA GLN A 81 2.63 -1.04 -5.44
C GLN A 81 3.74 -1.87 -4.95
N ILE A 82 3.54 -2.46 -3.81
CA ILE A 82 4.53 -3.36 -3.35
C ILE A 82 4.45 -4.66 -4.14
N LYS A 83 3.25 -5.24 -4.29
CA LYS A 83 3.05 -6.46 -5.05
C LYS A 83 3.66 -6.39 -6.43
N ALA A 84 3.61 -5.22 -6.99
CA ALA A 84 4.24 -4.91 -8.23
C ALA A 84 5.71 -5.03 -8.11
N ILE A 85 6.19 -4.40 -7.07
CA ILE A 85 7.57 -4.42 -6.79
C ILE A 85 7.98 -5.84 -6.60
N GLN A 86 7.15 -6.54 -5.86
CA GLN A 86 7.35 -7.90 -5.58
C GLN A 86 7.40 -8.63 -6.86
N ASP A 87 6.39 -8.39 -7.68
CA ASP A 87 6.25 -9.05 -8.97
C ASP A 87 7.54 -8.99 -9.73
N VAL A 88 8.00 -7.79 -9.93
CA VAL A 88 9.13 -7.58 -10.77
C VAL A 88 10.41 -7.99 -10.04
N ASN A 89 10.52 -7.67 -8.74
CA ASN A 89 11.60 -8.14 -7.88
C ASN A 89 11.63 -9.64 -7.85
N ALA A 90 10.46 -10.19 -8.05
CA ALA A 90 10.23 -11.61 -8.00
C ALA A 90 10.81 -12.27 -9.22
N GLN A 91 11.08 -11.42 -10.20
CA GLN A 91 11.64 -11.85 -11.44
C GLN A 91 13.14 -11.87 -11.35
N PHE A 92 13.67 -11.17 -10.37
CA PHE A 92 15.10 -11.19 -10.12
C PHE A 92 15.47 -12.13 -9.02
N GLU A 93 16.73 -12.52 -9.06
CA GLU A 93 17.31 -13.36 -8.06
C GLU A 93 17.32 -12.62 -6.73
N LYS A 94 17.31 -11.30 -6.84
CA LYS A 94 17.20 -10.40 -5.71
C LYS A 94 16.38 -9.21 -6.13
N PRO A 95 15.56 -8.70 -5.23
CA PRO A 95 14.63 -7.61 -5.50
C PRO A 95 15.27 -6.46 -6.17
N ALA A 96 14.60 -5.88 -7.16
CA ALA A 96 15.15 -4.71 -7.70
C ALA A 96 14.12 -3.62 -7.81
N ILE A 97 13.50 -3.37 -6.68
CA ILE A 97 12.96 -2.11 -6.27
C ILE A 97 13.09 -2.09 -4.80
N VAL A 98 14.09 -1.48 -4.31
CA VAL A 98 14.31 -1.52 -2.90
C VAL A 98 14.56 -0.14 -2.39
N ASP A 99 13.55 0.34 -1.71
CA ASP A 99 13.49 1.73 -1.23
C ASP A 99 13.05 2.64 -2.36
N GLY A 100 12.06 2.18 -3.11
CA GLY A 100 11.53 2.94 -4.22
C GLY A 100 12.52 3.13 -5.33
N VAL A 101 13.66 2.52 -5.19
CA VAL A 101 14.66 2.56 -6.20
C VAL A 101 15.12 1.18 -6.54
N LEU A 102 15.28 0.99 -7.80
CA LEU A 102 15.63 -0.26 -8.36
C LEU A 102 17.04 -0.67 -7.98
N ASP A 103 17.25 -1.96 -8.01
CA ASP A 103 18.55 -2.54 -7.78
C ASP A 103 19.06 -3.04 -9.09
N THR A 104 19.84 -2.25 -9.76
CA THR A 104 20.39 -2.59 -11.07
C THR A 104 21.37 -3.71 -10.92
N ASN A 105 21.72 -3.92 -9.67
CA ASN A 105 22.63 -4.94 -9.27
C ASN A 105 21.93 -6.27 -9.18
N ALA A 106 20.64 -6.18 -9.39
CA ALA A 106 19.76 -7.36 -9.33
C ALA A 106 19.94 -8.23 -10.53
N LYS A 107 19.23 -9.32 -10.52
CA LYS A 107 19.44 -10.38 -11.47
C LYS A 107 18.14 -10.91 -11.99
N ALA A 108 17.69 -10.39 -13.11
CA ALA A 108 16.46 -10.85 -13.68
C ALA A 108 16.59 -12.33 -14.02
N LYS A 109 16.00 -13.16 -13.17
CA LYS A 109 16.05 -14.60 -13.28
C LYS A 109 15.73 -15.09 -14.69
N SER A 110 16.08 -16.35 -14.96
CA SER A 110 15.75 -17.00 -16.22
C SER A 110 14.26 -17.30 -16.29
N ASP A 111 13.58 -16.91 -15.24
CA ASP A 111 12.17 -17.18 -15.10
C ASP A 111 11.42 -15.85 -14.99
N ALA A 112 12.19 -14.77 -14.80
CA ALA A 112 11.65 -13.43 -14.85
C ALA A 112 10.74 -13.24 -16.04
N LYS A 113 9.53 -12.93 -15.71
CA LYS A 113 8.47 -12.70 -16.64
C LYS A 113 7.72 -11.46 -16.21
N PHE A 114 8.00 -10.37 -16.86
CA PHE A 114 7.56 -9.08 -16.39
C PHE A 114 6.21 -8.66 -16.94
N THR A 115 5.59 -7.80 -16.16
CA THR A 115 4.36 -7.14 -16.50
C THR A 115 4.55 -5.66 -16.29
N ASP A 116 4.11 -4.89 -17.26
CA ASP A 116 4.17 -3.43 -17.18
C ASP A 116 3.16 -2.96 -16.17
N ILE A 117 3.45 -3.29 -14.94
CA ILE A 117 2.56 -3.10 -13.84
C ILE A 117 2.31 -1.65 -13.54
N LYS A 118 1.06 -1.30 -13.59
CA LYS A 118 0.63 -0.02 -13.12
C LYS A 118 -0.09 -0.17 -11.83
N THR A 119 0.60 0.25 -10.83
CA THR A 119 0.07 0.30 -9.50
C THR A 119 -0.78 1.52 -9.37
N GLY A 120 -0.59 2.41 -10.33
CA GLY A 120 -1.15 3.72 -10.20
C GLY A 120 -0.11 4.68 -9.65
N ASN A 121 0.87 4.14 -8.93
CA ASN A 121 2.00 4.92 -8.48
C ASN A 121 2.99 4.99 -9.61
N THR A 122 2.84 5.99 -10.46
CA THR A 122 3.68 6.15 -11.64
C THR A 122 5.15 6.07 -11.33
N GLU A 123 5.56 6.84 -10.39
CA GLU A 123 6.94 6.91 -9.96
C GLU A 123 7.46 5.55 -9.60
N LEU A 124 6.60 4.79 -8.99
CA LEU A 124 6.89 3.42 -8.66
C LEU A 124 6.83 2.59 -9.90
N ASP A 125 5.82 2.88 -10.69
CA ASP A 125 5.57 2.25 -11.95
C ASP A 125 6.79 2.39 -12.84
N LYS A 126 7.48 3.52 -12.64
CA LYS A 126 8.72 3.81 -13.31
C LYS A 126 9.92 3.13 -12.65
N VAL A 127 9.76 2.68 -11.43
CA VAL A 127 10.83 1.97 -10.77
C VAL A 127 10.60 0.48 -10.92
N LEU A 128 9.33 0.12 -11.03
CA LEU A 128 8.93 -1.23 -11.37
C LEU A 128 9.61 -1.56 -12.66
N ASP A 129 9.44 -0.60 -13.53
CA ASP A 129 9.96 -0.60 -14.89
C ASP A 129 11.44 -0.76 -14.90
N LYS A 130 12.04 0.04 -14.05
CA LYS A 130 13.45 0.09 -13.84
C LYS A 130 14.00 -1.29 -13.69
N ALA A 131 13.28 -2.08 -12.94
CA ALA A 131 13.66 -3.45 -12.70
C ALA A 131 13.49 -4.23 -13.96
N ILE A 132 12.30 -4.14 -14.53
CA ILE A 132 12.01 -4.77 -15.79
C ILE A 132 13.04 -4.44 -16.85
N SER A 133 13.69 -3.32 -16.65
CA SER A 133 14.66 -2.87 -17.57
C SER A 133 16.00 -3.56 -17.35
N LEU A 134 16.12 -4.20 -16.18
CA LEU A 134 17.18 -5.13 -15.89
C LEU A 134 16.84 -6.46 -16.53
N GLY A 135 15.54 -6.72 -16.66
CA GLY A 135 15.06 -7.94 -17.29
C GLY A 135 15.33 -7.98 -18.77
N GLY A 1 -22.61 -4.46 32.03
CA GLY A 1 -22.93 -3.37 32.98
C GLY A 1 -24.41 -3.20 33.17
N HIS A 2 -24.83 -1.98 33.50
CA HIS A 2 -26.24 -1.68 33.68
C HIS A 2 -26.71 -0.77 32.56
N MET A 3 -27.68 -1.25 31.79
CA MET A 3 -28.21 -0.55 30.62
C MET A 3 -27.18 -0.56 29.49
N GLN A 4 -27.44 -1.37 28.47
CA GLN A 4 -26.54 -1.50 27.32
C GLN A 4 -26.29 -0.14 26.68
N VAL A 5 -25.09 0.02 26.13
CA VAL A 5 -24.66 1.28 25.54
C VAL A 5 -25.34 1.55 24.19
N ALA A 6 -26.66 1.63 24.21
CA ALA A 6 -27.43 1.94 23.02
C ALA A 6 -27.58 3.44 22.84
N ARG A 7 -26.60 4.17 23.35
CA ARG A 7 -26.58 5.63 23.27
C ARG A 7 -25.78 6.07 22.06
N SER A 8 -25.29 5.11 21.30
CA SER A 8 -24.44 5.37 20.14
C SER A 8 -25.10 6.35 19.16
N THR A 9 -24.32 7.35 18.77
CA THR A 9 -24.74 8.34 17.80
C THR A 9 -25.85 9.25 18.35
N LYS A 10 -25.47 10.05 19.34
CA LYS A 10 -26.37 11.08 19.85
C LYS A 10 -26.12 12.39 19.11
N GLU A 11 -24.92 12.50 18.55
CA GLU A 11 -24.57 13.64 17.70
C GLU A 11 -24.53 13.18 16.26
N ILE A 12 -24.35 14.11 15.33
CA ILE A 12 -24.28 13.77 13.93
C ILE A 12 -22.87 13.34 13.55
N GLU A 13 -22.50 12.16 14.02
CA GLU A 13 -21.21 11.58 13.69
C GLU A 13 -21.36 10.09 13.45
N THR A 14 -20.59 9.58 12.50
CA THR A 14 -20.56 8.16 12.20
C THR A 14 -21.94 7.68 11.68
N SER A 15 -22.80 8.64 11.36
CA SER A 15 -24.16 8.33 10.95
C SER A 15 -24.25 8.08 9.45
N GLN A 16 -23.15 8.33 8.74
CA GLN A 16 -23.11 8.10 7.30
C GLN A 16 -23.15 6.61 6.99
N SER A 17 -22.02 5.95 7.16
CA SER A 17 -21.91 4.51 6.95
C SER A 17 -20.71 3.98 7.70
N THR A 18 -20.87 3.86 9.03
CA THR A 18 -19.80 3.42 9.94
C THR A 18 -18.56 4.31 9.86
N THR A 19 -17.70 4.18 10.85
CA THR A 19 -16.47 4.92 10.87
C THR A 19 -15.40 4.17 11.65
N ALA A 20 -14.17 4.32 11.21
CA ALA A 20 -13.06 3.62 11.79
C ALA A 20 -12.60 4.29 13.05
N ASN A 21 -11.60 3.69 13.63
CA ASN A 21 -10.99 4.13 14.86
C ASN A 21 -9.56 4.47 14.51
N GLN A 22 -8.99 5.48 15.11
CA GLN A 22 -7.61 5.85 14.76
C GLN A 22 -6.64 4.78 15.21
N SER A 23 -7.10 3.91 16.08
CA SER A 23 -6.33 2.76 16.44
C SER A 23 -6.44 1.73 15.33
N ASP A 24 -7.33 2.04 14.40
CA ASP A 24 -7.50 1.25 13.22
C ASP A 24 -6.75 1.91 12.09
N VAL A 25 -7.01 3.21 11.94
CA VAL A 25 -6.61 3.92 10.75
C VAL A 25 -5.21 4.49 10.84
N ASP A 26 -4.88 5.06 11.99
CA ASP A 26 -3.61 5.75 12.16
C ASP A 26 -2.45 4.80 11.91
N ASP A 27 -2.48 3.63 12.52
CA ASP A 27 -1.44 2.62 12.33
C ASP A 27 -1.48 2.12 10.91
N PHE A 28 -2.71 1.95 10.41
CA PHE A 28 -2.89 1.56 9.04
C PHE A 28 -2.11 2.51 8.17
N ASN A 29 -2.55 3.74 8.25
CA ASN A 29 -2.03 4.83 7.46
C ASN A 29 -0.56 5.05 7.71
N THR A 30 -0.15 4.71 8.90
CA THR A 30 1.21 4.92 9.30
C THR A 30 2.11 3.86 8.71
N LEU A 31 1.70 2.63 8.86
CA LEU A 31 2.47 1.51 8.35
C LEU A 31 2.45 1.61 6.85
N TYR A 32 1.33 2.11 6.39
CA TYR A 32 1.06 2.38 5.00
C TYR A 32 1.99 3.45 4.48
N ASP A 33 2.10 4.53 5.24
CA ASP A 33 2.98 5.64 4.92
C ASP A 33 4.40 5.14 4.94
N ALA A 34 4.56 4.11 5.72
CA ALA A 34 5.84 3.51 6.01
C ALA A 34 6.33 2.66 4.86
N PHE A 35 5.38 2.03 4.15
CA PHE A 35 5.73 1.24 2.97
C PHE A 35 6.34 2.13 1.95
N TYR A 36 6.06 3.39 2.09
CA TYR A 36 6.61 4.36 1.22
C TYR A 36 7.86 4.93 1.83
N THR A 37 8.90 4.85 1.03
CA THR A 37 10.23 5.31 1.44
C THR A 37 10.19 6.78 1.82
N ASN A 38 9.22 7.50 1.25
CA ASN A 38 9.03 8.91 1.52
C ASN A 38 7.55 9.23 1.39
N SER A 39 7.10 10.29 2.05
CA SER A 39 5.67 10.57 2.16
C SER A 39 5.06 11.13 0.88
N ASN A 40 5.84 11.19 -0.20
CA ASN A 40 5.27 11.46 -1.51
C ASN A 40 4.64 10.19 -2.05
N LYS A 41 5.03 9.07 -1.39
CA LYS A 41 4.48 7.76 -1.68
C LYS A 41 4.65 7.43 -3.14
N THR A 42 5.83 7.78 -3.61
CA THR A 42 6.25 7.58 -4.97
C THR A 42 7.24 6.42 -5.03
N ALA A 43 7.52 5.88 -3.85
CA ALA A 43 8.56 4.88 -3.69
C ALA A 43 8.25 4.05 -2.45
N LEU A 44 8.68 2.80 -2.49
CA LEU A 44 8.30 1.85 -1.47
C LEU A 44 9.46 1.12 -0.82
N LYS A 45 9.32 0.95 0.48
CA LYS A 45 10.25 0.25 1.32
C LYS A 45 9.89 -1.21 1.34
N ASN A 46 10.87 -2.00 1.03
CA ASN A 46 10.65 -3.43 0.83
C ASN A 46 10.52 -4.17 2.16
N SER A 47 11.11 -3.62 3.21
CA SER A 47 11.00 -4.20 4.53
C SER A 47 9.56 -4.11 5.03
N GLN A 48 8.84 -3.13 4.51
CA GLN A 48 7.46 -2.90 4.88
C GLN A 48 6.55 -3.93 4.26
N PHE A 49 6.99 -4.54 3.17
CA PHE A 49 6.18 -5.53 2.46
C PHE A 49 5.78 -6.67 3.39
N ASP A 50 6.54 -6.86 4.46
CA ASP A 50 6.30 -7.92 5.42
C ASP A 50 5.06 -7.58 6.22
N LYS A 51 4.79 -6.29 6.27
CA LYS A 51 3.68 -5.74 7.00
C LYS A 51 2.53 -5.45 6.05
N LEU A 52 2.61 -5.91 4.81
CA LEU A 52 1.52 -5.70 3.87
C LEU A 52 0.30 -6.51 4.29
N SER A 53 0.54 -7.72 4.74
CA SER A 53 -0.52 -8.53 5.31
C SER A 53 -0.96 -7.93 6.64
N GLN A 54 -0.11 -7.06 7.17
CA GLN A 54 -0.41 -6.30 8.36
C GLN A 54 -1.19 -5.05 7.99
N LEU A 55 -0.84 -4.47 6.86
CA LEU A 55 -1.54 -3.34 6.29
C LEU A 55 -2.92 -3.78 5.88
N LYS A 56 -3.02 -5.07 5.58
CA LYS A 56 -4.29 -5.69 5.30
C LYS A 56 -5.00 -5.94 6.60
N THR A 57 -4.21 -6.16 7.62
CA THR A 57 -4.69 -6.38 8.95
C THR A 57 -5.26 -5.08 9.51
N LEU A 58 -4.56 -4.00 9.23
CA LEU A 58 -4.97 -2.68 9.63
C LEU A 58 -6.17 -2.24 8.84
N LEU A 59 -6.15 -2.53 7.55
CA LEU A 59 -7.32 -2.35 6.73
C LEU A 59 -8.44 -3.23 7.25
N ASP A 60 -8.07 -4.41 7.69
CA ASP A 60 -8.98 -5.33 8.35
C ASP A 60 -9.45 -4.73 9.67
N LYS A 61 -8.71 -3.76 10.14
CA LYS A 61 -9.11 -3.01 11.31
C LYS A 61 -10.04 -1.89 10.90
N LEU A 62 -9.97 -1.57 9.63
CA LEU A 62 -10.82 -0.55 9.05
C LEU A 62 -12.10 -1.21 8.64
N GLU A 63 -11.99 -2.50 8.45
CA GLU A 63 -13.09 -3.35 8.12
C GLU A 63 -14.32 -3.05 8.95
N GLY A 64 -15.45 -2.94 8.27
CA GLY A 64 -16.69 -2.64 8.94
C GLY A 64 -16.90 -1.15 9.07
N SER A 65 -15.83 -0.40 8.86
CA SER A 65 -15.86 1.05 9.00
C SER A 65 -15.77 1.70 7.63
N ARG A 66 -16.14 2.96 7.51
CA ARG A 66 -16.08 3.65 6.22
C ARG A 66 -14.65 3.83 5.75
N GLU A 67 -13.75 3.97 6.71
CA GLU A 67 -12.34 4.20 6.47
C GLU A 67 -11.81 3.09 5.60
N HIS A 68 -12.31 1.93 5.90
CA HIS A 68 -12.00 0.70 5.17
C HIS A 68 -11.98 0.91 3.70
N THR A 69 -12.96 1.57 3.19
CA THR A 69 -13.07 1.83 1.77
C THR A 69 -11.85 2.55 1.26
N LEU A 70 -11.61 3.62 1.93
CA LEU A 70 -10.59 4.58 1.62
C LEU A 70 -9.30 3.90 1.77
N ALA A 71 -9.25 3.21 2.85
CA ALA A 71 -8.08 2.58 3.29
C ALA A 71 -7.85 1.28 2.57
N LYS A 72 -8.89 0.72 2.01
CA LYS A 72 -8.78 -0.42 1.16
C LYS A 72 -8.27 0.08 -0.14
N SER A 73 -8.70 1.26 -0.46
CA SER A 73 -8.25 1.89 -1.66
C SER A 73 -6.84 2.43 -1.46
N LYS A 74 -6.42 2.54 -0.19
CA LYS A 74 -5.04 2.82 0.14
C LYS A 74 -4.27 1.56 0.17
N TYR A 75 -4.77 0.66 0.98
CA TYR A 75 -4.21 -0.63 1.17
C TYR A 75 -3.95 -1.31 -0.15
N ASP A 76 -5.00 -1.42 -0.95
CA ASP A 76 -4.97 -2.22 -2.16
C ASP A 76 -3.96 -1.61 -3.09
N SER A 77 -3.95 -0.30 -3.00
CA SER A 77 -3.10 0.56 -3.77
C SER A 77 -1.67 0.26 -3.42
N LEU A 78 -1.43 0.38 -2.14
CA LEU A 78 -0.12 0.24 -1.55
C LEU A 78 0.35 -1.19 -1.72
N ALA A 79 -0.61 -2.08 -1.61
CA ALA A 79 -0.41 -3.50 -1.73
C ALA A 79 -0.02 -3.84 -3.13
N THR A 80 -0.57 -3.11 -4.05
CA THR A 80 -0.27 -3.32 -5.43
C THR A 80 1.10 -2.76 -5.77
N GLN A 81 1.44 -1.64 -5.18
CA GLN A 81 2.66 -0.97 -5.44
C GLN A 81 3.77 -1.80 -4.94
N ILE A 82 3.56 -2.40 -3.80
CA ILE A 82 4.55 -3.28 -3.32
C ILE A 82 4.47 -4.59 -4.10
N LYS A 83 3.26 -5.16 -4.28
CA LYS A 83 3.08 -6.41 -5.01
C LYS A 83 3.66 -6.34 -6.40
N ALA A 84 3.64 -5.16 -6.95
CA ALA A 84 4.27 -4.87 -8.20
C ALA A 84 5.74 -4.99 -8.07
N ILE A 85 6.23 -4.36 -7.03
CA ILE A 85 7.61 -4.39 -6.76
C ILE A 85 8.00 -5.81 -6.57
N GLN A 86 7.18 -6.50 -5.83
CA GLN A 86 7.37 -7.87 -5.54
C GLN A 86 7.40 -8.61 -6.82
N ASP A 87 6.39 -8.37 -7.63
CA ASP A 87 6.23 -9.05 -8.93
C ASP A 87 7.52 -8.99 -9.68
N VAL A 88 7.97 -7.79 -9.90
CA VAL A 88 9.11 -7.60 -10.75
C VAL A 88 10.40 -8.01 -10.02
N ASN A 89 10.52 -7.67 -8.74
CA ASN A 89 11.61 -8.12 -7.88
C ASN A 89 11.64 -9.63 -7.84
N ALA A 90 10.46 -10.18 -8.00
CA ALA A 90 10.24 -11.60 -7.93
C ALA A 90 10.80 -12.26 -9.15
N GLN A 91 11.07 -11.44 -10.14
CA GLN A 91 11.60 -11.88 -11.39
C GLN A 91 13.10 -11.92 -11.32
N PHE A 92 13.65 -11.20 -10.36
CA PHE A 92 15.09 -11.22 -10.14
C PHE A 92 15.47 -12.19 -9.06
N GLU A 93 16.73 -12.56 -9.11
CA GLU A 93 17.32 -13.41 -8.12
C GLU A 93 17.33 -12.67 -6.78
N LYS A 94 17.30 -11.35 -6.89
CA LYS A 94 17.17 -10.47 -5.74
C LYS A 94 16.40 -9.23 -6.17
N PRO A 95 15.55 -8.73 -5.27
CA PRO A 95 14.63 -7.63 -5.55
C PRO A 95 15.30 -6.46 -6.20
N ALA A 96 14.64 -5.90 -7.20
CA ALA A 96 15.21 -4.73 -7.74
C ALA A 96 14.18 -3.64 -7.86
N ILE A 97 13.55 -3.37 -6.74
CA ILE A 97 13.03 -2.11 -6.34
C ILE A 97 13.13 -2.11 -4.87
N VAL A 98 14.12 -1.52 -4.33
CA VAL A 98 14.27 -1.57 -2.91
C VAL A 98 14.49 -0.20 -2.35
N ASP A 99 13.47 0.23 -1.62
CA ASP A 99 13.38 1.61 -1.14
C ASP A 99 13.04 2.52 -2.31
N GLY A 100 12.07 2.09 -3.10
CA GLY A 100 11.60 2.87 -4.22
C GLY A 100 12.63 3.00 -5.31
N VAL A 101 13.78 2.37 -5.13
CA VAL A 101 14.81 2.42 -6.13
C VAL A 101 15.28 1.04 -6.49
N LEU A 102 15.40 0.87 -7.75
CA LEU A 102 15.76 -0.37 -8.34
C LEU A 102 17.19 -0.76 -8.01
N ASP A 103 17.40 -2.06 -8.07
CA ASP A 103 18.71 -2.64 -7.90
C ASP A 103 19.18 -3.14 -9.24
N THR A 104 19.93 -2.34 -9.93
CA THR A 104 20.44 -2.70 -11.25
C THR A 104 21.43 -3.82 -11.12
N ASN A 105 21.80 -4.04 -9.90
CA ASN A 105 22.73 -5.07 -9.54
C ASN A 105 22.00 -6.39 -9.41
N ALA A 106 20.70 -6.30 -9.60
CA ALA A 106 19.82 -7.45 -9.52
C ALA A 106 19.94 -8.33 -10.74
N LYS A 107 19.24 -9.42 -10.68
CA LYS A 107 19.40 -10.47 -11.64
C LYS A 107 18.08 -10.99 -12.11
N ALA A 108 17.61 -10.48 -13.22
CA ALA A 108 16.34 -10.93 -13.75
C ALA A 108 16.45 -12.41 -14.08
N LYS A 109 15.88 -13.23 -13.20
CA LYS A 109 15.93 -14.68 -13.29
C LYS A 109 15.57 -15.20 -14.69
N SER A 110 15.87 -16.47 -14.92
CA SER A 110 15.49 -17.15 -16.15
C SER A 110 13.99 -17.40 -16.16
N ASP A 111 13.34 -16.98 -15.10
CA ASP A 111 11.93 -17.18 -14.91
C ASP A 111 11.23 -15.83 -14.91
N ALA A 112 12.04 -14.77 -14.73
CA ALA A 112 11.54 -13.41 -14.79
C ALA A 112 10.63 -13.18 -15.98
N LYS A 113 9.41 -12.92 -15.64
CA LYS A 113 8.36 -12.66 -16.57
C LYS A 113 7.64 -11.41 -16.13
N PHE A 114 7.93 -10.34 -16.79
CA PHE A 114 7.49 -9.03 -16.34
C PHE A 114 6.15 -8.64 -16.89
N THR A 115 5.53 -7.75 -16.14
CA THR A 115 4.29 -7.14 -16.50
C THR A 115 4.46 -5.65 -16.34
N ASP A 116 3.96 -4.91 -17.31
CA ASP A 116 3.97 -3.47 -17.28
C ASP A 116 3.02 -2.99 -16.21
N ILE A 117 3.41 -3.28 -15.00
CA ILE A 117 2.58 -3.06 -13.85
C ILE A 117 2.40 -1.60 -13.58
N LYS A 118 1.16 -1.19 -13.60
CA LYS A 118 0.82 0.12 -13.14
C LYS A 118 0.02 0.04 -11.89
N THR A 119 0.70 0.38 -10.85
CA THR A 119 0.15 0.46 -9.54
C THR A 119 -0.65 1.73 -9.45
N GLY A 120 -0.39 2.61 -10.40
CA GLY A 120 -0.92 3.92 -10.33
C GLY A 120 0.07 4.88 -9.70
N ASN A 121 1.08 4.32 -9.04
CA ASN A 121 2.14 5.12 -8.46
C ASN A 121 3.24 5.29 -9.49
N THR A 122 3.08 6.29 -10.33
CA THR A 122 3.91 6.45 -11.51
C THR A 122 5.38 6.27 -11.24
N GLU A 123 5.94 7.03 -10.32
CA GLU A 123 7.35 6.95 -9.98
C GLU A 123 7.73 5.53 -9.64
N LEU A 124 6.81 4.85 -8.99
CA LEU A 124 6.99 3.46 -8.67
C LEU A 124 6.90 2.65 -9.93
N ASP A 125 5.90 2.96 -10.72
CA ASP A 125 5.66 2.30 -11.98
C ASP A 125 6.89 2.44 -12.84
N LYS A 126 7.59 3.54 -12.64
CA LYS A 126 8.86 3.80 -13.28
C LYS A 126 10.01 3.05 -12.63
N VAL A 127 9.87 2.66 -11.39
CA VAL A 127 10.92 1.93 -10.74
C VAL A 127 10.66 0.44 -10.91
N LEU A 128 9.38 0.12 -11.00
CA LEU A 128 8.95 -1.23 -11.34
C LEU A 128 9.62 -1.57 -12.64
N ASP A 129 9.46 -0.59 -13.51
CA ASP A 129 9.96 -0.59 -14.87
C ASP A 129 11.45 -0.74 -14.91
N LYS A 130 12.06 0.03 -14.05
CA LYS A 130 13.49 0.07 -13.83
C LYS A 130 14.02 -1.32 -13.71
N ALA A 131 13.29 -2.10 -12.97
CA ALA A 131 13.66 -3.47 -12.74
C ALA A 131 13.48 -4.27 -14.00
N ILE A 132 12.30 -4.14 -14.57
CA ILE A 132 12.00 -4.76 -15.84
C ILE A 132 13.02 -4.39 -16.90
N SER A 133 13.70 -3.28 -16.66
CA SER A 133 14.68 -2.82 -17.60
C SER A 133 15.97 -3.63 -17.43
N LEU A 134 16.09 -4.24 -16.26
CA LEU A 134 17.12 -5.22 -15.97
C LEU A 134 16.74 -6.54 -16.62
N GLY A 135 15.43 -6.76 -16.73
CA GLY A 135 14.92 -7.95 -17.36
C GLY A 135 14.92 -7.86 -18.88
N GLY A 1 -3.97 29.36 23.19
CA GLY A 1 -5.33 28.80 22.99
C GLY A 1 -5.35 27.29 23.12
N HIS A 2 -6.24 26.64 22.37
CA HIS A 2 -6.36 25.18 22.39
C HIS A 2 -6.78 24.69 23.77
N MET A 3 -7.86 25.27 24.28
CA MET A 3 -8.40 24.89 25.59
C MET A 3 -9.36 23.72 25.43
N GLN A 4 -8.86 22.65 24.83
CA GLN A 4 -9.67 21.50 24.51
C GLN A 4 -8.89 20.22 24.76
N VAL A 5 -9.60 19.14 25.07
CA VAL A 5 -8.95 17.86 25.35
C VAL A 5 -9.47 16.75 24.46
N ALA A 6 -10.69 16.94 23.93
CA ALA A 6 -11.31 15.93 23.08
C ALA A 6 -12.21 16.60 22.05
N ARG A 7 -11.75 17.70 21.51
CA ARG A 7 -12.52 18.46 20.53
C ARG A 7 -12.46 17.78 19.16
N SER A 8 -11.25 17.62 18.64
CA SER A 8 -11.06 17.06 17.31
C SER A 8 -11.88 17.84 16.29
N THR A 9 -11.41 19.02 15.95
CA THR A 9 -12.12 19.90 15.04
C THR A 9 -12.16 19.31 13.62
N LYS A 10 -13.18 18.52 13.36
CA LYS A 10 -13.37 17.91 12.06
C LYS A 10 -14.73 18.31 11.51
N GLU A 11 -14.71 19.12 10.45
CA GLU A 11 -15.95 19.59 9.83
C GLU A 11 -16.78 18.43 9.33
N ILE A 12 -17.97 18.26 9.91
CA ILE A 12 -18.90 17.25 9.45
C ILE A 12 -19.51 17.70 8.14
N GLU A 13 -19.14 17.02 7.07
CA GLU A 13 -19.57 17.39 5.74
C GLU A 13 -20.26 16.22 5.07
N THR A 14 -19.54 15.12 4.96
CA THR A 14 -20.09 13.91 4.41
C THR A 14 -20.83 13.15 5.49
N SER A 15 -22.07 12.75 5.20
CA SER A 15 -22.90 12.01 6.14
C SER A 15 -22.15 10.76 6.62
N GLN A 16 -21.93 10.69 7.92
CA GLN A 16 -21.10 9.64 8.49
C GLN A 16 -21.84 8.31 8.60
N SER A 17 -21.10 7.24 8.38
CA SER A 17 -21.60 5.89 8.53
C SER A 17 -20.44 5.00 8.95
N THR A 18 -20.72 4.02 9.80
CA THR A 18 -19.71 3.09 10.33
C THR A 18 -18.47 3.84 10.84
N THR A 19 -17.53 3.98 9.94
CA THR A 19 -16.28 4.71 10.18
C THR A 19 -15.36 3.95 11.12
N ALA A 20 -14.08 4.18 10.93
CA ALA A 20 -13.05 3.38 11.53
C ALA A 20 -12.60 3.94 12.85
N ASN A 21 -11.55 3.32 13.32
CA ASN A 21 -10.97 3.64 14.58
C ASN A 21 -9.68 4.33 14.27
N GLN A 22 -9.42 5.46 14.88
CA GLN A 22 -8.16 6.13 14.66
C GLN A 22 -7.05 5.33 15.30
N SER A 23 -7.46 4.37 16.11
CA SER A 23 -6.54 3.43 16.65
C SER A 23 -6.25 2.38 15.61
N ASP A 24 -7.01 2.44 14.53
CA ASP A 24 -6.61 1.71 13.38
C ASP A 24 -5.90 2.60 12.42
N VAL A 25 -6.66 3.60 12.05
CA VAL A 25 -6.46 4.32 10.83
C VAL A 25 -5.11 5.00 10.82
N ASP A 26 -4.78 5.58 11.95
CA ASP A 26 -3.48 6.19 12.15
C ASP A 26 -2.35 5.20 11.86
N ASP A 27 -2.41 4.02 12.48
CA ASP A 27 -1.36 3.00 12.31
C ASP A 27 -1.44 2.40 10.94
N PHE A 28 -2.66 2.22 10.45
CA PHE A 28 -2.85 1.77 9.10
C PHE A 28 -2.08 2.69 8.21
N ASN A 29 -2.49 3.94 8.26
CA ASN A 29 -1.92 4.99 7.44
C ASN A 29 -0.45 5.17 7.69
N THR A 30 -0.03 4.82 8.88
CA THR A 30 1.33 5.03 9.28
C THR A 30 2.22 3.93 8.76
N LEU A 31 1.74 2.71 8.90
CA LEU A 31 2.47 1.56 8.43
C LEU A 31 2.43 1.60 6.92
N TYR A 32 1.34 2.12 6.45
CA TYR A 32 1.08 2.37 5.05
C TYR A 32 2.04 3.41 4.50
N ASP A 33 2.16 4.50 5.25
CA ASP A 33 3.06 5.58 4.91
C ASP A 33 4.47 5.06 4.94
N ALA A 34 4.61 4.04 5.73
CA ALA A 34 5.87 3.41 6.01
C ALA A 34 6.35 2.58 4.84
N PHE A 35 5.41 1.96 4.14
CA PHE A 35 5.73 1.18 2.95
C PHE A 35 6.32 2.07 1.93
N TYR A 36 6.07 3.33 2.09
CA TYR A 36 6.63 4.31 1.23
C TYR A 36 7.88 4.86 1.84
N THR A 37 8.91 4.81 1.04
CA THR A 37 10.23 5.27 1.46
C THR A 37 10.19 6.74 1.83
N ASN A 38 9.24 7.44 1.23
CA ASN A 38 9.07 8.86 1.44
C ASN A 38 7.59 9.18 1.36
N SER A 39 7.16 10.26 2.01
CA SER A 39 5.74 10.53 2.17
C SER A 39 5.09 11.02 0.89
N ASN A 40 5.86 11.15 -0.18
CA ASN A 40 5.28 11.43 -1.49
C ASN A 40 4.68 10.15 -2.03
N LYS A 41 5.06 9.04 -1.39
CA LYS A 41 4.52 7.73 -1.67
C LYS A 41 4.67 7.39 -3.12
N THR A 42 5.83 7.77 -3.62
CA THR A 42 6.24 7.55 -4.98
C THR A 42 7.25 6.41 -5.05
N ALA A 43 7.53 5.87 -3.87
CA ALA A 43 8.57 4.89 -3.70
C ALA A 43 8.27 4.05 -2.47
N LEU A 44 8.65 2.79 -2.51
CA LEU A 44 8.29 1.86 -1.49
C LEU A 44 9.45 1.14 -0.84
N LYS A 45 9.31 0.95 0.47
CA LYS A 45 10.25 0.27 1.29
C LYS A 45 9.91 -1.18 1.35
N ASN A 46 10.92 -1.96 1.15
CA ASN A 46 10.73 -3.38 0.92
C ASN A 46 10.64 -4.16 2.22
N SER A 47 11.13 -3.57 3.29
CA SER A 47 11.02 -4.16 4.62
C SER A 47 9.58 -4.11 5.10
N GLN A 48 8.85 -3.13 4.59
CA GLN A 48 7.45 -2.92 4.94
C GLN A 48 6.57 -3.97 4.31
N PHE A 49 7.01 -4.55 3.21
CA PHE A 49 6.22 -5.54 2.49
C PHE A 49 5.78 -6.68 3.41
N ASP A 50 6.55 -6.92 4.46
CA ASP A 50 6.25 -7.98 5.43
C ASP A 50 4.99 -7.60 6.22
N LYS A 51 4.76 -6.31 6.28
CA LYS A 51 3.63 -5.74 7.00
C LYS A 51 2.49 -5.47 6.07
N LEU A 52 2.59 -5.92 4.84
CA LEU A 52 1.50 -5.73 3.89
C LEU A 52 0.28 -6.53 4.33
N SER A 53 0.51 -7.71 4.86
CA SER A 53 -0.56 -8.49 5.45
C SER A 53 -1.01 -7.83 6.74
N GLN A 54 -0.14 -6.98 7.28
CA GLN A 54 -0.43 -6.20 8.44
C GLN A 54 -1.23 -4.96 8.04
N LEU A 55 -0.89 -4.40 6.89
CA LEU A 55 -1.60 -3.28 6.31
C LEU A 55 -2.96 -3.76 5.87
N LYS A 56 -3.03 -5.05 5.59
CA LYS A 56 -4.29 -5.71 5.29
C LYS A 56 -5.00 -6.01 6.58
N THR A 57 -4.21 -6.08 7.62
CA THR A 57 -4.68 -6.36 8.94
C THR A 57 -5.29 -5.10 9.53
N LEU A 58 -4.62 -3.99 9.32
CA LEU A 58 -5.11 -2.71 9.72
C LEU A 58 -6.30 -2.33 8.87
N LEU A 59 -6.20 -2.58 7.58
CA LEU A 59 -7.34 -2.45 6.71
C LEU A 59 -8.45 -3.39 7.17
N ASP A 60 -8.06 -4.55 7.67
CA ASP A 60 -9.00 -5.50 8.27
C ASP A 60 -9.62 -4.89 9.51
N LYS A 61 -8.89 -3.97 10.08
CA LYS A 61 -9.34 -3.27 11.25
C LYS A 61 -10.08 -2.01 10.86
N LEU A 62 -10.03 -1.75 9.57
CA LEU A 62 -10.85 -0.72 8.96
C LEU A 62 -12.10 -1.39 8.47
N GLU A 63 -11.97 -2.67 8.23
CA GLU A 63 -13.07 -3.53 7.88
C GLU A 63 -14.27 -3.29 8.77
N GLY A 64 -15.42 -3.11 8.14
CA GLY A 64 -16.62 -2.81 8.88
C GLY A 64 -16.77 -1.33 9.09
N SER A 65 -15.72 -0.59 8.76
CA SER A 65 -15.72 0.85 8.89
C SER A 65 -15.76 1.49 7.50
N ARG A 66 -15.95 2.79 7.42
CA ARG A 66 -15.95 3.46 6.13
C ARG A 66 -14.55 3.74 5.68
N GLU A 67 -13.64 3.84 6.64
CA GLU A 67 -12.24 4.05 6.35
C GLU A 67 -11.73 2.94 5.52
N HIS A 68 -12.21 1.77 5.83
CA HIS A 68 -11.92 0.57 5.08
C HIS A 68 -11.91 0.81 3.60
N THR A 69 -12.86 1.55 3.13
CA THR A 69 -12.98 1.85 1.73
C THR A 69 -11.76 2.58 1.23
N LEU A 70 -11.53 3.65 1.93
CA LEU A 70 -10.50 4.60 1.62
C LEU A 70 -9.21 3.92 1.79
N ALA A 71 -9.17 3.21 2.83
CA ALA A 71 -8.01 2.57 3.30
C ALA A 71 -7.79 1.26 2.59
N LYS A 72 -8.82 0.71 1.98
CA LYS A 72 -8.69 -0.41 1.12
C LYS A 72 -8.17 0.11 -0.16
N SER A 73 -8.61 1.31 -0.45
CA SER A 73 -8.16 1.96 -1.65
C SER A 73 -6.74 2.49 -1.43
N LYS A 74 -6.34 2.59 -0.17
CA LYS A 74 -4.97 2.85 0.18
C LYS A 74 -4.19 1.59 0.20
N TYR A 75 -4.72 0.68 0.98
CA TYR A 75 -4.15 -0.62 1.17
C TYR A 75 -3.90 -1.28 -0.17
N ASP A 76 -4.95 -1.38 -0.98
CA ASP A 76 -4.91 -2.15 -2.20
C ASP A 76 -3.91 -1.54 -3.11
N SER A 77 -3.90 -0.23 -3.01
CA SER A 77 -3.04 0.63 -3.77
C SER A 77 -1.62 0.30 -3.42
N LEU A 78 -1.37 0.40 -2.14
CA LEU A 78 -0.08 0.25 -1.55
C LEU A 78 0.39 -1.19 -1.72
N ALA A 79 -0.57 -2.07 -1.60
CA ALA A 79 -0.38 -3.49 -1.71
C ALA A 79 0.00 -3.84 -3.10
N THR A 80 -0.53 -3.13 -4.03
CA THR A 80 -0.24 -3.34 -5.41
C THR A 80 1.11 -2.77 -5.77
N GLN A 81 1.44 -1.65 -5.18
CA GLN A 81 2.66 -0.97 -5.42
C GLN A 81 3.78 -1.81 -4.93
N ILE A 82 3.56 -2.41 -3.80
CA ILE A 82 4.55 -3.31 -3.33
C ILE A 82 4.47 -4.61 -4.12
N LYS A 83 3.26 -5.19 -4.28
CA LYS A 83 3.06 -6.42 -5.05
C LYS A 83 3.67 -6.33 -6.43
N ALA A 84 3.64 -5.16 -6.98
CA ALA A 84 4.26 -4.86 -8.22
C ALA A 84 5.73 -4.98 -8.09
N ILE A 85 6.22 -4.35 -7.06
CA ILE A 85 7.60 -4.39 -6.77
C ILE A 85 8.00 -5.80 -6.59
N GLN A 86 7.16 -6.50 -5.85
CA GLN A 86 7.35 -7.87 -5.58
C GLN A 86 7.39 -8.59 -6.86
N ASP A 87 6.37 -8.36 -7.66
CA ASP A 87 6.21 -9.03 -8.96
C ASP A 87 7.48 -8.97 -9.73
N VAL A 88 7.95 -7.77 -9.92
CA VAL A 88 9.09 -7.59 -10.77
C VAL A 88 10.37 -7.99 -10.03
N ASN A 89 10.49 -7.66 -8.74
CA ASN A 89 11.58 -8.13 -7.89
C ASN A 89 11.62 -9.63 -7.86
N ALA A 90 10.44 -10.18 -8.03
CA ALA A 90 10.20 -11.60 -7.96
C ALA A 90 10.72 -12.25 -9.21
N GLN A 91 11.06 -11.42 -10.17
CA GLN A 91 11.59 -11.85 -11.43
C GLN A 91 13.09 -11.86 -11.36
N PHE A 92 13.63 -11.19 -10.37
CA PHE A 92 15.06 -11.22 -10.13
C PHE A 92 15.41 -12.16 -9.02
N GLU A 93 16.66 -12.56 -9.06
CA GLU A 93 17.23 -13.39 -8.05
C GLU A 93 17.26 -12.65 -6.72
N LYS A 94 17.29 -11.32 -6.84
CA LYS A 94 17.19 -10.42 -5.72
C LYS A 94 16.35 -9.23 -6.15
N PRO A 95 15.53 -8.71 -5.25
CA PRO A 95 14.60 -7.62 -5.52
C PRO A 95 15.26 -6.48 -6.19
N ALA A 96 14.60 -5.91 -7.18
CA ALA A 96 15.16 -4.75 -7.74
C ALA A 96 14.14 -3.64 -7.86
N ILE A 97 13.53 -3.38 -6.74
CA ILE A 97 13.01 -2.11 -6.35
C ILE A 97 13.14 -2.08 -4.87
N VAL A 98 14.13 -1.47 -4.38
CA VAL A 98 14.33 -1.52 -2.96
C VAL A 98 14.62 -0.14 -2.43
N ASP A 99 13.65 0.34 -1.66
CA ASP A 99 13.61 1.73 -1.20
C ASP A 99 13.15 2.62 -2.34
N GLY A 100 12.17 2.14 -3.09
CA GLY A 100 11.63 2.90 -4.21
C GLY A 100 12.61 3.07 -5.32
N VAL A 101 13.76 2.44 -5.19
CA VAL A 101 14.76 2.51 -6.21
C VAL A 101 15.23 1.13 -6.55
N LEU A 102 15.34 0.93 -7.82
CA LEU A 102 15.70 -0.31 -8.39
C LEU A 102 17.12 -0.70 -8.05
N ASP A 103 17.35 -1.98 -8.07
CA ASP A 103 18.65 -2.55 -7.87
C ASP A 103 19.13 -3.11 -9.18
N THR A 104 19.89 -2.33 -9.89
CA THR A 104 20.41 -2.73 -11.19
C THR A 104 21.39 -3.85 -11.04
N ASN A 105 21.74 -4.03 -9.80
CA ASN A 105 22.64 -5.09 -9.38
C ASN A 105 21.93 -6.40 -9.37
N ALA A 106 20.64 -6.29 -9.48
CA ALA A 106 19.75 -7.45 -9.42
C ALA A 106 19.89 -8.32 -10.62
N LYS A 107 19.21 -9.43 -10.56
CA LYS A 107 19.39 -10.50 -11.49
C LYS A 107 18.09 -11.02 -12.01
N ALA A 108 17.66 -10.53 -13.14
CA ALA A 108 16.39 -10.98 -13.69
C ALA A 108 16.49 -12.45 -14.05
N LYS A 109 15.91 -13.25 -13.15
CA LYS A 109 15.88 -14.70 -13.27
C LYS A 109 15.52 -15.19 -14.66
N SER A 110 15.85 -16.45 -14.94
CA SER A 110 15.50 -17.09 -16.19
C SER A 110 14.01 -17.35 -16.27
N ASP A 111 13.32 -16.94 -15.24
CA ASP A 111 11.91 -17.17 -15.11
C ASP A 111 11.19 -15.84 -15.07
N ALA A 112 11.96 -14.78 -14.81
CA ALA A 112 11.46 -13.41 -14.86
C ALA A 112 10.52 -13.19 -16.03
N LYS A 113 9.32 -12.87 -15.65
CA LYS A 113 8.22 -12.61 -16.55
C LYS A 113 7.52 -11.35 -16.09
N PHE A 114 7.82 -10.27 -16.76
CA PHE A 114 7.40 -8.96 -16.30
C PHE A 114 6.05 -8.54 -16.82
N THR A 115 5.48 -7.60 -16.11
CA THR A 115 4.26 -6.93 -16.49
C THR A 115 4.44 -5.45 -16.33
N ASP A 116 3.90 -4.71 -17.27
CA ASP A 116 3.89 -3.26 -17.23
C ASP A 116 2.93 -2.82 -16.15
N ILE A 117 3.35 -3.07 -14.94
CA ILE A 117 2.50 -2.93 -13.79
C ILE A 117 2.25 -1.49 -13.44
N LYS A 118 1.00 -1.12 -13.51
CA LYS A 118 0.60 0.17 -13.03
C LYS A 118 -0.15 0.02 -11.76
N THR A 119 0.57 0.37 -10.74
CA THR A 119 0.05 0.42 -9.41
C THR A 119 -0.77 1.66 -9.24
N GLY A 120 -0.66 2.53 -10.24
CA GLY A 120 -1.19 3.84 -10.10
C GLY A 120 -0.14 4.81 -9.59
N ASN A 121 0.93 4.26 -9.03
CA ASN A 121 2.08 5.03 -8.61
C ASN A 121 3.04 5.11 -9.78
N THR A 122 3.13 6.30 -10.37
CA THR A 122 3.94 6.49 -11.57
C THR A 122 5.40 6.27 -11.30
N GLU A 123 5.95 7.02 -10.38
CA GLU A 123 7.35 6.90 -10.04
C GLU A 123 7.69 5.47 -9.71
N LEU A 124 6.74 4.79 -9.10
CA LEU A 124 6.91 3.40 -8.79
C LEU A 124 6.87 2.60 -10.07
N ASP A 125 5.89 2.91 -10.92
CA ASP A 125 5.79 2.26 -12.22
C ASP A 125 7.10 2.35 -12.92
N LYS A 126 7.69 3.50 -12.75
CA LYS A 126 8.96 3.81 -13.34
C LYS A 126 10.10 3.07 -12.67
N VAL A 127 9.92 2.65 -11.43
CA VAL A 127 10.95 1.91 -10.76
C VAL A 127 10.69 0.42 -10.93
N LEU A 128 9.40 0.11 -11.06
CA LEU A 128 8.97 -1.23 -11.41
C LEU A 128 9.65 -1.56 -12.71
N ASP A 129 9.50 -0.58 -13.57
CA ASP A 129 10.04 -0.57 -14.93
C ASP A 129 11.52 -0.75 -14.93
N LYS A 130 12.11 0.03 -14.05
CA LYS A 130 13.53 0.05 -13.82
C LYS A 130 14.05 -1.34 -13.71
N ALA A 131 13.32 -2.11 -12.97
CA ALA A 131 13.67 -3.48 -12.74
C ALA A 131 13.49 -4.28 -14.00
N ILE A 132 12.32 -4.15 -14.57
CA ILE A 132 12.01 -4.77 -15.84
C ILE A 132 13.06 -4.44 -16.89
N SER A 133 13.73 -3.33 -16.67
CA SER A 133 14.73 -2.89 -17.60
C SER A 133 16.02 -3.68 -17.40
N LEU A 134 16.10 -4.30 -16.24
CA LEU A 134 17.15 -5.26 -15.93
C LEU A 134 16.80 -6.60 -16.55
N GLY A 135 15.50 -6.84 -16.69
CA GLY A 135 15.03 -8.08 -17.29
C GLY A 135 15.42 -8.22 -18.75
#